data_5K1A
#
_entry.id   5K1A
#
_cell.length_a   262.425
_cell.length_b   103.301
_cell.length_c   178.466
_cell.angle_alpha   90.00
_cell.angle_beta   117.47
_cell.angle_gamma   90.00
#
_symmetry.space_group_name_H-M   'C 1 2 1'
#
loop_
_entity.id
_entity.type
_entity.pdbx_description
1 polymer 'Ubiquitin carboxyl-terminal hydrolase 12'
2 polymer 'WD repeat-containing protein 48'
3 non-polymer 'ZINC ION'
4 water water
#
loop_
_entity_poly.entity_id
_entity_poly.type
_entity_poly.pdbx_seq_one_letter_code
_entity_poly.pdbx_strand_id
1 'polypeptide(L)'
;GLVNFGNTCYCNSVLQALYFCRPFREKVLAYKSQPRKKESLLTCLADLFHSIATQKKKVGVIPPKKFITRLRKENELFDN
YMQQDAHEFLNYLLNTIADILQEERKQEKQNGRLPNGNIDNENNNSTPDPTWVHEIFQGTLTNETRCLTCETISSKDEDF
LDLSVDVEQNTSITHCLRGFSNTETLCSEYKYYCEECRSKQEAHKRMKVKKLPMILALHLKRFKYMDQLHRYTKLSYRVV
FPLELRLFNTSGDATNPDRMYDLVAVVVHCGSGPNRGHYIAIVKSHDFWLLFDDDIVEKIDAQAIEEFYGLTSDISKNSE
SGYILFYQSRD
;
A,C,E,G
2 'polypeptide(L)'
;MAAHHRQNTAGRRKVQVSYVIRDEVEKYNRNGVNALQLDPALNRLFTAGRDSIIRIWSVNQHKQDPYIASMEHHTDWVND
IVLCCNGKTLISASSDTTVKVWNAHKGFCMSTLRTHKDYVKALAYAKDKELVASAGLDRQIFLWDVNTLTALTASNNTVT
TSSLSGNKDSIYSLAMNQLGTIIVSGSTEKVLRVWDPRTCAKLMKLKGHTDNVKALLLNRDGTQCLSGSSDGTIRLWSLG
QQRCIATYRVHDEGVWALQVNDAFTHVYSGGRDRKIYCTDLRNPDIRVLICEEKAPVLKMELDRSADPPPAIWVATTKST
VNKWTLKGIHNFRASGDYDNDCTNPITPLCTQPDQVIKGGASIIQCHILNDKRHILTKDTNNNVAYWDVLKACKVEDLGK
VDFEDEIKKRFKMVYVPNWFSVDLKTGMLTITLDESDCFAAWVSAKDAGFSSPDGSDPKLNLGGLLLQALLEYWPRTHVN
PMDEEENEVNHVNGEQENRVQKGNGYFQVPPHTPVIFGEAGGRTLFRLLCRDSGGETESMLLNETVPQWVIDITVDKNMP
KFNKIPFYLQPHASSGAKTLKKDRLSASDMLQVRKVMEHVYEKIINLDNESQTTSSSNNEKPGEQEKEEDIAVLAEEKIE
LLCQDQVLDPNMDLRTVKHFIWKSGGDLTLHYRQKST
;
B,D,F,H
#
loop_
_chem_comp.id
_chem_comp.type
_chem_comp.name
_chem_comp.formula
ZN non-polymer 'ZINC ION' 'Zn 2'
#
# COMPACT_ATOMS: atom_id res chain seq x y z
N LEU A 2 48.94 -8.77 -24.21
CA LEU A 2 49.11 -8.01 -22.98
C LEU A 2 49.57 -8.84 -21.78
N VAL A 3 50.81 -8.64 -21.35
CA VAL A 3 51.39 -9.47 -20.29
C VAL A 3 51.75 -8.69 -19.02
N ASN A 4 51.37 -9.28 -17.88
CA ASN A 4 51.56 -8.68 -16.56
C ASN A 4 52.77 -9.23 -15.81
N PHE A 5 53.79 -8.40 -15.57
CA PHE A 5 54.97 -8.81 -14.81
C PHE A 5 54.73 -8.93 -13.30
N GLY A 6 53.62 -8.38 -12.83
CA GLY A 6 53.29 -8.45 -11.42
C GLY A 6 53.20 -7.09 -10.76
N ASN A 7 53.35 -7.07 -9.45
CA ASN A 7 53.29 -5.83 -8.70
C ASN A 7 54.49 -4.96 -9.02
N THR A 8 54.22 -3.71 -9.39
CA THR A 8 55.25 -2.71 -9.73
C THR A 8 56.37 -2.57 -8.71
N CYS A 9 55.99 -2.31 -7.47
CA CYS A 9 56.97 -2.11 -6.42
C CYS A 9 57.80 -3.37 -6.21
N TYR A 10 57.13 -4.52 -6.25
CA TYR A 10 57.82 -5.80 -6.17
C TYR A 10 58.93 -5.94 -7.22
N CYS A 11 58.58 -5.68 -8.47
CA CYS A 11 59.53 -5.86 -9.54
C CYS A 11 60.69 -4.87 -9.42
N ASN A 12 60.38 -3.62 -9.12
CA ASN A 12 61.41 -2.61 -8.91
C ASN A 12 62.33 -2.98 -7.74
N SER A 13 61.75 -3.54 -6.69
CA SER A 13 62.54 -3.93 -5.53
C SER A 13 63.46 -5.10 -5.88
N VAL A 14 63.00 -6.01 -6.71
CA VAL A 14 63.86 -7.10 -7.14
C VAL A 14 65.02 -6.56 -7.96
N LEU A 15 64.72 -5.61 -8.85
CA LEU A 15 65.74 -5.06 -9.74
C LEU A 15 66.78 -4.34 -8.93
N GLN A 16 66.34 -3.58 -7.94
CA GLN A 16 67.25 -2.85 -7.06
C GLN A 16 68.10 -3.79 -6.23
N ALA A 17 67.47 -4.80 -5.64
CA ALA A 17 68.22 -5.78 -4.89
C ALA A 17 69.31 -6.42 -5.75
N LEU A 18 68.99 -6.67 -7.00
CA LEU A 18 69.92 -7.32 -7.92
C LEU A 18 71.11 -6.44 -8.28
N TYR A 19 70.88 -5.13 -8.37
CA TYR A 19 71.96 -4.19 -8.65
C TYR A 19 72.99 -4.22 -7.52
N PHE A 20 72.55 -4.54 -6.32
CA PHE A 20 73.46 -4.58 -5.20
C PHE A 20 73.92 -6.01 -4.91
N CYS A 21 73.71 -6.89 -5.88
CA CYS A 21 74.43 -8.16 -5.95
C CYS A 21 75.61 -7.93 -6.89
N ARG A 22 76.73 -7.46 -6.34
CA ARG A 22 77.84 -6.94 -7.14
C ARG A 22 78.28 -7.84 -8.29
N PRO A 23 78.45 -9.15 -8.03
CA PRO A 23 78.85 -9.99 -9.16
C PRO A 23 77.82 -10.07 -10.28
N PHE A 24 76.53 -10.04 -9.95
CA PHE A 24 75.51 -9.98 -10.98
C PHE A 24 75.60 -8.63 -11.69
N ARG A 25 75.76 -7.56 -10.91
CA ARG A 25 75.92 -6.22 -11.47
C ARG A 25 77.11 -6.16 -12.42
N GLU A 26 78.29 -6.58 -11.98
CA GLU A 26 79.47 -6.52 -12.84
C GLU A 26 79.25 -7.28 -14.15
N LYS A 27 78.67 -8.46 -14.09
CA LYS A 27 78.55 -9.25 -15.30
C LYS A 27 77.48 -8.72 -16.26
N VAL A 28 76.40 -8.09 -15.77
CA VAL A 28 75.46 -7.50 -16.73
C VAL A 28 76.03 -6.21 -17.32
N LEU A 29 76.74 -5.45 -16.50
CA LEU A 29 77.38 -4.24 -16.98
C LEU A 29 78.33 -4.60 -18.11
N ALA A 30 78.99 -5.74 -17.99
CA ALA A 30 79.96 -6.19 -18.99
C ALA A 30 79.31 -6.95 -20.14
N TYR A 31 77.98 -6.98 -20.16
CA TYR A 31 77.27 -7.61 -21.26
C TYR A 31 76.94 -6.58 -22.33
N SER A 40 66.20 -8.24 -26.54
CA SER A 40 66.03 -9.27 -25.51
C SER A 40 65.45 -8.68 -24.24
N LEU A 41 65.51 -9.45 -23.16
CA LEU A 41 65.22 -8.95 -21.81
C LEU A 41 66.51 -8.54 -21.14
N LEU A 42 67.60 -9.19 -21.57
CA LEU A 42 68.90 -8.94 -20.99
C LEU A 42 69.50 -7.62 -21.45
N THR A 43 69.32 -7.27 -22.72
CA THR A 43 69.87 -6.04 -23.26
C THR A 43 69.23 -4.82 -22.59
N CYS A 44 67.93 -4.93 -22.32
CA CYS A 44 67.21 -3.89 -21.59
C CYS A 44 67.68 -3.81 -20.15
N LEU A 45 67.90 -4.97 -19.55
CA LEU A 45 68.44 -5.02 -18.20
C LEU A 45 69.82 -4.40 -18.20
N ALA A 46 70.56 -4.61 -19.27
CA ALA A 46 71.90 -4.06 -19.38
C ALA A 46 71.83 -2.52 -19.42
N ASP A 47 71.04 -1.99 -20.34
CA ASP A 47 70.88 -0.54 -20.49
C ASP A 47 70.41 0.14 -19.21
N LEU A 48 69.47 -0.50 -18.50
CA LEU A 48 68.96 0.02 -17.23
C LEU A 48 70.08 0.15 -16.21
N PHE A 49 70.91 -0.89 -16.11
CA PHE A 49 71.98 -0.87 -15.13
C PHE A 49 73.08 0.11 -15.54
N HIS A 50 73.28 0.29 -16.84
CA HIS A 50 74.24 1.29 -17.31
C HIS A 50 73.82 2.67 -16.82
N SER A 51 72.53 2.99 -16.96
CA SER A 51 71.99 4.27 -16.51
C SER A 51 72.31 4.51 -15.04
N ILE A 52 71.94 3.53 -14.20
CA ILE A 52 72.18 3.61 -12.77
C ILE A 52 73.66 3.80 -12.43
N ALA A 53 74.54 3.24 -13.26
CA ALA A 53 75.96 3.28 -12.96
C ALA A 53 76.68 4.47 -13.60
N THR A 54 76.06 5.09 -14.60
CA THR A 54 76.68 6.24 -15.26
C THR A 54 76.40 7.56 -14.55
N PRO A 63 65.53 6.86 -12.32
CA PRO A 63 64.54 6.95 -11.24
C PRO A 63 63.99 5.55 -10.88
N PRO A 64 64.11 5.15 -9.61
CA PRO A 64 63.79 3.79 -9.15
C PRO A 64 62.38 3.30 -9.50
N LYS A 65 61.37 4.14 -9.32
CA LYS A 65 59.99 3.71 -9.54
C LYS A 65 59.73 3.31 -11.00
N LYS A 66 60.62 3.73 -11.90
CA LYS A 66 60.43 3.47 -13.32
C LYS A 66 61.38 2.39 -13.87
N PHE A 67 62.10 1.71 -12.98
CA PHE A 67 63.03 0.64 -13.40
C PHE A 67 62.36 -0.45 -14.25
N ILE A 68 61.29 -1.03 -13.73
CA ILE A 68 60.62 -2.14 -14.42
C ILE A 68 60.09 -1.73 -15.80
N THR A 69 59.81 -0.43 -15.98
CA THR A 69 59.28 0.05 -17.24
C THR A 69 60.28 -0.10 -18.38
N ARG A 70 61.57 -0.02 -18.05
CA ARG A 70 62.64 -0.24 -19.01
C ARG A 70 62.66 -1.68 -19.57
N LEU A 71 61.71 -2.51 -19.14
CA LEU A 71 61.64 -3.90 -19.55
C LEU A 71 60.28 -4.19 -20.19
N ALA A 86 50.62 -13.36 -13.68
CA ALA A 86 51.98 -12.92 -13.41
C ALA A 86 52.80 -13.98 -12.70
N HIS A 87 53.82 -14.49 -13.39
CA HIS A 87 54.76 -15.43 -12.77
C HIS A 87 55.69 -14.64 -11.85
N GLU A 88 56.15 -15.26 -10.76
CA GLU A 88 57.03 -14.59 -9.81
C GLU A 88 58.26 -14.05 -10.53
N PHE A 89 58.44 -12.74 -10.41
CA PHE A 89 59.33 -11.99 -11.27
C PHE A 89 60.80 -12.41 -11.22
N LEU A 90 61.36 -12.60 -10.03
CA LEU A 90 62.77 -12.94 -9.90
C LEU A 90 63.11 -14.23 -10.61
N ASN A 91 62.31 -15.26 -10.36
CA ASN A 91 62.54 -16.56 -10.95
C ASN A 91 62.37 -16.46 -12.44
N TYR A 92 61.34 -15.75 -12.89
CA TYR A 92 61.17 -15.46 -14.31
C TYR A 92 62.42 -14.75 -14.89
N LEU A 93 62.92 -13.75 -14.19
CA LEU A 93 64.06 -12.96 -14.67
C LEU A 93 65.34 -13.78 -14.81
N LEU A 94 65.73 -14.48 -13.75
CA LEU A 94 66.95 -15.27 -13.78
C LEU A 94 66.89 -16.37 -14.83
N ASN A 95 65.75 -17.03 -14.95
CA ASN A 95 65.62 -18.14 -15.89
C ASN A 95 65.64 -17.65 -17.33
N THR A 96 65.05 -16.48 -17.58
CA THR A 96 65.07 -15.89 -18.90
C THR A 96 66.49 -15.52 -19.29
N ILE A 97 67.25 -14.94 -18.36
CA ILE A 97 68.65 -14.70 -18.65
C ILE A 97 69.38 -16.03 -18.85
N ALA A 98 69.07 -17.04 -18.04
CA ALA A 98 69.72 -18.34 -18.18
C ALA A 98 69.51 -18.89 -19.58
N ASP A 99 68.29 -18.79 -20.07
CA ASP A 99 67.90 -19.26 -21.40
C ASP A 99 68.52 -18.41 -22.52
N ILE A 100 68.63 -17.12 -22.27
CA ILE A 100 69.26 -16.22 -23.22
C ILE A 100 70.71 -16.63 -23.34
N LEU A 101 71.39 -16.78 -22.21
CA LEU A 101 72.81 -17.07 -22.18
C LEU A 101 73.14 -18.48 -22.61
N GLN A 102 72.20 -19.39 -22.43
CA GLN A 102 72.40 -20.77 -22.87
C GLN A 102 72.30 -20.85 -24.39
N GLU A 103 71.47 -19.98 -24.97
CA GLU A 103 71.22 -19.98 -26.39
C GLU A 103 72.34 -19.28 -27.17
N GLU A 104 72.76 -18.10 -26.74
CA GLU A 104 73.83 -17.41 -27.44
C GLU A 104 75.18 -18.02 -27.06
N ARG A 105 75.13 -19.03 -26.20
CA ARG A 105 76.28 -19.91 -25.95
C ARG A 105 76.29 -21.02 -26.98
N LYS A 106 75.09 -21.44 -27.40
CA LYS A 106 74.95 -22.54 -28.35
C LYS A 106 75.43 -22.14 -29.73
N GLN A 107 75.15 -20.90 -30.14
CA GLN A 107 75.58 -20.41 -31.45
C GLN A 107 77.09 -20.23 -31.49
N GLU A 108 77.65 -19.65 -30.43
CA GLU A 108 79.08 -19.43 -30.33
C GLU A 108 79.82 -20.76 -30.15
N PRO A 130 78.38 -23.58 -17.87
CA PRO A 130 78.42 -22.62 -16.75
C PRO A 130 78.31 -21.18 -17.23
N THR A 131 77.14 -20.82 -17.76
CA THR A 131 76.81 -19.43 -18.02
C THR A 131 76.94 -18.64 -16.73
N TRP A 132 77.16 -17.32 -16.83
CA TRP A 132 77.52 -16.58 -15.64
C TRP A 132 76.36 -16.44 -14.67
N VAL A 133 75.12 -16.53 -15.14
CA VAL A 133 73.98 -16.49 -14.23
C VAL A 133 74.01 -17.71 -13.32
N HIS A 134 74.40 -18.84 -13.90
CA HIS A 134 74.50 -20.08 -13.15
C HIS A 134 75.63 -20.03 -12.13
N GLU A 135 76.77 -19.48 -12.49
CA GLU A 135 77.88 -19.52 -11.54
C GLU A 135 77.66 -18.58 -10.36
N ILE A 136 76.79 -17.59 -10.56
CA ILE A 136 76.40 -16.70 -9.47
C ILE A 136 75.27 -17.25 -8.61
N PHE A 137 74.20 -17.71 -9.25
CA PHE A 137 72.97 -18.08 -8.55
C PHE A 137 72.70 -19.58 -8.40
N GLN A 138 73.27 -20.42 -9.26
CA GLN A 138 72.89 -21.84 -9.30
C GLN A 138 73.37 -22.62 -8.09
N GLY A 139 72.43 -23.31 -7.46
CA GLY A 139 72.74 -24.23 -6.38
C GLY A 139 72.12 -25.57 -6.71
N THR A 140 72.18 -26.52 -5.81
CA THR A 140 71.55 -27.82 -6.05
C THR A 140 70.84 -28.25 -4.79
N LEU A 141 69.60 -28.69 -4.93
CA LEU A 141 68.85 -29.24 -3.81
C LEU A 141 68.55 -30.73 -4.06
N THR A 142 68.28 -31.46 -2.99
CA THR A 142 67.89 -32.85 -3.08
C THR A 142 66.52 -33.07 -2.45
N ASN A 143 65.61 -33.70 -3.19
CA ASN A 143 64.31 -34.03 -2.65
C ASN A 143 64.28 -35.48 -2.23
N GLU A 144 64.15 -35.69 -0.92
CA GLU A 144 63.96 -37.03 -0.36
C GLU A 144 62.50 -37.39 -0.32
N THR A 145 62.19 -38.62 -0.68
CA THR A 145 60.83 -39.11 -0.57
C THR A 145 60.91 -40.46 0.12
N ARG A 146 60.17 -40.60 1.20
CA ARG A 146 60.19 -41.83 1.97
C ARG A 146 58.81 -42.45 1.95
N CYS A 147 58.71 -43.62 1.32
CA CYS A 147 57.46 -44.36 1.33
C CYS A 147 57.20 -44.80 2.77
N LEU A 148 56.00 -44.56 3.28
CA LEU A 148 55.75 -44.91 4.66
C LEU A 148 55.36 -46.38 4.80
N THR A 149 55.12 -47.05 3.67
CA THR A 149 54.79 -48.46 3.71
C THR A 149 56.05 -49.34 3.75
N CYS A 150 56.96 -49.15 2.82
CA CYS A 150 58.22 -49.91 2.81
C CYS A 150 59.41 -49.19 3.46
N GLU A 151 59.21 -47.91 3.78
CA GLU A 151 60.22 -47.06 4.43
C GLU A 151 61.52 -46.94 3.63
N THR A 152 61.44 -47.21 2.34
CA THR A 152 62.53 -46.97 1.40
C THR A 152 62.60 -45.49 1.10
N ILE A 153 63.81 -44.97 1.08
CA ILE A 153 64.07 -43.58 0.77
C ILE A 153 64.66 -43.46 -0.63
N SER A 154 64.03 -42.67 -1.48
CA SER A 154 64.62 -42.35 -2.76
C SER A 154 64.95 -40.86 -2.87
N SER A 155 66.04 -40.55 -3.58
CA SER A 155 66.56 -39.17 -3.71
C SER A 155 66.62 -38.68 -5.14
N LYS A 156 66.27 -37.42 -5.32
CA LYS A 156 66.31 -36.76 -6.61
C LYS A 156 66.94 -35.37 -6.45
N ASP A 157 68.05 -35.13 -7.14
CA ASP A 157 68.67 -33.81 -7.15
C ASP A 157 68.04 -32.90 -8.16
N GLU A 158 68.02 -31.60 -7.84
CA GLU A 158 67.47 -30.57 -8.71
C GLU A 158 68.32 -29.31 -8.66
N ASP A 159 68.60 -28.74 -9.81
CA ASP A 159 69.24 -27.44 -9.88
C ASP A 159 68.24 -26.34 -9.57
N PHE A 160 68.74 -25.24 -9.04
CA PHE A 160 67.89 -24.08 -8.76
C PHE A 160 68.67 -22.78 -8.91
N LEU A 161 67.96 -21.74 -9.35
CA LEU A 161 68.53 -20.40 -9.41
C LEU A 161 68.11 -19.57 -8.20
N ASP A 162 66.92 -19.88 -7.66
CA ASP A 162 66.48 -19.36 -6.39
C ASP A 162 65.77 -20.46 -5.60
N LEU A 163 65.63 -20.26 -4.30
CA LEU A 163 65.17 -21.30 -3.41
C LEU A 163 63.99 -20.82 -2.58
N SER A 164 62.89 -21.60 -2.61
CA SER A 164 61.72 -21.33 -1.78
C SER A 164 61.66 -22.21 -0.54
N VAL A 165 61.41 -21.62 0.61
CA VAL A 165 61.04 -22.38 1.80
C VAL A 165 59.78 -21.78 2.43
N ASP A 166 59.03 -22.63 3.13
CA ASP A 166 57.76 -22.24 3.71
C ASP A 166 57.98 -21.61 5.08
N THR A 171 61.33 -23.56 14.11
CA THR A 171 62.45 -23.65 13.17
C THR A 171 63.01 -22.26 12.87
N SER A 172 64.04 -22.21 12.03
CA SER A 172 64.68 -20.94 11.67
C SER A 172 65.32 -21.03 10.29
N ILE A 173 65.75 -19.88 9.77
CA ILE A 173 66.49 -19.85 8.51
C ILE A 173 67.74 -20.71 8.59
N THR A 174 68.51 -20.50 9.64
CA THR A 174 69.78 -21.19 9.81
C THR A 174 69.54 -22.69 9.98
N HIS A 175 68.54 -23.04 10.78
CA HIS A 175 68.23 -24.44 11.03
C HIS A 175 67.66 -25.10 9.78
N CYS A 176 66.92 -24.34 8.99
CA CYS A 176 66.36 -24.83 7.72
C CYS A 176 67.46 -25.31 6.79
N LEU A 177 68.26 -24.36 6.33
CA LEU A 177 69.28 -24.58 5.32
C LEU A 177 70.38 -25.56 5.74
N ARG A 178 70.55 -25.76 7.03
CA ARG A 178 71.58 -26.67 7.52
C ARG A 178 71.03 -28.09 7.63
N GLY A 179 69.72 -28.19 7.83
CA GLY A 179 69.06 -29.48 7.97
C GLY A 179 68.04 -29.70 6.88
N PHE A 180 66.89 -30.26 7.24
CA PHE A 180 65.86 -30.51 6.27
C PHE A 180 64.79 -29.42 6.29
N SER A 181 64.08 -29.30 5.18
CA SER A 181 63.15 -28.18 4.97
C SER A 181 62.01 -28.63 4.05
N ASN A 182 60.98 -27.80 3.95
CA ASN A 182 59.79 -28.09 3.16
C ASN A 182 59.23 -29.50 3.33
N THR A 183 59.09 -29.93 4.58
CA THR A 183 58.47 -31.22 4.89
C THR A 183 57.03 -31.26 4.43
N GLU A 184 56.66 -32.36 3.80
CA GLU A 184 55.36 -32.49 3.16
C GLU A 184 54.86 -33.94 3.18
N THR A 185 53.60 -34.16 3.54
CA THR A 185 53.06 -35.51 3.53
C THR A 185 52.20 -35.77 2.30
N LEU A 186 52.54 -36.80 1.55
CA LEU A 186 51.73 -37.20 0.40
C LEU A 186 50.73 -38.25 0.86
N CYS A 187 49.44 -37.92 0.76
CA CYS A 187 48.41 -38.82 1.25
C CYS A 187 47.08 -38.55 0.59
N SER A 188 46.06 -39.27 1.04
CA SER A 188 44.70 -39.11 0.53
C SER A 188 44.66 -39.28 -0.96
N GLU A 189 44.14 -38.28 -1.65
CA GLU A 189 43.97 -38.41 -3.09
C GLU A 189 45.29 -38.14 -3.83
N TYR A 190 46.33 -37.74 -3.11
CA TYR A 190 47.62 -37.53 -3.76
C TYR A 190 48.73 -38.38 -3.16
N LYS A 191 48.53 -39.69 -3.06
CA LYS A 191 49.57 -40.58 -2.55
C LYS A 191 50.74 -40.63 -3.53
N TYR A 192 51.84 -41.19 -3.07
CA TYR A 192 53.04 -41.35 -3.85
C TYR A 192 53.03 -42.70 -4.55
N TYR A 193 53.33 -42.73 -5.85
CA TYR A 193 53.54 -44.03 -6.45
C TYR A 193 54.94 -44.53 -6.06
N CYS A 194 54.99 -45.56 -5.22
CA CYS A 194 56.27 -46.15 -4.82
C CYS A 194 56.68 -47.30 -5.75
N GLU A 195 57.91 -47.28 -6.24
CA GLU A 195 58.38 -48.29 -7.18
C GLU A 195 58.72 -49.60 -6.50
N GLU A 196 58.85 -49.55 -5.18
CA GLU A 196 59.16 -50.72 -4.39
C GLU A 196 57.85 -51.46 -4.08
N CYS A 197 56.84 -50.70 -3.68
CA CYS A 197 55.51 -51.23 -3.38
C CYS A 197 54.63 -51.42 -4.64
N ARG A 198 55.03 -50.79 -5.75
CA ARG A 198 54.27 -50.75 -6.99
C ARG A 198 52.81 -50.38 -6.82
N SER A 199 52.56 -49.35 -6.04
CA SER A 199 51.21 -48.90 -5.77
C SER A 199 51.28 -47.56 -5.09
N LYS A 200 50.14 -46.92 -4.94
CA LYS A 200 50.10 -45.66 -4.24
C LYS A 200 50.15 -45.88 -2.72
N GLN A 201 51.09 -45.20 -2.07
CA GLN A 201 51.25 -45.26 -0.62
C GLN A 201 51.44 -43.85 -0.07
N GLU A 202 51.27 -43.68 1.23
CA GLU A 202 51.62 -42.42 1.86
C GLU A 202 53.13 -42.24 1.84
N ALA A 203 53.57 -40.99 1.77
CA ALA A 203 55.00 -40.69 1.75
C ALA A 203 55.36 -39.41 2.50
N HIS A 204 56.57 -39.35 3.03
CA HIS A 204 57.12 -38.12 3.57
C HIS A 204 58.16 -37.53 2.64
N LYS A 205 57.92 -36.30 2.21
CA LYS A 205 58.80 -35.61 1.30
C LYS A 205 59.54 -34.51 2.06
N ARG A 206 60.85 -34.40 1.86
CA ARG A 206 61.63 -33.31 2.45
C ARG A 206 62.81 -32.90 1.58
N MET A 207 63.27 -31.66 1.79
CA MET A 207 64.29 -31.03 0.96
C MET A 207 65.56 -30.69 1.74
N LYS A 208 66.72 -31.01 1.18
CA LYS A 208 67.99 -30.61 1.76
C LYS A 208 68.85 -29.96 0.68
N VAL A 209 69.57 -28.91 1.03
CA VAL A 209 70.44 -28.25 0.06
C VAL A 209 71.73 -29.03 -0.10
N LYS A 210 72.04 -29.41 -1.33
CA LYS A 210 73.23 -30.20 -1.64
C LYS A 210 74.45 -29.33 -1.96
N LYS A 211 74.26 -28.36 -2.85
CA LYS A 211 75.32 -27.42 -3.27
C LYS A 211 74.88 -25.98 -3.10
N LEU A 212 75.56 -25.22 -2.25
CA LEU A 212 75.23 -23.82 -2.03
C LEU A 212 75.74 -22.91 -3.14
N PRO A 213 74.91 -21.98 -3.59
CA PRO A 213 75.29 -21.03 -4.65
C PRO A 213 76.20 -19.93 -4.14
N MET A 214 76.89 -19.27 -5.06
CA MET A 214 77.64 -18.06 -4.76
C MET A 214 76.73 -17.04 -4.09
N ILE A 215 75.62 -16.73 -4.74
CA ILE A 215 74.60 -15.92 -4.12
C ILE A 215 73.33 -16.72 -3.90
N LEU A 216 72.89 -16.77 -2.65
CA LEU A 216 71.68 -17.50 -2.31
C LEU A 216 70.47 -16.56 -2.28
N ALA A 217 69.63 -16.66 -3.30
CA ALA A 217 68.39 -15.90 -3.38
C ALA A 217 67.26 -16.72 -2.76
N LEU A 218 66.91 -16.39 -1.54
CA LEU A 218 66.01 -17.19 -0.74
C LEU A 218 64.60 -16.60 -0.65
N HIS A 219 63.60 -17.32 -1.15
CA HIS A 219 62.20 -16.91 -1.02
C HIS A 219 61.57 -17.46 0.23
N LEU A 220 61.03 -16.57 1.06
CA LEU A 220 60.25 -17.02 2.19
C LEU A 220 58.82 -16.64 1.90
N LYS A 221 57.96 -17.64 1.74
CA LYS A 221 56.58 -17.43 1.34
C LYS A 221 55.61 -17.92 2.37
N VAL A 240 62.02 -12.88 10.79
CA VAL A 240 63.22 -13.06 11.60
C VAL A 240 64.44 -13.45 10.76
N PHE A 241 65.15 -12.46 10.21
CA PHE A 241 66.25 -12.82 9.34
C PHE A 241 67.62 -12.28 9.77
N PRO A 242 68.60 -13.19 9.86
CA PRO A 242 69.96 -12.94 10.35
C PRO A 242 70.85 -12.27 9.34
N LEU A 243 71.74 -11.39 9.80
CA LEU A 243 72.59 -10.63 8.90
C LEU A 243 73.69 -11.49 8.33
N GLU A 244 73.97 -12.57 9.05
CA GLU A 244 75.04 -13.47 8.67
C GLU A 244 74.53 -14.89 8.74
N LEU A 245 74.97 -15.73 7.81
CA LEU A 245 74.53 -17.11 7.80
C LEU A 245 75.72 -18.05 7.93
N ARG A 246 75.66 -18.95 8.91
CA ARG A 246 76.75 -19.89 9.16
C ARG A 246 76.39 -21.28 8.71
N LEU A 247 76.95 -21.70 7.59
CA LEU A 247 76.69 -23.03 7.06
C LEU A 247 77.99 -23.84 7.06
N PHE A 248 78.24 -24.50 8.18
CA PHE A 248 79.51 -25.19 8.42
C PHE A 248 79.42 -26.65 7.99
N ASP A 258 82.54 -23.75 6.90
CA ASP A 258 82.55 -24.33 5.57
C ASP A 258 81.91 -23.35 4.60
N ARG A 259 81.07 -22.47 5.14
CA ARG A 259 80.63 -21.31 4.40
C ARG A 259 79.84 -20.32 5.25
N MET A 260 80.33 -19.08 5.28
CA MET A 260 79.62 -18.00 5.91
C MET A 260 78.97 -17.16 4.81
N TYR A 261 77.75 -16.71 5.06
CA TYR A 261 77.00 -15.88 4.11
C TYR A 261 76.64 -14.56 4.76
N ASP A 262 76.78 -13.47 4.01
CA ASP A 262 76.34 -12.17 4.49
C ASP A 262 75.10 -11.69 3.75
N LEU A 263 74.11 -11.21 4.49
CA LEU A 263 72.95 -10.58 3.88
C LEU A 263 73.37 -9.34 3.11
N VAL A 264 72.97 -9.24 1.85
CA VAL A 264 73.28 -8.06 1.04
C VAL A 264 72.04 -7.34 0.48
N ALA A 265 70.88 -7.98 0.52
CA ALA A 265 69.67 -7.33 0.02
C ALA A 265 68.42 -7.98 0.59
N VAL A 266 67.38 -7.17 0.73
CA VAL A 266 66.08 -7.64 1.19
C VAL A 266 64.99 -7.02 0.34
N VAL A 267 64.08 -7.86 -0.14
CA VAL A 267 62.84 -7.41 -0.73
C VAL A 267 61.72 -7.79 0.22
N VAL A 268 60.99 -6.81 0.72
CA VAL A 268 59.97 -7.05 1.72
C VAL A 268 58.74 -6.12 1.59
N HIS A 269 57.56 -6.65 1.91
CA HIS A 269 56.35 -5.85 2.04
C HIS A 269 56.05 -5.60 3.52
N CYS A 270 56.32 -4.37 3.95
CA CYS A 270 56.26 -4.02 5.37
C CYS A 270 54.82 -3.99 5.85
N GLY A 271 54.59 -4.40 7.09
CA GLY A 271 53.25 -4.31 7.64
C GLY A 271 53.05 -2.92 8.21
N SER A 272 54.13 -2.39 8.76
CA SER A 272 54.13 -1.08 9.39
C SER A 272 55.46 -0.41 9.16
N GLY A 273 55.83 0.50 10.04
CA GLY A 273 57.03 1.29 9.84
C GLY A 273 56.73 2.35 8.81
N PRO A 274 57.72 3.23 8.53
CA PRO A 274 57.45 4.31 7.58
C PRO A 274 57.58 3.86 6.13
N ASN A 275 57.36 2.58 5.85
CA ASN A 275 57.39 2.12 4.47
C ASN A 275 56.31 1.09 4.14
N ARG A 276 55.35 1.03 5.03
CA ARG A 276 54.26 0.12 4.88
C ARG A 276 53.44 0.44 3.67
N GLY A 277 52.89 -0.61 3.13
CA GLY A 277 52.01 -0.47 2.03
C GLY A 277 52.48 -1.19 0.82
N HIS A 278 53.78 -1.30 0.59
CA HIS A 278 54.09 -1.81 -0.73
C HIS A 278 55.46 -2.46 -0.59
N TYR A 279 55.89 -3.18 -1.61
CA TYR A 279 57.19 -3.81 -1.55
C TYR A 279 58.33 -2.79 -1.54
N ILE A 280 59.35 -3.10 -0.77
CA ILE A 280 60.48 -2.23 -0.54
C ILE A 280 61.76 -3.02 -0.78
N ALA A 281 62.82 -2.34 -1.20
CA ALA A 281 64.14 -2.96 -1.21
C ALA A 281 65.09 -2.32 -0.19
N ILE A 282 65.73 -3.17 0.60
CA ILE A 282 66.75 -2.77 1.56
C ILE A 282 68.07 -3.44 1.16
N VAL A 283 69.10 -2.65 0.91
CA VAL A 283 70.33 -3.17 0.34
C VAL A 283 71.60 -2.80 1.13
N LYS A 284 72.62 -3.65 1.03
CA LYS A 284 73.93 -3.34 1.60
C LYS A 284 74.80 -2.61 0.63
N SER A 285 75.30 -1.46 1.03
CA SER A 285 76.20 -0.69 0.18
C SER A 285 77.43 -0.31 0.98
N HIS A 286 78.57 -0.79 0.52
CA HIS A 286 79.82 -0.69 1.27
C HIS A 286 79.59 -1.22 2.67
N ASP A 287 79.56 -0.35 3.66
CA ASP A 287 79.42 -0.82 5.03
C ASP A 287 78.18 -0.26 5.72
N PHE A 288 77.20 0.18 4.94
CA PHE A 288 75.93 0.64 5.49
C PHE A 288 74.73 0.20 4.64
N TRP A 289 73.53 0.44 5.17
CA TRP A 289 72.30 -0.02 4.53
C TRP A 289 71.50 1.10 3.87
N LEU A 290 71.07 0.85 2.65
CA LEU A 290 70.17 1.75 1.95
C LEU A 290 68.76 1.19 1.86
N LEU A 291 67.78 2.09 1.76
CA LEU A 291 66.39 1.68 1.62
C LEU A 291 65.77 2.43 0.43
N PHE A 292 65.34 1.67 -0.57
CA PHE A 292 64.66 2.25 -1.72
C PHE A 292 63.16 2.23 -1.51
N ASP A 293 62.55 3.40 -1.44
CA ASP A 293 61.11 3.51 -1.27
C ASP A 293 60.58 4.44 -2.35
N ASP A 294 59.92 3.84 -3.33
CA ASP A 294 59.44 4.58 -4.49
C ASP A 294 60.64 5.22 -5.19
N ASP A 295 60.78 6.54 -5.09
CA ASP A 295 61.81 7.25 -5.85
C ASP A 295 62.95 7.77 -4.98
N ILE A 296 62.94 7.43 -3.71
CA ILE A 296 63.91 7.98 -2.77
C ILE A 296 64.80 6.92 -2.14
N VAL A 297 66.11 7.08 -2.31
CA VAL A 297 67.09 6.24 -1.64
C VAL A 297 67.50 6.88 -0.33
N GLU A 298 67.43 6.13 0.75
CA GLU A 298 67.76 6.67 2.06
C GLU A 298 68.57 5.70 2.91
N LYS A 299 69.61 6.20 3.55
CA LYS A 299 70.38 5.39 4.48
C LYS A 299 69.50 5.05 5.68
N ILE A 300 69.64 3.82 6.19
CA ILE A 300 68.98 3.44 7.43
C ILE A 300 69.97 2.67 8.29
N ASP A 301 69.79 2.74 9.60
CA ASP A 301 70.73 2.12 10.54
C ASP A 301 70.56 0.62 10.60
N ALA A 302 71.67 -0.10 10.65
CA ALA A 302 71.63 -1.55 10.82
C ALA A 302 70.76 -1.87 12.02
N GLN A 303 69.93 -2.89 11.89
CA GLN A 303 68.98 -3.25 12.94
C GLN A 303 67.99 -2.11 13.21
N ALA A 304 67.70 -1.34 12.17
CA ALA A 304 66.37 -0.76 12.04
C ALA A 304 65.67 -1.81 11.22
N ILE A 305 66.52 -2.65 10.63
CA ILE A 305 66.13 -3.72 9.75
C ILE A 305 65.22 -4.73 10.44
N GLU A 306 65.71 -5.38 11.48
CA GLU A 306 64.89 -6.37 12.17
C GLU A 306 64.11 -5.73 13.31
N GLU A 307 64.21 -4.41 13.43
CA GLU A 307 63.41 -3.68 14.40
C GLU A 307 62.07 -3.27 13.79
N PHE A 308 61.98 -3.26 12.47
CA PHE A 308 60.75 -2.82 11.80
C PHE A 308 60.34 -3.64 10.58
N TYR A 309 61.04 -4.74 10.29
CA TYR A 309 60.73 -5.51 9.09
C TYR A 309 60.81 -7.02 9.33
N ASN A 318 53.08 -8.18 6.16
CA ASN A 318 52.31 -9.27 5.56
C ASN A 318 52.25 -9.13 4.02
N SER A 319 52.64 -10.20 3.32
CA SER A 319 53.10 -10.09 1.93
C SER A 319 52.35 -10.87 0.83
N GLU A 320 52.48 -10.36 -0.41
CA GLU A 320 51.86 -10.92 -1.61
C GLU A 320 52.64 -12.11 -2.19
N SER A 321 53.96 -11.95 -2.30
CA SER A 321 54.81 -13.03 -2.78
C SER A 321 55.89 -13.34 -1.75
N GLY A 322 55.54 -13.23 -0.47
CA GLY A 322 56.47 -13.42 0.62
C GLY A 322 57.55 -12.36 0.57
N TYR A 323 58.70 -12.63 1.18
CA TYR A 323 59.82 -11.73 1.05
C TYR A 323 61.08 -12.45 0.59
N ILE A 324 62.04 -11.69 0.07
CA ILE A 324 63.28 -12.25 -0.48
C ILE A 324 64.55 -11.80 0.22
N LEU A 325 65.39 -12.78 0.55
CA LEU A 325 66.68 -12.55 1.19
C LEU A 325 67.80 -12.96 0.24
N PHE A 326 68.69 -12.01 -0.06
CA PHE A 326 69.86 -12.32 -0.87
C PHE A 326 71.08 -12.44 0.02
N TYR A 327 71.68 -13.62 0.03
CA TYR A 327 72.90 -13.87 0.78
C TYR A 327 74.09 -14.08 -0.15
N GLN A 328 75.14 -13.30 0.05
CA GLN A 328 76.41 -13.48 -0.65
C GLN A 328 77.41 -14.18 0.27
N SER A 329 78.06 -15.21 -0.25
CA SER A 329 79.03 -15.95 0.55
C SER A 329 80.33 -15.17 0.67
N ARG A 330 81.02 -15.35 1.79
CA ARG A 330 82.23 -14.59 2.09
C ARG A 330 83.50 -15.30 1.62
N LYS B 14 33.10 -40.44 -9.90
CA LYS B 14 33.32 -40.74 -11.31
C LYS B 14 33.75 -42.20 -11.49
N VAL B 15 33.09 -42.94 -12.37
CA VAL B 15 33.21 -44.38 -12.34
C VAL B 15 34.15 -44.93 -13.40
N GLN B 16 35.07 -45.76 -12.97
CA GLN B 16 35.97 -46.47 -13.86
C GLN B 16 35.63 -47.95 -13.88
N VAL B 17 35.90 -48.60 -15.02
CA VAL B 17 35.76 -50.03 -15.15
C VAL B 17 37.14 -50.64 -15.13
N SER B 18 37.33 -51.71 -14.38
CA SER B 18 38.61 -52.40 -14.46
C SER B 18 38.40 -53.91 -14.50
N TYR B 19 39.46 -54.64 -14.82
CA TYR B 19 39.38 -56.09 -14.82
C TYR B 19 40.74 -56.68 -14.62
N VAL B 20 40.79 -57.91 -14.15
CA VAL B 20 42.04 -58.54 -13.81
C VAL B 20 42.35 -59.66 -14.79
N ILE B 21 43.56 -59.70 -15.32
CA ILE B 21 43.98 -60.77 -16.20
C ILE B 21 44.73 -61.84 -15.41
N ARG B 22 44.13 -63.03 -15.35
CA ARG B 22 44.55 -64.06 -14.40
C ARG B 22 43.90 -65.41 -14.72
N ASP B 23 44.31 -66.44 -14.00
CA ASP B 23 43.66 -67.74 -14.12
C ASP B 23 42.44 -67.80 -13.20
N GLU B 24 41.51 -68.71 -13.50
CA GLU B 24 40.33 -68.88 -12.65
C GLU B 24 40.68 -69.18 -11.20
N VAL B 25 41.73 -69.97 -10.98
CA VAL B 25 42.18 -70.21 -9.62
C VAL B 25 43.62 -69.76 -9.48
N GLU B 26 43.84 -68.84 -8.55
CA GLU B 26 45.18 -68.45 -8.14
C GLU B 26 45.48 -69.05 -6.76
N LYS B 27 45.92 -70.30 -6.77
CA LYS B 27 46.18 -71.09 -5.57
C LYS B 27 47.19 -70.43 -4.65
N TYR B 28 48.20 -69.83 -5.26
CA TYR B 28 49.28 -69.23 -4.50
C TYR B 28 49.19 -67.71 -4.49
N ASN B 29 49.62 -67.10 -3.39
CA ASN B 29 49.77 -65.65 -3.34
C ASN B 29 50.63 -65.16 -4.49
N ARG B 30 50.22 -64.04 -5.09
CA ARG B 30 50.94 -63.44 -6.22
C ARG B 30 51.72 -62.20 -5.82
N ASN B 31 51.84 -62.00 -4.52
CA ASN B 31 52.44 -60.81 -3.91
C ASN B 31 52.67 -61.16 -2.45
N GLY B 32 53.17 -60.21 -1.68
CA GLY B 32 53.42 -60.45 -0.26
C GLY B 32 52.17 -60.62 0.58
N VAL B 33 52.38 -60.98 1.84
CA VAL B 33 51.30 -61.31 2.76
C VAL B 33 51.28 -60.34 3.93
N ASN B 34 50.14 -59.72 4.18
CA ASN B 34 50.05 -58.63 5.16
C ASN B 34 49.74 -59.05 6.58
N ALA B 35 49.08 -60.17 6.74
CA ALA B 35 48.52 -60.56 8.02
C ALA B 35 48.21 -62.04 8.04
N LEU B 36 48.09 -62.63 9.22
CA LEU B 36 47.95 -64.07 9.37
C LEU B 36 47.00 -64.42 10.47
N GLN B 37 46.20 -65.46 10.30
CA GLN B 37 45.36 -65.93 11.41
C GLN B 37 45.34 -67.44 11.48
N LEU B 38 45.50 -67.97 12.68
CA LEU B 38 45.56 -69.41 12.84
C LEU B 38 44.33 -69.90 13.63
N ASP B 39 43.55 -70.77 13.02
CA ASP B 39 42.43 -71.43 13.70
C ASP B 39 42.91 -72.72 14.33
N PRO B 40 42.99 -72.77 15.67
CA PRO B 40 43.50 -73.95 16.37
C PRO B 40 42.55 -75.14 16.39
N ALA B 41 41.25 -74.92 16.20
CA ALA B 41 40.27 -76.02 16.17
C ALA B 41 40.28 -76.77 14.85
N LEU B 42 40.62 -76.08 13.75
CA LEU B 42 40.56 -76.72 12.45
C LEU B 42 41.94 -76.84 11.83
N ASN B 43 42.96 -76.39 12.55
CA ASN B 43 44.31 -76.36 12.02
C ASN B 43 44.41 -75.63 10.68
N ARG B 44 43.80 -74.46 10.62
CA ARG B 44 43.79 -73.68 9.40
C ARG B 44 44.50 -72.36 9.56
N LEU B 45 45.27 -72.00 8.54
CA LEU B 45 45.95 -70.73 8.49
C LEU B 45 45.31 -69.87 7.42
N PHE B 46 44.97 -68.64 7.77
CA PHE B 46 44.45 -67.67 6.83
C PHE B 46 45.57 -66.72 6.49
N THR B 47 45.76 -66.45 5.20
CA THR B 47 46.69 -65.42 4.78
C THR B 47 45.94 -64.30 4.06
N ALA B 48 46.27 -63.06 4.42
CA ALA B 48 45.69 -61.87 3.80
C ALA B 48 46.67 -61.30 2.77
N GLY B 49 46.37 -61.45 1.48
CA GLY B 49 47.35 -61.14 0.45
C GLY B 49 47.40 -59.70 -0.04
N ARG B 50 48.58 -59.20 -0.34
CA ARG B 50 48.68 -57.96 -1.12
C ARG B 50 48.08 -58.17 -2.51
N ASP B 51 47.95 -59.42 -2.96
CA ASP B 51 47.27 -59.67 -4.23
C ASP B 51 45.74 -59.55 -4.16
N SER B 52 45.23 -59.04 -3.04
CA SER B 52 43.79 -58.85 -2.80
C SER B 52 43.01 -60.14 -2.47
N ILE B 53 43.70 -61.25 -2.35
CA ILE B 53 43.02 -62.51 -2.04
C ILE B 53 43.38 -63.02 -0.63
N ILE B 54 42.36 -63.47 0.08
CA ILE B 54 42.53 -64.17 1.34
C ILE B 54 42.49 -65.67 1.05
N ARG B 55 43.41 -66.43 1.62
CA ARG B 55 43.47 -67.88 1.38
C ARG B 55 43.52 -68.66 2.69
N ILE B 56 42.88 -69.82 2.68
CA ILE B 56 42.85 -70.75 3.81
C ILE B 56 43.75 -71.93 3.52
N TRP B 57 44.67 -72.22 4.45
CA TRP B 57 45.63 -73.32 4.32
C TRP B 57 45.45 -74.31 5.45
N SER B 58 45.73 -75.59 5.18
CA SER B 58 45.85 -76.58 6.25
C SER B 58 47.27 -76.57 6.75
N VAL B 59 47.47 -76.54 8.06
CA VAL B 59 48.83 -76.51 8.60
C VAL B 59 49.30 -77.87 9.11
N ASN B 60 48.55 -78.94 8.81
CA ASN B 60 49.05 -80.31 9.01
C ASN B 60 50.29 -80.59 8.20
N GLN B 61 51.39 -80.95 8.84
CA GLN B 61 52.60 -81.35 8.12
C GLN B 61 52.35 -82.65 7.35
N HIS B 62 51.16 -83.20 7.55
CA HIS B 62 50.64 -84.31 6.77
C HIS B 62 50.52 -83.96 5.29
N LYS B 63 49.54 -83.11 4.98
CA LYS B 63 49.11 -82.85 3.62
C LYS B 63 50.22 -82.31 2.72
N GLN B 64 50.25 -82.79 1.49
CA GLN B 64 51.26 -82.39 0.52
C GLN B 64 50.84 -81.09 -0.14
N ASP B 65 49.52 -80.93 -0.25
CA ASP B 65 48.91 -79.74 -0.81
C ASP B 65 48.11 -79.04 0.28
N PRO B 66 48.73 -78.09 0.97
CA PRO B 66 48.05 -77.42 2.08
C PRO B 66 46.94 -76.46 1.64
N TYR B 67 46.77 -76.24 0.35
CA TYR B 67 45.76 -75.30 -0.11
C TYR B 67 44.33 -75.79 0.17
N ILE B 68 43.48 -74.89 0.62
CA ILE B 68 42.09 -75.24 0.91
C ILE B 68 41.12 -74.41 0.09
N ALA B 69 41.22 -73.10 0.17
CA ALA B 69 40.30 -72.25 -0.57
C ALA B 69 40.81 -70.83 -0.76
N SER B 70 40.21 -70.13 -1.72
CA SER B 70 40.47 -68.71 -1.91
C SER B 70 39.25 -67.92 -1.51
N MET B 71 39.44 -66.77 -0.88
CA MET B 71 38.35 -65.89 -0.51
C MET B 71 38.62 -64.61 -1.29
N GLU B 72 37.82 -64.37 -2.33
CA GLU B 72 38.12 -63.42 -3.39
C GLU B 72 37.69 -61.97 -3.55
N HIS B 73 36.50 -61.53 -2.95
CA HIS B 73 36.00 -60.13 -2.97
C HIS B 73 36.74 -58.75 -2.97
N HIS B 74 37.90 -58.59 -2.36
CA HIS B 74 38.62 -57.34 -2.28
C HIS B 74 39.25 -56.96 -3.60
N THR B 75 39.49 -55.66 -3.74
CA THR B 75 39.92 -55.06 -4.99
C THR B 75 41.37 -54.61 -4.92
N ASP B 76 41.93 -54.66 -3.73
CA ASP B 76 43.25 -54.12 -3.48
C ASP B 76 43.86 -54.89 -2.29
N TRP B 77 45.04 -54.49 -1.86
CA TRP B 77 45.70 -55.13 -0.73
C TRP B 77 44.75 -55.46 0.41
N VAL B 78 44.86 -56.67 0.94
CA VAL B 78 44.16 -56.99 2.17
C VAL B 78 45.17 -56.73 3.28
N ASN B 79 44.92 -55.70 4.08
CA ASN B 79 45.94 -55.23 5.00
C ASN B 79 45.88 -55.92 6.34
N ASP B 80 44.69 -56.34 6.74
CA ASP B 80 44.51 -57.03 8.00
C ASP B 80 43.35 -58.04 7.98
N ILE B 81 43.45 -59.08 8.80
CA ILE B 81 42.36 -60.03 9.06
C ILE B 81 42.29 -60.44 10.53
N VAL B 82 41.08 -60.73 11.01
CA VAL B 82 40.84 -61.17 12.36
C VAL B 82 39.84 -62.32 12.36
N LEU B 83 40.25 -63.47 12.86
CA LEU B 83 39.33 -64.58 13.09
C LEU B 83 38.54 -64.36 14.37
N CYS B 84 37.22 -64.32 14.26
CA CYS B 84 36.35 -64.17 15.40
C CYS B 84 35.45 -65.39 15.62
N CYS B 85 34.81 -65.43 16.78
CA CYS B 85 33.77 -66.41 17.08
C CYS B 85 34.26 -67.84 16.87
N ASN B 86 35.33 -68.21 17.57
CA ASN B 86 35.92 -69.54 17.49
C ASN B 86 36.15 -70.02 16.04
N GLY B 87 36.60 -69.11 15.20
CA GLY B 87 36.99 -69.47 13.86
C GLY B 87 35.86 -69.48 12.87
N LYS B 88 34.67 -69.10 13.31
CA LYS B 88 33.50 -69.04 12.44
C LYS B 88 33.55 -67.86 11.48
N THR B 89 34.07 -66.74 11.95
CA THR B 89 33.93 -65.48 11.24
C THR B 89 35.27 -64.85 10.95
N LEU B 90 35.48 -64.39 9.73
CA LEU B 90 36.66 -63.60 9.44
C LEU B 90 36.23 -62.19 9.12
N ILE B 91 36.98 -61.24 9.62
CA ILE B 91 36.79 -59.85 9.25
C ILE B 91 38.07 -59.37 8.58
N SER B 92 37.94 -58.63 7.48
CA SER B 92 39.08 -58.22 6.65
C SER B 92 39.10 -56.71 6.42
N ALA B 93 40.30 -56.18 6.22
CA ALA B 93 40.51 -54.76 6.00
C ALA B 93 41.34 -54.59 4.76
N SER B 94 40.93 -53.70 3.88
CA SER B 94 41.61 -53.56 2.61
C SER B 94 41.92 -52.14 2.17
N SER B 95 42.89 -52.04 1.29
CA SER B 95 43.20 -50.79 0.63
C SER B 95 42.10 -50.37 -0.35
N ASP B 96 41.08 -51.19 -0.55
CA ASP B 96 39.95 -50.72 -1.36
C ASP B 96 38.95 -49.92 -0.52
N THR B 97 39.37 -49.60 0.70
CA THR B 97 38.66 -48.80 1.68
C THR B 97 37.52 -49.56 2.40
N THR B 98 37.32 -50.83 2.11
CA THR B 98 36.22 -51.55 2.78
C THR B 98 36.68 -52.46 3.90
N VAL B 99 35.73 -52.77 4.78
CA VAL B 99 35.86 -53.84 5.72
C VAL B 99 34.86 -54.90 5.29
N LYS B 100 35.31 -56.15 5.21
CA LYS B 100 34.37 -57.21 4.84
C LYS B 100 34.19 -58.26 5.95
N VAL B 101 32.99 -58.84 5.99
CA VAL B 101 32.61 -59.84 6.97
C VAL B 101 32.47 -61.18 6.27
N TRP B 102 33.24 -62.17 6.68
CA TRP B 102 33.20 -63.45 5.99
C TRP B 102 32.71 -64.60 6.87
N ASN B 103 32.03 -65.57 6.26
CA ASN B 103 31.91 -66.89 6.84
C ASN B 103 33.25 -67.57 6.63
N ALA B 104 34.00 -67.78 7.69
CA ALA B 104 35.35 -68.34 7.58
C ALA B 104 35.37 -69.85 7.32
N HIS B 105 34.27 -70.54 7.57
CA HIS B 105 34.25 -71.97 7.37
C HIS B 105 34.01 -72.29 5.90
N LYS B 106 33.09 -71.56 5.30
CA LYS B 106 32.73 -71.79 3.91
C LYS B 106 33.46 -70.85 2.96
N GLY B 107 34.01 -69.76 3.51
CA GLY B 107 34.91 -68.93 2.73
C GLY B 107 34.23 -67.99 1.76
N PHE B 108 33.10 -67.41 2.16
CA PHE B 108 32.42 -66.45 1.29
C PHE B 108 32.09 -65.16 2.04
N CYS B 109 32.02 -64.07 1.29
CA CYS B 109 31.78 -62.76 1.84
C CYS B 109 30.30 -62.53 2.13
N MET B 110 29.99 -62.10 3.34
CA MET B 110 28.61 -61.91 3.78
C MET B 110 28.19 -60.42 3.77
N SER B 111 29.10 -59.54 4.17
CA SER B 111 28.79 -58.12 4.25
C SER B 111 30.00 -57.29 3.88
N THR B 112 29.74 -56.09 3.44
CA THR B 112 30.80 -55.16 3.14
C THR B 112 30.47 -53.89 3.86
N LEU B 113 31.34 -53.49 4.80
CA LEU B 113 31.18 -52.22 5.49
C LEU B 113 31.94 -51.14 4.72
N ARG B 114 31.34 -49.98 4.55
CA ARG B 114 31.90 -48.96 3.68
C ARG B 114 32.05 -47.61 4.36
N THR B 115 32.20 -47.61 5.68
CA THR B 115 32.29 -46.34 6.39
C THR B 115 33.66 -45.68 6.28
N HIS B 116 34.71 -46.44 5.93
CA HIS B 116 36.05 -45.86 5.76
C HIS B 116 36.17 -45.12 4.42
N LYS B 117 37.11 -44.18 4.33
CA LYS B 117 37.24 -43.33 3.16
C LYS B 117 38.62 -43.35 2.57
N ASP B 118 39.45 -44.27 3.04
CA ASP B 118 40.80 -44.43 2.56
C ASP B 118 41.22 -45.87 2.91
N TYR B 119 42.47 -46.25 2.68
CA TYR B 119 42.93 -47.60 3.00
C TYR B 119 42.62 -47.97 4.47
N VAL B 120 41.91 -49.05 4.66
CA VAL B 120 41.75 -49.60 6.00
C VAL B 120 42.99 -50.45 6.30
N LYS B 121 43.68 -50.11 7.38
CA LYS B 121 45.03 -50.62 7.62
C LYS B 121 45.16 -51.66 8.73
N ALA B 122 44.26 -51.62 9.70
CA ALA B 122 44.40 -52.41 10.90
C ALA B 122 43.05 -52.80 11.48
N LEU B 123 43.02 -53.99 12.07
CA LEU B 123 41.85 -54.47 12.78
C LEU B 123 42.24 -54.86 14.21
N ALA B 124 41.29 -54.77 15.13
CA ALA B 124 41.53 -55.10 16.51
C ALA B 124 40.37 -55.93 16.97
N TYR B 125 40.59 -56.74 17.99
CA TYR B 125 39.65 -57.78 18.37
C TYR B 125 39.64 -58.01 19.87
N ALA B 126 38.46 -57.97 20.47
CA ALA B 126 38.34 -58.24 21.89
C ALA B 126 37.53 -59.51 22.06
N LYS B 127 38.22 -60.64 22.17
CA LYS B 127 37.60 -61.96 22.16
C LYS B 127 36.45 -62.13 23.16
N ASP B 128 36.59 -61.60 24.37
CA ASP B 128 35.55 -61.81 25.37
C ASP B 128 34.28 -61.03 25.08
N LYS B 129 34.33 -60.05 24.19
CA LYS B 129 33.13 -59.30 23.83
C LYS B 129 32.69 -59.54 22.41
N GLU B 130 33.42 -60.38 21.68
CA GLU B 130 33.34 -60.50 20.20
C GLU B 130 33.19 -59.09 19.64
N LEU B 131 34.15 -58.25 19.96
CA LEU B 131 34.16 -56.88 19.53
C LEU B 131 35.34 -56.68 18.58
N VAL B 132 35.11 -56.05 17.44
CA VAL B 132 36.22 -55.67 16.58
C VAL B 132 36.24 -54.21 16.24
N ALA B 133 37.42 -53.72 15.89
CA ALA B 133 37.55 -52.35 15.47
C ALA B 133 38.39 -52.24 14.23
N SER B 134 38.12 -51.22 13.43
CA SER B 134 38.85 -51.01 12.19
C SER B 134 39.38 -49.58 12.13
N ALA B 135 40.52 -49.40 11.47
CA ALA B 135 41.19 -48.11 11.40
C ALA B 135 42.02 -48.02 10.15
N GLY B 136 42.13 -46.83 9.59
CA GLY B 136 42.95 -46.66 8.42
C GLY B 136 43.49 -45.26 8.22
N LEU B 137 43.96 -45.01 7.01
CA LEU B 137 44.59 -43.76 6.62
C LEU B 137 43.67 -42.56 6.71
N ASP B 138 42.37 -42.80 6.88
CA ASP B 138 41.41 -41.72 7.01
C ASP B 138 41.27 -41.21 8.43
N ARG B 139 42.07 -41.76 9.35
CA ARG B 139 42.08 -41.35 10.75
C ARG B 139 40.81 -41.72 11.50
N GLN B 140 39.99 -42.59 10.91
CA GLN B 140 38.78 -43.04 11.59
C GLN B 140 39.00 -44.40 12.25
N ILE B 141 38.33 -44.62 13.39
CA ILE B 141 38.28 -45.91 14.07
C ILE B 141 36.83 -46.31 14.36
N PHE B 142 36.35 -47.36 13.72
CA PHE B 142 35.01 -47.83 13.98
C PHE B 142 35.01 -49.10 14.83
N LEU B 143 34.05 -49.16 15.75
CA LEU B 143 33.83 -50.30 16.60
C LEU B 143 32.60 -51.07 16.17
N TRP B 144 32.73 -52.38 16.09
CA TRP B 144 31.68 -53.23 15.57
C TRP B 144 31.45 -54.43 16.48
N ASP B 145 30.20 -54.64 16.88
CA ASP B 145 29.84 -55.88 17.54
C ASP B 145 29.75 -56.99 16.51
N VAL B 146 30.61 -58.01 16.60
CA VAL B 146 30.64 -59.07 15.60
C VAL B 146 29.30 -59.82 15.41
N ASN B 147 28.60 -60.11 16.49
CA ASN B 147 27.32 -60.80 16.41
C ASN B 147 26.27 -59.93 15.72
N THR B 148 26.38 -58.62 15.87
CA THR B 148 25.55 -57.69 15.09
C THR B 148 25.88 -57.74 13.59
N LEU B 149 27.15 -57.81 13.24
CA LEU B 149 27.54 -57.89 11.84
C LEU B 149 27.10 -59.20 11.18
N THR B 150 27.30 -60.33 11.86
CA THR B 150 26.94 -61.61 11.27
C THR B 150 25.43 -61.76 11.16
N ALA B 151 24.68 -61.04 11.99
CA ALA B 151 23.22 -61.12 11.98
C ALA B 151 22.62 -60.38 10.80
N LEU B 152 23.47 -59.64 10.07
CA LEU B 152 23.00 -58.86 8.94
C LEU B 152 22.44 -59.79 7.87
N THR B 153 21.30 -59.41 7.31
CA THR B 153 20.70 -60.10 6.18
C THR B 153 20.16 -59.08 5.17
N ALA B 154 19.56 -59.59 4.10
CA ALA B 154 19.02 -58.71 3.04
C ALA B 154 17.76 -57.94 3.51
N SER B 155 17.01 -58.49 4.48
CA SER B 155 15.94 -57.77 5.14
C SER B 155 16.42 -56.96 6.37
N ASN B 156 17.05 -57.62 7.32
CA ASN B 156 17.65 -56.90 8.46
C ASN B 156 18.92 -56.15 8.03
N ASN B 157 18.71 -55.09 7.26
CA ASN B 157 19.75 -54.41 6.52
C ASN B 157 20.26 -53.18 7.26
N THR B 158 19.80 -53.02 8.50
CA THR B 158 20.11 -51.84 9.29
C THR B 158 21.43 -51.95 10.05
N VAL B 159 22.29 -50.94 9.94
CA VAL B 159 23.53 -50.92 10.73
C VAL B 159 23.76 -49.57 11.43
N THR B 160 24.29 -49.65 12.63
CA THR B 160 24.55 -48.45 13.39
C THR B 160 26.01 -48.45 13.84
N THR B 161 26.62 -47.26 13.95
CA THR B 161 28.06 -47.16 14.16
C THR B 161 28.50 -46.58 15.51
N SER B 162 29.78 -46.79 15.83
CA SER B 162 30.40 -46.15 16.97
C SER B 162 31.86 -45.89 16.60
N SER B 163 32.32 -44.67 16.84
CA SER B 163 33.66 -44.32 16.42
C SER B 163 34.41 -43.51 17.45
N LEU B 164 35.73 -43.52 17.31
CA LEU B 164 36.62 -42.82 18.21
C LEU B 164 37.21 -41.64 17.50
N SER B 165 37.43 -40.55 18.23
CA SER B 165 38.04 -39.40 17.60
C SER B 165 39.32 -39.01 18.32
N GLY B 166 40.16 -38.26 17.63
CA GLY B 166 41.33 -37.68 18.23
C GLY B 166 42.55 -37.83 17.36
N ASN B 167 42.57 -38.84 16.51
CA ASN B 167 43.75 -39.10 15.69
C ASN B 167 44.00 -37.95 14.76
N LYS B 168 45.18 -37.38 14.86
CA LYS B 168 45.53 -36.21 14.07
C LYS B 168 46.20 -36.65 12.78
N ASP B 169 46.47 -37.96 12.66
CA ASP B 169 47.17 -38.46 11.49
C ASP B 169 46.78 -39.90 11.17
N SER B 170 47.27 -40.38 10.05
CA SER B 170 46.94 -41.69 9.51
C SER B 170 47.27 -42.86 10.43
N ILE B 171 46.32 -43.76 10.63
CA ILE B 171 46.49 -44.85 11.57
C ILE B 171 47.08 -46.08 10.88
N TYR B 172 48.09 -46.67 11.49
CA TYR B 172 48.75 -47.82 10.91
C TYR B 172 48.62 -49.10 11.76
N SER B 173 48.16 -48.97 12.99
CA SER B 173 48.02 -50.14 13.85
C SER B 173 47.01 -49.86 14.93
N LEU B 174 46.57 -50.92 15.59
CA LEU B 174 45.43 -50.86 16.47
C LEU B 174 45.34 -52.13 17.29
N ALA B 175 45.11 -52.00 18.59
CA ALA B 175 44.93 -53.17 19.42
C ALA B 175 43.88 -52.92 20.48
N MET B 176 43.18 -53.99 20.83
CA MET B 176 42.31 -54.04 22.00
C MET B 176 42.79 -55.15 22.91
N ASN B 177 42.45 -55.08 24.19
CA ASN B 177 42.70 -56.19 25.09
C ASN B 177 41.55 -57.19 25.02
N GLN B 178 41.75 -58.36 25.60
CA GLN B 178 40.79 -59.45 25.46
C GLN B 178 39.45 -59.07 26.07
N LEU B 179 39.48 -58.28 27.13
CA LEU B 179 38.29 -57.82 27.84
C LEU B 179 37.51 -56.69 27.15
N GLY B 180 38.12 -56.02 26.17
CA GLY B 180 37.46 -54.94 25.46
C GLY B 180 37.23 -53.72 26.32
N THR B 181 38.21 -53.39 27.14
CA THR B 181 38.11 -52.26 28.03
C THR B 181 39.10 -51.20 27.63
N ILE B 182 40.07 -51.58 26.79
CA ILE B 182 41.07 -50.64 26.31
C ILE B 182 41.31 -50.79 24.81
N ILE B 183 41.37 -49.68 24.09
CA ILE B 183 41.80 -49.72 22.69
C ILE B 183 42.90 -48.67 22.46
N VAL B 184 43.93 -49.05 21.71
CA VAL B 184 45.04 -48.15 21.41
C VAL B 184 45.31 -48.12 19.90
N SER B 185 45.63 -46.95 19.37
CA SER B 185 46.02 -46.83 17.98
C SER B 185 47.44 -46.32 17.86
N GLY B 186 48.10 -46.74 16.79
CA GLY B 186 49.43 -46.30 16.47
C GLY B 186 49.41 -45.67 15.10
N SER B 187 50.18 -44.60 14.94
CA SER B 187 50.11 -43.83 13.73
C SER B 187 51.36 -43.02 13.46
N THR B 188 51.36 -42.29 12.36
CA THR B 188 52.44 -41.39 12.02
C THR B 188 52.43 -40.16 12.91
N GLU B 189 51.46 -40.05 13.79
CA GLU B 189 51.48 -39.01 14.81
C GLU B 189 52.46 -39.41 15.92
N LYS B 190 52.92 -40.66 15.91
CA LYS B 190 53.97 -41.19 16.80
C LYS B 190 53.46 -41.46 18.21
N VAL B 191 52.64 -40.56 18.70
CA VAL B 191 51.88 -40.75 19.93
C VAL B 191 50.93 -41.94 19.81
N LEU B 192 50.84 -42.73 20.87
CA LEU B 192 49.80 -43.74 21.02
C LEU B 192 48.56 -43.14 21.67
N ARG B 193 47.38 -43.36 21.09
CA ARG B 193 46.15 -42.82 21.65
C ARG B 193 45.34 -43.95 22.25
N VAL B 194 44.80 -43.72 23.45
CA VAL B 194 44.11 -44.75 24.19
C VAL B 194 42.67 -44.32 24.50
N TRP B 195 41.72 -45.22 24.27
CA TRP B 195 40.33 -44.97 24.61
C TRP B 195 39.72 -46.11 25.41
N ASP B 196 38.60 -45.82 26.07
CA ASP B 196 37.70 -46.86 26.52
C ASP B 196 36.77 -47.17 25.35
N PRO B 197 36.85 -48.38 24.80
CA PRO B 197 35.93 -48.73 23.70
C PRO B 197 34.46 -48.77 24.10
N ARG B 198 34.13 -48.94 25.38
CA ARG B 198 32.73 -49.01 25.77
C ARG B 198 32.06 -47.64 25.72
N THR B 199 32.83 -46.59 25.96
CA THR B 199 32.28 -45.24 26.04
C THR B 199 32.86 -44.32 24.99
N CYS B 200 33.89 -44.79 24.29
CA CYS B 200 34.65 -43.98 23.33
C CYS B 200 35.36 -42.81 23.98
N ALA B 201 35.46 -42.81 25.31
CA ALA B 201 36.13 -41.74 26.02
C ALA B 201 37.65 -41.83 25.85
N LYS B 202 38.32 -40.70 25.66
CA LYS B 202 39.79 -40.68 25.63
C LYS B 202 40.37 -40.92 27.01
N LEU B 203 41.37 -41.79 27.08
CA LEU B 203 41.98 -42.11 28.37
C LEU B 203 43.36 -41.44 28.59
N MET B 204 44.21 -41.51 27.57
CA MET B 204 45.57 -41.06 27.71
C MET B 204 46.29 -41.03 26.37
N LYS B 205 47.41 -40.34 26.33
CA LYS B 205 48.28 -40.27 25.18
C LYS B 205 49.68 -40.70 25.60
N LEU B 206 50.17 -41.78 25.02
CA LEU B 206 51.49 -42.33 25.34
C LEU B 206 52.53 -41.81 24.36
N LYS B 207 53.44 -40.99 24.86
CA LYS B 207 54.41 -40.32 24.01
C LYS B 207 55.77 -40.94 24.25
N GLY B 208 56.57 -41.05 23.20
CA GLY B 208 57.90 -41.62 23.32
C GLY B 208 58.53 -42.02 21.99
N HIS B 209 57.72 -42.57 21.09
CA HIS B 209 58.21 -42.96 19.78
C HIS B 209 58.50 -41.74 18.93
N THR B 210 59.49 -41.85 18.05
CA THR B 210 59.83 -40.74 17.17
C THR B 210 59.51 -41.06 15.70
N ASP B 211 58.70 -42.10 15.48
CA ASP B 211 58.28 -42.48 14.13
C ASP B 211 56.98 -43.27 14.19
N ASN B 212 56.49 -43.67 13.03
CA ASN B 212 55.30 -44.50 12.85
C ASN B 212 55.29 -45.74 13.77
N VAL B 213 54.10 -46.17 14.15
CA VAL B 213 53.93 -47.36 14.96
C VAL B 213 53.01 -48.35 14.25
N LYS B 214 53.61 -49.43 13.74
CA LYS B 214 52.88 -50.44 12.97
C LYS B 214 52.51 -51.68 13.77
N ALA B 215 52.90 -51.76 15.04
CA ALA B 215 52.63 -52.95 15.85
C ALA B 215 52.27 -52.63 17.30
N LEU B 216 51.14 -53.18 17.74
CA LEU B 216 50.60 -52.93 19.06
C LEU B 216 50.05 -54.21 19.67
N LEU B 217 50.25 -54.37 20.98
CA LEU B 217 49.71 -55.48 21.75
C LEU B 217 49.27 -54.99 23.13
N LEU B 218 48.22 -55.57 23.68
CA LEU B 218 47.81 -55.26 25.04
C LEU B 218 47.73 -56.57 25.81
N ASN B 219 48.10 -56.57 27.09
CA ASN B 219 47.86 -57.76 27.88
C ASN B 219 46.37 -57.90 28.13
N ARG B 220 45.99 -59.04 28.70
CA ARG B 220 44.62 -59.45 28.74
C ARG B 220 43.74 -58.46 29.50
N ASP B 221 44.23 -57.91 30.60
CA ASP B 221 43.40 -56.96 31.33
C ASP B 221 43.74 -55.50 31.04
N GLY B 222 44.39 -55.27 29.91
CA GLY B 222 44.62 -53.91 29.43
C GLY B 222 45.32 -52.98 30.40
N THR B 223 46.31 -53.51 31.10
CA THR B 223 47.14 -52.71 32.00
C THR B 223 48.53 -52.46 31.43
N GLN B 224 48.94 -53.30 30.48
CA GLN B 224 50.20 -53.07 29.80
C GLN B 224 50.01 -53.12 28.28
N CYS B 225 50.89 -52.41 27.57
CA CYS B 225 50.88 -52.32 26.12
C CYS B 225 52.30 -52.47 25.59
N LEU B 226 52.43 -53.19 24.49
CA LEU B 226 53.68 -53.24 23.76
C LEU B 226 53.47 -52.58 22.41
N SER B 227 54.37 -51.67 22.07
CA SER B 227 54.39 -51.02 20.76
C SER B 227 55.72 -51.28 20.04
N GLY B 228 55.63 -51.51 18.74
CA GLY B 228 56.77 -51.70 17.87
C GLY B 228 56.74 -50.60 16.84
N SER B 229 57.89 -50.00 16.57
CA SER B 229 57.90 -48.74 15.87
C SER B 229 58.97 -48.67 14.80
N SER B 230 58.71 -47.83 13.81
CA SER B 230 59.64 -47.62 12.72
C SER B 230 60.89 -46.87 13.17
N ASP B 231 60.89 -46.41 14.42
CA ASP B 231 62.09 -45.80 14.99
C ASP B 231 63.03 -46.89 15.45
N GLY B 232 62.61 -48.14 15.32
CA GLY B 232 63.48 -49.25 15.67
C GLY B 232 63.36 -49.77 17.08
N THR B 233 62.49 -49.16 17.88
CA THR B 233 62.35 -49.59 19.27
C THR B 233 61.03 -50.32 19.53
N ILE B 234 61.08 -51.18 20.55
CA ILE B 234 59.90 -51.77 21.17
C ILE B 234 59.75 -51.07 22.50
N ARG B 235 58.52 -50.68 22.84
CA ARG B 235 58.29 -50.01 24.12
C ARG B 235 57.20 -50.71 24.92
N LEU B 236 57.44 -50.85 26.22
CA LEU B 236 56.47 -51.42 27.14
C LEU B 236 55.82 -50.29 27.91
N TRP B 237 54.51 -50.31 28.01
CA TRP B 237 53.81 -49.20 28.64
C TRP B 237 52.99 -49.68 29.84
N SER B 238 52.98 -48.88 30.89
CA SER B 238 52.05 -49.07 31.98
C SER B 238 50.91 -48.09 31.79
N LEU B 239 49.70 -48.62 31.71
CA LEU B 239 48.56 -47.76 31.51
C LEU B 239 48.12 -47.13 32.83
N GLY B 240 48.43 -47.78 33.95
CA GLY B 240 48.18 -47.20 35.26
C GLY B 240 49.04 -45.99 35.58
N GLN B 241 50.26 -45.96 35.04
CA GLN B 241 51.13 -44.81 35.21
C GLN B 241 51.11 -43.91 33.97
N GLN B 242 50.50 -44.39 32.89
CA GLN B 242 50.49 -43.67 31.63
C GLN B 242 51.91 -43.32 31.20
N ARG B 243 52.81 -44.28 31.23
CA ARG B 243 54.16 -44.01 30.78
C ARG B 243 54.93 -45.26 30.37
N CYS B 244 56.03 -45.02 29.68
CA CYS B 244 56.90 -46.06 29.21
C CYS B 244 57.76 -46.54 30.37
N ILE B 245 57.79 -47.84 30.60
CA ILE B 245 58.57 -48.39 31.67
C ILE B 245 59.76 -49.20 31.18
N ALA B 246 59.88 -49.34 29.85
CA ALA B 246 61.04 -49.99 29.25
C ALA B 246 61.10 -49.79 27.74
N THR B 247 62.31 -49.68 27.22
CA THR B 247 62.56 -49.53 25.81
C THR B 247 63.57 -50.57 25.42
N TYR B 248 63.29 -51.30 24.35
CA TYR B 248 64.17 -52.35 23.88
C TYR B 248 64.64 -52.01 22.50
N ARG B 249 65.96 -52.05 22.31
CA ARG B 249 66.54 -51.73 21.02
C ARG B 249 67.27 -52.90 20.43
N VAL B 250 66.54 -53.88 19.94
CA VAL B 250 67.18 -55.06 19.41
C VAL B 250 67.25 -55.05 17.87
N HIS B 251 66.59 -54.11 17.20
CA HIS B 251 66.63 -54.10 15.74
C HIS B 251 67.46 -52.96 15.16
N ASP B 252 67.81 -53.09 13.89
CA ASP B 252 68.58 -52.07 13.18
C ASP B 252 67.66 -51.08 12.47
N GLU B 253 66.52 -51.59 12.01
CA GLU B 253 65.55 -50.77 11.32
C GLU B 253 64.19 -50.90 12.00
N GLY B 254 63.14 -50.41 11.35
CA GLY B 254 61.81 -50.38 11.95
C GLY B 254 61.24 -51.74 12.36
N VAL B 255 60.59 -51.77 13.51
CA VAL B 255 59.87 -52.93 13.99
C VAL B 255 58.45 -52.84 13.48
N TRP B 256 58.01 -53.85 12.75
CA TRP B 256 56.73 -53.79 12.06
C TRP B 256 55.70 -54.76 12.63
N ALA B 257 56.18 -55.74 13.41
CA ALA B 257 55.37 -56.86 13.83
C ALA B 257 55.74 -57.36 15.23
N LEU B 258 54.72 -57.61 16.05
CA LEU B 258 54.96 -58.12 17.38
C LEU B 258 54.06 -59.29 17.70
N GLN B 259 54.60 -60.24 18.43
CA GLN B 259 53.79 -61.24 19.10
C GLN B 259 54.28 -61.36 20.54
N VAL B 260 53.42 -61.86 21.42
CA VAL B 260 53.79 -62.00 22.82
C VAL B 260 53.21 -63.29 23.36
N ASN B 261 53.91 -63.93 24.30
CA ASN B 261 53.37 -65.14 24.92
C ASN B 261 52.19 -64.84 25.86
N ASP B 262 51.50 -65.88 26.31
CA ASP B 262 50.33 -65.73 27.17
C ASP B 262 50.61 -64.99 28.47
N ALA B 263 51.84 -65.12 28.98
CA ALA B 263 52.25 -64.52 30.24
C ALA B 263 52.66 -63.06 30.09
N PHE B 264 52.67 -62.59 28.85
CA PHE B 264 53.07 -61.22 28.55
C PHE B 264 54.45 -60.94 29.10
N THR B 265 55.34 -61.89 28.90
CA THR B 265 56.66 -61.79 29.47
C THR B 265 57.76 -61.94 28.41
N HIS B 266 57.45 -62.59 27.30
CA HIS B 266 58.40 -62.64 26.18
C HIS B 266 57.82 -62.02 24.92
N VAL B 267 58.59 -61.13 24.29
CA VAL B 267 58.09 -60.51 23.06
C VAL B 267 58.86 -60.99 21.81
N TYR B 268 58.10 -61.36 20.79
CA TYR B 268 58.66 -61.71 19.49
C TYR B 268 58.54 -60.54 18.56
N SER B 269 59.66 -60.15 17.95
CA SER B 269 59.67 -58.97 17.11
C SER B 269 60.29 -59.20 15.74
N GLY B 270 59.78 -58.45 14.76
CA GLY B 270 60.23 -58.48 13.39
C GLY B 270 59.91 -57.19 12.65
N GLY B 271 60.64 -56.96 11.57
CA GLY B 271 60.47 -55.76 10.77
C GLY B 271 61.35 -55.73 9.55
N ARG B 272 61.83 -54.54 9.22
CA ARG B 272 62.52 -54.30 7.98
C ARG B 272 63.90 -54.97 7.86
N ASP B 273 64.56 -55.21 8.99
CA ASP B 273 65.92 -55.77 8.94
C ASP B 273 65.89 -57.28 8.86
N ARG B 274 64.71 -57.84 8.68
CA ARG B 274 64.52 -59.26 8.42
C ARG B 274 64.79 -60.17 9.61
N LYS B 275 65.38 -59.65 10.68
CA LYS B 275 65.72 -60.50 11.81
C LYS B 275 64.54 -60.61 12.75
N ILE B 276 64.35 -61.80 13.31
CA ILE B 276 63.26 -62.04 14.24
C ILE B 276 63.82 -62.43 15.60
N TYR B 277 63.43 -61.70 16.63
CA TYR B 277 63.95 -61.94 17.96
C TYR B 277 62.86 -62.33 18.93
N CYS B 278 63.25 -63.13 19.90
CA CYS B 278 62.48 -63.36 21.11
C CYS B 278 63.25 -62.73 22.26
N THR B 279 62.62 -61.75 22.89
CA THR B 279 63.27 -61.00 23.94
C THR B 279 62.51 -61.12 25.24
N ASP B 280 63.22 -61.39 26.32
CA ASP B 280 62.61 -61.42 27.65
C ASP B 280 62.42 -59.99 28.13
N LEU B 281 61.20 -59.65 28.50
CA LEU B 281 60.87 -58.29 28.88
C LEU B 281 61.46 -57.85 30.21
N ARG B 282 61.52 -58.78 31.16
CA ARG B 282 62.08 -58.49 32.48
C ARG B 282 63.60 -58.33 32.41
N ASN B 283 64.23 -59.06 31.50
CA ASN B 283 65.68 -59.01 31.35
C ASN B 283 66.08 -58.92 29.87
N PRO B 284 66.19 -57.71 29.32
CA PRO B 284 66.40 -57.50 27.88
C PRO B 284 67.62 -58.21 27.30
N ASP B 285 68.75 -58.18 28.00
CA ASP B 285 69.99 -58.71 27.45
C ASP B 285 69.92 -60.18 27.03
N ILE B 286 69.13 -60.99 27.73
CA ILE B 286 68.82 -62.32 27.24
C ILE B 286 67.79 -62.20 26.11
N ARG B 287 68.29 -62.29 24.87
CA ARG B 287 67.43 -62.35 23.70
C ARG B 287 68.03 -63.30 22.69
N VAL B 288 67.15 -63.89 21.90
CA VAL B 288 67.50 -64.96 20.98
C VAL B 288 67.13 -64.57 19.57
N LEU B 289 68.11 -64.66 18.67
CA LEU B 289 67.87 -64.54 17.25
C LEU B 289 67.22 -65.83 16.76
N ILE B 290 65.94 -65.75 16.40
CA ILE B 290 65.21 -66.93 15.97
C ILE B 290 65.55 -67.32 14.54
N CYS B 291 65.62 -66.33 13.66
CA CYS B 291 65.98 -66.56 12.28
C CYS B 291 66.18 -65.23 11.57
N GLU B 292 66.76 -65.30 10.38
CA GLU B 292 66.75 -64.15 9.51
C GLU B 292 65.97 -64.52 8.26
N GLU B 293 64.86 -63.83 8.07
CA GLU B 293 64.00 -64.09 6.93
C GLU B 293 64.57 -63.48 5.64
N LYS B 294 63.94 -63.76 4.51
CA LYS B 294 64.53 -63.44 3.21
C LYS B 294 64.04 -62.07 2.72
N ALA B 295 63.13 -61.48 3.47
CA ALA B 295 62.48 -60.25 3.08
C ALA B 295 61.92 -59.59 4.34
N PRO B 296 61.71 -58.27 4.32
CA PRO B 296 61.17 -57.57 5.49
C PRO B 296 59.90 -58.24 6.05
N VAL B 297 59.87 -58.37 7.37
CA VAL B 297 58.75 -59.06 8.01
C VAL B 297 57.56 -58.14 8.18
N LEU B 298 56.40 -58.58 7.72
CA LEU B 298 55.20 -57.75 7.82
C LEU B 298 54.30 -58.16 8.98
N LYS B 299 54.22 -59.44 9.27
CA LYS B 299 53.35 -59.91 10.33
C LYS B 299 53.79 -61.28 10.79
N MET B 300 53.50 -61.59 12.04
CA MET B 300 53.85 -62.89 12.61
C MET B 300 52.66 -63.40 13.40
N GLU B 301 52.49 -64.72 13.39
CA GLU B 301 51.40 -65.33 14.15
C GLU B 301 51.93 -66.55 14.89
N LEU B 302 51.96 -66.48 16.21
CA LEU B 302 52.36 -67.59 17.06
C LEU B 302 51.45 -68.79 16.91
N ASP B 303 52.05 -69.97 16.91
CA ASP B 303 51.28 -71.18 17.17
C ASP B 303 51.11 -71.24 18.69
N ARG B 304 49.87 -71.28 19.17
CA ARG B 304 49.69 -71.28 20.61
C ARG B 304 49.14 -72.61 21.14
N SER B 305 49.49 -73.71 20.48
CA SER B 305 49.15 -75.06 20.94
C SER B 305 49.62 -75.30 22.35
N ALA B 306 50.82 -74.81 22.66
CA ALA B 306 51.48 -75.05 23.92
C ALA B 306 51.99 -73.76 24.50
N ASP B 307 52.21 -73.69 25.81
CA ASP B 307 52.54 -72.41 26.48
C ASP B 307 53.71 -71.86 25.78
N PRO B 308 54.93 -72.48 26.11
CA PRO B 308 56.05 -71.91 25.36
C PRO B 308 55.78 -72.29 23.92
N PRO B 309 55.37 -71.19 23.17
CA PRO B 309 54.79 -71.55 21.88
C PRO B 309 55.75 -72.33 21.03
N PRO B 310 55.27 -73.36 20.37
CA PRO B 310 56.14 -74.28 19.62
C PRO B 310 56.69 -73.72 18.32
N ALA B 311 55.99 -72.77 17.71
CA ALA B 311 56.42 -72.25 16.42
C ALA B 311 55.86 -70.86 16.13
N ILE B 312 56.43 -70.18 15.16
CA ILE B 312 55.88 -68.90 14.73
C ILE B 312 55.74 -68.85 13.21
N TRP B 313 54.54 -68.48 12.73
CA TRP B 313 54.32 -68.27 11.30
C TRP B 313 54.66 -66.83 10.93
N VAL B 314 55.24 -66.65 9.75
CA VAL B 314 55.79 -65.36 9.36
C VAL B 314 55.41 -64.92 7.94
N ALA B 315 54.85 -63.72 7.84
CA ALA B 315 54.54 -63.11 6.57
C ALA B 315 55.58 -62.05 6.17
N THR B 316 56.00 -62.06 4.92
CA THR B 316 56.99 -61.09 4.46
C THR B 316 56.49 -60.45 3.19
N THR B 317 57.35 -59.69 2.53
CA THR B 317 56.98 -59.12 1.26
C THR B 317 57.04 -60.19 0.16
N LYS B 318 57.62 -61.34 0.45
CA LYS B 318 57.59 -62.46 -0.50
C LYS B 318 56.24 -63.18 -0.41
N SER B 319 55.94 -63.94 -1.45
CA SER B 319 54.65 -64.60 -1.58
C SER B 319 54.63 -65.92 -0.82
N THR B 320 55.81 -66.38 -0.42
CA THR B 320 55.87 -67.60 0.35
C THR B 320 55.67 -67.27 1.85
N VAL B 321 55.10 -68.23 2.59
CA VAL B 321 54.87 -68.10 4.03
C VAL B 321 55.56 -69.22 4.79
N ASN B 322 56.45 -68.84 5.70
CA ASN B 322 57.27 -69.78 6.47
C ASN B 322 56.84 -69.97 7.93
N LYS B 323 56.78 -71.22 8.37
CA LYS B 323 56.68 -71.51 9.79
C LYS B 323 58.06 -71.84 10.34
N TRP B 324 58.46 -71.15 11.41
CA TRP B 324 59.74 -71.39 12.04
C TRP B 324 59.52 -72.04 13.40
N THR B 325 60.28 -73.10 13.68
CA THR B 325 60.13 -73.81 14.95
C THR B 325 60.89 -73.11 16.08
N LEU B 326 60.40 -73.27 17.30
CA LEU B 326 60.98 -72.57 18.43
C LEU B 326 61.50 -73.53 19.52
N LYS B 327 62.78 -73.90 19.48
CA LYS B 327 63.31 -74.80 20.51
C LYS B 327 64.44 -74.16 21.33
N GLY B 328 64.14 -73.04 21.98
CA GLY B 328 65.10 -72.35 22.81
C GLY B 328 64.62 -70.93 23.03
N THR B 347 74.17 -65.44 15.44
CA THR B 347 73.94 -66.88 15.40
C THR B 347 72.47 -67.22 15.62
N PRO B 348 71.79 -67.70 14.57
CA PRO B 348 70.36 -67.96 14.57
C PRO B 348 69.97 -69.33 15.10
N LEU B 349 68.89 -69.38 15.85
CA LEU B 349 68.30 -70.62 16.31
C LEU B 349 67.92 -71.52 15.12
N CYS B 350 67.37 -70.93 14.07
CA CYS B 350 66.95 -71.68 12.88
C CYS B 350 67.56 -71.12 11.61
N THR B 351 67.78 -71.99 10.65
CA THR B 351 68.38 -71.61 9.37
C THR B 351 67.42 -71.93 8.25
N GLN B 352 66.60 -72.95 8.44
CA GLN B 352 65.58 -73.28 7.46
C GLN B 352 64.23 -73.35 8.16
N PRO B 353 63.19 -72.85 7.49
CA PRO B 353 61.82 -72.94 7.98
C PRO B 353 61.40 -74.39 8.22
N ASP B 354 60.44 -74.56 9.10
CA ASP B 354 59.98 -75.88 9.48
C ASP B 354 58.89 -76.37 8.54
N GLN B 355 57.99 -75.46 8.13
CA GLN B 355 57.06 -75.69 7.03
C GLN B 355 57.13 -74.51 6.07
N VAL B 356 56.75 -74.76 4.83
CA VAL B 356 56.76 -73.73 3.83
C VAL B 356 55.48 -73.80 3.02
N ILE B 357 54.69 -72.73 3.04
CA ILE B 357 53.59 -72.58 2.12
C ILE B 357 54.06 -71.80 0.89
N LYS B 358 54.02 -72.45 -0.26
CA LYS B 358 54.60 -71.89 -1.48
C LYS B 358 53.82 -70.70 -1.99
N GLY B 359 54.54 -69.75 -2.59
CA GLY B 359 53.93 -68.62 -3.25
C GLY B 359 54.23 -68.60 -4.74
N GLY B 360 53.52 -67.74 -5.46
CA GLY B 360 53.75 -67.54 -6.88
C GLY B 360 54.48 -66.24 -7.16
N ALA B 361 54.77 -66.00 -8.43
CA ALA B 361 55.55 -64.85 -8.86
C ALA B 361 54.68 -63.59 -8.99
N SER B 362 55.28 -62.43 -8.75
CA SER B 362 54.62 -61.17 -9.01
C SER B 362 55.07 -60.58 -10.33
N ILE B 363 54.16 -59.95 -11.05
CA ILE B 363 54.54 -59.18 -12.21
C ILE B 363 55.08 -57.84 -11.74
N ILE B 364 56.36 -57.59 -11.99
CA ILE B 364 57.06 -56.43 -11.44
C ILE B 364 57.43 -55.40 -12.49
N GLN B 365 57.28 -55.76 -13.76
CA GLN B 365 57.63 -54.87 -14.84
C GLN B 365 56.68 -55.08 -16.03
N CYS B 366 56.26 -54.00 -16.66
CA CYS B 366 55.21 -54.11 -17.66
C CYS B 366 55.47 -53.16 -18.79
N HIS B 367 55.32 -53.63 -20.02
CA HIS B 367 55.49 -52.75 -21.17
C HIS B 367 54.34 -52.88 -22.15
N ILE B 368 53.71 -51.75 -22.44
CA ILE B 368 52.64 -51.68 -23.42
C ILE B 368 53.22 -51.43 -24.80
N LEU B 369 52.89 -52.31 -25.75
CA LEU B 369 53.44 -52.17 -27.09
C LEU B 369 52.77 -51.03 -27.86
N ASN B 370 53.33 -50.69 -29.02
CA ASN B 370 52.82 -49.56 -29.75
C ASN B 370 51.43 -49.81 -30.33
N ASP B 371 51.05 -51.07 -30.47
CA ASP B 371 49.73 -51.38 -30.99
C ASP B 371 48.65 -51.14 -29.94
N LYS B 372 49.08 -50.82 -28.72
CA LYS B 372 48.20 -50.56 -27.57
C LYS B 372 47.23 -51.71 -27.37
N ARG B 373 47.74 -52.92 -27.54
CA ARG B 373 46.88 -54.05 -27.58
C ARG B 373 47.55 -55.22 -26.87
N HIS B 374 48.88 -55.32 -26.99
CA HIS B 374 49.64 -56.38 -26.35
C HIS B 374 50.57 -55.85 -25.24
N ILE B 375 50.90 -56.68 -24.27
CA ILE B 375 51.80 -56.27 -23.18
C ILE B 375 52.92 -57.30 -22.92
N LEU B 376 54.13 -56.84 -22.68
CA LEU B 376 55.21 -57.71 -22.26
C LEU B 376 55.46 -57.56 -20.76
N THR B 377 55.59 -58.68 -20.05
CA THR B 377 55.83 -58.61 -18.61
C THR B 377 57.13 -59.30 -18.23
N LYS B 378 57.65 -58.92 -17.07
CA LYS B 378 58.70 -59.65 -16.40
C LYS B 378 58.21 -59.90 -14.97
N ASP B 379 58.45 -61.10 -14.44
CA ASP B 379 58.04 -61.35 -13.06
C ASP B 379 59.24 -61.62 -12.14
N THR B 380 58.95 -61.86 -10.87
CA THR B 380 59.99 -62.02 -9.85
C THR B 380 60.91 -63.22 -10.08
N ASN B 381 60.47 -64.16 -10.90
CA ASN B 381 61.31 -65.28 -11.30
C ASN B 381 62.12 -64.96 -12.55
N ASN B 382 62.03 -63.71 -13.02
CA ASN B 382 62.65 -63.24 -14.26
C ASN B 382 62.09 -63.93 -15.49
N ASN B 383 60.88 -64.45 -15.36
CA ASN B 383 60.17 -64.94 -16.51
C ASN B 383 59.43 -63.80 -17.24
N VAL B 384 59.40 -63.93 -18.57
CA VAL B 384 58.88 -62.92 -19.45
C VAL B 384 57.70 -63.50 -20.20
N ALA B 385 56.61 -62.76 -20.24
CA ALA B 385 55.44 -63.24 -20.94
C ALA B 385 54.85 -62.16 -21.84
N TYR B 386 54.03 -62.59 -22.78
CA TYR B 386 53.44 -61.74 -23.76
C TYR B 386 51.94 -61.86 -23.62
N TRP B 387 51.26 -60.74 -23.49
CA TRP B 387 49.83 -60.79 -23.21
C TRP B 387 48.99 -59.97 -24.16
N ASP B 388 47.71 -60.35 -24.24
CA ASP B 388 46.71 -59.70 -25.04
C ASP B 388 45.70 -58.99 -24.15
N VAL B 389 45.83 -57.68 -24.03
CA VAL B 389 44.96 -56.87 -23.15
C VAL B 389 43.53 -56.94 -23.60
N LEU B 390 43.33 -56.92 -24.91
CA LEU B 390 42.01 -56.93 -25.51
C LEU B 390 41.24 -58.22 -25.26
N LYS B 391 41.91 -59.36 -25.37
CA LYS B 391 41.25 -60.64 -25.14
C LYS B 391 41.42 -61.07 -23.68
N ALA B 392 42.08 -60.21 -22.91
CA ALA B 392 42.29 -60.43 -21.49
C ALA B 392 42.92 -61.79 -21.21
N CYS B 393 44.06 -62.08 -21.83
CA CYS B 393 44.70 -63.38 -21.63
C CYS B 393 46.17 -63.39 -22.01
N LYS B 394 46.84 -64.45 -21.60
CA LYS B 394 48.23 -64.63 -21.96
C LYS B 394 48.30 -65.20 -23.38
N VAL B 395 49.35 -64.82 -24.10
CA VAL B 395 49.59 -65.30 -25.45
C VAL B 395 50.70 -66.34 -25.45
N GLU B 396 51.83 -65.99 -24.84
CA GLU B 396 52.90 -66.97 -24.68
C GLU B 396 53.85 -66.65 -23.54
N ASP B 397 54.34 -67.71 -22.90
CA ASP B 397 55.45 -67.60 -21.95
C ASP B 397 56.76 -67.64 -22.73
N LEU B 398 57.67 -66.74 -22.42
CA LEU B 398 58.92 -66.63 -23.16
C LEU B 398 60.12 -67.08 -22.32
N GLY B 399 59.87 -67.46 -21.08
CA GLY B 399 60.96 -67.92 -20.23
C GLY B 399 61.84 -66.74 -19.85
N LYS B 400 63.12 -66.98 -19.55
CA LYS B 400 63.98 -65.92 -19.06
C LYS B 400 64.83 -65.20 -20.12
N VAL B 401 64.20 -64.78 -21.22
CA VAL B 401 64.89 -63.95 -22.21
C VAL B 401 65.14 -62.56 -21.65
N ASP B 402 66.03 -61.79 -22.26
CA ASP B 402 66.21 -60.42 -21.80
C ASP B 402 64.98 -59.57 -22.16
N PHE B 403 64.49 -58.87 -21.15
CA PHE B 403 63.21 -58.16 -21.21
C PHE B 403 63.27 -57.01 -22.22
N GLU B 404 64.29 -56.17 -22.09
CA GLU B 404 64.43 -55.03 -22.99
C GLU B 404 64.83 -55.41 -24.41
N ASP B 405 65.60 -56.49 -24.56
CA ASP B 405 65.95 -56.95 -25.90
C ASP B 405 64.71 -57.50 -26.57
N GLU B 406 63.81 -58.04 -25.76
CA GLU B 406 62.56 -58.59 -26.24
C GLU B 406 61.58 -57.49 -26.66
N ILE B 407 61.64 -56.37 -25.97
CA ILE B 407 60.82 -55.22 -26.32
C ILE B 407 61.22 -54.68 -27.67
N LYS B 408 62.52 -54.47 -27.84
CA LYS B 408 63.06 -53.90 -29.07
C LYS B 408 62.85 -54.84 -30.25
N LYS B 409 62.75 -56.13 -29.95
CA LYS B 409 62.59 -57.14 -30.99
C LYS B 409 61.17 -57.16 -31.54
N ARG B 410 60.22 -56.69 -30.75
CA ARG B 410 58.81 -56.71 -31.14
C ARG B 410 58.30 -55.32 -31.52
N PHE B 411 59.23 -54.37 -31.59
CA PHE B 411 58.91 -53.00 -31.94
C PHE B 411 58.24 -52.89 -33.31
N LYS B 412 57.12 -52.18 -33.39
CA LYS B 412 56.47 -51.93 -34.66
C LYS B 412 56.18 -50.44 -34.77
N MET B 413 56.45 -49.86 -35.92
CA MET B 413 56.28 -48.41 -36.09
C MET B 413 54.83 -48.09 -36.42
N VAL B 414 54.02 -48.00 -35.38
CA VAL B 414 52.61 -47.71 -35.52
C VAL B 414 52.17 -46.93 -34.30
N TYR B 415 51.24 -46.01 -34.48
CA TYR B 415 50.68 -45.30 -33.35
C TYR B 415 49.20 -45.55 -33.19
N VAL B 416 48.82 -45.85 -31.96
CA VAL B 416 47.44 -46.07 -31.57
C VAL B 416 47.28 -45.26 -30.31
N PRO B 417 46.23 -44.44 -30.23
CA PRO B 417 46.10 -43.62 -29.03
C PRO B 417 45.93 -44.48 -27.78
N ASN B 418 46.45 -43.98 -26.66
CA ASN B 418 46.31 -44.64 -25.37
C ASN B 418 44.85 -44.79 -25.00
N TRP B 419 44.45 -45.95 -24.52
CA TRP B 419 43.05 -46.12 -24.19
C TRP B 419 42.82 -46.90 -22.90
N PHE B 420 43.88 -47.33 -22.23
CA PHE B 420 43.72 -47.93 -20.91
C PHE B 420 44.92 -47.63 -20.02
N SER B 421 44.84 -48.04 -18.76
CA SER B 421 46.03 -48.02 -17.93
C SER B 421 46.20 -49.35 -17.20
N VAL B 422 47.43 -49.69 -16.87
CA VAL B 422 47.67 -50.94 -16.22
C VAL B 422 48.30 -50.68 -14.83
N ASP B 423 47.97 -51.49 -13.84
CA ASP B 423 48.67 -51.38 -12.57
C ASP B 423 49.04 -52.74 -12.06
N LEU B 424 50.14 -52.78 -11.34
CA LEU B 424 50.70 -54.02 -10.85
C LEU B 424 50.58 -54.16 -9.32
N LYS B 425 49.64 -53.45 -8.72
CA LYS B 425 49.58 -53.40 -7.27
C LYS B 425 49.26 -54.76 -6.63
N THR B 426 48.48 -55.61 -7.28
CA THR B 426 48.20 -56.93 -6.73
C THR B 426 49.21 -57.99 -7.12
N GLY B 427 50.15 -57.62 -7.99
CA GLY B 427 51.12 -58.57 -8.52
C GLY B 427 50.64 -59.23 -9.81
N MET B 428 49.37 -59.03 -10.11
CA MET B 428 48.78 -59.45 -11.38
C MET B 428 48.47 -58.24 -12.25
N LEU B 429 48.15 -58.48 -13.52
CA LEU B 429 47.80 -57.39 -14.42
C LEU B 429 46.38 -56.90 -14.19
N THR B 430 46.22 -55.65 -13.75
CA THR B 430 44.90 -55.05 -13.65
C THR B 430 44.79 -53.90 -14.63
N ILE B 431 43.76 -53.94 -15.46
CA ILE B 431 43.55 -52.99 -16.53
C ILE B 431 42.42 -52.06 -16.14
N THR B 432 42.61 -50.76 -16.31
CA THR B 432 41.57 -49.82 -15.94
C THR B 432 41.11 -48.97 -17.12
N LEU B 433 39.80 -48.82 -17.25
CA LEU B 433 39.23 -47.99 -18.29
C LEU B 433 38.58 -46.77 -17.67
N ASP B 434 38.82 -45.62 -18.29
CA ASP B 434 38.27 -44.37 -17.84
C ASP B 434 37.55 -43.70 -19.00
N GLU B 435 36.46 -43.01 -18.74
CA GLU B 435 35.76 -42.31 -19.82
C GLU B 435 36.61 -41.35 -20.67
N SER B 436 37.64 -40.73 -20.09
CA SER B 436 38.38 -39.72 -20.82
C SER B 436 39.08 -40.29 -22.05
N ASP B 437 39.59 -41.51 -21.98
CA ASP B 437 40.30 -42.07 -23.13
C ASP B 437 39.94 -43.52 -23.49
N CYS B 438 38.92 -44.10 -22.88
CA CYS B 438 38.56 -45.49 -23.16
C CYS B 438 38.24 -45.70 -24.65
N PHE B 439 37.65 -44.69 -25.26
CA PHE B 439 37.21 -44.83 -26.65
C PHE B 439 38.13 -44.12 -27.63
N ALA B 440 39.34 -43.83 -27.20
CA ALA B 440 40.22 -42.99 -28.00
C ALA B 440 40.80 -43.73 -29.19
N ALA B 441 40.76 -45.06 -29.18
CA ALA B 441 41.53 -45.82 -30.15
C ALA B 441 40.66 -46.56 -31.18
N TRP B 442 40.50 -45.94 -32.33
CA TRP B 442 39.97 -46.65 -33.48
C TRP B 442 41.12 -47.28 -34.25
N VAL B 443 41.01 -48.55 -34.59
CA VAL B 443 41.96 -49.20 -35.48
C VAL B 443 41.19 -49.99 -36.54
N SER B 444 41.84 -50.35 -37.63
CA SER B 444 41.20 -51.16 -38.65
C SER B 444 41.19 -52.60 -38.17
N ALA B 445 40.13 -53.33 -38.50
CA ALA B 445 40.03 -54.74 -38.12
C ALA B 445 41.26 -55.57 -38.54
N LYS B 446 41.80 -55.25 -39.71
CA LYS B 446 42.94 -55.97 -40.27
C LYS B 446 44.19 -55.77 -39.44
N ASP B 447 44.44 -54.52 -39.05
CA ASP B 447 45.58 -54.20 -38.20
C ASP B 447 45.33 -54.65 -36.76
N ALA B 448 44.08 -54.94 -36.43
CA ALA B 448 43.75 -55.46 -35.10
C ALA B 448 43.74 -56.97 -35.08
N GLY B 449 44.00 -57.58 -36.24
CA GLY B 449 44.09 -59.02 -36.37
C GLY B 449 42.78 -59.77 -36.46
N PHE B 450 41.71 -59.08 -36.85
CA PHE B 450 40.39 -59.73 -36.95
C PHE B 450 40.00 -59.88 -38.41
N SER B 451 38.95 -60.66 -38.67
CA SER B 451 38.59 -61.02 -40.04
C SER B 451 38.33 -59.77 -40.87
N SER B 452 39.03 -59.69 -42.01
CA SER B 452 38.88 -58.58 -42.94
C SER B 452 38.39 -59.10 -44.28
N PRO B 453 37.07 -59.36 -44.39
CA PRO B 453 36.51 -59.97 -45.59
C PRO B 453 36.54 -59.05 -46.81
N PRO B 458 37.14 -51.63 -42.50
CA PRO B 458 36.17 -51.83 -41.41
C PRO B 458 36.80 -51.47 -40.07
N LYS B 459 36.25 -50.48 -39.38
CA LYS B 459 36.96 -49.83 -38.27
C LYS B 459 36.43 -50.24 -36.91
N LEU B 460 37.34 -50.63 -36.03
CA LEU B 460 36.93 -51.07 -34.69
C LEU B 460 37.44 -50.12 -33.60
N ASN B 461 36.60 -49.88 -32.61
CA ASN B 461 37.03 -49.14 -31.45
C ASN B 461 37.37 -50.12 -30.32
N LEU B 462 38.64 -50.14 -29.91
CA LEU B 462 39.13 -51.14 -28.99
C LEU B 462 38.41 -51.11 -27.65
N GLY B 463 38.35 -49.93 -27.05
CA GLY B 463 37.71 -49.77 -25.77
C GLY B 463 36.24 -50.15 -25.82
N GLY B 464 35.60 -49.86 -26.96
CA GLY B 464 34.20 -50.16 -27.11
C GLY B 464 33.93 -51.64 -27.25
N LEU B 465 34.85 -52.37 -27.89
CA LEU B 465 34.71 -53.81 -28.04
C LEU B 465 34.91 -54.50 -26.71
N LEU B 466 35.89 -54.01 -25.95
CA LEU B 466 36.21 -54.60 -24.66
C LEU B 466 35.06 -54.49 -23.67
N LEU B 467 34.49 -53.29 -23.54
CA LEU B 467 33.33 -53.06 -22.70
C LEU B 467 32.21 -54.04 -23.00
N GLN B 468 32.01 -54.31 -24.27
CA GLN B 468 30.96 -55.22 -24.69
C GLN B 468 31.31 -56.66 -24.33
N ALA B 469 32.57 -57.02 -24.44
CA ALA B 469 32.99 -58.35 -24.02
C ALA B 469 32.87 -58.49 -22.50
N LEU B 470 33.27 -57.46 -21.75
CA LEU B 470 33.20 -57.52 -20.29
C LEU B 470 31.76 -57.69 -19.80
N LEU B 471 30.81 -57.04 -20.46
CA LEU B 471 29.41 -57.12 -20.08
C LEU B 471 28.58 -58.03 -20.99
N GLU B 472 29.24 -58.96 -21.69
CA GLU B 472 28.58 -59.84 -22.64
C GLU B 472 27.43 -60.69 -22.06
N TYR B 473 27.51 -61.05 -20.79
CA TYR B 473 26.47 -61.88 -20.18
C TYR B 473 25.38 -61.06 -19.54
N TRP B 474 25.52 -59.74 -19.58
CA TRP B 474 24.46 -58.86 -19.07
C TRP B 474 23.32 -58.79 -20.06
N PRO B 475 22.15 -59.33 -19.71
CA PRO B 475 20.98 -59.43 -20.60
C PRO B 475 20.56 -58.08 -21.20
N ARG B 476 20.68 -57.02 -20.41
CA ARG B 476 20.31 -55.69 -20.88
C ARG B 476 21.15 -55.25 -22.08
N THR B 477 22.33 -55.84 -22.25
CA THR B 477 23.16 -55.50 -23.41
C THR B 477 22.80 -56.28 -24.66
N HIS B 478 21.86 -57.22 -24.54
CA HIS B 478 21.51 -58.08 -25.67
C HIS B 478 20.52 -57.39 -26.60
N VAL B 479 21.03 -56.44 -27.37
CA VAL B 479 20.20 -55.49 -28.07
C VAL B 479 20.39 -55.56 -29.57
N ASN B 480 19.29 -55.50 -30.31
CA ASN B 480 19.36 -55.37 -31.76
C ASN B 480 19.25 -53.90 -32.18
N PRO B 481 20.30 -53.37 -32.80
CA PRO B 481 20.22 -52.04 -33.42
C PRO B 481 19.65 -52.12 -34.82
N MET B 482 18.48 -51.54 -35.06
CA MET B 482 17.86 -51.61 -36.39
C MET B 482 18.23 -50.44 -37.29
N VAL B 500 19.75 -59.72 -33.07
CA VAL B 500 20.19 -59.40 -31.71
C VAL B 500 21.68 -59.73 -31.54
N GLN B 501 22.42 -58.79 -30.97
CA GLN B 501 23.85 -58.96 -30.77
C GLN B 501 24.14 -59.32 -29.32
N LYS B 502 24.99 -60.31 -29.11
CA LYS B 502 25.41 -60.71 -27.78
C LYS B 502 26.93 -60.76 -27.77
N GLY B 503 27.54 -59.84 -27.05
CA GLY B 503 28.98 -59.67 -27.13
C GLY B 503 29.33 -58.68 -28.21
N ASN B 504 30.56 -58.74 -28.71
CA ASN B 504 31.02 -57.73 -29.65
C ASN B 504 31.28 -58.30 -31.04
N GLY B 505 31.30 -59.62 -31.16
CA GLY B 505 31.37 -60.28 -32.46
C GLY B 505 32.77 -60.54 -32.96
N TYR B 506 33.77 -60.32 -32.11
CA TYR B 506 35.16 -60.47 -32.51
C TYR B 506 35.92 -61.27 -31.48
N PHE B 507 35.53 -61.15 -30.22
CA PHE B 507 36.23 -61.88 -29.17
C PHE B 507 35.49 -61.92 -27.85
N GLN B 508 35.88 -62.87 -27.02
CA GLN B 508 35.45 -62.85 -25.65
C GLN B 508 36.66 -62.68 -24.72
N VAL B 509 36.38 -62.23 -23.51
CA VAL B 509 37.33 -62.32 -22.45
C VAL B 509 37.07 -63.69 -21.80
N PRO B 510 38.01 -64.22 -21.00
CA PRO B 510 37.66 -65.46 -20.28
C PRO B 510 36.50 -65.25 -19.32
N PRO B 511 35.58 -66.23 -19.24
CA PRO B 511 34.37 -66.05 -18.42
C PRO B 511 34.66 -65.76 -16.95
N HIS B 512 35.81 -66.20 -16.44
CA HIS B 512 36.14 -66.04 -15.03
C HIS B 512 36.74 -64.66 -14.69
N THR B 513 37.00 -63.84 -15.70
CA THR B 513 37.55 -62.48 -15.50
C THR B 513 36.80 -61.62 -14.48
N PRO B 514 37.50 -61.13 -13.48
CA PRO B 514 36.84 -60.21 -12.56
C PRO B 514 36.57 -58.86 -13.25
N VAL B 515 35.38 -58.33 -13.11
CA VAL B 515 35.02 -57.03 -13.66
C VAL B 515 34.68 -56.10 -12.51
N ILE B 516 35.38 -54.97 -12.42
CA ILE B 516 35.26 -54.11 -11.26
C ILE B 516 34.78 -52.70 -11.61
N PHE B 517 33.77 -52.23 -10.90
CA PHE B 517 33.31 -50.85 -11.04
C PHE B 517 33.70 -50.12 -9.78
N GLY B 518 34.62 -49.17 -9.93
CA GLY B 518 35.09 -48.40 -8.80
C GLY B 518 35.12 -46.92 -9.09
N GLU B 519 35.21 -46.13 -8.03
CA GLU B 519 35.41 -44.70 -8.14
C GLU B 519 36.90 -44.39 -8.30
N ALA B 520 37.21 -43.38 -9.10
CA ALA B 520 38.61 -42.96 -9.24
C ALA B 520 39.12 -42.57 -7.86
N GLY B 521 40.30 -43.04 -7.52
CA GLY B 521 40.82 -42.84 -6.19
C GLY B 521 40.04 -43.57 -5.11
N GLY B 522 40.12 -44.91 -5.11
CA GLY B 522 39.67 -45.68 -3.97
C GLY B 522 38.52 -46.66 -4.07
N ARG B 523 37.31 -46.16 -3.92
CA ARG B 523 36.17 -46.99 -3.52
C ARG B 523 35.57 -47.89 -4.60
N THR B 524 35.73 -49.20 -4.42
CA THR B 524 35.01 -50.18 -5.25
C THR B 524 33.53 -50.02 -5.01
N LEU B 525 32.75 -49.98 -6.07
CA LEU B 525 31.31 -49.95 -5.95
C LEU B 525 30.73 -51.35 -6.07
N PHE B 526 31.20 -52.10 -7.05
CA PHE B 526 30.63 -53.41 -7.35
C PHE B 526 31.55 -54.29 -8.19
N ARG B 527 31.67 -55.55 -7.78
CA ARG B 527 32.56 -56.50 -8.42
C ARG B 527 31.86 -57.84 -8.69
N LEU B 528 31.99 -58.32 -9.92
CA LEU B 528 31.46 -59.64 -10.31
C LEU B 528 32.40 -60.31 -11.30
N LEU B 529 32.18 -61.60 -11.56
CA LEU B 529 32.91 -62.27 -12.63
C LEU B 529 32.08 -62.11 -13.93
N CYS B 530 32.77 -61.98 -15.07
CA CYS B 530 32.12 -61.77 -16.36
C CYS B 530 30.95 -62.71 -16.63
N ARG B 531 31.13 -63.99 -16.36
CA ARG B 531 30.07 -64.95 -16.64
C ARG B 531 28.84 -64.80 -15.77
N ASP B 532 28.94 -64.06 -14.67
CA ASP B 532 27.82 -64.01 -13.73
C ASP B 532 26.76 -62.94 -13.95
N SER B 533 26.88 -62.15 -15.02
CA SER B 533 26.04 -60.97 -15.17
C SER B 533 24.55 -61.29 -15.37
N GLY B 534 24.25 -62.50 -15.80
CA GLY B 534 22.88 -62.91 -16.02
C GLY B 534 22.12 -63.18 -14.73
N GLY B 535 22.84 -63.29 -13.62
CA GLY B 535 22.21 -63.44 -12.32
C GLY B 535 21.18 -62.34 -12.05
N GLU B 536 20.21 -62.60 -11.18
CA GLU B 536 19.25 -61.57 -10.84
C GLU B 536 19.87 -60.54 -9.89
N THR B 537 20.76 -60.97 -9.00
CA THR B 537 21.44 -60.05 -8.09
C THR B 537 22.40 -59.18 -8.87
N GLU B 538 23.16 -59.82 -9.75
CA GLU B 538 24.14 -59.15 -10.58
C GLU B 538 23.52 -58.12 -11.54
N SER B 539 22.40 -58.46 -12.17
CA SER B 539 21.75 -57.53 -13.09
C SER B 539 21.23 -56.29 -12.35
N MET B 540 20.72 -56.51 -11.15
CA MET B 540 20.24 -55.42 -10.31
C MET B 540 21.40 -54.50 -9.93
N LEU B 541 22.49 -55.08 -9.46
CA LEU B 541 23.63 -54.27 -9.03
C LEU B 541 24.31 -53.56 -10.22
N LEU B 542 24.29 -54.18 -11.39
CA LEU B 542 24.85 -53.56 -12.57
C LEU B 542 24.05 -52.33 -13.00
N ASN B 543 22.74 -52.47 -13.13
CA ASN B 543 21.85 -51.35 -13.42
C ASN B 543 22.08 -50.17 -12.48
N GLU B 544 22.44 -50.44 -11.24
CA GLU B 544 22.72 -49.40 -10.26
C GLU B 544 24.14 -48.82 -10.35
N THR B 545 25.07 -49.55 -10.95
CA THR B 545 26.48 -49.17 -10.84
C THR B 545 27.16 -48.81 -12.16
N VAL B 546 26.73 -49.42 -13.27
CA VAL B 546 27.31 -49.16 -14.57
C VAL B 546 27.02 -47.73 -15.02
N PRO B 547 28.07 -46.92 -15.19
CA PRO B 547 27.91 -45.50 -15.52
C PRO B 547 27.36 -45.30 -16.92
N GLN B 548 26.66 -44.21 -17.14
CA GLN B 548 26.00 -43.93 -18.41
C GLN B 548 26.96 -43.96 -19.59
N TRP B 549 28.25 -43.68 -19.36
CA TRP B 549 29.19 -43.66 -20.48
C TRP B 549 29.52 -45.09 -20.95
N VAL B 550 29.32 -46.08 -20.09
CA VAL B 550 29.43 -47.46 -20.53
C VAL B 550 28.10 -47.93 -21.16
N ILE B 551 26.97 -47.56 -20.56
CA ILE B 551 25.65 -47.89 -21.10
C ILE B 551 25.47 -47.48 -22.57
N ASP B 552 25.91 -46.26 -22.85
CA ASP B 552 25.90 -45.69 -24.17
C ASP B 552 26.42 -46.66 -25.22
N ILE B 553 27.55 -47.29 -24.92
CA ILE B 553 28.16 -48.22 -25.85
C ILE B 553 27.59 -49.63 -25.73
N THR B 554 27.48 -50.15 -24.51
CA THR B 554 27.15 -51.58 -24.34
C THR B 554 25.67 -51.89 -24.47
N VAL B 555 24.83 -50.95 -24.06
CA VAL B 555 23.39 -51.15 -24.13
C VAL B 555 22.81 -50.49 -25.38
N ASP B 556 22.98 -49.18 -25.50
CA ASP B 556 22.42 -48.46 -26.64
C ASP B 556 23.12 -48.79 -27.97
N LYS B 557 24.24 -49.49 -27.89
CA LYS B 557 25.08 -49.82 -29.05
C LYS B 557 25.43 -48.56 -29.83
N ASN B 558 25.87 -47.54 -29.12
CA ASN B 558 26.21 -46.28 -29.75
C ASN B 558 27.69 -46.18 -30.08
N MET B 559 28.01 -45.67 -31.26
CA MET B 559 29.40 -45.53 -31.66
C MET B 559 30.08 -44.39 -30.94
N PRO B 560 31.29 -44.62 -30.47
CA PRO B 560 32.00 -43.48 -29.94
C PRO B 560 32.37 -42.53 -31.09
N LYS B 561 32.64 -41.31 -30.73
CA LYS B 561 33.13 -40.29 -31.65
C LYS B 561 34.39 -40.74 -32.40
N PHE B 562 34.48 -40.38 -33.68
CA PHE B 562 35.72 -40.52 -34.41
C PHE B 562 36.68 -39.39 -34.08
N ASN B 563 37.93 -39.52 -34.51
CA ASN B 563 38.92 -38.49 -34.30
C ASN B 563 39.57 -38.10 -35.61
N LYS B 564 39.64 -36.81 -35.88
CA LYS B 564 40.23 -36.37 -37.12
C LYS B 564 41.47 -35.53 -36.86
N ILE B 565 42.34 -35.50 -37.85
CA ILE B 565 43.58 -34.75 -37.79
C ILE B 565 43.59 -33.65 -38.82
N PRO B 566 43.68 -32.40 -38.36
CA PRO B 566 43.87 -31.30 -39.31
C PRO B 566 45.30 -31.35 -39.83
N PHE B 567 45.51 -31.12 -41.11
CA PHE B 567 46.87 -31.01 -41.61
C PHE B 567 47.02 -30.04 -42.77
N TYR B 568 48.24 -29.59 -42.98
CA TYR B 568 48.55 -28.78 -44.14
C TYR B 568 49.08 -29.67 -45.25
N LEU B 569 48.79 -29.29 -46.48
CA LEU B 569 49.33 -29.97 -47.63
C LEU B 569 49.90 -28.89 -48.57
N GLN B 570 51.19 -28.98 -48.86
CA GLN B 570 51.84 -27.97 -49.68
C GLN B 570 52.96 -28.59 -50.51
N PRO B 571 53.32 -27.94 -51.63
CA PRO B 571 54.31 -28.51 -52.54
C PRO B 571 55.68 -28.54 -51.90
N HIS B 572 56.45 -29.57 -52.22
CA HIS B 572 57.84 -29.66 -51.82
C HIS B 572 58.67 -28.71 -52.69
N ALA B 573 59.56 -27.94 -52.07
CA ALA B 573 60.57 -27.16 -52.79
C ALA B 573 60.03 -26.36 -53.99
N LYS B 581 51.35 -22.14 -52.04
CA LYS B 581 50.15 -22.96 -52.23
C LYS B 581 49.93 -23.95 -51.07
N LYS B 582 49.54 -23.44 -49.91
CA LYS B 582 49.35 -24.24 -48.71
C LYS B 582 47.87 -24.53 -48.47
N ASP B 583 47.47 -25.80 -48.51
CA ASP B 583 46.06 -26.16 -48.38
C ASP B 583 45.71 -26.70 -46.99
N ARG B 584 44.51 -26.39 -46.56
CA ARG B 584 44.01 -26.82 -45.27
C ARG B 584 43.05 -28.00 -45.37
N LEU B 585 43.50 -29.14 -44.87
CA LEU B 585 42.69 -30.34 -44.92
C LEU B 585 42.44 -30.95 -43.55
N SER B 586 41.58 -31.95 -43.53
CA SER B 586 41.34 -32.74 -42.36
C SER B 586 40.92 -34.14 -42.76
N ALA B 587 41.36 -35.13 -42.01
CA ALA B 587 41.00 -36.50 -42.31
C ALA B 587 41.01 -37.36 -41.06
N SER B 588 40.45 -38.55 -41.17
CA SER B 588 40.49 -39.54 -40.13
C SER B 588 41.92 -39.76 -39.64
N ASP B 589 42.11 -39.97 -38.34
CA ASP B 589 43.45 -40.21 -37.83
C ASP B 589 44.03 -41.53 -38.36
N MET B 590 43.16 -42.42 -38.84
CA MET B 590 43.62 -43.69 -39.40
C MET B 590 43.82 -43.66 -40.92
N LEU B 591 43.65 -42.51 -41.55
CA LEU B 591 43.76 -42.42 -43.01
C LEU B 591 45.18 -42.71 -43.44
N GLN B 592 45.34 -43.53 -44.47
CA GLN B 592 46.65 -43.90 -44.96
C GLN B 592 47.19 -42.85 -45.92
N VAL B 593 48.50 -42.64 -45.88
CA VAL B 593 49.24 -41.73 -46.73
C VAL B 593 48.83 -41.85 -48.21
N ARG B 594 48.60 -43.09 -48.66
CA ARG B 594 48.16 -43.36 -50.02
C ARG B 594 46.98 -42.49 -50.47
N LYS B 595 46.02 -42.27 -49.58
CA LYS B 595 44.82 -41.50 -49.89
C LYS B 595 45.15 -40.05 -50.18
N VAL B 596 46.14 -39.51 -49.49
CA VAL B 596 46.60 -38.16 -49.76
C VAL B 596 47.35 -38.13 -51.08
N MET B 597 48.09 -39.19 -51.37
CA MET B 597 48.79 -39.25 -52.65
C MET B 597 47.78 -39.22 -53.79
N GLU B 598 46.72 -39.98 -53.61
CA GLU B 598 45.65 -40.00 -54.58
C GLU B 598 45.00 -38.64 -54.68
N HIS B 599 44.86 -37.99 -53.53
CA HIS B 599 44.26 -36.70 -53.50
C HIS B 599 44.99 -35.82 -54.48
N VAL B 600 46.30 -35.82 -54.29
CA VAL B 600 47.20 -34.93 -55.02
C VAL B 600 47.20 -35.26 -56.51
N TYR B 601 47.24 -36.55 -56.80
CA TYR B 601 47.22 -37.03 -58.17
C TYR B 601 45.96 -36.57 -58.88
N GLU B 602 44.84 -36.60 -58.15
CA GLU B 602 43.54 -36.35 -58.74
C GLU B 602 43.28 -34.87 -58.92
N LYS B 603 43.49 -34.11 -57.85
CA LYS B 603 42.97 -32.75 -57.75
C LYS B 603 44.03 -31.67 -57.86
N ILE B 604 45.31 -32.02 -57.75
CA ILE B 604 46.34 -31.01 -57.83
C ILE B 604 47.27 -31.22 -59.05
N ILE B 605 48.29 -32.05 -58.91
CA ILE B 605 49.16 -32.39 -60.04
C ILE B 605 48.53 -33.47 -60.93
N ASN B 606 47.56 -33.07 -61.74
CA ASN B 606 46.63 -34.01 -62.36
C ASN B 606 46.65 -34.07 -63.89
N LEU B 607 47.73 -33.59 -64.48
CA LEU B 607 47.97 -33.71 -65.93
C LEU B 607 47.45 -35.01 -66.57
N GLU B 629 43.77 -48.44 -65.85
CA GLU B 629 44.44 -48.97 -64.68
C GLU B 629 43.94 -48.29 -63.39
N ASP B 630 44.38 -48.81 -62.25
CA ASP B 630 43.96 -48.36 -60.93
C ASP B 630 44.60 -47.03 -60.52
N ILE B 631 43.83 -46.17 -59.88
CA ILE B 631 44.31 -44.84 -59.46
C ILE B 631 45.36 -44.92 -58.36
N ALA B 632 45.14 -45.82 -57.40
CA ALA B 632 46.07 -46.01 -56.31
C ALA B 632 47.45 -46.34 -56.86
N VAL B 633 47.47 -47.10 -57.95
CA VAL B 633 48.70 -47.49 -58.58
C VAL B 633 49.35 -46.30 -59.29
N LEU B 634 48.54 -45.57 -60.06
CA LEU B 634 49.06 -44.40 -60.77
C LEU B 634 49.54 -43.35 -59.79
N ALA B 635 48.75 -43.10 -58.76
CA ALA B 635 49.12 -42.16 -57.70
C ALA B 635 50.47 -42.54 -57.10
N GLU B 636 50.60 -43.80 -56.72
CA GLU B 636 51.84 -44.31 -56.13
C GLU B 636 52.99 -44.11 -57.10
N GLU B 637 52.71 -44.31 -58.38
CA GLU B 637 53.73 -44.16 -59.42
C GLU B 637 54.16 -42.71 -59.62
N LYS B 638 53.23 -41.77 -59.50
CA LYS B 638 53.52 -40.38 -59.83
C LYS B 638 53.85 -39.49 -58.62
N ILE B 639 53.12 -39.65 -57.52
CA ILE B 639 53.23 -38.73 -56.39
C ILE B 639 54.02 -39.27 -55.21
N GLU B 640 54.97 -38.47 -54.75
CA GLU B 640 55.76 -38.77 -53.58
C GLU B 640 55.35 -37.84 -52.43
N LEU B 641 55.12 -38.41 -51.26
CA LEU B 641 54.74 -37.63 -50.10
C LEU B 641 55.85 -37.58 -49.06
N LEU B 642 56.01 -36.42 -48.45
CA LEU B 642 57.08 -36.18 -47.51
C LEU B 642 56.55 -35.52 -46.24
N CYS B 643 57.22 -35.77 -45.13
CA CYS B 643 57.01 -35.06 -43.87
C CYS B 643 58.39 -34.87 -43.27
N GLN B 644 58.67 -33.66 -42.80
CA GLN B 644 59.98 -33.32 -42.23
C GLN B 644 61.14 -33.86 -43.11
N ASP B 645 60.93 -33.77 -44.43
CA ASP B 645 61.91 -34.17 -45.46
C ASP B 645 62.11 -35.67 -45.62
N GLN B 646 61.29 -36.48 -44.94
CA GLN B 646 61.32 -37.93 -45.13
C GLN B 646 60.22 -38.40 -46.09
N VAL B 647 60.59 -39.29 -46.99
CA VAL B 647 59.64 -39.88 -47.93
C VAL B 647 58.75 -40.85 -47.18
N LEU B 648 57.44 -40.68 -47.32
CA LEU B 648 56.47 -41.42 -46.54
C LEU B 648 56.02 -42.72 -47.17
N ASP B 649 55.83 -43.72 -46.32
CA ASP B 649 55.28 -45.02 -46.71
C ASP B 649 53.78 -44.91 -46.93
N PRO B 650 53.31 -45.26 -48.14
CA PRO B 650 51.90 -45.15 -48.51
C PRO B 650 50.96 -45.96 -47.61
N ASN B 651 51.47 -46.94 -46.87
CA ASN B 651 50.61 -47.70 -45.99
C ASN B 651 50.48 -47.09 -44.59
N MET B 652 51.36 -46.16 -44.24
CA MET B 652 51.34 -45.52 -42.92
C MET B 652 50.13 -44.59 -42.75
N ASP B 653 49.52 -44.57 -41.56
CA ASP B 653 48.41 -43.64 -41.35
C ASP B 653 48.90 -42.33 -40.79
N LEU B 654 48.05 -41.31 -40.90
CA LEU B 654 48.37 -39.96 -40.50
C LEU B 654 48.82 -39.88 -39.06
N ARG B 655 48.04 -40.53 -38.20
CA ARG B 655 48.35 -40.74 -36.78
C ARG B 655 49.80 -41.10 -36.54
N THR B 656 50.26 -42.11 -37.26
CA THR B 656 51.61 -42.62 -37.13
C THR B 656 52.59 -41.61 -37.64
N VAL B 657 52.29 -41.00 -38.78
CA VAL B 657 53.15 -39.97 -39.34
C VAL B 657 53.34 -38.86 -38.31
N LYS B 658 52.24 -38.35 -37.77
CA LYS B 658 52.32 -37.26 -36.82
C LYS B 658 53.15 -37.66 -35.59
N HIS B 659 52.90 -38.87 -35.08
CA HIS B 659 53.60 -39.32 -33.89
C HIS B 659 55.10 -39.63 -34.10
N PHE B 660 55.47 -40.21 -35.23
CA PHE B 660 56.86 -40.66 -35.34
C PHE B 660 57.77 -39.73 -36.16
N ILE B 661 57.19 -38.87 -36.99
CA ILE B 661 57.98 -38.16 -37.97
C ILE B 661 57.82 -36.65 -37.86
N TRP B 662 56.59 -36.19 -37.77
CA TRP B 662 56.32 -34.79 -37.53
C TRP B 662 57.15 -34.56 -36.27
N LYS B 663 58.15 -33.71 -36.38
CA LYS B 663 58.95 -33.33 -35.22
C LYS B 663 58.77 -31.85 -34.91
N SER B 664 57.81 -31.23 -35.56
CA SER B 664 57.57 -29.81 -35.35
C SER B 664 56.30 -29.58 -34.56
N GLY B 665 55.91 -28.32 -34.45
CA GLY B 665 54.75 -27.96 -33.67
C GLY B 665 53.69 -27.32 -34.53
N GLY B 666 52.47 -27.27 -34.01
CA GLY B 666 51.35 -26.86 -34.82
C GLY B 666 50.96 -28.06 -35.69
N ASP B 667 50.09 -27.82 -36.64
CA ASP B 667 49.47 -28.91 -37.35
C ASP B 667 50.45 -29.69 -38.20
N LEU B 668 50.22 -31.00 -38.29
CA LEU B 668 50.97 -31.87 -39.19
C LEU B 668 51.06 -31.24 -40.57
N THR B 669 52.25 -31.25 -41.15
CA THR B 669 52.42 -30.66 -42.46
C THR B 669 53.04 -31.67 -43.43
N LEU B 670 52.33 -31.95 -44.51
CA LEU B 670 52.80 -32.89 -45.53
C LEU B 670 53.22 -32.17 -46.80
N HIS B 671 54.34 -32.60 -47.38
CA HIS B 671 54.79 -32.04 -48.65
C HIS B 671 54.59 -33.04 -49.78
N TYR B 672 54.13 -32.56 -50.93
CA TYR B 672 53.95 -33.46 -52.07
C TYR B 672 54.90 -33.13 -53.21
N ARG B 673 55.19 -34.14 -54.02
CA ARG B 673 56.23 -34.04 -55.03
C ARG B 673 55.89 -34.95 -56.21
N GLN B 674 56.27 -34.54 -57.41
CA GLN B 674 56.15 -35.41 -58.57
C GLN B 674 57.43 -36.24 -58.65
N LYS B 675 57.29 -37.55 -58.70
CA LYS B 675 58.44 -38.45 -58.56
C LYS B 675 59.55 -38.17 -59.56
N LEU C 2 -50.56 53.94 2.13
CA LEU C 2 -50.43 53.60 0.71
C LEU C 2 -50.76 52.14 0.49
N VAL C 3 -51.88 51.89 -0.20
CA VAL C 3 -52.35 50.54 -0.40
C VAL C 3 -52.26 50.10 -1.87
N ASN C 4 -51.66 48.93 -2.07
CA ASN C 4 -51.55 48.32 -3.38
C ASN C 4 -52.74 47.40 -3.64
N PHE C 5 -53.63 47.82 -4.54
CA PHE C 5 -54.79 47.03 -4.94
C PHE C 5 -54.40 45.84 -5.82
N GLY C 6 -53.25 45.94 -6.47
CA GLY C 6 -52.78 44.89 -7.35
C GLY C 6 -52.47 45.40 -8.75
N ASN C 7 -52.43 44.49 -9.70
CA ASN C 7 -52.28 44.79 -11.12
C ASN C 7 -53.46 45.58 -11.70
N THR C 8 -53.17 46.71 -12.33
CA THR C 8 -54.17 47.60 -12.94
C THR C 8 -55.15 46.88 -13.89
N CYS C 9 -54.61 46.22 -14.89
CA CYS C 9 -55.42 45.52 -15.88
C CYS C 9 -56.28 44.46 -15.23
N TYR C 10 -55.69 43.70 -14.31
CA TYR C 10 -56.43 42.71 -13.54
C TYR C 10 -57.60 43.35 -12.77
N CYS C 11 -57.33 44.44 -12.07
CA CYS C 11 -58.35 45.10 -11.28
C CYS C 11 -59.41 45.72 -12.16
N ASN C 12 -58.99 46.32 -13.27
CA ASN C 12 -59.94 46.89 -14.21
C ASN C 12 -60.82 45.79 -14.79
N SER C 13 -60.21 44.66 -15.13
CA SER C 13 -60.93 43.53 -15.72
C SER C 13 -61.99 43.01 -14.77
N VAL C 14 -61.63 42.93 -13.49
CA VAL C 14 -62.56 42.49 -12.47
C VAL C 14 -63.75 43.44 -12.37
N LEU C 15 -63.48 44.75 -12.32
CA LEU C 15 -64.55 45.74 -12.23
C LEU C 15 -65.47 45.67 -13.45
N GLN C 16 -64.91 45.35 -14.60
CA GLN C 16 -65.69 45.26 -15.82
C GLN C 16 -66.52 43.98 -15.87
N ALA C 17 -65.95 42.88 -15.41
CA ALA C 17 -66.71 41.62 -15.31
C ALA C 17 -67.89 41.80 -14.35
N LEU C 18 -67.63 42.45 -13.23
CA LEU C 18 -68.66 42.69 -12.23
C LEU C 18 -69.77 43.64 -12.71
N TYR C 19 -69.48 44.49 -13.70
CA TYR C 19 -70.51 45.37 -14.23
C TYR C 19 -71.53 44.58 -15.04
N PHE C 20 -71.08 43.50 -15.66
CA PHE C 20 -71.95 42.65 -16.46
C PHE C 20 -72.37 41.39 -15.70
N CYS C 21 -72.33 41.47 -14.38
CA CYS C 21 -73.04 40.53 -13.53
C CYS C 21 -74.33 41.23 -13.19
N ARG C 22 -75.33 41.08 -14.06
CA ARG C 22 -76.56 41.88 -14.03
C ARG C 22 -77.14 42.09 -12.63
N PRO C 23 -77.29 41.01 -11.82
CA PRO C 23 -77.84 41.27 -10.49
C PRO C 23 -76.93 42.10 -9.59
N PHE C 24 -75.62 42.07 -9.82
CA PHE C 24 -74.70 42.85 -9.00
C PHE C 24 -74.73 44.32 -9.39
N ARG C 25 -74.75 44.57 -10.69
CA ARG C 25 -74.79 45.92 -11.21
C ARG C 25 -76.00 46.64 -10.68
N GLU C 26 -77.14 45.99 -10.80
CA GLU C 26 -78.39 46.67 -10.56
C GLU C 26 -78.65 46.85 -9.08
N LYS C 27 -77.74 46.39 -8.24
CA LYS C 27 -77.93 46.64 -6.83
C LYS C 27 -76.89 47.64 -6.30
N VAL C 28 -75.75 47.74 -6.95
CA VAL C 28 -74.83 48.81 -6.59
C VAL C 28 -75.37 50.12 -7.19
N LEU C 29 -76.13 49.99 -8.27
CA LEU C 29 -76.80 51.15 -8.85
C LEU C 29 -77.90 51.65 -7.93
N ALA C 30 -78.60 50.71 -7.29
CA ALA C 30 -79.69 51.06 -6.39
C ALA C 30 -79.19 51.38 -4.98
N TYR C 31 -77.89 51.66 -4.84
CA TYR C 31 -77.33 51.97 -3.54
C TYR C 31 -77.02 53.45 -3.44
N SER C 40 -66.09 55.67 2.25
CA SER C 40 -66.33 54.25 2.03
C SER C 40 -65.67 53.74 0.75
N LEU C 41 -65.77 52.44 0.50
CA LEU C 41 -65.29 51.86 -0.75
C LEU C 41 -66.49 51.46 -1.61
N LEU C 42 -67.61 51.24 -0.95
CA LEU C 42 -68.84 50.90 -1.66
C LEU C 42 -69.42 52.11 -2.37
N THR C 43 -69.22 53.30 -1.80
CA THR C 43 -69.76 54.51 -2.40
C THR C 43 -68.99 54.82 -3.69
N CYS C 44 -67.68 54.66 -3.67
CA CYS C 44 -66.84 54.86 -4.85
C CYS C 44 -67.28 53.96 -6.00
N LEU C 45 -67.58 52.70 -5.66
CA LEU C 45 -67.99 51.73 -6.67
C LEU C 45 -69.34 52.10 -7.26
N ALA C 46 -70.18 52.71 -6.43
CA ALA C 46 -71.50 53.16 -6.87
C ALA C 46 -71.35 54.29 -7.89
N ASP C 47 -70.57 55.30 -7.54
CA ASP C 47 -70.29 56.41 -8.44
C ASP C 47 -69.73 55.93 -9.76
N LEU C 48 -68.77 55.03 -9.69
CA LEU C 48 -68.15 54.48 -10.89
C LEU C 48 -69.19 53.83 -11.79
N PHE C 49 -70.09 53.09 -11.19
CA PHE C 49 -71.08 52.36 -11.98
C PHE C 49 -72.16 53.30 -12.53
N HIS C 50 -72.40 54.41 -11.84
CA HIS C 50 -73.31 55.43 -12.34
C HIS C 50 -72.76 56.06 -13.61
N SER C 51 -71.49 56.45 -13.58
CA SER C 51 -70.86 57.10 -14.73
C SER C 51 -70.81 56.15 -15.91
N ILE C 52 -70.73 54.86 -15.64
CA ILE C 52 -70.73 53.89 -16.72
C ILE C 52 -72.14 53.75 -17.28
N ALA C 53 -73.13 53.83 -16.39
CA ALA C 53 -74.52 53.65 -16.78
C ALA C 53 -75.02 54.85 -17.56
N THR C 54 -74.68 56.04 -17.07
CA THR C 54 -75.15 57.31 -17.63
C THR C 54 -74.48 57.70 -18.94
N ILE C 62 -65.56 58.28 -17.92
CA ILE C 62 -64.43 57.53 -17.36
C ILE C 62 -64.07 56.36 -18.26
N PRO C 63 -62.83 56.37 -18.76
CA PRO C 63 -62.32 55.29 -19.61
C PRO C 63 -62.15 54.00 -18.83
N PRO C 64 -62.39 52.85 -19.48
CA PRO C 64 -62.22 51.53 -18.85
C PRO C 64 -60.89 51.37 -18.10
N LYS C 65 -59.82 51.91 -18.67
CA LYS C 65 -58.50 51.80 -18.08
C LYS C 65 -58.33 52.61 -16.79
N LYS C 66 -59.30 53.47 -16.48
CA LYS C 66 -59.19 54.27 -15.27
C LYS C 66 -60.24 53.93 -14.23
N PHE C 67 -61.02 52.88 -14.47
CA PHE C 67 -62.03 52.43 -13.50
C PHE C 67 -61.45 52.26 -12.10
N ILE C 68 -60.30 51.58 -11.99
CA ILE C 68 -59.72 51.29 -10.68
C ILE C 68 -59.26 52.57 -9.96
N THR C 69 -58.99 53.63 -10.71
CA THR C 69 -58.52 54.87 -10.10
C THR C 69 -59.65 55.59 -9.37
N ARG C 70 -60.89 55.26 -9.72
CA ARG C 70 -62.05 55.85 -9.07
C ARG C 70 -62.34 55.22 -7.70
N LEU C 71 -61.51 54.27 -7.28
CA LEU C 71 -61.71 53.60 -6.00
C LEU C 71 -60.62 53.96 -4.99
N ARG C 72 -61.05 54.17 -3.74
CA ARG C 72 -60.15 54.54 -2.66
C ARG C 72 -60.44 53.76 -1.37
N LYS C 73 -59.40 53.51 -0.58
CA LYS C 73 -59.51 52.86 0.73
C LYS C 73 -58.20 52.96 1.48
N ALA C 86 -50.48 42.84 -1.59
CA ALA C 86 -51.73 43.03 -2.30
C ALA C 86 -52.65 41.82 -2.15
N HIS C 87 -53.81 42.02 -1.55
CA HIS C 87 -54.81 40.97 -1.48
C HIS C 87 -55.40 40.74 -2.88
N GLU C 88 -55.92 39.55 -3.12
CA GLU C 88 -56.55 39.26 -4.40
C GLU C 88 -57.79 40.13 -4.51
N PHE C 89 -57.91 40.85 -5.61
CA PHE C 89 -58.82 41.98 -5.68
C PHE C 89 -60.29 41.64 -5.60
N LEU C 90 -60.75 40.64 -6.33
CA LEU C 90 -62.18 40.31 -6.32
C LEU C 90 -62.60 39.87 -4.93
N ASN C 91 -61.74 39.16 -4.22
CA ASN C 91 -62.08 38.72 -2.89
C ASN C 91 -62.01 39.88 -1.91
N TYR C 92 -61.05 40.77 -2.08
CA TYR C 92 -60.96 41.96 -1.22
C TYR C 92 -62.17 42.87 -1.44
N LEU C 93 -62.65 42.93 -2.67
CA LEU C 93 -63.79 43.80 -3.00
C LEU C 93 -65.10 43.25 -2.44
N LEU C 94 -65.47 42.02 -2.83
CA LEU C 94 -66.72 41.40 -2.36
C LEU C 94 -66.79 41.33 -0.83
N ASN C 95 -65.66 41.17 -0.18
CA ASN C 95 -65.63 41.12 1.28
C ASN C 95 -65.78 42.49 1.93
N THR C 96 -65.04 43.47 1.41
CA THR C 96 -65.13 44.82 1.94
C THR C 96 -66.54 45.31 1.75
N ILE C 97 -67.14 44.98 0.61
CA ILE C 97 -68.51 45.38 0.34
C ILE C 97 -69.45 44.76 1.37
N ALA C 98 -69.21 43.49 1.67
CA ALA C 98 -70.08 42.77 2.60
C ALA C 98 -69.95 43.36 4.00
N ASP C 99 -68.73 43.47 4.48
CA ASP C 99 -68.47 43.98 5.83
C ASP C 99 -68.89 45.44 5.98
N ILE C 100 -69.05 46.15 4.86
CA ILE C 100 -69.51 47.53 4.90
C ILE C 100 -71.03 47.56 5.07
N LEU C 101 -71.70 46.70 4.32
CA LEU C 101 -73.15 46.65 4.30
C LEU C 101 -73.77 46.13 5.57
N GLN C 102 -73.12 45.16 6.20
CA GLN C 102 -73.74 44.48 7.32
C GLN C 102 -73.66 45.34 8.57
N GLU C 103 -72.58 46.10 8.74
CA GLU C 103 -72.51 47.00 9.89
C GLU C 103 -73.51 48.13 9.64
N GLU C 104 -73.55 48.61 8.41
CA GLU C 104 -74.50 49.65 8.00
C GLU C 104 -75.96 49.27 8.24
N ARG C 105 -76.36 48.07 7.81
CA ARG C 105 -77.74 47.61 7.99
C ARG C 105 -77.86 46.88 9.32
N LYS C 106 -76.98 47.25 10.25
CA LYS C 106 -77.11 46.86 11.65
C LYS C 106 -76.69 48.05 12.54
N GLN C 107 -77.12 49.25 12.15
CA GLN C 107 -76.89 50.46 12.93
C GLN C 107 -77.75 51.61 12.41
N PRO C 130 -78.21 38.47 6.01
CA PRO C 130 -78.33 38.11 4.59
C PRO C 130 -78.21 39.34 3.71
N THR C 131 -77.10 40.05 3.89
CA THR C 131 -76.68 41.16 3.05
C THR C 131 -76.78 40.81 1.56
N TRP C 132 -77.00 41.80 0.71
CA TRP C 132 -77.31 41.53 -0.68
C TRP C 132 -76.12 41.02 -1.52
N VAL C 133 -74.89 41.29 -1.09
CA VAL C 133 -73.75 40.68 -1.76
C VAL C 133 -73.87 39.18 -1.60
N HIS C 134 -74.19 38.78 -0.38
CA HIS C 134 -74.37 37.38 -0.04
C HIS C 134 -75.44 36.71 -0.89
N GLU C 135 -76.56 37.38 -1.12
CA GLU C 135 -77.64 36.70 -1.84
C GLU C 135 -77.35 36.60 -3.33
N ILE C 136 -76.22 37.14 -3.76
CA ILE C 136 -75.79 36.99 -5.15
C ILE C 136 -74.60 36.05 -5.32
N PHE C 137 -73.58 36.22 -4.48
CA PHE C 137 -72.31 35.51 -4.65
C PHE C 137 -72.08 34.37 -3.66
N GLN C 138 -72.80 34.39 -2.55
CA GLN C 138 -72.48 33.45 -1.47
C GLN C 138 -72.98 32.04 -1.73
N GLY C 139 -72.05 31.09 -1.66
CA GLY C 139 -72.38 29.69 -1.67
C GLY C 139 -71.90 29.12 -0.35
N THR C 140 -71.99 27.81 -0.20
CA THR C 140 -71.50 27.13 0.98
C THR C 140 -70.73 25.89 0.55
N LEU C 141 -69.56 25.67 1.14
CA LEU C 141 -68.83 24.44 0.85
C LEU C 141 -68.61 23.61 2.11
N THR C 142 -68.26 22.35 1.91
CA THR C 142 -67.91 21.46 3.01
C THR C 142 -66.44 21.02 2.95
N ASN C 143 -65.72 21.23 4.03
CA ASN C 143 -64.35 20.74 4.11
C ASN C 143 -64.31 19.45 4.91
N GLU C 144 -64.02 18.36 4.22
CA GLU C 144 -63.84 17.06 4.85
C GLU C 144 -62.38 16.83 5.20
N THR C 145 -62.15 16.40 6.42
CA THR C 145 -60.82 16.04 6.90
C THR C 145 -60.85 14.60 7.39
N ARG C 146 -60.13 13.74 6.71
CA ARG C 146 -60.13 12.33 7.06
C ARG C 146 -58.81 11.94 7.68
N CYS C 147 -58.84 11.53 8.94
CA CYS C 147 -57.64 11.11 9.66
C CYS C 147 -57.22 9.74 9.18
N LEU C 148 -55.98 9.59 8.76
CA LEU C 148 -55.58 8.34 8.13
C LEU C 148 -55.30 7.24 9.14
N THR C 149 -55.27 7.60 10.42
CA THR C 149 -55.06 6.61 11.47
C THR C 149 -56.36 5.96 11.90
N CYS C 150 -57.35 6.76 12.28
CA CYS C 150 -58.65 6.21 12.69
C CYS C 150 -59.70 6.18 11.56
N GLU C 151 -59.39 6.86 10.45
CA GLU C 151 -60.26 6.90 9.29
C GLU C 151 -61.65 7.48 9.63
N THR C 152 -61.68 8.32 10.65
CA THR C 152 -62.89 9.07 10.97
C THR C 152 -62.94 10.34 10.10
N ILE C 153 -64.12 10.61 9.53
CA ILE C 153 -64.29 11.78 8.66
C ILE C 153 -64.97 12.90 9.40
N SER C 154 -64.28 14.02 9.55
CA SER C 154 -64.94 15.18 10.13
C SER C 154 -65.12 16.28 9.09
N SER C 155 -66.26 16.95 9.18
CA SER C 155 -66.64 17.98 8.23
C SER C 155 -66.85 19.29 8.93
N LYS C 156 -66.61 20.38 8.20
CA LYS C 156 -66.90 21.72 8.67
C LYS C 156 -67.32 22.59 7.50
N ASP C 157 -68.54 23.10 7.55
CA ASP C 157 -69.10 23.92 6.48
C ASP C 157 -68.54 25.33 6.49
N GLU C 158 -68.29 25.87 5.30
CA GLU C 158 -67.83 27.25 5.21
C GLU C 158 -68.58 27.97 4.11
N ASP C 159 -68.83 29.26 4.33
CA ASP C 159 -69.45 30.08 3.30
C ASP C 159 -68.37 30.71 2.45
N PHE C 160 -68.64 30.87 1.17
CA PHE C 160 -67.70 31.50 0.26
C PHE C 160 -68.39 32.57 -0.59
N LEU C 161 -67.64 33.58 -1.00
CA LEU C 161 -68.18 34.58 -1.91
C LEU C 161 -67.58 34.39 -3.31
N ASP C 162 -66.39 33.82 -3.35
CA ASP C 162 -65.81 33.32 -4.58
C ASP C 162 -65.12 32.00 -4.26
N LEU C 163 -65.01 31.14 -5.27
CA LEU C 163 -64.54 29.79 -5.06
C LEU C 163 -63.24 29.59 -5.81
N SER C 164 -62.21 29.10 -5.14
CA SER C 164 -60.97 28.72 -5.81
C SER C 164 -60.88 27.20 -5.93
N VAL C 165 -60.87 26.69 -7.16
CA VAL C 165 -60.72 25.26 -7.33
C VAL C 165 -59.44 24.98 -8.11
N ASP C 166 -58.68 24.01 -7.63
CA ASP C 166 -57.40 23.68 -8.22
C ASP C 166 -57.60 22.82 -9.46
N VAL C 167 -56.84 23.13 -10.51
CA VAL C 167 -57.02 22.51 -11.82
C VAL C 167 -55.82 21.64 -12.20
N THR C 171 -59.44 15.83 -14.97
CA THR C 171 -60.21 16.88 -14.33
C THR C 171 -61.12 17.63 -15.32
N SER C 172 -62.15 18.27 -14.78
CA SER C 172 -63.07 19.07 -15.55
C SER C 172 -63.86 19.96 -14.62
N ILE C 173 -64.17 21.19 -15.04
CA ILE C 173 -64.83 22.14 -14.18
C ILE C 173 -66.15 21.60 -13.63
N THR C 174 -66.94 20.98 -14.49
CA THR C 174 -68.20 20.37 -14.07
C THR C 174 -67.93 19.28 -13.06
N HIS C 175 -67.00 18.39 -13.40
CA HIS C 175 -66.62 17.27 -12.57
C HIS C 175 -66.22 17.68 -11.14
N CYS C 176 -65.46 18.77 -11.05
CA CYS C 176 -64.99 19.32 -9.78
C CYS C 176 -66.07 19.93 -8.91
N LEU C 177 -66.89 20.80 -9.49
CA LEU C 177 -67.93 21.45 -8.72
C LEU C 177 -69.05 20.46 -8.39
N ARG C 178 -69.13 19.38 -9.16
CA ARG C 178 -70.11 18.34 -8.88
C ARG C 178 -69.60 17.38 -7.82
N GLY C 179 -68.31 17.11 -7.85
CA GLY C 179 -67.73 16.15 -6.92
C GLY C 179 -66.82 16.75 -5.86
N PHE C 180 -65.72 16.07 -5.58
CA PHE C 180 -64.77 16.52 -4.57
C PHE C 180 -63.58 17.21 -5.22
N SER C 181 -63.03 18.18 -4.52
CA SER C 181 -62.02 19.09 -5.06
C SER C 181 -60.92 19.43 -4.05
N ASN C 182 -59.87 20.09 -4.52
CA ASN C 182 -58.80 20.62 -3.66
C ASN C 182 -58.26 19.59 -2.67
N THR C 183 -58.04 18.37 -3.13
CA THR C 183 -57.47 17.34 -2.28
C THR C 183 -56.07 17.71 -1.78
N GLU C 184 -55.84 17.48 -0.49
CA GLU C 184 -54.61 17.88 0.16
C GLU C 184 -54.25 16.92 1.29
N THR C 185 -52.95 16.63 1.43
CA THR C 185 -52.46 15.76 2.48
C THR C 185 -51.82 16.56 3.62
N LEU C 186 -52.33 16.38 4.84
CA LEU C 186 -51.70 16.92 6.03
C LEU C 186 -50.77 15.86 6.63
N CYS C 187 -49.47 16.10 6.57
CA CYS C 187 -48.49 15.14 7.04
C CYS C 187 -47.24 15.86 7.52
N SER C 188 -46.23 15.10 7.91
CA SER C 188 -44.97 15.64 8.41
C SER C 188 -45.14 16.66 9.54
N GLU C 189 -44.60 17.85 9.36
CA GLU C 189 -44.66 18.84 10.44
C GLU C 189 -45.97 19.62 10.46
N TYR C 190 -46.87 19.38 9.52
CA TYR C 190 -48.20 19.95 9.59
C TYR C 190 -49.28 18.88 9.66
N LYS C 191 -49.02 17.83 10.44
CA LYS C 191 -50.01 16.83 10.76
C LYS C 191 -51.26 17.44 11.36
N TYR C 192 -52.35 16.71 11.26
CA TYR C 192 -53.66 17.09 11.76
C TYR C 192 -53.90 16.63 13.20
N TYR C 193 -54.30 17.53 14.08
CA TYR C 193 -54.69 17.08 15.42
C TYR C 193 -56.06 16.41 15.32
N CYS C 194 -56.09 15.12 15.53
CA CYS C 194 -57.31 14.36 15.48
C CYS C 194 -57.92 14.20 16.87
N GLU C 195 -59.14 14.68 17.08
CA GLU C 195 -59.78 14.66 18.38
C GLU C 195 -60.19 13.25 18.78
N GLU C 196 -60.32 12.38 17.79
CA GLU C 196 -60.58 10.98 18.05
C GLU C 196 -59.28 10.29 18.50
N CYS C 197 -58.18 10.58 17.80
CA CYS C 197 -56.89 9.99 18.17
C CYS C 197 -56.19 10.75 19.32
N ARG C 198 -56.65 11.97 19.59
CA ARG C 198 -56.05 12.82 20.61
C ARG C 198 -54.57 13.03 20.39
N SER C 199 -54.18 13.09 19.11
CA SER C 199 -52.79 13.34 18.74
C SER C 199 -52.71 13.75 17.29
N LYS C 200 -51.52 14.17 16.88
CA LYS C 200 -51.26 14.57 15.53
C LYS C 200 -51.07 13.35 14.62
N GLN C 201 -51.89 13.29 13.58
CA GLN C 201 -51.86 12.21 12.62
C GLN C 201 -51.89 12.77 11.20
N GLU C 202 -51.66 11.90 10.23
CA GLU C 202 -51.79 12.30 8.85
C GLU C 202 -53.27 12.33 8.49
N ALA C 203 -53.64 13.26 7.62
CA ALA C 203 -55.02 13.38 7.17
C ALA C 203 -55.12 13.71 5.69
N HIS C 204 -56.23 13.33 5.08
CA HIS C 204 -56.59 13.81 3.76
C HIS C 204 -57.71 14.83 3.87
N LYS C 205 -57.45 16.02 3.33
CA LYS C 205 -58.43 17.10 3.30
C LYS C 205 -58.99 17.22 1.88
N ARG C 206 -60.28 17.51 1.76
CA ARG C 206 -60.88 17.71 0.45
C ARG C 206 -62.17 18.52 0.56
N MET C 207 -62.64 19.05 -0.57
CA MET C 207 -63.74 19.99 -0.55
C MET C 207 -64.89 19.61 -1.47
N LYS C 208 -66.12 19.74 -0.96
CA LYS C 208 -67.31 19.62 -1.78
C LYS C 208 -68.18 20.88 -1.70
N VAL C 209 -68.80 21.25 -2.82
CA VAL C 209 -69.73 22.37 -2.75
C VAL C 209 -71.08 21.88 -2.27
N LYS C 210 -71.54 22.46 -1.17
CA LYS C 210 -72.82 22.11 -0.58
C LYS C 210 -73.98 22.92 -1.15
N LYS C 211 -73.82 24.24 -1.23
CA LYS C 211 -74.85 25.10 -1.81
C LYS C 211 -74.24 26.06 -2.85
N LEU C 212 -74.80 26.06 -4.05
CA LEU C 212 -74.30 26.91 -5.11
C LEU C 212 -74.93 28.28 -4.98
N PRO C 213 -74.20 29.33 -5.38
CA PRO C 213 -74.68 30.72 -5.31
C PRO C 213 -75.42 31.15 -6.56
N MET C 214 -76.06 32.30 -6.53
CA MET C 214 -76.74 32.83 -7.72
C MET C 214 -75.72 33.13 -8.81
N ILE C 215 -74.64 33.81 -8.44
CA ILE C 215 -73.51 33.94 -9.33
C ILE C 215 -72.29 33.26 -8.75
N LEU C 216 -71.74 32.31 -9.49
CA LEU C 216 -70.54 31.60 -9.07
C LEU C 216 -69.29 32.29 -9.61
N ALA C 217 -68.56 32.98 -8.73
CA ALA C 217 -67.28 33.55 -9.12
C ALA C 217 -66.16 32.54 -8.85
N LEU C 218 -65.46 32.14 -9.90
CA LEU C 218 -64.61 30.97 -9.86
C LEU C 218 -63.17 31.26 -10.29
N HIS C 219 -62.23 31.15 -9.36
CA HIS C 219 -60.80 31.31 -9.66
C HIS C 219 -60.17 29.96 -9.99
N LEU C 220 -59.56 29.85 -11.17
CA LEU C 220 -58.94 28.59 -11.56
C LEU C 220 -57.43 28.67 -11.48
N VAL C 240 -59.27 26.66 -20.48
CA VAL C 240 -60.47 26.25 -21.20
C VAL C 240 -61.72 26.71 -20.45
N PHE C 241 -62.72 27.16 -21.21
CA PHE C 241 -63.91 27.78 -20.63
C PHE C 241 -65.20 27.20 -21.21
N PRO C 242 -65.92 26.38 -20.43
CA PRO C 242 -67.29 26.00 -20.81
C PRO C 242 -68.25 27.19 -20.71
N LEU C 243 -69.16 27.32 -21.66
CA LEU C 243 -70.06 28.47 -21.65
C LEU C 243 -71.33 28.17 -20.88
N GLU C 244 -71.59 26.88 -20.68
CA GLU C 244 -72.63 26.45 -19.77
C GLU C 244 -72.14 25.33 -18.85
N LEU C 245 -72.76 25.25 -17.68
CA LEU C 245 -72.36 24.31 -16.65
C LEU C 245 -73.58 23.57 -16.12
N ARG C 246 -73.52 22.25 -16.07
CA ARG C 246 -74.63 21.44 -15.57
C ARG C 246 -74.39 21.02 -14.13
N LEU C 247 -74.98 21.76 -13.20
CA LEU C 247 -74.66 21.59 -11.79
C LEU C 247 -75.86 21.25 -10.91
N PHE C 248 -75.57 20.81 -9.68
CA PHE C 248 -76.46 20.90 -8.52
C PHE C 248 -75.81 20.21 -7.31
N ASP C 258 -81.55 18.97 -11.50
CA ASP C 258 -80.38 19.73 -11.93
C ASP C 258 -80.63 21.24 -11.94
N ARG C 259 -79.60 21.98 -12.32
CA ARG C 259 -79.60 23.44 -12.31
C ARG C 259 -78.48 23.95 -13.20
N MET C 260 -78.84 24.61 -14.30
CA MET C 260 -77.86 25.02 -15.29
C MET C 260 -77.27 26.40 -14.99
N TYR C 261 -76.02 26.61 -15.39
CA TYR C 261 -75.33 27.90 -15.23
C TYR C 261 -74.71 28.38 -16.55
N ASP C 262 -74.79 29.69 -16.80
CA ASP C 262 -74.16 30.29 -17.99
C ASP C 262 -72.98 31.19 -17.67
N LEU C 263 -72.00 31.17 -18.56
CA LEU C 263 -70.91 32.13 -18.50
C LEU C 263 -71.43 33.54 -18.78
N VAL C 264 -71.07 34.50 -17.94
CA VAL C 264 -71.44 35.89 -18.16
C VAL C 264 -70.24 36.84 -18.20
N ALA C 265 -69.08 36.34 -17.75
CA ALA C 265 -67.89 37.18 -17.63
C ALA C 265 -66.64 36.34 -17.46
N VAL C 266 -65.55 36.80 -18.04
CA VAL C 266 -64.28 36.10 -18.00
C VAL C 266 -63.15 37.11 -17.85
N VAL C 267 -62.26 36.94 -16.86
CA VAL C 267 -61.05 37.77 -16.84
C VAL C 267 -59.83 36.87 -16.96
N VAL C 268 -59.01 37.16 -17.96
CA VAL C 268 -57.91 36.29 -18.39
C VAL C 268 -56.69 37.08 -18.79
N HIS C 269 -55.52 36.49 -18.54
CA HIS C 269 -54.24 36.94 -19.06
C HIS C 269 -53.77 35.86 -20.04
N CYS C 270 -54.02 36.06 -21.33
CA CYS C 270 -53.63 35.05 -22.31
C CYS C 270 -52.21 35.26 -22.81
N GLY C 271 -51.60 34.17 -23.27
CA GLY C 271 -50.19 34.18 -23.62
C GLY C 271 -49.92 34.43 -25.08
N SER C 272 -50.96 34.33 -25.89
CA SER C 272 -50.82 34.58 -27.32
C SER C 272 -52.03 35.33 -27.86
N GLY C 273 -51.96 35.71 -29.12
CA GLY C 273 -53.05 36.44 -29.74
C GLY C 273 -52.83 37.92 -29.57
N PRO C 274 -53.81 38.72 -30.01
CA PRO C 274 -53.69 40.18 -30.00
C PRO C 274 -54.01 40.83 -28.65
N ASN C 275 -54.23 40.03 -27.61
CA ASN C 275 -54.52 40.62 -26.30
C ASN C 275 -53.57 40.17 -25.20
N ARG C 276 -52.50 39.57 -25.68
CA ARG C 276 -51.52 38.94 -24.88
C ARG C 276 -50.77 39.94 -24.10
N GLY C 277 -50.26 39.48 -22.99
CA GLY C 277 -49.48 40.29 -22.11
C GLY C 277 -50.15 40.72 -20.85
N HIS C 278 -51.46 40.74 -20.76
CA HIS C 278 -52.00 41.43 -19.60
C HIS C 278 -53.43 40.93 -19.50
N TYR C 279 -54.07 41.18 -18.37
CA TYR C 279 -55.45 40.76 -18.17
C TYR C 279 -56.42 41.57 -19.01
N ILE C 280 -57.46 40.90 -19.49
CA ILE C 280 -58.59 41.52 -20.19
C ILE C 280 -59.90 41.01 -19.58
N ALA C 281 -60.99 41.69 -19.88
CA ALA C 281 -62.31 41.21 -19.48
C ALA C 281 -63.15 40.87 -20.71
N ILE C 282 -63.80 39.72 -20.66
CA ILE C 282 -64.71 39.30 -21.69
C ILE C 282 -66.07 39.07 -21.05
N VAL C 283 -67.01 39.94 -21.35
CA VAL C 283 -68.31 39.90 -20.72
C VAL C 283 -69.38 39.60 -21.75
N LYS C 284 -70.54 39.14 -21.29
CA LYS C 284 -71.66 39.03 -22.19
C LYS C 284 -72.69 40.09 -21.79
N SER C 285 -73.17 40.83 -22.79
CA SER C 285 -74.25 41.78 -22.59
C SER C 285 -75.27 41.53 -23.68
N HIS C 286 -76.53 41.37 -23.27
CA HIS C 286 -77.63 41.09 -24.20
C HIS C 286 -77.42 39.78 -24.96
N ASP C 287 -77.26 39.87 -26.28
CA ASP C 287 -77.13 38.67 -27.10
C ASP C 287 -75.72 38.52 -27.68
N PHE C 288 -74.74 39.17 -27.06
CA PHE C 288 -73.38 39.16 -27.58
C PHE C 288 -72.29 39.26 -26.50
N TRP C 289 -71.04 39.21 -26.96
CA TRP C 289 -69.87 39.31 -26.09
C TRP C 289 -69.09 40.60 -26.34
N LEU C 290 -68.65 41.24 -25.25
CA LEU C 290 -67.86 42.47 -25.33
C LEU C 290 -66.44 42.28 -24.75
N LEU C 291 -65.43 42.64 -25.54
CA LEU C 291 -64.05 42.50 -25.09
C LEU C 291 -63.45 43.84 -24.68
N PHE C 292 -63.11 43.95 -23.40
CA PHE C 292 -62.38 45.10 -22.89
C PHE C 292 -60.88 44.82 -22.91
N ASP C 293 -60.13 45.62 -23.66
CA ASP C 293 -58.68 45.52 -23.65
C ASP C 293 -58.09 46.91 -23.57
N ASP C 294 -57.47 47.21 -22.44
CA ASP C 294 -57.03 48.55 -22.10
C ASP C 294 -58.22 49.49 -22.22
N ASP C 295 -58.23 50.40 -23.20
CA ASP C 295 -59.33 51.37 -23.26
C ASP C 295 -60.28 51.22 -24.45
N ILE C 296 -60.29 50.06 -25.11
CA ILE C 296 -61.17 49.87 -26.24
C ILE C 296 -62.14 48.69 -26.06
N VAL C 297 -63.41 48.96 -26.29
CA VAL C 297 -64.46 47.97 -26.21
C VAL C 297 -64.86 47.43 -27.59
N GLU C 298 -64.73 46.14 -27.78
CA GLU C 298 -65.00 45.50 -29.06
C GLU C 298 -66.19 44.54 -28.93
N LYS C 299 -66.83 44.20 -30.05
CA LYS C 299 -67.95 43.25 -30.00
C LYS C 299 -67.52 41.91 -30.61
N ILE C 300 -68.05 40.82 -30.06
CA ILE C 300 -67.63 39.46 -30.43
C ILE C 300 -68.82 38.47 -30.34
N ASP C 301 -68.68 37.28 -31.01
CA ASP C 301 -69.58 36.14 -30.85
C ASP C 301 -68.81 34.95 -30.26
N ALA C 302 -69.17 33.89 -29.67
CA ALA C 302 -68.37 32.87 -28.97
C ALA C 302 -67.23 32.19 -29.75
N GLN C 303 -67.48 32.40 -31.09
CA GLN C 303 -66.49 31.61 -31.82
C GLN C 303 -65.08 31.73 -31.24
N ALA C 304 -64.62 33.02 -31.02
CA ALA C 304 -63.20 33.36 -30.88
C ALA C 304 -62.51 32.85 -29.61
N ILE C 305 -63.27 32.66 -28.54
CA ILE C 305 -62.69 32.21 -27.28
C ILE C 305 -62.15 30.77 -27.40
N SER C 319 -51.41 34.41 -15.78
CA SER C 319 -50.12 34.51 -15.12
C SER C 319 -50.28 34.58 -13.60
N GLU C 320 -50.17 35.80 -13.07
CA GLU C 320 -50.02 36.02 -11.63
C GLU C 320 -51.23 35.66 -10.77
N SER C 321 -52.40 35.54 -11.36
CA SER C 321 -53.59 35.25 -10.57
C SER C 321 -54.51 34.21 -11.19
N GLY C 322 -53.98 33.39 -12.10
CA GLY C 322 -54.81 32.45 -12.82
C GLY C 322 -55.84 33.18 -13.66
N TYR C 323 -57.06 32.67 -13.68
CA TYR C 323 -58.14 33.36 -14.36
C TYR C 323 -59.46 33.14 -13.65
N ILE C 324 -60.44 33.98 -13.95
CA ILE C 324 -61.75 33.92 -13.31
C ILE C 324 -62.88 33.65 -14.30
N LEU C 325 -63.77 32.73 -13.96
CA LEU C 325 -65.02 32.50 -14.71
C LEU C 325 -66.21 32.92 -13.85
N PHE C 326 -67.10 33.73 -14.41
CA PHE C 326 -68.31 34.09 -13.72
C PHE C 326 -69.46 33.32 -14.34
N TYR C 327 -70.25 32.63 -13.53
CA TYR C 327 -71.38 31.87 -14.03
C TYR C 327 -72.66 32.33 -13.35
N GLN C 328 -73.72 32.49 -14.13
CA GLN C 328 -75.03 32.82 -13.56
C GLN C 328 -75.99 31.65 -13.69
N SER C 329 -76.83 31.47 -12.68
CA SER C 329 -77.80 30.39 -12.71
C SER C 329 -79.03 30.76 -13.52
N ARG C 330 -79.52 29.79 -14.28
CA ARG C 330 -80.71 29.94 -15.11
C ARG C 330 -81.99 29.70 -14.32
N ARG D 13 -33.88 21.20 14.82
CA ARG D 13 -34.90 22.11 15.36
C ARG D 13 -34.52 22.50 16.78
N LYS D 14 -35.32 23.36 17.41
CA LYS D 14 -35.06 23.74 18.79
C LYS D 14 -35.37 22.56 19.70
N VAL D 15 -34.79 22.54 20.89
CA VAL D 15 -35.08 21.49 21.81
C VAL D 15 -36.09 21.93 22.84
N GLN D 16 -37.08 21.07 23.06
CA GLN D 16 -38.02 21.23 24.14
C GLN D 16 -37.78 20.20 25.22
N VAL D 17 -38.24 20.51 26.42
CA VAL D 17 -38.14 19.61 27.54
C VAL D 17 -39.54 19.18 27.96
N SER D 18 -39.77 17.88 28.08
CA SER D 18 -41.06 17.47 28.57
C SER D 18 -40.94 16.45 29.70
N TYR D 19 -42.02 16.22 30.41
CA TYR D 19 -42.01 15.23 31.46
C TYR D 19 -43.40 14.63 31.56
N VAL D 20 -43.49 13.45 32.18
CA VAL D 20 -44.76 12.76 32.27
C VAL D 20 -45.17 12.67 33.73
N ILE D 21 -46.40 13.02 34.01
CA ILE D 21 -46.89 12.94 35.37
C ILE D 21 -47.62 11.62 35.54
N ARG D 22 -47.02 10.69 36.25
CA ARG D 22 -47.51 9.32 36.30
C ARG D 22 -47.02 8.59 37.55
N ASP D 23 -47.50 7.37 37.76
CA ASP D 23 -47.07 6.57 38.90
C ASP D 23 -45.76 5.86 38.58
N GLU D 24 -45.05 5.44 39.62
CA GLU D 24 -43.85 4.63 39.43
C GLU D 24 -44.18 3.35 38.66
N VAL D 25 -45.31 2.72 38.97
CA VAL D 25 -45.78 1.60 38.18
C VAL D 25 -47.11 1.91 37.53
N GLU D 26 -47.15 1.86 36.20
CA GLU D 26 -48.38 1.94 35.44
C GLU D 26 -48.69 0.56 34.87
N LYS D 27 -49.31 -0.26 35.72
CA LYS D 27 -49.52 -1.67 35.46
C LYS D 27 -50.36 -1.92 34.22
N TYR D 28 -51.34 -1.06 34.00
CA TYR D 28 -52.29 -1.28 32.92
C TYR D 28 -52.11 -0.31 31.75
N ASN D 29 -52.46 -0.77 30.55
CA ASN D 29 -52.47 0.11 29.40
C ASN D 29 -53.34 1.33 29.66
N ARG D 30 -52.80 2.51 29.38
CA ARG D 30 -53.54 3.74 29.62
C ARG D 30 -54.17 4.32 28.36
N ASN D 31 -54.09 3.53 27.29
CA ASN D 31 -54.59 3.91 25.99
C ASN D 31 -54.75 2.63 25.19
N GLY D 32 -54.99 2.72 23.90
CA GLY D 32 -55.13 1.51 23.10
C GLY D 32 -53.82 0.77 22.90
N VAL D 33 -53.94 -0.40 22.28
CA VAL D 33 -52.81 -1.26 22.02
C VAL D 33 -52.60 -1.41 20.51
N ASN D 34 -51.39 -1.12 20.04
CA ASN D 34 -51.14 -1.09 18.60
C ASN D 34 -50.64 -2.41 18.02
N ALA D 35 -50.08 -3.28 18.86
CA ALA D 35 -49.36 -4.44 18.37
C ALA D 35 -49.12 -5.49 19.46
N LEU D 36 -49.06 -6.75 19.03
CA LEU D 36 -48.95 -7.88 19.95
C LEU D 36 -47.86 -8.87 19.56
N GLN D 37 -47.26 -9.52 20.55
CA GLN D 37 -46.37 -10.63 20.27
C GLN D 37 -46.52 -11.69 21.36
N LEU D 38 -46.37 -12.95 20.97
CA LEU D 38 -46.57 -14.06 21.89
C LEU D 38 -45.33 -14.92 21.91
N ASP D 39 -44.68 -15.00 23.06
CA ASP D 39 -43.56 -15.93 23.27
C ASP D 39 -44.08 -17.29 23.75
N PRO D 40 -43.98 -18.32 22.90
CA PRO D 40 -44.50 -19.66 23.24
C PRO D 40 -43.67 -20.42 24.27
N ALA D 41 -42.40 -20.05 24.41
CA ALA D 41 -41.52 -20.71 25.37
C ALA D 41 -41.75 -20.26 26.81
N LEU D 42 -42.17 -19.02 27.00
CA LEU D 42 -42.39 -18.51 28.35
C LEU D 42 -43.87 -18.25 28.60
N ASN D 43 -44.67 -18.49 27.57
CA ASN D 43 -46.08 -18.15 27.58
C ASN D 43 -46.32 -16.69 28.01
N ARG D 44 -45.64 -15.77 27.35
CA ARG D 44 -45.81 -14.34 27.59
C ARG D 44 -46.37 -13.61 26.37
N LEU D 45 -47.28 -12.67 26.63
CA LEU D 45 -47.79 -11.75 25.63
C LEU D 45 -47.21 -10.36 25.83
N PHE D 46 -46.67 -9.77 24.78
CA PHE D 46 -46.23 -8.38 24.80
C PHE D 46 -47.28 -7.50 24.13
N THR D 47 -47.65 -6.42 24.79
CA THR D 47 -48.53 -5.43 24.21
C THR D 47 -47.73 -4.14 23.93
N ALA D 48 -47.87 -3.57 22.75
CA ALA D 48 -47.22 -2.32 22.46
C ALA D 48 -48.26 -1.21 22.58
N GLY D 49 -48.10 -0.35 23.57
CA GLY D 49 -49.13 0.61 23.89
C GLY D 49 -49.09 1.97 23.22
N ARG D 50 -50.27 2.48 22.95
CA ARG D 50 -50.41 3.89 22.64
C ARG D 50 -50.04 4.77 23.84
N ASP D 51 -49.94 4.19 25.04
CA ASP D 51 -49.50 4.97 26.20
C ASP D 51 -47.97 5.07 26.30
N SER D 52 -47.28 4.61 25.26
CA SER D 52 -45.80 4.65 25.10
C SER D 52 -45.06 3.52 25.82
N ILE D 53 -45.82 2.67 26.51
CA ILE D 53 -45.21 1.61 27.30
C ILE D 53 -45.48 0.21 26.70
N ILE D 54 -44.43 -0.60 26.61
CA ILE D 54 -44.62 -2.01 26.24
C ILE D 54 -44.75 -2.84 27.50
N ARG D 55 -45.73 -3.73 27.56
CA ARG D 55 -45.92 -4.58 28.73
C ARG D 55 -45.83 -6.09 28.44
N ILE D 56 -45.31 -6.82 29.43
CA ILE D 56 -45.18 -8.26 29.37
C ILE D 56 -46.23 -8.92 30.25
N TRP D 57 -46.98 -9.86 29.69
CA TRP D 57 -48.03 -10.55 30.44
C TRP D 57 -47.88 -12.07 30.42
N SER D 58 -48.22 -12.71 31.54
CA SER D 58 -48.41 -14.16 31.54
C SER D 58 -49.75 -14.54 30.93
N VAL D 59 -49.77 -15.47 30.00
CA VAL D 59 -51.04 -15.88 29.41
C VAL D 59 -51.63 -17.11 30.12
N ASN D 60 -50.94 -17.60 31.14
CA ASN D 60 -51.48 -18.67 31.99
C ASN D 60 -52.77 -18.21 32.65
N GLN D 61 -53.80 -19.03 32.56
CA GLN D 61 -55.07 -18.70 33.19
C GLN D 61 -54.99 -19.07 34.67
N HIS D 62 -53.88 -19.67 35.06
CA HIS D 62 -53.67 -20.05 36.46
C HIS D 62 -53.58 -18.81 37.35
N LYS D 63 -52.90 -17.77 36.84
CA LYS D 63 -52.63 -16.57 37.63
C LYS D 63 -53.81 -15.61 37.67
N GLN D 64 -53.90 -14.86 38.76
CA GLN D 64 -54.97 -13.89 38.96
C GLN D 64 -54.50 -12.52 38.54
N ASP D 65 -53.19 -12.32 38.59
CA ASP D 65 -52.58 -11.11 38.07
C ASP D 65 -51.55 -11.48 37.01
N PRO D 66 -51.91 -11.31 35.73
CA PRO D 66 -51.08 -11.69 34.59
C PRO D 66 -49.97 -10.70 34.31
N TYR D 67 -49.88 -9.64 35.11
CA TYR D 67 -48.83 -8.64 34.88
C TYR D 67 -47.47 -9.17 35.29
N ILE D 68 -46.49 -9.00 34.42
CA ILE D 68 -45.11 -9.37 34.69
C ILE D 68 -44.23 -8.13 34.72
N ALA D 69 -44.27 -7.32 33.67
CA ALA D 69 -43.35 -6.17 33.60
C ALA D 69 -43.72 -5.08 32.62
N SER D 70 -43.10 -3.92 32.82
CA SER D 70 -43.23 -2.80 31.92
C SER D 70 -41.92 -2.49 31.25
N MET D 71 -41.96 -2.20 29.97
CA MET D 71 -40.79 -1.84 29.20
C MET D 71 -40.98 -0.37 28.82
N GLU D 72 -40.24 0.50 29.51
CA GLU D 72 -40.43 1.96 29.47
C GLU D 72 -39.24 2.92 29.14
N HIS D 73 -39.05 3.11 27.84
CA HIS D 73 -38.31 4.18 27.09
C HIS D 73 -38.91 5.20 26.02
N HIS D 74 -39.94 4.64 25.28
CA HIS D 74 -40.56 5.46 24.27
C HIS D 74 -41.35 6.61 24.90
N THR D 75 -41.55 7.67 24.12
CA THR D 75 -42.19 8.86 24.64
C THR D 75 -43.49 9.14 23.89
N ASP D 76 -43.82 8.26 22.96
CA ASP D 76 -45.05 8.39 22.18
C ASP D 76 -45.54 6.99 21.83
N TRP D 77 -46.68 6.90 21.17
CA TRP D 77 -47.21 5.62 20.73
C TRP D 77 -46.16 4.61 20.25
N VAL D 78 -46.27 3.37 20.74
CA VAL D 78 -45.46 2.29 20.23
C VAL D 78 -46.29 1.65 19.13
N ASN D 79 -45.85 1.80 17.89
CA ASN D 79 -46.67 1.43 16.76
C ASN D 79 -46.47 -0.03 16.36
N ASP D 80 -45.29 -0.56 16.61
CA ASP D 80 -45.05 -1.96 16.31
C ASP D 80 -43.97 -2.60 17.16
N ILE D 81 -44.06 -3.93 17.31
CA ILE D 81 -43.07 -4.71 18.01
C ILE D 81 -42.83 -6.05 17.36
N VAL D 82 -41.61 -6.55 17.49
CA VAL D 82 -41.21 -7.82 16.92
C VAL D 82 -40.36 -8.59 17.92
N LEU D 83 -40.77 -9.81 18.25
CA LEU D 83 -39.98 -10.68 19.13
C LEU D 83 -38.98 -11.49 18.31
N CYS D 84 -37.70 -11.37 18.65
CA CYS D 84 -36.61 -12.09 17.97
C CYS D 84 -35.82 -13.04 18.86
N CYS D 85 -35.03 -13.87 18.21
CA CYS D 85 -34.03 -14.70 18.87
C CYS D 85 -34.66 -15.50 20.01
N ASN D 86 -35.64 -16.34 19.69
CA ASN D 86 -36.31 -17.17 20.69
C ASN D 86 -36.91 -16.41 21.86
N GLY D 87 -37.30 -15.18 21.63
CA GLY D 87 -37.94 -14.41 22.67
C GLY D 87 -36.99 -13.66 23.56
N LYS D 88 -35.70 -13.65 23.23
CA LYS D 88 -34.72 -12.93 24.06
C LYS D 88 -34.73 -11.43 23.80
N THR D 89 -34.99 -11.07 22.54
CA THR D 89 -34.84 -9.73 22.01
C THR D 89 -36.17 -9.16 21.50
N LEU D 90 -36.53 -7.97 21.96
CA LEU D 90 -37.65 -7.26 21.37
C LEU D 90 -37.16 -6.05 20.59
N ILE D 91 -37.72 -5.85 19.40
CA ILE D 91 -37.51 -4.62 18.65
C ILE D 91 -38.82 -3.84 18.54
N SER D 92 -38.78 -2.53 18.77
CA SER D 92 -40.01 -1.72 18.79
C SER D 92 -39.92 -0.51 17.87
N ALA D 93 -41.07 -0.04 17.37
CA ALA D 93 -41.14 1.15 16.51
C ALA D 93 -42.13 2.16 17.08
N SER D 94 -41.77 3.43 17.04
CA SER D 94 -42.55 4.41 17.77
C SER D 94 -42.82 5.70 17.01
N SER D 95 -43.92 6.34 17.38
CA SER D 95 -44.20 7.70 16.95
C SER D 95 -43.21 8.71 17.50
N ASP D 96 -42.33 8.31 18.41
CA ASP D 96 -41.30 9.27 18.84
C ASP D 96 -40.13 9.28 17.84
N THR D 97 -40.36 8.67 16.68
CA THR D 97 -39.44 8.53 15.54
C THR D 97 -38.31 7.53 15.78
N THR D 98 -38.25 6.88 16.94
CA THR D 98 -37.13 5.98 17.21
C THR D 98 -37.50 4.51 17.01
N VAL D 99 -36.47 3.69 16.85
CA VAL D 99 -36.56 2.23 16.92
C VAL D 99 -35.67 1.77 18.08
N LYS D 100 -36.18 0.88 18.92
CA LYS D 100 -35.45 0.45 20.11
C LYS D 100 -35.23 -1.08 20.14
N VAL D 101 -34.14 -1.46 20.80
CA VAL D 101 -33.71 -2.83 20.93
C VAL D 101 -33.78 -3.14 22.43
N TRP D 102 -34.49 -4.21 22.78
CA TRP D 102 -34.76 -4.55 24.17
C TRP D 102 -34.27 -5.92 24.52
N ASN D 103 -33.80 -6.05 25.75
CA ASN D 103 -33.75 -7.33 26.43
C ASN D 103 -35.18 -7.71 26.83
N ALA D 104 -35.75 -8.68 26.13
CA ALA D 104 -37.15 -9.04 26.30
C ALA D 104 -37.43 -9.87 27.56
N HIS D 105 -36.41 -10.52 28.10
CA HIS D 105 -36.61 -11.28 29.34
C HIS D 105 -36.64 -10.37 30.56
N LYS D 106 -35.72 -9.42 30.60
CA LYS D 106 -35.57 -8.58 31.78
C LYS D 106 -36.38 -7.29 31.67
N GLY D 107 -36.71 -6.88 30.46
CA GLY D 107 -37.61 -5.76 30.28
C GLY D 107 -36.97 -4.39 30.26
N PHE D 108 -35.74 -4.26 29.76
CA PHE D 108 -35.11 -2.94 29.66
C PHE D 108 -34.60 -2.65 28.27
N CYS D 109 -34.40 -1.37 27.98
CA CYS D 109 -33.95 -0.93 26.67
C CYS D 109 -32.44 -0.98 26.54
N MET D 110 -31.95 -1.62 25.48
CA MET D 110 -30.51 -1.78 25.28
C MET D 110 -29.91 -0.73 24.34
N SER D 111 -30.62 -0.37 23.28
CA SER D 111 -30.15 0.72 22.41
C SER D 111 -31.30 1.38 21.68
N THR D 112 -30.99 2.49 21.03
CA THR D 112 -31.98 3.28 20.33
C THR D 112 -31.46 3.64 18.94
N LEU D 113 -32.24 3.37 17.90
CA LEU D 113 -31.88 3.71 16.54
C LEU D 113 -32.63 4.95 16.11
N ARG D 114 -31.90 5.95 15.62
CA ARG D 114 -32.45 7.27 15.39
C ARG D 114 -32.46 7.69 13.92
N THR D 115 -32.45 6.72 13.03
CA THR D 115 -32.33 7.00 11.60
C THR D 115 -33.62 7.53 10.97
N HIS D 116 -34.78 7.18 11.50
CA HIS D 116 -36.02 7.71 10.93
C HIS D 116 -36.27 9.15 11.35
N LYS D 117 -37.07 9.86 10.55
CA LYS D 117 -37.30 11.28 10.73
C LYS D 117 -38.74 11.61 11.07
N ASP D 118 -39.58 10.58 11.17
CA ASP D 118 -40.99 10.79 11.42
C ASP D 118 -41.51 9.53 12.12
N TYR D 119 -42.82 9.42 12.40
CA TYR D 119 -43.34 8.26 13.12
C TYR D 119 -42.92 6.94 12.48
N VAL D 120 -42.34 6.04 13.26
CA VAL D 120 -42.06 4.70 12.76
C VAL D 120 -43.29 3.84 13.00
N LYS D 121 -43.77 3.20 11.94
CA LYS D 121 -45.10 2.62 11.90
C LYS D 121 -45.09 1.10 11.84
N ALA D 122 -44.03 0.53 11.29
CA ALA D 122 -44.06 -0.88 10.98
C ALA D 122 -42.71 -1.51 11.12
N LEU D 123 -42.71 -2.75 11.60
CA LEU D 123 -41.54 -3.61 11.60
C LEU D 123 -41.78 -4.92 10.86
N ALA D 124 -40.74 -5.44 10.25
CA ALA D 124 -40.87 -6.70 9.53
C ALA D 124 -39.77 -7.61 10.01
N TYR D 125 -39.98 -8.91 9.94
CA TYR D 125 -39.06 -9.84 10.58
C TYR D 125 -38.84 -11.09 9.74
N ALA D 126 -37.58 -11.42 9.51
CA ALA D 126 -37.25 -12.66 8.82
C ALA D 126 -36.57 -13.59 9.79
N LYS D 127 -37.36 -14.49 10.36
CA LYS D 127 -36.92 -15.43 11.41
C LYS D 127 -35.64 -16.19 11.09
N ASP D 128 -35.47 -16.63 9.86
CA ASP D 128 -34.34 -17.50 9.53
C ASP D 128 -33.03 -16.75 9.40
N LYS D 129 -33.10 -15.44 9.22
CA LYS D 129 -31.90 -14.63 9.08
C LYS D 129 -31.66 -13.71 10.27
N GLU D 130 -32.53 -13.81 11.28
CA GLU D 130 -32.67 -12.78 12.32
C GLU D 130 -32.44 -11.39 11.72
N LEU D 131 -33.33 -11.04 10.81
CA LEU D 131 -33.29 -9.77 10.10
C LEU D 131 -34.60 -9.06 10.37
N VAL D 132 -34.54 -7.77 10.67
CA VAL D 132 -35.75 -6.99 10.83
C VAL D 132 -35.64 -5.74 10.01
N ALA D 133 -36.77 -5.12 9.76
CA ALA D 133 -36.81 -3.93 8.95
C ALA D 133 -37.73 -2.94 9.63
N SER D 134 -37.43 -1.66 9.50
CA SER D 134 -38.27 -0.62 10.06
C SER D 134 -38.73 0.34 8.96
N ALA D 135 -39.98 0.77 9.03
CA ALA D 135 -40.52 1.73 8.08
C ALA D 135 -41.48 2.69 8.77
N GLY D 136 -41.60 3.91 8.27
CA GLY D 136 -42.59 4.85 8.78
C GLY D 136 -43.03 5.93 7.83
N LEU D 137 -43.60 6.99 8.38
CA LEU D 137 -44.13 8.08 7.60
C LEU D 137 -43.06 8.90 6.88
N ASP D 138 -41.79 8.61 7.12
CA ASP D 138 -40.74 9.38 6.47
C ASP D 138 -40.38 8.72 5.15
N ARG D 139 -41.13 7.67 4.82
CA ARG D 139 -40.98 6.90 3.58
C ARG D 139 -39.65 6.15 3.52
N GLN D 140 -38.98 5.97 4.64
CA GLN D 140 -37.73 5.21 4.63
C GLN D 140 -37.94 3.79 5.12
N ILE D 141 -37.22 2.84 4.55
CA ILE D 141 -37.15 1.50 5.09
C ILE D 141 -35.70 1.11 5.32
N PHE D 142 -35.38 0.76 6.56
CA PHE D 142 -34.04 0.36 6.94
C PHE D 142 -34.01 -1.11 7.29
N LEU D 143 -32.96 -1.80 6.87
CA LEU D 143 -32.79 -3.20 7.23
C LEU D 143 -31.72 -3.34 8.31
N TRP D 144 -31.96 -4.25 9.26
CA TRP D 144 -31.09 -4.43 10.40
C TRP D 144 -30.84 -5.88 10.71
N ASP D 145 -29.57 -6.27 10.83
CA ASP D 145 -29.24 -7.58 11.36
C ASP D 145 -29.37 -7.57 12.88
N VAL D 146 -30.28 -8.38 13.41
CA VAL D 146 -30.58 -8.32 14.83
C VAL D 146 -29.33 -8.58 15.67
N ASN D 147 -28.54 -9.56 15.29
CA ASN D 147 -27.32 -9.87 16.03
C ASN D 147 -26.34 -8.70 16.08
N THR D 148 -26.32 -7.93 15.01
CA THR D 148 -25.56 -6.69 15.01
C THR D 148 -26.19 -5.69 15.98
N LEU D 149 -27.52 -5.69 16.08
CA LEU D 149 -28.20 -4.73 16.93
C LEU D 149 -28.07 -5.00 18.43
N THR D 150 -27.94 -6.25 18.83
CA THR D 150 -27.91 -6.54 20.25
C THR D 150 -26.54 -6.30 20.89
N ALA D 151 -25.52 -5.99 20.09
CA ALA D 151 -24.24 -5.58 20.64
C ALA D 151 -24.14 -4.05 20.81
N LEU D 152 -25.16 -3.33 20.37
CA LEU D 152 -25.16 -1.88 20.56
C LEU D 152 -25.44 -1.49 22.01
N THR D 153 -25.26 -0.22 22.34
CA THR D 153 -25.53 0.24 23.68
C THR D 153 -25.89 1.72 23.70
N ALA D 154 -26.33 2.20 24.86
CA ALA D 154 -26.69 3.61 25.02
C ALA D 154 -25.51 4.55 24.75
N SER D 155 -24.29 4.14 25.08
CA SER D 155 -23.12 4.97 24.81
C SER D 155 -22.66 4.85 23.35
N ASN D 156 -22.60 3.61 22.84
CA ASN D 156 -22.20 3.38 21.44
C ASN D 156 -23.31 2.74 20.61
N ASN D 157 -24.05 3.55 19.86
CA ASN D 157 -25.15 3.04 19.04
C ASN D 157 -24.91 3.19 17.54
N THR D 158 -23.65 3.13 17.13
CA THR D 158 -23.31 3.33 15.72
C THR D 158 -23.26 2.03 14.91
N VAL D 159 -24.20 1.89 13.98
CA VAL D 159 -24.16 0.83 13.00
C VAL D 159 -24.07 1.44 11.63
N THR D 160 -23.68 0.63 10.67
CA THR D 160 -23.81 1.03 9.29
C THR D 160 -25.18 0.58 8.82
N THR D 161 -25.65 1.21 7.76
CA THR D 161 -27.04 1.16 7.45
C THR D 161 -27.31 0.52 6.08
N SER D 162 -28.50 -0.02 5.93
CA SER D 162 -28.99 -0.52 4.65
C SER D 162 -30.44 -0.10 4.45
N SER D 163 -30.75 0.35 3.25
CA SER D 163 -31.95 1.13 3.03
C SER D 163 -32.64 0.74 1.73
N LEU D 164 -33.96 0.87 1.66
CA LEU D 164 -34.74 0.61 0.46
C LEU D 164 -35.27 1.88 -0.19
N SER D 165 -35.22 1.95 -1.52
CA SER D 165 -35.70 3.14 -2.24
C SER D 165 -36.97 2.89 -3.04
N GLY D 166 -37.85 3.89 -3.07
CA GLY D 166 -38.98 3.84 -3.97
C GLY D 166 -40.30 4.37 -3.45
N ASN D 167 -40.53 4.36 -2.13
CA ASN D 167 -41.83 4.80 -1.65
C ASN D 167 -42.03 6.28 -1.90
N LYS D 168 -43.19 6.61 -2.44
CA LYS D 168 -43.53 7.98 -2.80
C LYS D 168 -44.42 8.56 -1.73
N ASP D 169 -44.89 7.70 -0.84
CA ASP D 169 -45.71 8.19 0.25
C ASP D 169 -45.48 7.41 1.53
N SER D 170 -46.10 7.88 2.60
CA SER D 170 -45.90 7.36 3.94
C SER D 170 -46.25 5.90 4.03
N ILE D 171 -45.37 5.14 4.67
CA ILE D 171 -45.50 3.71 4.78
C ILE D 171 -46.26 3.33 6.06
N TYR D 172 -47.24 2.44 5.96
CA TYR D 172 -48.06 2.09 7.12
C TYR D 172 -47.91 0.61 7.52
N SER D 173 -47.37 -0.20 6.63
CA SER D 173 -47.19 -1.61 6.89
C SER D 173 -46.01 -2.17 6.12
N LEU D 174 -45.57 -3.36 6.52
CA LEU D 174 -44.32 -3.90 6.05
C LEU D 174 -44.26 -5.36 6.37
N ALA D 175 -43.74 -6.17 5.48
CA ALA D 175 -43.64 -7.59 5.79
C ALA D 175 -42.45 -8.19 5.11
N MET D 176 -41.83 -9.15 5.77
CA MET D 176 -40.78 -9.96 5.15
C MET D 176 -41.20 -11.40 5.27
N ASN D 177 -40.67 -12.25 4.40
CA ASN D 177 -40.98 -13.65 4.48
C ASN D 177 -39.99 -14.27 5.43
N GLN D 178 -40.22 -15.51 5.81
CA GLN D 178 -39.38 -16.14 6.81
C GLN D 178 -37.95 -16.29 6.33
N LEU D 179 -37.78 -16.44 5.02
CA LEU D 179 -36.49 -16.72 4.42
C LEU D 179 -35.62 -15.48 4.24
N GLY D 180 -36.21 -14.29 4.37
CA GLY D 180 -35.50 -13.05 4.13
C GLY D 180 -35.18 -12.79 2.67
N THR D 181 -36.05 -13.25 1.76
CA THR D 181 -35.81 -13.03 0.34
C THR D 181 -36.76 -12.03 -0.30
N ILE D 182 -37.89 -11.77 0.36
CA ILE D 182 -38.88 -10.81 -0.12
C ILE D 182 -39.28 -9.84 1.01
N ILE D 183 -39.37 -8.56 0.67
CA ILE D 183 -39.92 -7.61 1.60
C ILE D 183 -40.92 -6.78 0.82
N VAL D 184 -42.02 -6.42 1.44
CA VAL D 184 -43.05 -5.66 0.78
C VAL D 184 -43.53 -4.56 1.72
N SER D 185 -43.84 -3.39 1.16
CA SER D 185 -44.33 -2.29 1.95
C SER D 185 -45.76 -1.93 1.54
N GLY D 186 -46.54 -1.48 2.53
CA GLY D 186 -47.86 -0.95 2.29
C GLY D 186 -47.92 0.52 2.68
N SER D 187 -48.69 1.31 1.96
CA SER D 187 -48.69 2.74 2.14
C SER D 187 -49.88 3.45 1.48
N THR D 188 -49.92 4.77 1.63
CA THR D 188 -50.98 5.59 1.07
C THR D 188 -50.79 5.78 -0.43
N GLU D 189 -49.71 5.24 -0.96
CA GLU D 189 -49.50 5.17 -2.40
C GLU D 189 -50.43 4.09 -2.99
N LYS D 190 -51.03 3.28 -2.11
CA LYS D 190 -51.98 2.20 -2.45
C LYS D 190 -51.28 1.01 -3.08
N VAL D 191 -50.36 1.29 -3.99
CA VAL D 191 -49.54 0.25 -4.62
C VAL D 191 -48.63 -0.43 -3.60
N LEU D 192 -48.56 -1.76 -3.67
CA LEU D 192 -47.60 -2.55 -2.91
C LEU D 192 -46.22 -2.52 -3.58
N ARG D 193 -45.15 -2.27 -2.83
CA ARG D 193 -43.79 -2.27 -3.39
C ARG D 193 -42.98 -3.40 -2.78
N VAL D 194 -42.20 -4.04 -3.63
CA VAL D 194 -41.54 -5.28 -3.29
C VAL D 194 -40.08 -5.18 -3.62
N TRP D 195 -39.23 -5.65 -2.71
CA TRP D 195 -37.80 -5.63 -2.90
C TRP D 195 -37.19 -6.93 -2.47
N ASP D 196 -35.97 -7.16 -2.90
CA ASP D 196 -35.11 -8.22 -2.36
C ASP D 196 -34.30 -7.64 -1.20
N PRO D 197 -34.60 -8.04 0.04
CA PRO D 197 -33.90 -7.41 1.17
C PRO D 197 -32.40 -7.65 1.19
N ARG D 198 -31.91 -8.64 0.47
CA ARG D 198 -30.48 -8.90 0.39
C ARG D 198 -29.73 -7.84 -0.43
N THR D 199 -30.34 -7.38 -1.52
CA THR D 199 -29.67 -6.49 -2.46
C THR D 199 -30.25 -5.10 -2.47
N CYS D 200 -31.41 -4.96 -1.82
CA CYS D 200 -32.22 -3.76 -1.87
C CYS D 200 -32.80 -3.50 -3.27
N ALA D 201 -32.70 -4.47 -4.19
CA ALA D 201 -33.21 -4.29 -5.54
C ALA D 201 -34.74 -4.28 -5.63
N LYS D 202 -35.27 -3.30 -6.34
CA LYS D 202 -36.70 -3.28 -6.65
C LYS D 202 -37.08 -4.52 -7.47
N LEU D 203 -38.19 -5.16 -7.10
CA LEU D 203 -38.58 -6.38 -7.78
C LEU D 203 -39.90 -6.20 -8.56
N MET D 204 -40.87 -5.50 -7.98
CA MET D 204 -42.17 -5.35 -8.62
C MET D 204 -43.08 -4.39 -7.85
N LYS D 205 -44.09 -3.89 -8.53
CA LYS D 205 -45.13 -3.08 -7.92
C LYS D 205 -46.47 -3.76 -8.11
N LEU D 206 -47.17 -4.01 -7.03
CA LEU D 206 -48.43 -4.74 -7.08
C LEU D 206 -49.59 -3.77 -6.89
N LYS D 207 -50.28 -3.45 -7.97
CA LYS D 207 -51.33 -2.46 -7.95
C LYS D 207 -52.68 -3.13 -7.83
N GLY D 208 -53.68 -2.40 -7.35
CA GLY D 208 -54.99 -2.97 -7.14
C GLY D 208 -55.77 -2.25 -6.07
N HIS D 209 -55.15 -2.05 -4.92
CA HIS D 209 -55.82 -1.39 -3.83
C HIS D 209 -56.13 0.03 -4.17
N THR D 210 -57.21 0.56 -3.60
CA THR D 210 -57.61 1.92 -3.88
C THR D 210 -57.55 2.81 -2.64
N ASP D 211 -56.92 2.30 -1.59
CA ASP D 211 -56.68 3.08 -0.36
C ASP D 211 -55.44 2.53 0.36
N ASN D 212 -55.17 3.08 1.54
CA ASN D 212 -54.04 2.74 2.40
C ASN D 212 -53.97 1.25 2.70
N VAL D 213 -52.76 0.73 2.87
CA VAL D 213 -52.56 -0.65 3.25
C VAL D 213 -51.93 -0.77 4.64
N LYS D 214 -52.69 -1.21 5.63
CA LYS D 214 -52.19 -1.29 7.00
C LYS D 214 -51.78 -2.69 7.43
N ALA D 215 -52.01 -3.68 6.58
CA ALA D 215 -51.69 -5.06 6.97
C ALA D 215 -51.09 -5.86 5.81
N LEU D 216 -50.01 -6.58 6.08
CA LEU D 216 -49.36 -7.38 5.06
C LEU D 216 -48.82 -8.67 5.63
N LEU D 217 -48.79 -9.71 4.81
CA LEU D 217 -48.28 -11.01 5.21
C LEU D 217 -47.69 -11.73 4.00
N LEU D 218 -46.61 -12.45 4.24
CA LEU D 218 -45.95 -13.22 3.22
C LEU D 218 -45.88 -14.68 3.68
N ASN D 219 -46.06 -15.62 2.75
CA ASN D 219 -45.91 -17.03 3.10
C ASN D 219 -44.43 -17.35 3.21
N ARG D 220 -44.11 -18.53 3.71
CA ARG D 220 -42.72 -18.87 4.00
C ARG D 220 -41.75 -18.59 2.86
N ASP D 221 -42.02 -19.10 1.66
CA ASP D 221 -41.04 -18.97 0.60
C ASP D 221 -41.19 -17.67 -0.20
N GLY D 222 -42.08 -16.80 0.22
CA GLY D 222 -42.22 -15.49 -0.41
C GLY D 222 -42.76 -15.54 -1.83
N THR D 223 -43.62 -16.53 -2.10
CA THR D 223 -44.29 -16.64 -3.39
C THR D 223 -45.69 -16.03 -3.35
N GLN D 224 -46.27 -15.91 -2.16
CA GLN D 224 -47.58 -15.29 -2.05
C GLN D 224 -47.62 -14.24 -0.96
N CYS D 225 -48.45 -13.22 -1.18
CA CYS D 225 -48.63 -12.15 -0.24
C CYS D 225 -50.12 -11.95 0.02
N LEU D 226 -50.47 -11.62 1.25
CA LEU D 226 -51.81 -11.16 1.58
C LEU D 226 -51.75 -9.69 2.01
N SER D 227 -52.70 -8.89 1.58
CA SER D 227 -52.76 -7.51 2.04
C SER D 227 -54.17 -7.13 2.49
N GLY D 228 -54.26 -6.38 3.57
CA GLY D 228 -55.52 -5.84 4.04
C GLY D 228 -55.46 -4.33 3.90
N SER D 229 -56.53 -3.75 3.39
CA SER D 229 -56.49 -2.38 2.95
C SER D 229 -57.64 -1.59 3.51
N SER D 230 -57.44 -0.30 3.66
CA SER D 230 -58.50 0.59 4.07
C SER D 230 -59.66 0.64 3.06
N ASP D 231 -59.48 0.07 1.88
CA ASP D 231 -60.58 0.03 0.91
C ASP D 231 -61.57 -1.08 1.25
N GLY D 232 -61.29 -1.86 2.28
CA GLY D 232 -62.23 -2.87 2.74
C GLY D 232 -62.00 -4.24 2.16
N THR D 233 -60.97 -4.37 1.33
CA THR D 233 -60.68 -5.68 0.75
C THR D 233 -59.38 -6.30 1.25
N ILE D 234 -59.35 -7.62 1.09
CA ILE D 234 -58.17 -8.43 1.29
C ILE D 234 -57.75 -8.98 -0.07
N ARG D 235 -56.51 -8.75 -0.48
CA ARG D 235 -56.04 -9.34 -1.71
C ARG D 235 -54.90 -10.35 -1.48
N LEU D 236 -54.98 -11.49 -2.19
CA LEU D 236 -53.91 -12.47 -2.26
C LEU D 236 -53.12 -12.18 -3.53
N TRP D 237 -51.79 -12.26 -3.47
CA TRP D 237 -51.01 -11.93 -4.64
C TRP D 237 -50.10 -13.07 -4.96
N SER D 238 -49.93 -13.34 -6.25
CA SER D 238 -48.86 -14.23 -6.69
C SER D 238 -47.66 -13.40 -7.04
N LEU D 239 -46.51 -13.68 -6.43
CA LEU D 239 -45.30 -12.95 -6.78
C LEU D 239 -44.68 -13.51 -8.05
N GLY D 240 -44.88 -14.80 -8.28
CA GLY D 240 -44.50 -15.39 -9.56
C GLY D 240 -45.19 -14.71 -10.73
N GLN D 241 -46.48 -14.42 -10.61
CA GLN D 241 -47.21 -13.79 -11.70
C GLN D 241 -47.23 -12.29 -11.59
N GLN D 242 -46.83 -11.77 -10.43
CA GLN D 242 -46.87 -10.33 -10.15
C GLN D 242 -48.29 -9.84 -10.30
N ARG D 243 -49.20 -10.57 -9.71
CA ARG D 243 -50.60 -10.43 -10.04
C ARG D 243 -51.47 -10.77 -8.84
N CYS D 244 -52.57 -10.03 -8.71
CA CYS D 244 -53.59 -10.37 -7.74
C CYS D 244 -54.40 -11.58 -8.19
N ILE D 245 -54.47 -12.61 -7.37
CA ILE D 245 -55.14 -13.85 -7.78
C ILE D 245 -56.45 -14.14 -7.03
N ALA D 246 -56.78 -13.32 -6.05
CA ALA D 246 -58.09 -13.41 -5.38
C ALA D 246 -58.34 -12.15 -4.58
N THR D 247 -59.59 -11.69 -4.57
CA THR D 247 -59.99 -10.53 -3.78
C THR D 247 -61.11 -10.94 -2.85
N TYR D 248 -61.00 -10.55 -1.59
CA TYR D 248 -61.99 -10.93 -0.60
C TYR D 248 -62.65 -9.68 -0.04
N ARG D 249 -63.98 -9.64 -0.07
CA ARG D 249 -64.70 -8.50 0.47
C ARG D 249 -65.61 -8.95 1.61
N VAL D 250 -65.03 -9.18 2.78
CA VAL D 250 -65.81 -9.69 3.89
C VAL D 250 -66.00 -8.63 4.96
N HIS D 251 -65.50 -7.43 4.71
CA HIS D 251 -65.65 -6.35 5.70
C HIS D 251 -66.43 -5.17 5.17
N ASP D 252 -66.94 -4.35 6.08
CA ASP D 252 -67.75 -3.19 5.73
C ASP D 252 -66.93 -1.92 5.62
N GLU D 253 -65.84 -1.87 6.39
CA GLU D 253 -64.94 -0.73 6.36
C GLU D 253 -63.51 -1.26 6.26
N GLY D 254 -62.54 -0.38 6.44
CA GLY D 254 -61.13 -0.73 6.27
C GLY D 254 -60.61 -1.94 7.01
N VAL D 255 -59.80 -2.73 6.34
CA VAL D 255 -59.15 -3.89 6.96
C VAL D 255 -57.79 -3.46 7.49
N TRP D 256 -57.56 -3.69 8.77
CA TRP D 256 -56.41 -3.12 9.46
C TRP D 256 -55.42 -4.18 10.00
N ALA D 257 -55.89 -5.40 10.15
CA ALA D 257 -55.10 -6.45 10.75
C ALA D 257 -55.32 -7.79 10.06
N LEU D 258 -54.24 -8.54 9.85
CA LEU D 258 -54.33 -9.88 9.30
C LEU D 258 -53.46 -10.89 10.06
N GLN D 259 -53.91 -12.13 10.09
CA GLN D 259 -53.14 -13.26 10.57
C GLN D 259 -53.46 -14.41 9.63
N VAL D 260 -52.58 -15.40 9.56
CA VAL D 260 -52.82 -16.51 8.66
C VAL D 260 -52.30 -17.79 9.31
N ASN D 261 -52.99 -18.90 9.08
CA ASN D 261 -52.52 -20.16 9.62
C ASN D 261 -51.25 -20.63 8.93
N ASP D 262 -50.60 -21.63 9.53
CA ASP D 262 -49.31 -22.11 9.06
C ASP D 262 -49.30 -22.50 7.57
N ALA D 263 -50.40 -23.06 7.09
CA ALA D 263 -50.45 -23.57 5.71
C ALA D 263 -50.78 -22.49 4.69
N PHE D 264 -50.92 -21.26 5.16
CA PHE D 264 -51.29 -20.12 4.32
C PHE D 264 -52.57 -20.38 3.56
N THR D 265 -53.60 -20.87 4.26
CA THR D 265 -54.84 -21.19 3.59
C THR D 265 -56.09 -20.56 4.22
N HIS D 266 -56.01 -20.21 5.50
CA HIS D 266 -57.08 -19.47 6.16
C HIS D 266 -56.55 -18.14 6.68
N VAL D 267 -57.27 -17.07 6.40
CA VAL D 267 -56.85 -15.76 6.86
C VAL D 267 -57.82 -15.21 7.90
N TYR D 268 -57.25 -14.58 8.92
CA TYR D 268 -58.00 -13.97 10.00
C TYR D 268 -57.90 -12.46 9.84
N SER D 269 -59.04 -11.78 9.74
CA SER D 269 -59.04 -10.36 9.43
C SER D 269 -59.87 -9.54 10.42
N GLY D 270 -59.47 -8.30 10.62
CA GLY D 270 -60.21 -7.37 11.46
C GLY D 270 -59.87 -5.95 11.09
N GLY D 271 -60.70 -5.01 11.50
CA GLY D 271 -60.51 -3.61 11.15
C GLY D 271 -61.45 -2.67 11.86
N ARG D 272 -61.91 -1.68 11.12
CA ARG D 272 -62.66 -0.59 11.73
C ARG D 272 -64.08 -1.02 12.05
N ASP D 273 -64.60 -2.02 11.34
CA ASP D 273 -65.99 -2.43 11.53
C ASP D 273 -66.13 -3.38 12.72
N ARG D 274 -65.00 -3.74 13.31
CA ARG D 274 -64.92 -4.46 14.59
C ARG D 274 -65.17 -5.96 14.51
N LYS D 275 -65.64 -6.45 13.36
CA LYS D 275 -65.91 -7.86 13.19
C LYS D 275 -64.66 -8.65 12.81
N ILE D 276 -64.48 -9.81 13.42
CA ILE D 276 -63.33 -10.61 13.07
C ILE D 276 -63.74 -11.89 12.34
N TYR D 277 -63.17 -12.11 11.17
CA TYR D 277 -63.49 -13.26 10.35
C TYR D 277 -62.33 -14.22 10.14
N CYS D 278 -62.65 -15.50 10.04
CA CYS D 278 -61.74 -16.50 9.50
C CYS D 278 -62.25 -16.89 8.12
N THR D 279 -61.44 -16.67 7.09
CA THR D 279 -61.86 -16.92 5.72
C THR D 279 -60.97 -17.95 5.03
N ASP D 280 -61.60 -18.96 4.43
CA ASP D 280 -60.88 -19.92 3.60
C ASP D 280 -60.49 -19.22 2.30
N LEU D 281 -59.21 -19.29 1.96
CA LEU D 281 -58.71 -18.58 0.79
C LEU D 281 -59.10 -19.29 -0.52
N ARG D 282 -59.35 -20.59 -0.43
CA ARG D 282 -59.72 -21.40 -1.59
C ARG D 282 -61.22 -21.30 -1.85
N ASN D 283 -62.00 -21.02 -0.80
CA ASN D 283 -63.42 -20.67 -0.97
C ASN D 283 -63.78 -19.42 -0.16
N PRO D 284 -63.85 -18.23 -0.77
CA PRO D 284 -64.27 -17.05 0.01
C PRO D 284 -65.60 -17.22 0.75
N ASP D 285 -66.57 -17.91 0.16
CA ASP D 285 -67.92 -18.03 0.74
C ASP D 285 -67.94 -18.83 2.04
N ILE D 286 -66.80 -19.46 2.34
CA ILE D 286 -66.57 -20.08 3.63
C ILE D 286 -65.94 -19.06 4.58
N ARG D 287 -66.80 -18.32 5.28
CA ARG D 287 -66.42 -17.34 6.28
C ARG D 287 -67.02 -17.70 7.62
N VAL D 288 -66.29 -17.45 8.69
CA VAL D 288 -66.87 -17.55 10.00
C VAL D 288 -66.67 -16.26 10.76
N LEU D 289 -67.76 -15.64 11.17
CA LEU D 289 -67.70 -14.54 12.11
C LEU D 289 -67.22 -15.07 13.46
N ILE D 290 -66.01 -14.72 13.85
CA ILE D 290 -65.49 -15.20 15.12
C ILE D 290 -66.11 -14.42 16.27
N CYS D 291 -66.13 -13.10 16.12
CA CYS D 291 -66.65 -12.20 17.14
C CYS D 291 -66.85 -10.80 16.60
N GLU D 292 -67.63 -10.01 17.33
CA GLU D 292 -67.65 -8.59 17.13
C GLU D 292 -66.97 -7.96 18.34
N GLU D 293 -65.88 -7.23 18.12
CA GLU D 293 -65.15 -6.59 19.20
C GLU D 293 -65.84 -5.30 19.61
N LYS D 294 -65.43 -4.70 20.73
CA LYS D 294 -66.08 -3.51 21.23
C LYS D 294 -65.52 -2.21 20.66
N ALA D 295 -64.42 -2.31 19.93
CA ALA D 295 -63.77 -1.13 19.41
C ALA D 295 -63.05 -1.55 18.14
N PRO D 296 -62.66 -0.58 17.29
CA PRO D 296 -61.95 -0.98 16.06
C PRO D 296 -60.74 -1.85 16.36
N VAL D 297 -60.50 -2.84 15.51
CA VAL D 297 -59.42 -3.78 15.71
C VAL D 297 -58.13 -3.28 15.06
N LEU D 298 -57.08 -3.16 15.85
CA LEU D 298 -55.82 -2.60 15.38
C LEU D 298 -54.84 -3.69 14.97
N LYS D 299 -54.93 -4.83 15.62
CA LYS D 299 -53.92 -5.86 15.47
C LYS D 299 -54.40 -7.14 16.11
N MET D 300 -54.03 -8.26 15.49
CA MET D 300 -54.32 -9.57 16.05
C MET D 300 -53.07 -10.44 16.07
N GLU D 301 -53.00 -11.37 17.03
CA GLU D 301 -51.91 -12.32 17.16
C GLU D 301 -52.43 -13.74 17.47
N LEU D 302 -52.29 -14.66 16.52
CA LEU D 302 -52.68 -16.05 16.73
C LEU D 302 -51.88 -16.78 17.81
N ASP D 303 -52.57 -17.59 18.61
CA ASP D 303 -51.90 -18.60 19.44
C ASP D 303 -51.56 -19.78 18.54
N ARG D 304 -50.28 -19.99 18.26
CA ARG D 304 -49.91 -21.00 17.27
C ARG D 304 -49.40 -22.30 17.88
N SER D 305 -49.78 -22.54 19.14
CA SER D 305 -49.37 -23.73 19.86
C SER D 305 -49.98 -25.02 19.30
N ALA D 306 -51.00 -24.88 18.47
CA ALA D 306 -51.55 -26.02 17.75
C ALA D 306 -52.01 -25.57 16.38
N ASP D 307 -51.95 -26.47 15.40
CA ASP D 307 -51.96 -26.04 14.01
C ASP D 307 -53.18 -25.27 13.87
N PRO D 308 -54.39 -26.01 13.87
CA PRO D 308 -55.57 -25.12 13.86
C PRO D 308 -55.50 -24.29 15.13
N PRO D 309 -55.15 -22.94 14.88
CA PRO D 309 -54.84 -22.19 16.11
C PRO D 309 -55.90 -22.24 17.16
N PRO D 310 -55.55 -22.53 18.38
CA PRO D 310 -56.57 -22.68 19.43
C PRO D 310 -57.21 -21.36 19.85
N ALA D 311 -56.57 -20.23 19.60
CA ALA D 311 -57.08 -18.95 20.07
C ALA D 311 -56.46 -17.76 19.35
N ILE D 312 -57.08 -16.60 19.49
CA ILE D 312 -56.54 -15.40 18.86
C ILE D 312 -56.57 -14.22 19.83
N TRP D 313 -55.42 -13.60 20.02
CA TRP D 313 -55.29 -12.39 20.83
C TRP D 313 -55.54 -11.19 19.94
N VAL D 314 -56.25 -10.21 20.48
CA VAL D 314 -56.79 -9.08 19.72
C VAL D 314 -56.55 -7.73 20.41
N ALA D 315 -56.00 -6.79 19.69
CA ALA D 315 -55.79 -5.44 20.22
C ALA D 315 -56.74 -4.45 19.55
N THR D 316 -57.33 -3.56 20.34
CA THR D 316 -58.21 -2.52 19.81
C THR D 316 -57.77 -1.15 20.31
N THR D 317 -58.59 -0.14 20.06
CA THR D 317 -58.33 1.22 20.56
C THR D 317 -58.60 1.31 22.07
N LYS D 318 -59.34 0.36 22.61
CA LYS D 318 -59.52 0.24 24.06
C LYS D 318 -58.26 -0.26 24.76
N SER D 319 -58.15 0.06 26.04
CA SER D 319 -56.98 -0.33 26.84
C SER D 319 -56.98 -1.81 27.23
N THR D 320 -58.14 -2.45 27.17
CA THR D 320 -58.25 -3.88 27.49
C THR D 320 -57.77 -4.75 26.31
N VAL D 321 -57.27 -5.94 26.59
CA VAL D 321 -56.80 -6.85 25.56
C VAL D 321 -57.46 -8.22 25.73
N ASN D 322 -58.07 -8.73 24.67
CA ASN D 322 -58.88 -9.94 24.72
C ASN D 322 -58.32 -11.13 23.96
N LYS D 323 -58.46 -12.32 24.55
CA LYS D 323 -58.20 -13.55 23.83
C LYS D 323 -59.52 -14.22 23.48
N TRP D 324 -59.75 -14.41 22.18
CA TRP D 324 -60.92 -15.12 21.72
C TRP D 324 -60.54 -16.56 21.35
N THR D 325 -61.30 -17.52 21.85
CA THR D 325 -61.04 -18.91 21.50
C THR D 325 -61.64 -19.28 20.13
N LEU D 326 -60.95 -20.15 19.39
CA LEU D 326 -61.40 -20.57 18.06
C LEU D 326 -61.84 -22.05 18.04
N LYS D 327 -63.08 -22.32 17.64
CA LYS D 327 -63.63 -23.69 17.67
C LYS D 327 -64.75 -23.88 16.64
N GLY D 328 -64.44 -24.49 15.50
CA GLY D 328 -65.49 -24.78 14.53
C GLY D 328 -65.26 -24.13 13.19
N THR D 347 -74.72 -14.61 13.38
CA THR D 347 -74.39 -14.96 14.75
C THR D 347 -72.99 -15.57 14.88
N PRO D 348 -72.16 -15.01 15.78
CA PRO D 348 -70.74 -15.29 15.93
C PRO D 348 -70.39 -16.55 16.70
N LEU D 349 -69.16 -17.01 16.48
CA LEU D 349 -68.60 -18.12 17.20
C LEU D 349 -68.51 -17.83 18.71
N CYS D 350 -68.08 -16.62 19.05
CA CYS D 350 -67.89 -16.22 20.45
C CYS D 350 -68.68 -14.97 20.75
N THR D 351 -69.25 -14.88 21.95
CA THR D 351 -69.92 -13.67 22.35
C THR D 351 -69.16 -12.98 23.47
N GLN D 352 -68.33 -13.73 24.17
CA GLN D 352 -67.49 -13.13 25.19
C GLN D 352 -66.09 -13.75 25.18
N PRO D 353 -65.07 -12.92 25.45
CA PRO D 353 -63.69 -13.38 25.33
C PRO D 353 -63.31 -14.47 26.31
N ASP D 354 -62.43 -15.35 25.87
CA ASP D 354 -61.94 -16.46 26.67
C ASP D 354 -61.04 -15.99 27.79
N GLN D 355 -60.37 -14.86 27.57
CA GLN D 355 -59.43 -14.29 28.53
C GLN D 355 -59.36 -12.77 28.38
N VAL D 356 -59.17 -12.05 29.48
CA VAL D 356 -59.23 -10.60 29.45
C VAL D 356 -58.12 -9.95 30.25
N ILE D 357 -57.20 -9.29 29.56
CA ILE D 357 -56.18 -8.49 30.21
C ILE D 357 -56.72 -7.10 30.46
N LYS D 358 -56.93 -6.74 31.73
CA LYS D 358 -57.66 -5.53 32.05
C LYS D 358 -56.85 -4.32 31.66
N GLY D 359 -57.54 -3.23 31.35
CA GLY D 359 -56.88 -1.99 30.97
C GLY D 359 -57.28 -0.89 31.91
N GLY D 360 -56.58 0.24 31.83
CA GLY D 360 -56.89 1.41 32.64
C GLY D 360 -57.53 2.51 31.80
N ALA D 361 -57.77 3.65 32.43
CA ALA D 361 -58.46 4.76 31.80
C ALA D 361 -57.49 5.70 31.10
N SER D 362 -57.96 6.35 30.05
CA SER D 362 -57.18 7.40 29.41
C SER D 362 -57.67 8.75 29.87
N ILE D 363 -56.77 9.70 30.08
CA ILE D 363 -57.23 11.04 30.37
C ILE D 363 -57.64 11.71 29.07
N ILE D 364 -58.89 12.13 28.96
CA ILE D 364 -59.35 12.67 27.68
C ILE D 364 -59.75 14.12 27.71
N GLN D 365 -59.68 14.75 28.87
CA GLN D 365 -59.96 16.17 28.98
C GLN D 365 -59.07 16.80 30.01
N CYS D 366 -58.69 18.05 29.76
CA CYS D 366 -57.73 18.70 30.61
C CYS D 366 -58.06 20.18 30.72
N HIS D 367 -58.11 20.69 31.94
CA HIS D 367 -58.29 22.12 32.14
C HIS D 367 -57.17 22.72 33.01
N ILE D 368 -56.47 23.71 32.46
CA ILE D 368 -55.47 24.44 33.21
C ILE D 368 -56.11 25.59 33.99
N LEU D 369 -55.86 25.65 35.29
CA LEU D 369 -56.44 26.69 36.15
C LEU D 369 -55.66 27.99 36.02
N ASN D 370 -56.25 29.08 36.49
CA ASN D 370 -55.69 30.40 36.25
C ASN D 370 -54.37 30.61 36.95
N ASP D 371 -54.06 29.76 37.92
CA ASP D 371 -52.80 29.90 38.64
C ASP D 371 -51.61 29.34 37.83
N LYS D 372 -51.92 28.72 36.69
CA LYS D 372 -50.95 28.03 35.82
C LYS D 372 -50.11 27.05 36.60
N ARG D 373 -50.71 26.45 37.61
CA ARG D 373 -50.02 25.57 38.53
C ARG D 373 -50.75 24.24 38.59
N HIS D 374 -52.08 24.29 38.48
CA HIS D 374 -52.89 23.11 38.70
C HIS D 374 -53.72 22.74 37.48
N ILE D 375 -54.02 21.47 37.35
CA ILE D 375 -54.77 20.96 36.23
C ILE D 375 -55.90 20.08 36.75
N LEU D 376 -57.08 20.23 36.14
CA LEU D 376 -58.20 19.31 36.32
C LEU D 376 -58.29 18.39 35.11
N THR D 377 -58.49 17.10 35.35
CA THR D 377 -58.68 16.13 34.28
C THR D 377 -59.95 15.33 34.42
N LYS D 378 -60.32 14.68 33.34
CA LYS D 378 -61.44 13.75 33.30
C LYS D 378 -61.02 12.54 32.46
N ASP D 379 -61.13 11.32 33.00
CA ASP D 379 -60.69 10.16 32.22
C ASP D 379 -61.88 9.41 31.62
N THR D 380 -61.59 8.30 30.92
CA THR D 380 -62.59 7.55 30.19
C THR D 380 -63.54 6.76 31.11
N ASN D 381 -63.29 6.82 32.41
CA ASN D 381 -64.24 6.26 33.37
C ASN D 381 -65.11 7.37 33.96
N ASN D 382 -65.03 8.57 33.38
CA ASN D 382 -65.69 9.78 33.91
C ASN D 382 -65.17 10.20 35.28
N ASN D 383 -63.99 9.74 35.64
CA ASN D 383 -63.33 10.12 36.88
C ASN D 383 -62.57 11.44 36.74
N VAL D 384 -62.71 12.29 37.75
CA VAL D 384 -62.10 13.61 37.75
C VAL D 384 -60.98 13.64 38.79
N ALA D 385 -59.87 14.29 38.42
CA ALA D 385 -58.75 14.42 39.35
C ALA D 385 -58.08 15.78 39.22
N TYR D 386 -57.35 16.12 40.27
CA TYR D 386 -56.69 17.39 40.44
C TYR D 386 -55.18 17.19 40.57
N TRP D 387 -54.41 17.89 39.74
CA TRP D 387 -52.97 17.65 39.63
C TRP D 387 -52.11 18.89 39.86
N ASP D 388 -50.91 18.68 40.35
CA ASP D 388 -49.93 19.73 40.55
C ASP D 388 -48.85 19.59 39.48
N VAL D 389 -48.87 20.51 38.52
CA VAL D 389 -47.96 20.47 37.38
C VAL D 389 -46.55 20.85 37.80
N LEU D 390 -46.44 21.87 38.65
CA LEU D 390 -45.14 22.33 39.12
C LEU D 390 -44.39 21.24 39.86
N LYS D 391 -45.12 20.51 40.70
CA LYS D 391 -44.51 19.44 41.49
C LYS D 391 -44.66 18.08 40.80
N ALA D 392 -45.25 18.07 39.61
CA ALA D 392 -45.39 16.87 38.79
C ALA D 392 -46.07 15.69 39.55
N CYS D 393 -47.21 15.93 40.17
CA CYS D 393 -47.89 14.89 40.94
C CYS D 393 -49.39 15.13 41.01
N LYS D 394 -50.12 14.07 41.28
CA LYS D 394 -51.55 14.14 41.53
C LYS D 394 -51.76 14.73 42.91
N VAL D 395 -52.81 15.52 43.08
CA VAL D 395 -53.13 16.07 44.39
C VAL D 395 -54.27 15.25 44.99
N GLU D 396 -55.32 15.01 44.20
CA GLU D 396 -56.42 14.18 44.68
C GLU D 396 -57.31 13.68 43.55
N ASP D 397 -57.86 12.49 43.76
CA ASP D 397 -58.90 11.93 42.91
C ASP D 397 -60.26 12.37 43.39
N LEU D 398 -61.01 13.01 42.52
CA LEU D 398 -62.30 13.58 42.91
C LEU D 398 -63.50 12.65 42.64
N GLY D 399 -63.26 11.49 42.05
CA GLY D 399 -64.35 10.60 41.67
C GLY D 399 -65.17 11.15 40.50
N LYS D 400 -66.43 10.74 40.44
CA LYS D 400 -67.27 11.13 39.32
C LYS D 400 -68.07 12.41 39.59
N VAL D 401 -67.36 13.49 39.90
CA VAL D 401 -68.02 14.78 40.03
C VAL D 401 -68.21 15.40 38.67
N ASP D 402 -68.98 16.46 38.59
CA ASP D 402 -69.19 17.12 37.31
C ASP D 402 -68.00 17.99 36.94
N PHE D 403 -67.44 17.74 35.76
CA PHE D 403 -66.17 18.35 35.35
C PHE D 403 -66.27 19.87 35.20
N GLU D 404 -67.23 20.38 34.45
CA GLU D 404 -67.32 21.82 34.25
C GLU D 404 -67.66 22.57 35.55
N ASP D 405 -68.50 21.99 36.40
CA ASP D 405 -68.82 22.64 37.67
C ASP D 405 -67.62 22.67 38.59
N GLU D 406 -66.84 21.60 38.59
CA GLU D 406 -65.67 21.53 39.46
C GLU D 406 -64.61 22.53 39.00
N ILE D 407 -64.61 22.86 37.72
CA ILE D 407 -63.76 23.93 37.22
C ILE D 407 -64.21 25.27 37.80
N LYS D 408 -65.52 25.54 37.70
CA LYS D 408 -66.06 26.80 38.21
C LYS D 408 -65.91 26.95 39.73
N LYS D 409 -66.15 25.89 40.48
CA LYS D 409 -65.97 25.90 41.93
C LYS D 409 -64.54 26.27 42.34
N ARG D 410 -63.59 25.92 41.48
CA ARG D 410 -62.19 26.09 41.83
C ARG D 410 -61.61 27.34 41.19
N PHE D 411 -62.49 28.13 40.57
CA PHE D 411 -62.09 29.39 39.96
C PHE D 411 -61.42 30.31 40.95
N LYS D 412 -60.43 31.05 40.46
CA LYS D 412 -59.69 32.00 41.26
C LYS D 412 -59.34 33.19 40.38
N MET D 413 -59.64 34.40 40.80
CA MET D 413 -59.36 35.54 39.93
C MET D 413 -57.91 35.93 40.08
N VAL D 414 -57.08 35.30 39.27
CA VAL D 414 -55.65 35.53 39.28
C VAL D 414 -55.18 35.35 37.86
N TYR D 415 -54.20 36.13 37.45
CA TYR D 415 -53.63 35.88 36.14
C TYR D 415 -52.15 35.54 36.27
N VAL D 416 -51.74 34.49 35.56
CA VAL D 416 -50.35 34.08 35.45
C VAL D 416 -50.06 33.77 33.99
N PRO D 417 -48.92 34.25 33.47
CA PRO D 417 -48.60 33.94 32.08
C PRO D 417 -48.40 32.45 31.84
N ASN D 418 -48.93 31.95 30.72
CA ASN D 418 -48.69 30.61 30.22
C ASN D 418 -47.21 30.31 30.17
N TRP D 419 -46.84 29.10 30.55
CA TRP D 419 -45.43 28.73 30.61
C TRP D 419 -45.19 27.26 30.30
N PHE D 420 -46.26 26.53 30.01
CA PHE D 420 -46.12 25.14 29.60
C PHE D 420 -47.31 24.78 28.72
N SER D 421 -47.19 23.68 27.97
CA SER D 421 -48.34 23.12 27.29
C SER D 421 -48.57 21.67 27.72
N VAL D 422 -49.81 21.21 27.55
CA VAL D 422 -50.24 19.85 27.85
C VAL D 422 -50.59 19.10 26.58
N ASP D 423 -50.31 17.80 26.59
CA ASP D 423 -50.86 16.92 25.59
C ASP D 423 -51.26 15.60 26.22
N LEU D 424 -52.20 14.91 25.58
CA LEU D 424 -52.80 13.71 26.13
C LEU D 424 -52.64 12.51 25.20
N LYS D 425 -51.71 12.59 24.27
CA LYS D 425 -51.50 11.52 23.27
C LYS D 425 -51.29 10.14 23.88
N THR D 426 -50.69 10.06 25.05
CA THR D 426 -50.46 8.75 25.66
C THR D 426 -51.61 8.33 26.57
N GLY D 427 -52.53 9.26 26.81
CA GLY D 427 -53.58 9.03 27.77
C GLY D 427 -53.12 9.40 29.18
N MET D 428 -51.86 9.77 29.30
CA MET D 428 -51.31 10.30 30.54
C MET D 428 -51.00 11.76 30.32
N LEU D 429 -50.68 12.45 31.39
CA LEU D 429 -50.45 13.88 31.34
C LEU D 429 -48.98 14.16 30.94
N THR D 430 -48.78 14.68 29.74
CA THR D 430 -47.42 15.05 29.31
C THR D 430 -47.30 16.57 29.20
N ILE D 431 -46.33 17.11 29.92
CA ILE D 431 -46.15 18.55 29.99
C ILE D 431 -44.95 18.94 29.15
N THR D 432 -45.08 19.94 28.29
CA THR D 432 -43.94 20.34 27.46
C THR D 432 -43.46 21.75 27.78
N LEU D 433 -42.15 21.93 27.93
CA LEU D 433 -41.55 23.26 28.14
C LEU D 433 -40.77 23.69 26.92
N ASP D 434 -41.04 24.90 26.47
CA ASP D 434 -40.40 25.48 25.31
C ASP D 434 -39.71 26.80 25.71
N GLU D 435 -38.57 27.07 25.10
CA GLU D 435 -37.80 28.29 25.38
C GLU D 435 -38.59 29.60 25.29
N SER D 436 -39.56 29.68 24.39
CA SER D 436 -40.25 30.96 24.19
C SER D 436 -41.05 31.41 25.42
N ASP D 437 -41.63 30.48 26.18
CA ASP D 437 -42.43 30.92 27.33
C ASP D 437 -42.20 30.15 28.64
N CYS D 438 -41.20 29.26 28.66
CA CYS D 438 -40.93 28.47 29.86
C CYS D 438 -40.71 29.36 31.09
N PHE D 439 -40.08 30.51 30.86
CA PHE D 439 -39.68 31.41 31.94
C PHE D 439 -40.61 32.61 32.13
N ALA D 440 -41.82 32.55 31.55
CA ALA D 440 -42.67 33.73 31.52
C ALA D 440 -43.40 33.97 32.82
N ALA D 441 -43.41 32.99 33.71
CA ALA D 441 -44.23 33.10 34.89
C ALA D 441 -43.43 33.28 36.18
N TRP D 442 -43.30 34.55 36.57
CA TRP D 442 -42.80 34.90 37.89
C TRP D 442 -43.97 35.00 38.84
N VAL D 443 -43.87 34.37 40.00
CA VAL D 443 -44.90 34.48 41.04
C VAL D 443 -44.24 34.58 42.42
N SER D 444 -44.94 35.19 43.37
CA SER D 444 -44.40 35.24 44.73
C SER D 444 -44.43 33.85 45.35
N ALA D 445 -43.47 33.58 46.21
CA ALA D 445 -43.45 32.34 46.98
C ALA D 445 -44.76 32.07 47.70
N LYS D 446 -45.37 33.10 48.27
CA LYS D 446 -46.60 32.88 49.04
C LYS D 446 -47.75 32.48 48.13
N ASP D 447 -47.83 33.09 46.96
CA ASP D 447 -48.88 32.75 46.01
C ASP D 447 -48.67 31.36 45.43
N ALA D 448 -47.42 30.91 45.39
CA ALA D 448 -47.10 29.60 44.83
C ALA D 448 -47.23 28.52 45.89
N GLY D 449 -47.54 28.92 47.11
CA GLY D 449 -47.81 27.96 48.18
C GLY D 449 -46.59 27.52 48.95
N PHE D 450 -45.49 28.23 48.79
CA PHE D 450 -44.29 27.93 49.53
C PHE D 450 -44.13 28.89 50.70
N SER D 451 -43.42 28.44 51.72
CA SER D 451 -43.13 29.28 52.87
C SER D 451 -41.96 30.17 52.58
N SER D 452 -41.98 31.33 53.20
CA SER D 452 -40.86 32.24 53.16
C SER D 452 -40.72 32.80 54.56
N PRO D 453 -39.54 33.37 54.89
CA PRO D 453 -39.41 34.09 56.15
C PRO D 453 -40.36 35.28 56.22
N ASP D 454 -40.72 35.71 57.44
CA ASP D 454 -41.62 36.84 57.59
C ASP D 454 -40.90 38.16 57.28
N GLY D 455 -41.60 39.03 56.58
CA GLY D 455 -41.02 40.27 56.11
C GLY D 455 -40.53 40.15 54.68
N SER D 456 -40.16 38.93 54.30
CA SER D 456 -39.63 38.67 52.98
C SER D 456 -40.66 37.96 52.10
N ASP D 457 -40.73 38.34 50.84
CA ASP D 457 -41.50 37.58 49.87
C ASP D 457 -40.68 37.39 48.61
N PRO D 458 -39.92 36.30 48.56
CA PRO D 458 -39.12 36.00 47.37
C PRO D 458 -39.97 35.77 46.13
N LYS D 459 -39.32 36.03 45.01
CA LYS D 459 -39.91 35.98 43.71
C LYS D 459 -39.49 34.68 43.05
N LEU D 460 -40.44 33.85 42.62
CA LEU D 460 -40.05 32.58 41.99
C LEU D 460 -40.43 32.47 40.51
N ASN D 461 -39.53 31.90 39.72
CA ASN D 461 -39.85 31.59 38.35
C ASN D 461 -40.24 30.13 38.20
N LEU D 462 -41.51 29.88 37.90
CA LEU D 462 -42.07 28.55 37.94
C LEU D 462 -41.32 27.58 37.02
N GLY D 463 -41.13 27.99 35.76
CA GLY D 463 -40.42 27.19 34.80
C GLY D 463 -38.97 27.00 35.18
N GLY D 464 -38.37 28.05 35.75
CA GLY D 464 -37.01 27.98 36.25
C GLY D 464 -36.84 26.94 37.34
N LEU D 465 -37.70 26.99 38.33
CA LEU D 465 -37.65 26.02 39.43
C LEU D 465 -37.83 24.59 38.91
N LEU D 466 -38.75 24.41 37.97
CA LEU D 466 -39.10 23.08 37.47
C LEU D 466 -37.95 22.43 36.69
N LEU D 467 -37.28 23.19 35.83
CA LEU D 467 -36.11 22.68 35.12
C LEU D 467 -35.04 22.25 36.12
N GLN D 468 -34.90 23.01 37.20
CA GLN D 468 -33.93 22.65 38.22
C GLN D 468 -34.31 21.34 38.91
N ALA D 469 -35.59 21.14 39.16
CA ALA D 469 -36.03 19.89 39.76
C ALA D 469 -35.86 18.70 38.79
N LEU D 470 -36.22 18.89 37.52
CA LEU D 470 -36.08 17.81 36.55
C LEU D 470 -34.63 17.32 36.42
N LEU D 471 -33.68 18.23 36.52
CA LEU D 471 -32.29 17.89 36.35
C LEU D 471 -31.50 17.83 37.67
N GLU D 472 -32.21 17.77 38.78
CA GLU D 472 -31.61 17.82 40.12
C GLU D 472 -30.49 16.81 40.37
N TYR D 473 -30.57 15.65 39.73
CA TYR D 473 -29.55 14.60 39.90
C TYR D 473 -28.34 14.76 38.99
N TRP D 474 -28.39 15.72 38.07
CA TRP D 474 -27.28 15.91 37.14
C TRP D 474 -26.15 16.65 37.86
N PRO D 475 -24.99 16.00 38.04
CA PRO D 475 -23.98 16.62 38.92
C PRO D 475 -23.46 17.94 38.37
N ARG D 476 -23.48 18.10 37.05
CA ARG D 476 -23.14 19.38 36.45
C ARG D 476 -24.03 20.54 36.98
N THR D 477 -25.24 20.25 37.45
CA THR D 477 -26.08 21.31 38.01
C THR D 477 -25.77 21.62 39.50
N HIS D 478 -24.89 20.85 40.13
CA HIS D 478 -24.59 21.03 41.57
C HIS D 478 -23.60 22.18 41.78
N VAL D 479 -24.07 23.38 41.49
CA VAL D 479 -23.23 24.54 41.43
C VAL D 479 -23.49 25.50 42.57
N ASN D 480 -22.41 25.97 43.19
CA ASN D 480 -22.51 26.99 44.22
C ASN D 480 -22.39 28.33 43.53
N PRO D 481 -23.46 29.12 43.55
CA PRO D 481 -23.41 30.44 42.92
C PRO D 481 -22.98 31.50 43.94
N MET D 482 -22.09 32.39 43.53
CA MET D 482 -21.57 33.43 44.42
C MET D 482 -22.35 34.74 44.26
N VAL D 500 -22.33 23.95 46.46
CA VAL D 500 -22.81 22.84 45.67
C VAL D 500 -24.33 22.66 45.81
N GLN D 501 -25.07 23.76 45.74
CA GLN D 501 -26.52 23.74 45.99
C GLN D 501 -27.21 22.80 45.01
N LYS D 502 -28.16 22.02 45.53
CA LYS D 502 -28.73 20.92 44.78
C LYS D 502 -30.24 21.12 44.66
N GLY D 503 -30.77 21.02 43.46
CA GLY D 503 -32.20 21.23 43.26
C GLY D 503 -32.55 22.70 43.31
N ASN D 504 -33.83 23.00 43.52
CA ASN D 504 -34.28 24.37 43.40
C ASN D 504 -34.60 25.04 44.74
N GLY D 505 -34.44 24.28 45.83
CA GLY D 505 -34.60 24.82 47.16
C GLY D 505 -36.01 24.88 47.69
N TYR D 506 -36.99 24.46 46.90
CA TYR D 506 -38.40 24.55 47.31
C TYR D 506 -39.15 23.23 47.16
N PHE D 507 -38.78 22.42 46.17
CA PHE D 507 -39.50 21.17 45.92
C PHE D 507 -38.74 20.22 45.01
N GLN D 508 -39.07 18.94 45.13
CA GLN D 508 -38.62 17.90 44.20
C GLN D 508 -39.77 17.29 43.43
N VAL D 509 -39.56 16.96 42.16
CA VAL D 509 -40.51 16.09 41.45
C VAL D 509 -40.25 14.63 41.90
N PRO D 510 -41.23 13.74 41.71
CA PRO D 510 -40.95 12.33 42.05
C PRO D 510 -39.79 11.76 41.25
N PRO D 511 -38.92 11.00 41.90
CA PRO D 511 -37.66 10.56 41.29
C PRO D 511 -37.87 9.72 40.02
N HIS D 512 -39.00 9.03 39.90
CA HIS D 512 -39.24 8.23 38.69
C HIS D 512 -39.77 9.07 37.50
N THR D 513 -39.86 10.39 37.64
CA THR D 513 -40.43 11.23 36.57
C THR D 513 -39.61 11.13 35.30
N PRO D 514 -40.21 10.65 34.22
CA PRO D 514 -39.46 10.63 32.97
C PRO D 514 -39.21 12.05 32.45
N VAL D 515 -37.98 12.31 32.04
CA VAL D 515 -37.57 13.62 31.57
C VAL D 515 -37.09 13.49 30.11
N ILE D 516 -37.71 14.27 29.23
CA ILE D 516 -37.57 14.09 27.79
C ILE D 516 -37.05 15.33 27.02
N PHE D 517 -36.03 15.13 26.21
CA PHE D 517 -35.53 16.16 25.32
C PHE D 517 -35.88 15.80 23.87
N GLY D 518 -36.57 16.71 23.20
CA GLY D 518 -36.99 16.44 21.85
C GLY D 518 -37.14 17.69 21.01
N GLU D 519 -37.18 17.50 19.71
CA GLU D 519 -37.42 18.61 18.79
C GLU D 519 -38.93 18.77 18.63
N ALA D 520 -39.36 20.01 18.41
CA ALA D 520 -40.78 20.25 18.19
C ALA D 520 -41.21 19.47 16.95
N GLY D 521 -42.37 18.86 17.02
CA GLY D 521 -42.77 17.92 15.99
C GLY D 521 -41.96 16.63 16.04
N GLY D 522 -42.28 15.78 17.01
CA GLY D 522 -41.89 14.39 16.94
C GLY D 522 -40.59 13.91 17.56
N ARG D 523 -39.46 14.22 16.95
CA ARG D 523 -38.22 13.52 17.24
C ARG D 523 -37.67 13.62 18.69
N THR D 524 -37.81 12.55 19.45
CA THR D 524 -37.19 12.47 20.77
C THR D 524 -35.68 12.30 20.61
N LEU D 525 -34.91 13.12 21.30
CA LEU D 525 -33.46 13.07 21.27
C LEU D 525 -32.85 12.26 22.42
N PHE D 526 -33.46 12.35 23.59
CA PHE D 526 -32.96 11.63 24.75
C PHE D 526 -34.03 11.60 25.81
N ARG D 527 -34.18 10.52 26.52
CA ARG D 527 -35.05 10.45 27.67
C ARG D 527 -34.48 9.61 28.75
N LEU D 528 -34.82 9.97 29.97
CA LEU D 528 -34.24 9.33 31.14
C LEU D 528 -35.15 9.62 32.32
N LEU D 529 -34.96 8.90 33.41
CA LEU D 529 -35.77 9.14 34.59
C LEU D 529 -35.04 10.16 35.41
N CYS D 530 -35.77 11.04 36.08
CA CYS D 530 -35.19 12.09 36.90
C CYS D 530 -34.03 11.55 37.77
N ARG D 531 -34.25 10.48 38.53
CA ARG D 531 -33.23 9.91 39.40
C ARG D 531 -31.99 9.34 38.68
N ASP D 532 -32.02 9.24 37.35
CA ASP D 532 -30.90 8.59 36.68
C ASP D 532 -29.82 9.56 36.19
N SER D 533 -30.04 10.86 36.36
CA SER D 533 -29.14 11.85 35.75
C SER D 533 -27.67 11.77 36.20
N GLY D 534 -27.42 11.14 37.35
CA GLY D 534 -26.07 11.01 37.90
C GLY D 534 -25.28 9.82 37.36
N GLY D 535 -25.89 9.01 36.52
CA GLY D 535 -25.19 7.92 35.85
C GLY D 535 -24.18 8.45 34.84
N GLU D 536 -23.12 7.69 34.61
CA GLU D 536 -22.06 8.11 33.69
C GLU D 536 -22.55 8.33 32.25
N THR D 537 -23.29 7.36 31.74
CA THR D 537 -23.81 7.46 30.39
C THR D 537 -24.85 8.58 30.31
N GLU D 538 -25.78 8.59 31.25
CA GLU D 538 -26.81 9.62 31.26
C GLU D 538 -26.20 11.00 31.29
N SER D 539 -25.16 11.18 32.11
CA SER D 539 -24.49 12.48 32.20
C SER D 539 -23.87 12.89 30.89
N MET D 540 -23.19 11.96 30.24
CA MET D 540 -22.63 12.22 28.91
C MET D 540 -23.73 12.58 27.92
N LEU D 541 -24.81 11.81 27.92
CA LEU D 541 -25.91 12.09 26.99
C LEU D 541 -26.59 13.43 27.27
N LEU D 542 -26.74 13.78 28.54
CA LEU D 542 -27.29 15.08 28.90
C LEU D 542 -26.33 16.19 28.43
N ASN D 543 -25.03 15.98 28.55
CA ASN D 543 -24.07 16.95 28.04
C ASN D 543 -24.24 17.24 26.57
N GLU D 544 -24.56 16.20 25.81
CA GLU D 544 -24.75 16.30 24.38
C GLU D 544 -26.10 16.87 24.00
N THR D 545 -27.09 16.69 24.87
CA THR D 545 -28.44 16.97 24.44
C THR D 545 -29.10 18.17 25.12
N VAL D 546 -28.88 18.45 26.42
CA VAL D 546 -29.67 19.54 26.97
C VAL D 546 -29.15 20.86 26.34
N PRO D 547 -30.09 21.69 25.91
CA PRO D 547 -29.88 22.94 25.17
C PRO D 547 -29.42 24.06 26.07
N GLN D 548 -28.76 25.04 25.47
CA GLN D 548 -28.15 26.12 26.20
C GLN D 548 -29.18 26.90 27.03
N TRP D 549 -30.39 27.06 26.52
CA TRP D 549 -31.38 27.84 27.27
C TRP D 549 -31.77 27.17 28.60
N VAL D 550 -31.62 25.84 28.66
CA VAL D 550 -31.83 25.11 29.90
C VAL D 550 -30.60 25.20 30.78
N ILE D 551 -29.45 25.10 30.14
CA ILE D 551 -28.19 25.13 30.84
C ILE D 551 -27.96 26.43 31.61
N ASP D 552 -28.32 27.58 31.08
CA ASP D 552 -27.96 28.77 31.84
C ASP D 552 -28.85 28.98 33.06
N ILE D 553 -29.97 28.27 33.14
CA ILE D 553 -30.76 28.23 34.37
C ILE D 553 -30.26 27.16 35.35
N THR D 554 -30.07 25.93 34.86
CA THR D 554 -29.80 24.81 35.75
C THR D 554 -28.33 24.66 36.11
N VAL D 555 -27.44 25.19 35.26
CA VAL D 555 -26.02 25.05 35.49
C VAL D 555 -25.36 26.38 35.86
N ASP D 556 -25.55 27.37 34.99
CA ASP D 556 -25.01 28.69 35.24
C ASP D 556 -25.72 29.35 36.39
N LYS D 557 -26.95 28.90 36.67
CA LYS D 557 -27.77 29.45 37.76
C LYS D 557 -28.08 30.93 37.53
N ASN D 558 -28.19 31.31 36.28
CA ASN D 558 -28.62 32.65 35.93
C ASN D 558 -30.12 32.79 36.09
N MET D 559 -30.56 33.99 36.44
CA MET D 559 -31.99 34.24 36.53
C MET D 559 -32.56 34.63 35.17
N PRO D 560 -33.75 34.11 34.86
CA PRO D 560 -34.46 34.58 33.68
C PRO D 560 -34.79 36.08 33.80
N LYS D 561 -35.09 36.67 32.66
CA LYS D 561 -35.53 38.05 32.58
C LYS D 561 -36.86 38.26 33.30
N PHE D 562 -36.97 39.39 34.02
CA PHE D 562 -38.23 39.83 34.62
C PHE D 562 -39.13 40.46 33.58
N ASN D 563 -40.38 40.71 33.95
CA ASN D 563 -41.35 41.37 33.06
C ASN D 563 -42.08 42.56 33.68
N LYS D 564 -41.93 43.73 33.07
CA LYS D 564 -42.56 44.95 33.54
C LYS D 564 -43.79 45.33 32.73
N ILE D 565 -44.73 46.01 33.35
CA ILE D 565 -45.93 46.50 32.67
C ILE D 565 -45.93 48.02 32.71
N PRO D 566 -46.13 48.68 31.55
CA PRO D 566 -46.32 50.12 31.60
C PRO D 566 -47.76 50.46 31.94
N PHE D 567 -47.97 51.53 32.70
CA PHE D 567 -49.33 51.92 33.02
C PHE D 567 -49.42 53.41 33.35
N TYR D 568 -50.59 53.98 33.12
CA TYR D 568 -50.85 55.35 33.55
C TYR D 568 -51.44 55.38 34.95
N LEU D 569 -51.07 56.40 35.70
CA LEU D 569 -51.63 56.65 37.02
C LEU D 569 -52.12 58.09 37.07
N GLN D 570 -53.42 58.24 37.25
CA GLN D 570 -54.06 59.56 37.21
C GLN D 570 -55.08 59.67 38.32
N PRO D 571 -55.29 60.88 38.83
CA PRO D 571 -56.33 61.04 39.85
C PRO D 571 -57.69 60.66 39.29
N HIS D 572 -58.50 59.99 40.12
CA HIS D 572 -59.89 59.74 39.78
C HIS D 572 -60.63 61.06 39.65
N ALA D 573 -61.66 61.10 38.81
CA ALA D 573 -62.48 62.29 38.63
C ALA D 573 -63.00 62.88 39.95
N LYS D 581 -53.96 64.81 33.97
CA LYS D 581 -52.85 64.52 34.88
C LYS D 581 -52.46 63.03 34.89
N LYS D 582 -52.08 62.50 33.74
CA LYS D 582 -51.67 61.09 33.65
C LYS D 582 -50.16 60.89 33.71
N ASP D 583 -49.69 60.22 34.76
CA ASP D 583 -48.28 59.84 34.84
C ASP D 583 -48.02 58.61 34.03
N ARG D 584 -46.79 58.48 33.53
CA ARG D 584 -46.37 57.27 32.86
C ARG D 584 -45.45 56.45 33.77
N LEU D 585 -45.93 55.29 34.21
CA LEU D 585 -45.09 54.43 35.02
C LEU D 585 -44.91 53.03 34.45
N SER D 586 -44.09 52.25 35.14
CA SER D 586 -43.96 50.84 34.89
C SER D 586 -43.50 50.12 36.16
N ALA D 587 -43.89 48.86 36.28
CA ALA D 587 -43.53 48.09 37.44
C ALA D 587 -43.58 46.63 37.06
N SER D 588 -42.92 45.81 37.88
CA SER D 588 -43.08 44.38 37.84
C SER D 588 -44.53 43.97 37.52
N ASP D 589 -44.70 43.04 36.60
CA ASP D 589 -46.01 42.51 36.28
C ASP D 589 -46.63 41.86 37.52
N MET D 590 -45.78 41.46 38.47
CA MET D 590 -46.22 40.85 39.72
C MET D 590 -46.54 41.83 40.83
N LEU D 591 -46.21 43.10 40.65
CA LEU D 591 -46.40 44.09 41.70
C LEU D 591 -47.84 44.14 42.18
N GLN D 592 -48.02 44.20 43.49
CA GLN D 592 -49.36 44.25 44.05
C GLN D 592 -49.89 45.68 44.06
N VAL D 593 -51.20 45.81 43.91
CA VAL D 593 -51.87 47.11 43.88
C VAL D 593 -51.47 47.97 45.08
N ARG D 594 -51.31 47.31 46.22
CA ARG D 594 -50.85 47.95 47.44
C ARG D 594 -49.60 48.82 47.26
N LYS D 595 -48.63 48.34 46.49
CA LYS D 595 -47.40 49.09 46.30
C LYS D 595 -47.64 50.38 45.51
N VAL D 596 -48.62 50.36 44.61
CA VAL D 596 -48.98 51.56 43.89
C VAL D 596 -49.73 52.52 44.82
N MET D 597 -50.51 51.93 45.72
CA MET D 597 -51.18 52.68 46.78
C MET D 597 -50.16 53.40 47.66
N GLU D 598 -49.10 52.71 48.07
CA GLU D 598 -48.02 53.35 48.81
C GLU D 598 -47.31 54.45 48.02
N HIS D 599 -47.25 54.30 46.70
CA HIS D 599 -46.55 55.26 45.85
C HIS D 599 -47.28 56.58 45.82
N VAL D 600 -48.60 56.51 45.65
CA VAL D 600 -49.45 57.68 45.64
C VAL D 600 -49.35 58.42 46.96
N TYR D 601 -49.27 57.65 48.05
CA TYR D 601 -49.23 58.22 49.39
C TYR D 601 -48.02 59.14 49.54
N GLU D 602 -46.83 58.61 49.24
CA GLU D 602 -45.61 59.41 49.33
C GLU D 602 -45.61 60.52 48.30
N LYS D 603 -46.29 60.29 47.18
CA LYS D 603 -46.41 61.27 46.12
C LYS D 603 -47.11 62.54 46.59
N ILE D 604 -48.15 62.38 47.40
CA ILE D 604 -48.91 63.54 47.86
C ILE D 604 -48.57 63.93 49.29
N ILE D 605 -47.40 63.49 49.75
CA ILE D 605 -46.76 63.98 50.98
C ILE D 605 -45.34 64.44 50.67
N ASP D 630 -46.00 53.69 60.06
CA ASP D 630 -45.87 52.59 59.09
C ASP D 630 -46.51 52.96 57.76
N ILE D 631 -45.66 53.18 56.76
CA ILE D 631 -46.09 53.63 55.44
C ILE D 631 -47.11 52.69 54.78
N ALA D 632 -46.90 51.38 54.91
CA ALA D 632 -47.79 50.40 54.31
C ALA D 632 -49.20 50.49 54.87
N VAL D 633 -49.30 50.54 56.19
CA VAL D 633 -50.59 50.64 56.86
C VAL D 633 -51.35 51.89 56.46
N LEU D 634 -50.67 53.04 56.52
CA LEU D 634 -51.28 54.32 56.21
C LEU D 634 -51.87 54.36 54.81
N ALA D 635 -51.09 53.89 53.84
CA ALA D 635 -51.49 53.95 52.44
C ALA D 635 -52.82 53.24 52.20
N GLU D 636 -52.97 52.05 52.78
CA GLU D 636 -54.19 51.26 52.62
C GLU D 636 -55.41 51.99 53.19
N GLU D 637 -55.20 52.75 54.26
CA GLU D 637 -56.25 53.57 54.86
C GLU D 637 -56.69 54.75 54.00
N LYS D 638 -55.73 55.45 53.41
CA LYS D 638 -56.00 56.75 52.80
C LYS D 638 -56.21 56.73 51.30
N ILE D 639 -55.66 55.72 50.62
CA ILE D 639 -55.70 55.69 49.16
C ILE D 639 -56.51 54.52 48.63
N GLU D 640 -57.45 54.84 47.78
CA GLU D 640 -58.19 53.84 47.04
C GLU D 640 -57.70 53.86 45.61
N LEU D 641 -57.48 52.67 45.04
CA LEU D 641 -57.14 52.53 43.63
C LEU D 641 -58.30 51.94 42.86
N LEU D 642 -58.52 52.45 41.66
CA LEU D 642 -59.56 51.92 40.80
C LEU D 642 -59.07 51.66 39.38
N CYS D 643 -59.77 50.78 38.68
CA CYS D 643 -59.51 50.56 37.28
C CYS D 643 -60.84 50.32 36.61
N GLN D 644 -61.11 51.08 35.56
CA GLN D 644 -62.41 51.14 34.93
C GLN D 644 -63.53 51.27 35.98
N ASP D 645 -63.30 52.17 36.92
CA ASP D 645 -64.19 52.47 38.04
C ASP D 645 -64.63 51.27 38.90
N GLN D 646 -63.89 50.17 38.84
CA GLN D 646 -63.98 49.17 39.90
C GLN D 646 -62.92 49.46 40.95
N VAL D 647 -63.29 49.40 42.22
CA VAL D 647 -62.31 49.46 43.29
C VAL D 647 -61.46 48.20 43.23
N LEU D 648 -60.17 48.33 43.54
CA LEU D 648 -59.22 47.23 43.42
C LEU D 648 -58.76 46.71 44.76
N ASP D 649 -58.62 45.40 44.84
CA ASP D 649 -58.07 44.74 46.01
C ASP D 649 -56.56 44.97 46.06
N PRO D 650 -56.05 45.48 47.19
CA PRO D 650 -54.62 45.74 47.35
C PRO D 650 -53.75 44.51 47.22
N ASN D 651 -54.34 43.32 47.29
CA ASN D 651 -53.57 42.08 47.15
C ASN D 651 -53.45 41.65 45.69
N MET D 652 -54.28 42.22 44.81
CA MET D 652 -54.26 41.88 43.39
C MET D 652 -53.05 42.53 42.68
N ASP D 653 -52.38 41.77 41.81
CA ASP D 653 -51.25 42.35 41.08
C ASP D 653 -51.68 42.98 39.75
N LEU D 654 -50.77 43.75 39.16
CA LEU D 654 -51.05 44.56 37.98
C LEU D 654 -51.45 43.71 36.78
N ARG D 655 -50.75 42.60 36.56
CA ARG D 655 -51.09 41.74 35.44
C ARG D 655 -52.49 41.15 35.63
N THR D 656 -52.90 40.84 36.85
CA THR D 656 -54.25 40.32 37.08
C THR D 656 -55.31 41.40 36.84
N VAL D 657 -55.09 42.58 37.41
CA VAL D 657 -55.93 43.74 37.12
C VAL D 657 -56.05 43.95 35.61
N LYS D 658 -54.92 43.99 34.91
CA LYS D 658 -54.95 44.19 33.46
C LYS D 658 -55.70 43.09 32.72
N HIS D 659 -55.53 41.85 33.16
CA HIS D 659 -56.20 40.73 32.49
C HIS D 659 -57.72 40.67 32.70
N PHE D 660 -58.19 40.96 33.92
CA PHE D 660 -59.61 40.76 34.23
C PHE D 660 -60.46 42.02 34.23
N ILE D 661 -59.85 43.13 34.61
CA ILE D 661 -60.62 44.32 34.92
C ILE D 661 -60.48 45.36 33.80
N TRP D 662 -59.29 45.45 33.23
CA TRP D 662 -59.00 46.41 32.18
C TRP D 662 -59.48 45.93 30.80
N LYS D 663 -60.60 46.45 30.34
CA LYS D 663 -61.08 46.14 28.99
C LYS D 663 -60.99 47.39 28.13
N SER D 664 -59.80 47.69 27.65
CA SER D 664 -59.61 48.88 26.82
C SER D 664 -58.40 48.78 25.92
N GLY D 665 -58.34 49.70 24.97
CA GLY D 665 -57.20 49.80 24.08
C GLY D 665 -56.11 50.56 24.77
N GLY D 666 -54.86 50.17 24.53
CA GLY D 666 -53.72 50.84 25.11
C GLY D 666 -53.33 50.30 26.46
N ASP D 667 -52.41 51.00 27.12
CA ASP D 667 -51.86 50.59 28.38
C ASP D 667 -52.88 50.60 29.49
N LEU D 668 -52.62 49.77 30.49
CA LEU D 668 -53.34 49.80 31.75
C LEU D 668 -53.42 51.21 32.31
N THR D 669 -54.60 51.62 32.77
CA THR D 669 -54.77 52.92 33.41
C THR D 669 -55.37 52.76 34.78
N LEU D 670 -54.73 53.34 35.79
CA LEU D 670 -55.21 53.27 37.17
C LEU D 670 -55.57 54.67 37.68
N HIS D 671 -56.67 54.75 38.42
CA HIS D 671 -57.08 55.98 39.06
C HIS D 671 -56.87 55.87 40.56
N TYR D 672 -56.32 56.92 41.17
CA TYR D 672 -56.29 56.96 42.62
C TYR D 672 -57.31 57.99 43.09
N ARG D 673 -57.80 57.81 44.30
CA ARG D 673 -58.70 58.76 44.92
C ARG D 673 -58.47 58.67 46.42
N GLN D 674 -58.73 59.75 47.12
CA GLN D 674 -58.38 59.79 48.54
C GLN D 674 -59.59 59.54 49.44
N LYS D 675 -59.30 59.11 50.66
CA LYS D 675 -60.29 58.72 51.69
C LYS D 675 -60.91 57.39 51.36
N PHE E 5 -23.59 6.50 11.03
CA PHE E 5 -22.22 6.37 10.54
C PHE E 5 -22.15 6.41 9.01
N GLY E 6 -23.18 5.89 8.34
CA GLY E 6 -23.20 5.82 6.89
C GLY E 6 -23.56 4.45 6.31
N ASN E 7 -23.69 4.39 5.00
CA ASN E 7 -24.14 3.18 4.30
C ASN E 7 -23.03 2.13 4.14
N THR E 8 -23.36 0.89 4.48
CA THR E 8 -22.40 -0.22 4.52
C THR E 8 -21.74 -0.52 3.18
N CYS E 9 -22.56 -0.65 2.15
CA CYS E 9 -22.06 -0.95 0.83
C CYS E 9 -21.22 0.20 0.29
N TYR E 10 -21.59 1.43 0.64
CA TYR E 10 -20.85 2.61 0.23
C TYR E 10 -19.44 2.62 0.79
N CYS E 11 -19.32 2.38 2.08
CA CYS E 11 -18.03 2.46 2.74
C CYS E 11 -17.11 1.37 2.21
N ASN E 12 -17.61 0.14 2.11
CA ASN E 12 -16.80 -0.99 1.62
C ASN E 12 -16.43 -0.90 0.14
N SER E 13 -17.26 -0.26 -0.67
CA SER E 13 -16.90 -0.06 -2.07
C SER E 13 -15.77 0.95 -2.20
N VAL E 14 -15.75 1.93 -1.30
CA VAL E 14 -14.69 2.93 -1.30
C VAL E 14 -13.36 2.24 -0.95
N LEU E 15 -13.41 1.32 0.01
CA LEU E 15 -12.24 0.54 0.44
C LEU E 15 -11.71 -0.32 -0.69
N GLN E 16 -12.60 -0.97 -1.42
CA GLN E 16 -12.18 -1.78 -2.57
C GLN E 16 -11.66 -0.91 -3.70
N ALA E 17 -12.29 0.24 -3.90
CA ALA E 17 -11.79 1.18 -4.89
C ALA E 17 -10.36 1.58 -4.52
N LEU E 18 -10.14 1.90 -3.24
CA LEU E 18 -8.85 2.34 -2.76
C LEU E 18 -7.78 1.25 -2.86
N TYR E 19 -8.17 0.01 -2.65
CA TYR E 19 -7.25 -1.12 -2.82
C TYR E 19 -6.71 -1.15 -4.25
N PHE E 20 -7.52 -0.73 -5.20
CA PHE E 20 -7.11 -0.77 -6.61
C PHE E 20 -6.57 0.57 -7.08
N CYS E 21 -6.24 1.43 -6.13
CA CYS E 21 -5.32 2.52 -6.40
C CYS E 21 -3.93 2.01 -6.05
N ARG E 22 -3.24 1.45 -7.04
CA ARG E 22 -2.00 0.70 -6.80
C ARG E 22 -0.96 1.45 -5.94
N PRO E 23 -0.72 2.74 -6.22
CA PRO E 23 0.21 3.46 -5.35
C PRO E 23 -0.21 3.55 -3.90
N PHE E 24 -1.52 3.47 -3.63
CA PHE E 24 -2.03 3.58 -2.28
C PHE E 24 -2.02 2.24 -1.58
N ARG E 25 -2.33 1.19 -2.34
CA ARG E 25 -2.29 -0.17 -1.84
C ARG E 25 -0.90 -0.50 -1.30
N GLU E 26 0.11 -0.30 -2.15
CA GLU E 26 1.48 -0.62 -1.80
C GLU E 26 1.96 0.09 -0.53
N LYS E 27 1.59 1.36 -0.38
CA LYS E 27 2.08 2.13 0.75
C LYS E 27 1.45 1.69 2.05
N VAL E 28 0.13 1.46 2.05
CA VAL E 28 -0.54 1.07 3.30
C VAL E 28 -0.15 -0.35 3.71
N LEU E 29 0.29 -1.15 2.75
CA LEU E 29 0.77 -2.48 3.08
C LEU E 29 2.10 -2.36 3.84
N ALA E 30 3.01 -1.54 3.31
CA ALA E 30 4.36 -1.41 3.85
C ALA E 30 4.43 -0.76 5.23
N TYR E 31 3.39 -0.01 5.60
CA TYR E 31 3.36 0.66 6.90
C TYR E 31 3.19 -0.35 8.04
N SER E 40 -3.17 4.13 13.69
CA SER E 40 -3.85 2.96 14.22
C SER E 40 -5.04 2.64 13.32
N LEU E 41 -5.80 3.68 12.99
CA LEU E 41 -6.83 3.55 11.97
C LEU E 41 -6.16 3.15 10.67
N LEU E 42 -4.95 3.63 10.47
CA LEU E 42 -4.16 3.27 9.30
C LEU E 42 -3.68 1.82 9.43
N THR E 43 -3.69 1.27 10.63
CA THR E 43 -3.29 -0.12 10.79
C THR E 43 -4.47 -1.03 10.52
N CYS E 44 -5.67 -0.53 10.80
CA CYS E 44 -6.89 -1.26 10.43
C CYS E 44 -6.93 -1.44 8.93
N LEU E 45 -6.66 -0.35 8.22
CA LEU E 45 -6.65 -0.38 6.76
C LEU E 45 -5.56 -1.32 6.27
N ALA E 46 -4.39 -1.23 6.88
CA ALA E 46 -3.26 -2.09 6.55
C ALA E 46 -3.62 -3.56 6.71
N ASP E 47 -4.08 -3.91 7.92
CA ASP E 47 -4.51 -5.28 8.22
C ASP E 47 -5.49 -5.81 7.20
N LEU E 48 -6.49 -4.97 6.89
CA LEU E 48 -7.56 -5.33 6.00
C LEU E 48 -7.09 -5.48 4.55
N PHE E 49 -6.22 -4.59 4.12
CA PHE E 49 -5.63 -4.67 2.78
C PHE E 49 -4.75 -5.91 2.64
N HIS E 50 -3.98 -6.24 3.67
CA HIS E 50 -3.09 -7.41 3.64
C HIS E 50 -3.87 -8.70 3.79
N SER E 51 -5.09 -8.61 4.33
CA SER E 51 -5.96 -9.76 4.41
C SER E 51 -6.39 -10.17 3.01
N ILE E 52 -6.44 -9.17 2.12
CA ILE E 52 -6.85 -9.39 0.74
C ILE E 52 -5.66 -9.75 -0.14
N PRO E 63 -13.55 -4.93 10.85
CA PRO E 63 -13.75 -3.64 10.15
C PRO E 63 -14.91 -2.77 10.60
N PRO E 64 -15.54 -3.05 11.78
CA PRO E 64 -16.42 -1.92 12.15
C PRO E 64 -15.61 -0.85 12.93
N LYS E 65 -14.45 -1.24 13.49
CA LYS E 65 -13.58 -0.24 14.11
C LYS E 65 -12.98 0.65 13.03
N LYS E 66 -12.74 0.02 11.87
CA LYS E 66 -12.26 0.72 10.69
C LYS E 66 -13.20 1.89 10.34
N PHE E 67 -14.47 1.78 10.75
CA PHE E 67 -15.44 2.86 10.61
C PHE E 67 -15.48 3.73 11.86
N HIS E 87 -17.78 14.74 7.63
CA HIS E 87 -17.64 14.57 6.19
C HIS E 87 -18.10 13.20 5.68
N GLU E 88 -18.01 13.03 4.37
CA GLU E 88 -18.30 11.77 3.69
C GLU E 88 -17.10 10.81 3.82
N PHE E 89 -17.32 9.50 3.67
CA PHE E 89 -16.31 8.51 4.06
C PHE E 89 -14.94 8.60 3.38
N LEU E 90 -14.88 8.85 2.07
CA LEU E 90 -13.60 8.90 1.38
C LEU E 90 -12.74 10.08 1.84
N ASN E 91 -13.37 11.25 1.96
CA ASN E 91 -12.67 12.43 2.45
C ASN E 91 -12.24 12.23 3.90
N TYR E 92 -13.09 11.57 4.68
CA TYR E 92 -12.75 11.22 6.06
C TYR E 92 -11.57 10.26 6.14
N LEU E 93 -11.62 9.19 5.35
CA LEU E 93 -10.58 8.18 5.37
C LEU E 93 -9.24 8.75 4.95
N LEU E 94 -9.19 9.40 3.79
CA LEU E 94 -7.94 9.98 3.29
C LEU E 94 -7.34 11.01 4.24
N ASN E 95 -8.18 11.87 4.82
CA ASN E 95 -7.70 12.88 5.75
C ASN E 95 -7.16 12.28 7.05
N THR E 96 -7.96 11.41 7.66
CA THR E 96 -7.53 10.73 8.88
C THR E 96 -6.16 10.08 8.72
N ILE E 97 -5.92 9.47 7.57
CA ILE E 97 -4.62 8.84 7.28
C ILE E 97 -3.53 9.90 7.10
N ALA E 98 -3.90 11.03 6.51
CA ALA E 98 -2.97 12.13 6.29
C ALA E 98 -2.63 12.81 7.61
N ASP E 99 -3.60 12.84 8.52
CA ASP E 99 -3.38 13.36 9.86
C ASP E 99 -2.40 12.47 10.61
N ILE E 100 -2.67 11.17 10.60
CA ILE E 100 -1.86 10.22 11.33
C ILE E 100 -0.43 10.21 10.83
N LEU E 101 -0.25 10.28 9.51
CA LEU E 101 1.09 10.39 8.95
C LEU E 101 1.72 11.75 9.20
N GLN E 102 0.90 12.72 9.60
CA GLN E 102 1.42 14.05 9.91
C GLN E 102 1.99 14.09 11.32
N GLU E 103 1.17 13.75 12.30
CA GLU E 103 1.61 13.68 13.69
C GLU E 103 2.52 12.47 13.91
N GLU E 104 3.55 12.38 13.08
CA GLU E 104 4.49 11.26 13.08
C GLU E 104 5.62 11.52 12.09
N PRO E 130 3.38 16.74 4.33
CA PRO E 130 3.76 16.43 2.94
C PRO E 130 3.94 14.92 2.71
N THR E 131 3.08 14.14 3.36
CA THR E 131 3.19 12.68 3.42
C THR E 131 2.95 11.97 2.10
N TRP E 132 2.86 10.65 2.14
CA TRP E 132 2.68 9.87 0.92
C TRP E 132 1.20 9.79 0.50
N VAL E 133 0.29 10.09 1.42
CA VAL E 133 -1.09 10.30 1.04
C VAL E 133 -1.13 11.48 0.10
N HIS E 134 -0.55 12.58 0.55
CA HIS E 134 -0.52 13.82 -0.20
C HIS E 134 0.14 13.64 -1.57
N GLU E 135 1.19 12.84 -1.66
CA GLU E 135 1.90 12.71 -2.94
C GLU E 135 1.13 11.80 -3.89
N ILE E 136 0.16 11.08 -3.35
CA ILE E 136 -0.72 10.29 -4.20
C ILE E 136 -1.95 11.12 -4.61
N PHE E 137 -2.64 11.66 -3.63
CA PHE E 137 -3.97 12.22 -3.89
C PHE E 137 -4.05 13.75 -3.88
N GLN E 138 -3.07 14.46 -3.32
CA GLN E 138 -3.25 15.90 -3.22
C GLN E 138 -2.98 16.62 -4.53
N GLY E 139 -3.91 17.51 -4.89
CA GLY E 139 -3.74 18.43 -5.98
C GLY E 139 -4.07 19.80 -5.44
N THR E 140 -4.08 20.81 -6.30
CA THR E 140 -4.44 22.15 -5.88
C THR E 140 -5.48 22.77 -6.81
N LEU E 141 -6.53 23.33 -6.23
CA LEU E 141 -7.53 24.04 -7.01
C LEU E 141 -7.44 25.55 -6.75
N THR E 142 -8.04 26.34 -7.62
CA THR E 142 -8.16 27.79 -7.40
C THR E 142 -9.63 28.23 -7.45
N ASN E 143 -10.13 28.80 -6.36
CA ASN E 143 -11.48 29.34 -6.33
C ASN E 143 -11.48 30.84 -6.69
N GLU E 144 -12.21 31.17 -7.75
CA GLU E 144 -12.33 32.54 -8.20
C GLU E 144 -13.66 33.12 -7.80
N THR E 145 -13.63 34.35 -7.31
CA THR E 145 -14.85 35.06 -6.98
C THR E 145 -14.84 36.37 -7.71
N ARG E 146 -15.90 36.64 -8.44
CA ARG E 146 -15.99 37.88 -9.19
C ARG E 146 -17.18 38.72 -8.79
N CYS E 147 -16.91 39.86 -8.17
CA CYS E 147 -17.96 40.82 -7.84
C CYS E 147 -18.62 41.31 -9.12
N LEU E 148 -19.95 41.27 -9.19
CA LEU E 148 -20.62 41.68 -10.42
C LEU E 148 -20.79 43.20 -10.48
N THR E 149 -20.54 43.87 -9.35
CA THR E 149 -20.62 45.32 -9.30
C THR E 149 -19.30 45.98 -9.71
N CYS E 150 -18.19 45.67 -9.04
CA CYS E 150 -16.92 46.26 -9.42
C CYS E 150 -16.13 45.41 -10.43
N GLU E 151 -16.58 44.18 -10.64
CA GLU E 151 -15.94 43.22 -11.53
C GLU E 151 -14.47 42.93 -11.17
N THR E 152 -14.16 43.01 -9.87
CA THR E 152 -12.88 42.58 -9.38
C THR E 152 -12.91 41.07 -9.13
N ILE E 153 -11.81 40.42 -9.46
CA ILE E 153 -11.63 38.98 -9.27
C ILE E 153 -10.65 38.69 -8.16
N SER E 154 -11.09 38.03 -7.10
CA SER E 154 -10.13 37.58 -6.09
C SER E 154 -10.05 36.06 -6.10
N SER E 155 -8.83 35.54 -6.13
CA SER E 155 -8.59 34.11 -6.19
C SER E 155 -8.01 33.61 -4.89
N LYS E 156 -8.49 32.45 -4.43
CA LYS E 156 -7.84 31.78 -3.32
C LYS E 156 -7.59 30.32 -3.66
N ASP E 157 -6.35 29.87 -3.45
CA ASP E 157 -5.99 28.49 -3.72
C ASP E 157 -6.37 27.59 -2.56
N GLU E 158 -6.62 26.33 -2.86
CA GLU E 158 -6.86 25.32 -1.83
C GLU E 158 -6.23 23.98 -2.24
N ASP E 159 -5.72 23.26 -1.25
CA ASP E 159 -5.31 21.88 -1.48
C ASP E 159 -6.56 20.99 -1.40
N PHE E 160 -6.56 19.90 -2.16
CA PHE E 160 -7.62 18.90 -2.07
C PHE E 160 -7.06 17.49 -2.12
N LEU E 161 -7.74 16.56 -1.45
CA LEU E 161 -7.35 15.16 -1.51
C LEU E 161 -8.32 14.43 -2.42
N ASP E 162 -9.57 14.88 -2.40
CA ASP E 162 -10.56 14.44 -3.36
C ASP E 162 -11.31 15.67 -3.84
N LEU E 163 -11.87 15.59 -5.04
CA LEU E 163 -12.42 16.76 -5.69
C LEU E 163 -13.89 16.57 -6.00
N SER E 164 -14.69 17.62 -5.74
CA SER E 164 -16.12 17.56 -6.04
C SER E 164 -16.51 18.48 -7.20
N VAL E 165 -17.13 17.90 -8.22
CA VAL E 165 -17.71 18.72 -9.28
C VAL E 165 -19.20 18.37 -9.50
N ASP E 166 -19.93 19.35 -10.03
CA ASP E 166 -21.38 19.23 -10.17
C ASP E 166 -21.78 18.59 -11.49
N VAL E 167 -22.84 17.79 -11.45
CA VAL E 167 -23.33 17.05 -12.62
C VAL E 167 -24.65 17.58 -13.17
N SER E 172 -19.18 18.41 -19.58
CA SER E 172 -18.35 17.22 -19.75
C SER E 172 -17.14 17.21 -18.79
N ILE E 173 -16.77 16.02 -18.32
CA ILE E 173 -15.71 15.87 -17.33
C ILE E 173 -14.42 16.54 -17.78
N THR E 174 -13.94 16.11 -18.95
CA THR E 174 -12.70 16.64 -19.52
C THR E 174 -12.73 18.16 -19.59
N HIS E 175 -13.85 18.69 -20.04
CA HIS E 175 -13.97 20.13 -20.22
C HIS E 175 -13.98 20.88 -18.90
N CYS E 176 -14.71 20.37 -17.92
CA CYS E 176 -14.72 20.94 -16.58
C CYS E 176 -13.33 20.98 -16.00
N LEU E 177 -12.64 19.84 -16.04
CA LEU E 177 -11.33 19.71 -15.42
C LEU E 177 -10.22 20.50 -16.11
N ARG E 178 -10.35 20.66 -17.43
CA ARG E 178 -9.36 21.42 -18.19
C ARG E 178 -9.62 22.92 -18.08
N GLY E 179 -10.86 23.28 -17.75
CA GLY E 179 -11.29 24.66 -17.68
C GLY E 179 -11.94 24.99 -16.35
N PHE E 180 -13.04 25.73 -16.38
CA PHE E 180 -13.71 26.10 -15.14
C PHE E 180 -14.90 25.21 -14.80
N SER E 181 -15.16 25.10 -13.50
CA SER E 181 -16.07 24.13 -12.94
C SER E 181 -16.82 24.73 -11.75
N ASN E 182 -17.90 24.07 -11.34
CA ASN E 182 -18.71 24.48 -10.18
C ASN E 182 -19.12 25.95 -10.15
N THR E 183 -19.53 26.49 -11.30
CA THR E 183 -20.04 27.85 -11.37
C THR E 183 -21.21 28.02 -10.43
N GLU E 184 -21.20 29.13 -9.69
CA GLU E 184 -22.22 29.42 -8.71
C GLU E 184 -22.41 30.93 -8.66
N THR E 185 -23.66 31.36 -8.49
CA THR E 185 -23.96 32.78 -8.35
C THR E 185 -24.32 33.09 -6.91
N LEU E 186 -23.62 34.05 -6.32
CA LEU E 186 -23.98 34.52 -4.99
C LEU E 186 -24.91 35.72 -5.16
N CYS E 187 -26.10 35.62 -4.57
CA CYS E 187 -27.15 36.61 -4.81
C CYS E 187 -28.27 36.47 -3.79
N SER E 188 -29.35 37.22 -4.02
CA SER E 188 -30.48 37.28 -3.11
C SER E 188 -30.03 37.48 -1.67
N GLU E 189 -30.33 36.51 -0.81
CA GLU E 189 -29.98 36.67 0.60
C GLU E 189 -28.63 36.06 0.99
N TYR E 190 -27.91 35.51 0.02
CA TYR E 190 -26.53 35.07 0.24
C TYR E 190 -25.55 35.82 -0.66
N LYS E 191 -25.63 37.14 -0.69
CA LYS E 191 -24.71 37.93 -1.51
C LYS E 191 -23.28 37.86 -0.97
N TYR E 192 -22.36 38.29 -1.81
CA TYR E 192 -20.94 38.29 -1.51
C TYR E 192 -20.54 39.60 -0.85
N TYR E 193 -19.80 39.54 0.26
CA TYR E 193 -19.22 40.74 0.80
C TYR E 193 -17.95 41.06 0.04
N CYS E 194 -18.03 42.06 -0.83
CA CYS E 194 -16.91 42.48 -1.64
C CYS E 194 -16.07 43.54 -0.92
N GLU E 195 -14.77 43.27 -0.80
CA GLU E 195 -13.85 44.15 -0.12
C GLU E 195 -13.68 45.48 -0.86
N GLU E 196 -13.83 45.46 -2.17
CA GLU E 196 -13.65 46.68 -2.95
C GLU E 196 -14.88 47.59 -2.83
N CYS E 197 -16.05 46.99 -2.95
CA CYS E 197 -17.31 47.70 -2.80
C CYS E 197 -17.66 47.96 -1.31
N ARG E 198 -17.07 47.20 -0.40
CA ARG E 198 -17.39 47.29 1.03
C ARG E 198 -18.87 47.14 1.29
N SER E 199 -19.48 46.16 0.64
CA SER E 199 -20.91 45.92 0.75
C SER E 199 -21.25 44.59 0.11
N LYS E 200 -22.42 44.06 0.42
CA LYS E 200 -22.89 42.85 -0.20
C LYS E 200 -23.29 43.10 -1.65
N GLN E 201 -22.70 42.32 -2.55
CA GLN E 201 -22.98 42.42 -3.98
C GLN E 201 -23.18 41.03 -4.56
N GLU E 202 -23.75 40.96 -5.75
CA GLU E 202 -23.78 39.69 -6.45
C GLU E 202 -22.38 39.34 -6.94
N ALA E 203 -22.11 38.04 -7.03
CA ALA E 203 -20.84 37.55 -7.50
C ALA E 203 -20.95 36.21 -8.26
N HIS E 204 -20.00 35.98 -9.14
CA HIS E 204 -19.88 34.69 -9.81
C HIS E 204 -18.71 33.92 -9.22
N LYS E 205 -18.96 32.72 -8.69
CA LYS E 205 -17.87 31.91 -8.17
C LYS E 205 -17.58 30.74 -9.10
N ARG E 206 -16.29 30.46 -9.33
CA ARG E 206 -15.92 29.33 -10.15
C ARG E 206 -14.59 28.72 -9.72
N MET E 207 -14.36 27.51 -10.18
CA MET E 207 -13.24 26.72 -9.72
C MET E 207 -12.38 26.24 -10.89
N LYS E 208 -11.07 26.38 -10.72
CA LYS E 208 -10.08 25.94 -11.70
C LYS E 208 -9.13 24.96 -11.02
N VAL E 209 -8.83 23.83 -11.65
CA VAL E 209 -7.80 22.94 -11.08
C VAL E 209 -6.41 23.45 -11.41
N LYS E 210 -5.66 23.89 -10.40
CA LYS E 210 -4.33 24.46 -10.62
C LYS E 210 -3.28 23.37 -10.80
N LYS E 211 -3.20 22.44 -9.85
CA LYS E 211 -2.27 21.32 -9.97
C LYS E 211 -2.98 19.99 -9.75
N LEU E 212 -2.77 19.06 -10.66
CA LEU E 212 -3.43 17.75 -10.61
C LEU E 212 -2.69 16.80 -9.68
N PRO E 213 -3.40 15.83 -9.10
CA PRO E 213 -2.73 14.78 -8.34
C PRO E 213 -2.25 13.63 -9.23
N MET E 214 -1.49 12.71 -8.65
CA MET E 214 -1.11 11.51 -9.38
C MET E 214 -2.32 10.60 -9.56
N ILE E 215 -3.14 10.52 -8.52
CA ILE E 215 -4.44 9.88 -8.63
C ILE E 215 -5.54 10.87 -8.29
N LEU E 216 -6.45 11.08 -9.24
CA LEU E 216 -7.53 12.03 -9.08
C LEU E 216 -8.79 11.35 -8.59
N ALA E 217 -9.17 11.62 -7.34
CA ALA E 217 -10.39 11.05 -6.79
C ALA E 217 -11.53 12.02 -6.99
N LEU E 218 -12.44 11.67 -7.89
CA LEU E 218 -13.43 12.60 -8.41
C LEU E 218 -14.83 12.31 -7.86
N HIS E 219 -15.38 13.23 -7.08
CA HIS E 219 -16.76 13.11 -6.62
C HIS E 219 -17.71 13.81 -7.59
N LEU E 220 -18.64 13.07 -8.16
CA LEU E 220 -19.66 13.68 -9.03
C LEU E 220 -21.01 13.61 -8.34
N VAL E 240 -21.83 8.28 -15.94
CA VAL E 240 -21.48 8.46 -17.34
C VAL E 240 -20.03 8.92 -17.49
N PHE E 241 -19.10 7.98 -17.49
CA PHE E 241 -17.69 8.27 -17.25
C PHE E 241 -16.68 7.67 -18.25
N PRO E 242 -15.86 8.53 -18.84
CA PRO E 242 -14.82 8.14 -19.80
C PRO E 242 -13.66 7.39 -19.18
N LEU E 243 -13.13 6.42 -19.92
CA LEU E 243 -12.04 5.56 -19.48
C LEU E 243 -10.68 6.25 -19.57
N GLU E 244 -10.59 7.19 -20.48
CA GLU E 244 -9.36 7.91 -20.78
C GLU E 244 -9.65 9.38 -20.51
N LEU E 245 -8.61 10.16 -20.22
CA LEU E 245 -8.82 11.57 -19.89
C LEU E 245 -7.61 12.40 -20.34
N ARG E 246 -7.85 13.36 -21.23
CA ARG E 246 -6.79 14.23 -21.71
C ARG E 246 -6.73 15.52 -20.89
N LEU E 247 -5.74 15.62 -20.00
CA LEU E 247 -5.67 16.72 -19.04
C LEU E 247 -4.31 17.41 -19.02
N PHE E 248 -4.31 18.60 -18.40
CA PHE E 248 -3.14 19.31 -17.84
C PHE E 248 -3.51 20.77 -17.66
N ASP E 258 -1.84 17.16 -22.93
CA ASP E 258 -0.51 16.90 -22.39
C ASP E 258 -0.50 15.63 -21.53
N ARG E 259 -1.12 15.70 -20.36
CA ARG E 259 -1.03 14.63 -19.37
C ARG E 259 -2.24 13.69 -19.38
N MET E 260 -2.00 12.42 -19.69
CA MET E 260 -3.05 11.44 -19.83
C MET E 260 -3.40 10.78 -18.52
N TYR E 261 -4.69 10.49 -18.34
CA TYR E 261 -5.16 9.78 -17.16
C TYR E 261 -5.99 8.57 -17.57
N ASP E 262 -5.95 7.53 -16.74
CA ASP E 262 -6.79 6.35 -16.96
C ASP E 262 -7.69 6.04 -15.78
N LEU E 263 -8.94 5.74 -16.08
CA LEU E 263 -9.89 5.33 -15.06
C LEU E 263 -9.46 3.99 -14.49
N VAL E 264 -9.24 3.93 -13.19
CA VAL E 264 -8.83 2.68 -12.60
C VAL E 264 -9.86 2.15 -11.62
N ALA E 265 -10.79 3.00 -11.18
CA ALA E 265 -11.78 2.56 -10.20
C ALA E 265 -13.06 3.40 -10.22
N VAL E 266 -14.16 2.75 -9.85
CA VAL E 266 -15.47 3.36 -9.85
C VAL E 266 -16.30 2.86 -8.69
N VAL E 267 -16.87 3.75 -7.88
CA VAL E 267 -17.93 3.32 -7.00
C VAL E 267 -19.24 4.01 -7.42
N VAL E 268 -20.31 3.21 -7.52
CA VAL E 268 -21.59 3.63 -8.08
C VAL E 268 -22.77 2.91 -7.46
N HIS E 269 -23.91 3.60 -7.44
CA HIS E 269 -25.18 2.98 -7.09
C HIS E 269 -26.23 3.18 -8.20
N CYS E 270 -26.73 2.08 -8.76
CA CYS E 270 -27.72 2.16 -9.85
C CYS E 270 -29.09 1.60 -9.48
N GLY E 271 -30.06 1.86 -10.38
CA GLY E 271 -31.37 1.23 -10.35
C GLY E 271 -31.56 0.53 -11.68
N SER E 272 -30.47 -0.02 -12.20
CA SER E 272 -30.48 -0.69 -13.49
C SER E 272 -29.29 -1.62 -13.60
N GLY E 273 -29.29 -2.44 -14.65
CA GLY E 273 -28.23 -3.41 -14.86
C GLY E 273 -28.38 -4.53 -13.86
N PRO E 274 -27.45 -5.49 -13.89
CA PRO E 274 -27.56 -6.68 -13.03
C PRO E 274 -27.12 -6.45 -11.59
N ASN E 275 -26.78 -5.23 -11.21
CA ASN E 275 -26.27 -4.98 -9.86
C ASN E 275 -26.84 -3.73 -9.21
N ARG E 276 -28.13 -3.58 -9.44
CA ARG E 276 -28.85 -2.48 -8.93
C ARG E 276 -29.19 -2.71 -7.49
N GLY E 277 -29.31 -1.62 -6.79
CA GLY E 277 -29.77 -1.64 -5.45
C GLY E 277 -28.85 -0.99 -4.48
N HIS E 278 -27.55 -1.02 -4.67
CA HIS E 278 -26.78 -0.68 -3.50
C HIS E 278 -25.43 -0.27 -4.07
N TYR E 279 -24.59 0.37 -3.27
CA TYR E 279 -23.31 0.81 -3.81
C TYR E 279 -22.43 -0.37 -4.23
N ILE E 280 -21.68 -0.16 -5.30
CA ILE E 280 -20.90 -1.20 -5.94
C ILE E 280 -19.50 -0.65 -6.25
N ALA E 281 -18.51 -1.53 -6.39
CA ALA E 281 -17.20 -1.10 -6.87
C ALA E 281 -16.79 -1.82 -8.16
N ILE E 282 -16.27 -1.05 -9.11
CA ILE E 282 -15.73 -1.58 -10.36
C ILE E 282 -14.29 -1.15 -10.54
N VAL E 283 -13.38 -2.11 -10.63
CA VAL E 283 -11.96 -1.81 -10.60
C VAL E 283 -11.22 -2.38 -11.81
N LYS E 284 -10.19 -1.67 -12.24
CA LYS E 284 -9.28 -2.18 -13.24
C LYS E 284 -8.32 -3.14 -12.58
N SER E 285 -8.19 -4.35 -13.11
CA SER E 285 -7.19 -5.28 -12.62
C SER E 285 -6.43 -5.87 -13.78
N HIS E 286 -5.15 -5.52 -13.88
CA HIS E 286 -4.31 -5.90 -15.01
C HIS E 286 -4.98 -5.49 -16.31
N ASP E 287 -5.44 -6.47 -17.09
CA ASP E 287 -5.93 -6.20 -18.45
C ASP E 287 -7.46 -6.06 -18.54
N PHE E 288 -8.17 -6.51 -17.51
CA PHE E 288 -9.63 -6.55 -17.54
C PHE E 288 -10.24 -5.74 -16.39
N TRP E 289 -11.56 -5.87 -16.19
CA TRP E 289 -12.24 -5.17 -15.11
C TRP E 289 -12.97 -6.12 -14.15
N LEU E 290 -13.02 -5.74 -12.88
CA LEU E 290 -13.65 -6.56 -11.84
C LEU E 290 -14.80 -5.83 -11.16
N LEU E 291 -15.88 -6.55 -10.92
CA LEU E 291 -17.01 -5.98 -10.21
C LEU E 291 -17.13 -6.58 -8.82
N PHE E 292 -17.25 -5.71 -7.82
CA PHE E 292 -17.44 -6.14 -6.44
C PHE E 292 -18.86 -5.80 -5.96
N ASP E 293 -19.65 -6.84 -5.69
CA ASP E 293 -21.05 -6.72 -5.31
C ASP E 293 -21.36 -7.54 -4.08
N ASP E 294 -21.28 -6.91 -2.92
CA ASP E 294 -21.39 -7.62 -1.66
C ASP E 294 -20.37 -8.76 -1.65
N ASP E 295 -20.86 -10.00 -1.69
CA ASP E 295 -19.98 -11.16 -1.69
C ASP E 295 -19.55 -11.55 -3.10
N ILE E 296 -20.45 -11.38 -4.07
CA ILE E 296 -20.17 -11.73 -5.47
C ILE E 296 -19.06 -10.88 -6.07
N VAL E 297 -18.24 -11.50 -6.91
CA VAL E 297 -17.19 -10.78 -7.63
C VAL E 297 -17.12 -11.27 -9.06
N GLU E 298 -17.58 -10.44 -9.99
CA GLU E 298 -17.63 -10.82 -11.39
C GLU E 298 -16.57 -10.08 -12.19
N LYS E 299 -15.85 -10.83 -13.02
CA LYS E 299 -14.98 -10.21 -14.01
C LYS E 299 -15.89 -9.68 -15.10
N ILE E 300 -15.63 -8.47 -15.58
CA ILE E 300 -16.43 -7.91 -16.67
C ILE E 300 -15.56 -7.26 -17.74
N ASP E 301 -16.09 -7.19 -18.95
CA ASP E 301 -15.39 -6.57 -20.06
C ASP E 301 -15.61 -5.06 -20.03
N ALA E 302 -14.60 -4.31 -20.48
CA ALA E 302 -14.65 -2.84 -20.43
C ALA E 302 -15.86 -2.28 -21.18
N GLN E 303 -16.43 -3.09 -22.06
CA GLN E 303 -17.62 -2.71 -22.80
C GLN E 303 -18.84 -2.60 -21.88
N ALA E 304 -18.92 -3.50 -20.91
CA ALA E 304 -20.07 -3.58 -20.00
C ALA E 304 -20.20 -2.33 -19.11
N ILE E 305 -19.07 -1.75 -18.74
CA ILE E 305 -19.03 -0.63 -17.81
C ILE E 305 -19.88 0.60 -18.07
N GLU E 306 -19.66 1.26 -19.21
CA GLU E 306 -20.44 2.44 -19.57
C GLU E 306 -21.82 2.09 -20.11
N GLU E 307 -22.09 0.80 -20.28
CA GLU E 307 -23.34 0.32 -20.85
C GLU E 307 -24.47 0.19 -19.83
N PHE E 308 -24.19 -0.39 -18.68
CA PHE E 308 -25.24 -0.68 -17.71
C PHE E 308 -25.15 0.17 -16.46
N TYR E 309 -24.11 0.98 -16.36
CA TYR E 309 -23.90 1.78 -15.17
C TYR E 309 -23.78 3.26 -15.52
N SER E 321 -25.06 9.67 -1.96
CA SER E 321 -23.69 10.17 -1.84
C SER E 321 -22.99 10.25 -3.21
N GLY E 322 -23.75 10.17 -4.31
CA GLY E 322 -23.22 10.31 -5.66
C GLY E 322 -22.39 9.15 -6.17
N TYR E 323 -21.48 9.41 -7.10
CA TYR E 323 -20.52 8.38 -7.48
C TYR E 323 -19.08 8.91 -7.56
N ILE E 324 -18.12 8.00 -7.45
CA ILE E 324 -16.72 8.38 -7.39
C ILE E 324 -15.89 7.73 -8.49
N LEU E 325 -15.08 8.54 -9.16
CA LEU E 325 -14.16 8.04 -10.18
C LEU E 325 -12.72 8.24 -9.72
N PHE E 326 -11.88 7.25 -9.97
CA PHE E 326 -10.46 7.33 -9.67
C PHE E 326 -9.69 7.31 -10.97
N TYR E 327 -9.02 8.40 -11.29
CA TYR E 327 -8.22 8.47 -12.50
C TYR E 327 -6.75 8.49 -12.16
N GLN E 328 -5.97 7.65 -12.83
CA GLN E 328 -4.55 7.64 -12.59
C GLN E 328 -3.76 8.16 -13.77
N SER E 329 -2.83 9.06 -13.49
CA SER E 329 -1.91 9.62 -14.46
C SER E 329 -1.12 8.51 -15.17
N ARG E 330 -1.05 8.59 -16.50
CA ARG E 330 -0.23 7.68 -17.29
C ARG E 330 1.23 8.01 -17.00
N ASP E 331 1.49 9.29 -16.70
CA ASP E 331 2.75 9.72 -16.13
C ASP E 331 2.98 9.04 -14.78
N LYS F 14 -37.47 39.51 11.53
CA LYS F 14 -36.80 40.14 12.67
C LYS F 14 -36.46 41.60 12.34
N VAL F 15 -36.67 42.53 13.26
CA VAL F 15 -36.29 43.89 12.88
C VAL F 15 -35.09 44.35 13.71
N GLN F 16 -34.16 45.00 13.02
CA GLN F 16 -32.96 45.52 13.64
C GLN F 16 -33.05 47.02 13.79
N VAL F 17 -32.35 47.57 14.77
CA VAL F 17 -32.19 49.01 14.87
C VAL F 17 -30.84 49.43 14.31
N SER F 18 -30.83 50.47 13.48
CA SER F 18 -29.62 51.07 12.92
C SER F 18 -29.54 52.57 13.20
N TYR F 19 -28.32 53.09 13.25
CA TYR F 19 -28.12 54.53 13.27
C TYR F 19 -26.84 54.88 12.55
N VAL F 20 -26.73 56.11 12.07
CA VAL F 20 -25.53 56.54 11.34
C VAL F 20 -24.74 57.57 12.13
N ILE F 21 -23.44 57.37 12.25
CA ILE F 21 -22.56 58.33 12.91
C ILE F 21 -22.07 59.33 11.86
N ARG F 22 -22.48 60.59 11.99
CA ARG F 22 -22.28 61.55 10.90
C ARG F 22 -22.58 62.97 11.34
N ASP F 23 -22.30 63.94 10.47
CA ASP F 23 -22.63 65.32 10.75
C ASP F 23 -24.07 65.57 10.35
N GLU F 24 -24.67 66.62 10.92
CA GLU F 24 -26.06 66.99 10.59
C GLU F 24 -26.28 67.25 9.10
N VAL F 25 -25.39 67.99 8.44
CA VAL F 25 -25.40 68.01 6.99
C VAL F 25 -24.07 67.48 6.47
N GLU F 26 -24.18 66.60 5.50
CA GLU F 26 -23.04 66.13 4.75
C GLU F 26 -23.10 66.72 3.36
N LYS F 27 -22.55 67.92 3.21
CA LYS F 27 -22.48 68.66 1.96
C LYS F 27 -21.98 67.84 0.79
N TYR F 28 -20.97 67.03 1.05
CA TYR F 28 -20.29 66.32 -0.01
C TYR F 28 -20.57 64.82 0.02
N ASN F 29 -20.58 64.20 -1.16
CA ASN F 29 -20.64 62.74 -1.27
C ASN F 29 -19.57 62.07 -0.41
N ARG F 30 -19.96 61.05 0.33
CA ARG F 30 -19.02 60.30 1.19
C ARG F 30 -18.68 58.97 0.58
N ASN F 31 -18.99 58.83 -0.69
CA ASN F 31 -18.71 57.62 -1.41
C ASN F 31 -18.87 57.97 -2.89
N GLY F 32 -18.76 56.97 -3.74
CA GLY F 32 -18.97 57.18 -5.16
C GLY F 32 -20.39 57.58 -5.54
N VAL F 33 -20.54 57.87 -6.81
CA VAL F 33 -21.76 58.45 -7.34
C VAL F 33 -22.27 57.57 -8.46
N ASN F 34 -23.48 57.05 -8.28
CA ASN F 34 -24.00 56.02 -9.18
C ASN F 34 -24.70 56.57 -10.41
N ALA F 35 -25.29 57.75 -10.29
CA ALA F 35 -26.07 58.33 -11.38
C ALA F 35 -26.20 59.85 -11.27
N LEU F 36 -26.43 60.47 -12.42
CA LEU F 36 -26.51 61.91 -12.55
C LEU F 36 -27.72 62.37 -13.35
N GLN F 37 -28.32 63.50 -12.98
CA GLN F 37 -29.32 64.11 -13.87
C GLN F 37 -29.12 65.62 -13.92
N LEU F 38 -29.28 66.18 -15.11
CA LEU F 38 -29.05 67.59 -15.35
C LEU F 38 -30.37 68.24 -15.77
N ASP F 39 -30.83 69.20 -14.98
CA ASP F 39 -31.98 70.01 -15.31
C ASP F 39 -31.54 71.23 -16.11
N PRO F 40 -31.88 71.28 -17.40
CA PRO F 40 -31.45 72.39 -18.24
C PRO F 40 -32.22 73.68 -17.99
N ALA F 41 -33.34 73.62 -17.29
CA ALA F 41 -34.08 74.83 -16.99
C ALA F 41 -33.49 75.54 -15.77
N LEU F 42 -33.17 74.79 -14.73
CA LEU F 42 -32.66 75.40 -13.50
C LEU F 42 -31.16 75.32 -13.38
N ASN F 43 -30.49 74.80 -14.40
CA ASN F 43 -29.05 74.54 -14.33
C ASN F 43 -28.66 73.77 -13.06
N ARG F 44 -29.36 72.68 -12.80
CA ARG F 44 -29.11 71.88 -11.62
C ARG F 44 -28.63 70.49 -11.98
N LEU F 45 -27.61 70.03 -11.25
CA LEU F 45 -27.18 68.65 -11.33
C LEU F 45 -27.62 67.90 -10.08
N PHE F 46 -28.23 66.74 -10.30
CA PHE F 46 -28.57 65.80 -9.23
C PHE F 46 -27.55 64.67 -9.24
N THR F 47 -26.96 64.39 -8.08
CA THR F 47 -26.08 63.22 -7.93
C THR F 47 -26.74 62.18 -7.02
N ALA F 48 -26.60 60.91 -7.38
CA ALA F 48 -27.17 59.82 -6.63
C ALA F 48 -26.07 59.08 -5.92
N GLY F 49 -26.01 59.26 -4.60
CA GLY F 49 -24.90 58.73 -3.86
C GLY F 49 -24.93 57.26 -3.50
N ARG F 50 -23.76 56.65 -3.61
CA ARG F 50 -23.49 55.41 -2.89
C ARG F 50 -23.55 55.64 -1.36
N ASP F 51 -23.52 56.89 -0.91
CA ASP F 51 -23.65 57.19 0.52
C ASP F 51 -25.12 57.26 0.98
N SER F 52 -26.02 56.82 0.10
CA SER F 52 -27.48 56.82 0.28
C SER F 52 -28.15 58.22 0.14
N ILE F 53 -27.36 59.22 -0.22
CA ILE F 53 -27.90 60.59 -0.28
C ILE F 53 -27.93 61.14 -1.70
N ILE F 54 -29.05 61.76 -2.06
CA ILE F 54 -29.18 62.46 -3.33
C ILE F 54 -28.93 63.92 -3.07
N ARG F 55 -28.06 64.53 -3.88
CA ARG F 55 -27.71 65.94 -3.68
C ARG F 55 -28.03 66.77 -4.93
N ILE F 56 -28.37 68.04 -4.70
CA ILE F 56 -28.64 69.00 -5.76
C ILE F 56 -27.55 70.06 -5.87
N TRP F 57 -27.00 70.22 -7.06
CA TRP F 57 -25.91 71.17 -7.26
C TRP F 57 -26.27 72.21 -8.31
N SER F 58 -25.84 73.44 -8.11
CA SER F 58 -25.88 74.43 -9.18
C SER F 58 -24.66 74.26 -10.07
N VAL F 59 -24.87 74.07 -11.37
CA VAL F 59 -23.75 73.89 -12.28
C VAL F 59 -23.41 75.19 -13.01
N ASN F 60 -24.05 76.28 -12.58
CA ASN F 60 -23.61 77.61 -13.00
C ASN F 60 -22.16 77.81 -12.57
N GLN F 61 -21.26 77.90 -13.53
CA GLN F 61 -19.82 77.88 -13.25
C GLN F 61 -19.34 79.13 -12.51
N HIS F 62 -20.26 80.06 -12.26
CA HIS F 62 -19.90 81.27 -11.54
C HIS F 62 -20.05 81.12 -10.02
N LYS F 63 -20.75 80.07 -9.58
CA LYS F 63 -20.94 79.87 -8.15
C LYS F 63 -19.71 79.23 -7.50
N GLN F 64 -19.31 79.78 -6.35
CA GLN F 64 -18.12 79.30 -5.67
C GLN F 64 -18.44 78.09 -4.79
N ASP F 65 -19.67 78.04 -4.30
CA ASP F 65 -20.17 76.86 -3.59
C ASP F 65 -21.41 76.32 -4.30
N PRO F 66 -21.23 75.27 -5.11
CA PRO F 66 -22.30 74.73 -5.96
C PRO F 66 -23.40 74.02 -5.17
N TYR F 67 -23.18 73.75 -3.89
CA TYR F 67 -24.15 73.00 -3.12
C TYR F 67 -25.47 73.73 -2.92
N ILE F 68 -26.56 73.00 -3.13
CA ILE F 68 -27.90 73.50 -2.92
C ILE F 68 -28.61 72.74 -1.83
N ALA F 69 -28.67 71.42 -1.92
CA ALA F 69 -29.46 70.65 -0.95
C ALA F 69 -29.18 69.15 -0.97
N SER F 70 -29.56 68.51 0.13
CA SER F 70 -29.47 67.06 0.26
C SER F 70 -30.86 66.48 0.32
N MET F 71 -31.02 65.35 -0.36
CA MET F 71 -32.29 64.64 -0.36
C MET F 71 -32.06 63.29 0.30
N GLU F 72 -32.53 63.16 1.51
CA GLU F 72 -32.18 62.08 2.41
C GLU F 72 -33.43 61.30 2.72
N HIS F 73 -33.36 59.98 2.66
CA HIS F 73 -34.58 59.15 2.82
C HIS F 73 -34.01 57.71 2.64
N HIS F 74 -33.25 57.41 1.61
CA HIS F 74 -32.73 56.08 1.33
C HIS F 74 -31.77 55.64 2.42
N THR F 75 -31.65 54.33 2.64
CA THR F 75 -30.78 53.80 3.69
C THR F 75 -29.68 52.90 3.15
N ASP F 76 -29.45 52.96 1.83
CA ASP F 76 -28.42 52.18 1.16
C ASP F 76 -28.14 52.88 -0.17
N TRP F 77 -27.21 52.38 -0.96
CA TRP F 77 -26.86 52.98 -2.24
C TRP F 77 -28.06 53.48 -3.05
N VAL F 78 -27.99 54.70 -3.59
CA VAL F 78 -28.95 55.12 -4.58
C VAL F 78 -28.33 54.75 -5.94
N ASN F 79 -28.95 53.81 -6.62
CA ASN F 79 -28.38 53.24 -7.84
C ASN F 79 -28.77 53.94 -9.12
N ASP F 80 -29.93 54.59 -9.14
CA ASP F 80 -30.37 55.35 -10.30
C ASP F 80 -31.34 56.48 -9.94
N ILE F 81 -31.36 57.49 -10.78
CA ILE F 81 -32.35 58.57 -10.68
C ILE F 81 -32.78 59.03 -12.06
N VAL F 82 -34.06 59.37 -12.18
CA VAL F 82 -34.55 60.03 -13.37
C VAL F 82 -35.29 61.31 -13.03
N LEU F 83 -34.94 62.38 -13.73
CA LEU F 83 -35.70 63.63 -13.66
C LEU F 83 -36.90 63.59 -14.60
N CYS F 84 -38.10 63.79 -14.05
CA CYS F 84 -39.31 63.81 -14.87
C CYS F 84 -40.05 65.13 -14.79
N CYS F 85 -41.00 65.31 -15.70
CA CYS F 85 -41.94 66.42 -15.70
C CYS F 85 -41.23 67.75 -15.73
N ASN F 86 -40.37 67.95 -16.73
CA ASN F 86 -39.61 69.19 -16.88
C ASN F 86 -38.90 69.59 -15.61
N GLY F 87 -38.42 68.59 -14.88
CA GLY F 87 -37.54 68.79 -13.75
C GLY F 87 -38.25 68.93 -12.43
N LYS F 88 -39.56 68.76 -12.42
CA LYS F 88 -40.33 68.90 -11.18
C LYS F 88 -40.19 67.70 -10.28
N THR F 89 -39.94 66.54 -10.87
CA THR F 89 -40.07 65.29 -10.16
C THR F 89 -38.80 64.48 -10.27
N LEU F 90 -38.34 63.91 -9.17
CA LEU F 90 -37.24 62.95 -9.25
C LEU F 90 -37.77 61.60 -8.78
N ILE F 91 -37.38 60.55 -9.48
CA ILE F 91 -37.68 59.19 -9.05
C ILE F 91 -36.34 58.50 -8.79
N SER F 92 -36.21 57.86 -7.64
CA SER F 92 -34.94 57.23 -7.25
C SER F 92 -35.09 55.73 -7.06
N ALA F 93 -33.96 55.01 -7.16
CA ALA F 93 -33.93 53.57 -7.02
C ALA F 93 -32.74 53.18 -6.17
N SER F 94 -32.99 52.32 -5.19
CA SER F 94 -31.97 52.06 -4.22
C SER F 94 -31.78 50.60 -3.85
N SER F 95 -30.60 50.35 -3.32
CA SER F 95 -30.27 49.04 -2.77
C SER F 95 -31.08 48.75 -1.51
N ASP F 96 -31.82 49.72 -1.00
CA ASP F 96 -32.71 49.41 0.11
C ASP F 96 -34.02 48.80 -0.38
N THR F 97 -34.03 48.40 -1.66
CA THR F 97 -35.14 47.76 -2.36
C THR F 97 -36.28 48.72 -2.69
N THR F 98 -36.19 49.99 -2.34
CA THR F 98 -37.31 50.87 -2.64
C THR F 98 -37.10 51.77 -3.86
N VAL F 99 -38.22 52.22 -4.41
CA VAL F 99 -38.25 53.31 -5.38
C VAL F 99 -38.87 54.52 -4.69
N LYS F 100 -38.29 55.70 -4.86
CA LYS F 100 -38.86 56.87 -4.22
C LYS F 100 -39.20 57.98 -5.20
N VAL F 101 -40.27 58.70 -4.88
CA VAL F 101 -40.79 59.79 -5.68
C VAL F 101 -40.53 61.09 -4.94
N TRP F 102 -39.85 62.00 -5.61
CA TRP F 102 -39.41 63.24 -4.99
C TRP F 102 -39.94 64.47 -5.69
N ASN F 103 -40.32 65.48 -4.91
CA ASN F 103 -40.42 66.82 -5.42
C ASN F 103 -39.02 67.31 -5.64
N ALA F 104 -38.63 67.47 -6.90
CA ALA F 104 -37.25 67.81 -7.19
C ALA F 104 -36.94 69.30 -6.99
N HIS F 105 -37.96 70.15 -7.03
CA HIS F 105 -37.76 71.58 -6.83
C HIS F 105 -37.56 71.93 -5.35
N LYS F 106 -38.33 71.29 -4.48
CA LYS F 106 -38.24 71.51 -3.04
C LYS F 106 -37.34 70.50 -2.35
N GLY F 107 -37.10 69.36 -2.99
CA GLY F 107 -36.17 68.39 -2.46
C GLY F 107 -36.64 67.51 -1.31
N PHE F 108 -37.91 67.11 -1.29
CA PHE F 108 -38.33 66.13 -0.30
C PHE F 108 -39.05 64.95 -0.93
N CYS F 109 -39.09 63.87 -0.17
CA CYS F 109 -39.68 62.60 -0.59
C CYS F 109 -41.20 62.60 -0.45
N MET F 110 -41.90 62.30 -1.52
CA MET F 110 -43.37 62.26 -1.50
C MET F 110 -43.93 60.86 -1.24
N SER F 111 -43.29 59.85 -1.81
CA SER F 111 -43.82 58.49 -1.79
C SER F 111 -42.74 57.45 -1.92
N THR F 112 -42.98 56.31 -1.30
CA THR F 112 -42.08 55.18 -1.37
C THR F 112 -42.81 53.97 -1.94
N LEU F 113 -42.33 53.50 -3.09
CA LEU F 113 -42.87 52.30 -3.69
C LEU F 113 -42.04 51.13 -3.21
N ARG F 114 -42.72 50.07 -2.78
CA ARG F 114 -42.07 48.95 -2.11
C ARG F 114 -42.35 47.60 -2.78
N THR F 115 -42.52 47.63 -4.09
CA THR F 115 -42.88 46.42 -4.83
C THR F 115 -41.67 45.55 -5.17
N HIS F 116 -40.47 46.11 -5.16
CA HIS F 116 -39.26 45.31 -5.38
C HIS F 116 -38.85 44.58 -4.11
N LYS F 117 -38.02 43.56 -4.26
CA LYS F 117 -37.66 42.64 -3.18
C LYS F 117 -36.17 42.40 -3.08
N ASP F 118 -35.41 43.20 -3.80
CA ASP F 118 -33.97 43.11 -3.79
C ASP F 118 -33.52 44.49 -4.26
N TYR F 119 -32.23 44.68 -4.51
CA TYR F 119 -31.72 45.98 -4.94
C TYR F 119 -32.35 46.45 -6.25
N VAL F 120 -32.95 47.63 -6.25
CA VAL F 120 -33.38 48.27 -7.48
C VAL F 120 -32.18 48.99 -8.11
N LYS F 121 -31.88 48.63 -9.35
CA LYS F 121 -30.63 49.02 -10.00
C LYS F 121 -30.75 50.00 -11.16
N ALA F 122 -31.94 50.11 -11.71
CA ALA F 122 -32.12 50.81 -12.99
C ALA F 122 -33.47 51.46 -13.13
N LEU F 123 -33.48 52.69 -13.61
CA LEU F 123 -34.71 53.33 -14.02
C LEU F 123 -34.70 53.65 -15.51
N ALA F 124 -35.87 53.62 -16.11
CA ALA F 124 -36.04 53.97 -17.49
C ALA F 124 -37.11 55.03 -17.58
N TYR F 125 -37.03 55.89 -18.59
CA TYR F 125 -37.91 57.03 -18.69
C TYR F 125 -38.45 57.27 -20.10
N ALA F 126 -39.76 57.39 -20.22
CA ALA F 126 -40.33 57.69 -21.52
C ALA F 126 -40.94 59.07 -21.48
N LYS F 127 -40.15 60.06 -21.85
CA LYS F 127 -40.50 61.47 -21.65
C LYS F 127 -41.86 61.85 -22.23
N ASP F 128 -42.17 61.43 -23.44
CA ASP F 128 -43.43 61.85 -24.07
C ASP F 128 -44.66 61.33 -23.37
N LYS F 129 -44.51 60.29 -22.55
CA LYS F 129 -45.64 59.77 -21.79
C LYS F 129 -45.48 60.00 -20.28
N GLU F 130 -44.39 60.66 -19.90
CA GLU F 130 -43.99 60.79 -18.49
C GLU F 130 -44.19 59.43 -17.81
N LEU F 131 -43.56 58.44 -18.40
CA LEU F 131 -43.64 57.06 -17.96
C LEU F 131 -42.26 56.63 -17.49
N VAL F 132 -42.20 56.06 -16.29
CA VAL F 132 -40.95 55.49 -15.81
C VAL F 132 -41.08 53.99 -15.54
N ALA F 133 -39.93 53.32 -15.52
CA ALA F 133 -39.90 51.94 -15.16
C ALA F 133 -38.74 51.66 -14.21
N SER F 134 -38.95 50.70 -13.30
CA SER F 134 -37.92 50.29 -12.37
C SER F 134 -37.61 48.80 -12.52
N ALA F 135 -36.33 48.44 -12.38
CA ALA F 135 -35.90 47.04 -12.43
C ALA F 135 -34.74 46.84 -11.48
N GLY F 136 -34.56 45.60 -11.03
CA GLY F 136 -33.47 45.30 -10.13
C GLY F 136 -33.03 43.85 -10.08
N LEU F 137 -32.26 43.54 -9.06
CA LEU F 137 -31.74 42.20 -8.86
C LEU F 137 -32.83 41.16 -8.62
N ASP F 138 -34.06 41.59 -8.39
CA ASP F 138 -35.15 40.65 -8.13
C ASP F 138 -35.83 40.17 -9.40
N ARG F 139 -35.31 40.61 -10.55
CA ARG F 139 -35.76 40.18 -11.88
C ARG F 139 -37.13 40.73 -12.24
N GLN F 140 -37.64 41.63 -11.43
CA GLN F 140 -38.89 42.29 -11.74
C GLN F 140 -38.67 43.61 -12.49
N ILE F 141 -39.65 43.98 -13.31
CA ILE F 141 -39.70 45.28 -13.95
C ILE F 141 -41.08 45.83 -13.74
N PHE F 142 -41.18 47.02 -13.14
CA PHE F 142 -42.47 47.65 -12.90
C PHE F 142 -42.59 48.94 -13.69
N LEU F 143 -43.75 49.18 -14.26
CA LEU F 143 -44.01 50.40 -15.00
C LEU F 143 -44.88 51.37 -14.20
N TRP F 144 -44.54 52.65 -14.22
CA TRP F 144 -45.29 53.62 -13.46
C TRP F 144 -45.58 54.84 -14.31
N ASP F 145 -46.83 55.23 -14.35
CA ASP F 145 -47.19 56.53 -14.87
C ASP F 145 -46.81 57.57 -13.81
N VAL F 146 -45.92 58.50 -14.16
CA VAL F 146 -45.41 59.48 -13.21
C VAL F 146 -46.50 60.43 -12.71
N ASN F 147 -47.40 60.85 -13.58
CA ASN F 147 -48.51 61.70 -13.17
C ASN F 147 -49.45 60.98 -12.20
N THR F 148 -49.61 59.68 -12.35
CA THR F 148 -50.33 58.91 -11.34
C THR F 148 -49.57 58.94 -10.01
N LEU F 149 -48.26 58.73 -10.04
CA LEU F 149 -47.48 58.74 -8.80
C LEU F 149 -47.51 60.09 -8.04
N THR F 150 -47.31 61.19 -8.75
CA THR F 150 -47.25 62.47 -8.07
C THR F 150 -48.61 62.91 -7.51
N ALA F 151 -49.67 62.19 -7.85
CA ALA F 151 -50.99 62.57 -7.37
C ALA F 151 -51.36 61.80 -6.11
N LEU F 152 -50.45 60.95 -5.65
CA LEU F 152 -50.69 60.26 -4.40
C LEU F 152 -50.70 61.26 -3.26
N THR F 153 -51.78 61.26 -2.49
CA THR F 153 -51.87 62.08 -1.29
C THR F 153 -52.25 61.19 -0.11
N ALA F 154 -52.75 61.79 0.96
CA ALA F 154 -53.18 61.02 2.11
C ALA F 154 -54.51 60.34 1.83
N SER F 155 -55.40 61.07 1.16
CA SER F 155 -56.72 60.57 0.83
C SER F 155 -56.71 59.75 -0.45
N ASN F 156 -55.71 60.00 -1.29
CA ASN F 156 -55.54 59.22 -2.51
C ASN F 156 -54.44 58.20 -2.31
N ASN F 157 -54.71 57.19 -1.49
CA ASN F 157 -53.66 56.30 -1.02
C ASN F 157 -53.47 55.03 -1.88
N THR F 158 -54.35 54.81 -2.85
CA THR F 158 -54.30 53.57 -3.59
C THR F 158 -53.37 53.63 -4.79
N VAL F 159 -52.50 52.63 -4.88
CA VAL F 159 -51.65 52.49 -6.04
C VAL F 159 -51.98 51.19 -6.75
N THR F 160 -51.59 51.10 -8.00
CA THR F 160 -51.87 49.90 -8.75
C THR F 160 -50.67 49.63 -9.66
N THR F 161 -50.41 48.37 -10.00
CA THR F 161 -49.13 48.05 -10.68
C THR F 161 -49.23 47.57 -12.12
N SER F 162 -48.10 47.62 -12.81
CA SER F 162 -47.95 46.99 -14.11
C SER F 162 -46.53 46.45 -14.22
N SER F 163 -46.42 45.20 -14.65
CA SER F 163 -45.21 44.43 -14.48
C SER F 163 -44.82 43.69 -15.75
N LEU F 164 -43.52 43.52 -15.98
CA LEU F 164 -43.06 42.74 -17.13
C LEU F 164 -42.41 41.45 -16.67
N SER F 165 -42.54 40.39 -17.45
CA SER F 165 -41.93 39.12 -17.06
C SER F 165 -41.04 38.55 -18.16
N GLY F 166 -40.15 37.66 -17.77
CA GLY F 166 -39.31 36.96 -18.71
C GLY F 166 -37.87 36.87 -18.29
N ASN F 167 -37.38 37.88 -17.57
CA ASN F 167 -36.00 37.92 -17.13
C ASN F 167 -35.64 36.72 -16.27
N LYS F 168 -34.60 36.00 -16.66
CA LYS F 168 -34.15 34.81 -15.96
C LYS F 168 -33.03 35.11 -14.99
N ASP F 169 -32.49 36.32 -15.05
CA ASP F 169 -31.44 36.68 -14.13
C ASP F 169 -31.53 38.16 -13.72
N SER F 170 -30.65 38.54 -12.83
CA SER F 170 -30.64 39.85 -12.20
C SER F 170 -30.50 40.97 -13.22
N ILE F 171 -31.34 41.99 -13.11
CA ILE F 171 -31.37 43.09 -14.04
C ILE F 171 -30.48 44.25 -13.59
N TYR F 172 -29.60 44.70 -14.48
CA TYR F 172 -28.62 45.73 -14.18
C TYR F 172 -28.84 47.00 -14.99
N SER F 173 -29.58 46.91 -16.09
CA SER F 173 -29.92 48.10 -16.86
C SER F 173 -31.33 48.04 -17.45
N LEU F 174 -31.86 49.21 -17.76
CA LEU F 174 -33.21 49.34 -18.28
C LEU F 174 -33.22 50.58 -19.16
N ALA F 175 -33.89 50.55 -20.30
CA ALA F 175 -34.06 51.74 -21.10
C ALA F 175 -35.40 51.74 -21.83
N MET F 176 -35.97 52.93 -22.00
CA MET F 176 -37.14 53.14 -22.85
C MET F 176 -36.88 54.22 -23.87
N ASN F 177 -37.54 54.11 -25.03
CA ASN F 177 -37.47 55.20 -26.00
C ASN F 177 -38.35 56.33 -25.54
N GLN F 178 -38.17 57.49 -26.14
CA GLN F 178 -38.89 58.69 -25.76
C GLN F 178 -40.39 58.52 -25.93
N LEU F 179 -40.80 57.80 -26.96
CA LEU F 179 -42.22 57.60 -27.28
C LEU F 179 -42.92 56.56 -26.41
N GLY F 180 -42.16 55.83 -25.60
CA GLY F 180 -42.75 54.88 -24.66
C GLY F 180 -43.39 53.69 -25.35
N THR F 181 -42.74 53.23 -26.41
CA THR F 181 -43.25 52.15 -27.24
C THR F 181 -42.36 50.92 -27.16
N ILE F 182 -41.14 51.11 -26.68
CA ILE F 182 -40.15 50.04 -26.53
C ILE F 182 -39.47 50.08 -25.14
N ILE F 183 -39.32 48.94 -24.46
CA ILE F 183 -38.51 48.87 -23.25
C ILE F 183 -37.52 47.71 -23.35
N VAL F 184 -36.28 47.92 -22.93
CA VAL F 184 -35.30 46.86 -22.97
C VAL F 184 -34.52 46.75 -21.66
N SER F 185 -34.29 45.50 -21.25
CA SER F 185 -33.47 45.20 -20.07
C SER F 185 -32.14 44.60 -20.44
N GLY F 186 -31.12 44.90 -19.64
CA GLY F 186 -29.82 44.29 -19.76
C GLY F 186 -29.53 43.59 -18.44
N SER F 187 -28.83 42.46 -18.48
CA SER F 187 -28.69 41.64 -17.29
C SER F 187 -27.57 40.62 -17.37
N THR F 188 -27.39 39.84 -16.31
CA THR F 188 -26.37 38.79 -16.31
C THR F 188 -26.77 37.64 -17.20
N GLU F 189 -28.03 37.62 -17.62
CA GLU F 189 -28.49 36.70 -18.66
C GLU F 189 -27.85 37.01 -20.03
N LYS F 190 -27.19 38.17 -20.14
CA LYS F 190 -26.44 38.58 -21.34
C LYS F 190 -27.32 38.98 -22.51
N VAL F 191 -28.36 38.20 -22.75
CA VAL F 191 -29.37 38.55 -23.71
C VAL F 191 -30.02 39.87 -23.34
N LEU F 192 -30.35 40.67 -24.33
CA LEU F 192 -31.23 41.82 -24.17
C LEU F 192 -32.69 41.38 -24.37
N ARG F 193 -33.57 41.73 -23.46
CA ARG F 193 -34.99 41.40 -23.65
C ARG F 193 -35.77 42.67 -23.93
N VAL F 194 -36.76 42.58 -24.82
CA VAL F 194 -37.49 43.74 -25.32
C VAL F 194 -38.98 43.48 -25.19
N TRP F 195 -39.70 44.48 -24.68
CA TRP F 195 -41.15 44.41 -24.56
C TRP F 195 -41.79 45.65 -25.15
N ASP F 196 -43.09 45.55 -25.39
CA ASP F 196 -43.94 46.70 -25.59
C ASP F 196 -44.47 47.10 -24.22
N PRO F 197 -44.04 48.26 -23.72
CA PRO F 197 -44.53 48.68 -22.40
C PRO F 197 -46.04 48.95 -22.35
N ARG F 198 -46.72 49.15 -23.47
CA ARG F 198 -48.16 49.43 -23.40
C ARG F 198 -48.97 48.15 -23.16
N THR F 199 -48.44 47.02 -23.60
CA THR F 199 -49.19 45.77 -23.57
C THR F 199 -48.53 44.75 -22.71
N CYS F 200 -47.26 45.02 -22.40
CA CYS F 200 -46.37 44.10 -21.66
C CYS F 200 -46.01 42.87 -22.49
N ALA F 201 -46.24 42.94 -23.79
CA ALA F 201 -45.90 41.84 -24.69
C ALA F 201 -44.41 41.77 -24.95
N LYS F 202 -43.88 40.55 -24.91
CA LYS F 202 -42.53 40.25 -25.35
C LYS F 202 -42.39 40.41 -26.84
N LEU F 203 -41.36 41.15 -27.26
CA LEU F 203 -41.14 41.45 -28.66
C LEU F 203 -39.97 40.66 -29.24
N MET F 204 -38.88 40.58 -28.50
CA MET F 204 -37.67 39.92 -29.00
C MET F 204 -36.62 39.69 -27.93
N LYS F 205 -35.69 38.81 -28.23
CA LYS F 205 -34.50 38.63 -27.43
C LYS F 205 -33.30 38.94 -28.28
N LEU F 206 -32.46 39.87 -27.86
CA LEU F 206 -31.30 40.26 -28.66
C LEU F 206 -30.04 39.63 -28.11
N LYS F 207 -29.46 38.73 -28.88
CA LYS F 207 -28.35 37.92 -28.38
C LYS F 207 -27.03 38.30 -29.03
N GLY F 208 -26.00 38.49 -28.23
CA GLY F 208 -24.69 38.84 -28.76
C GLY F 208 -23.61 39.14 -27.72
N HIS F 209 -23.98 39.82 -26.63
CA HIS F 209 -23.06 40.05 -25.54
C HIS F 209 -22.70 38.74 -24.87
N THR F 210 -21.48 38.68 -24.35
CA THR F 210 -21.01 37.50 -23.64
C THR F 210 -20.84 37.76 -22.12
N ASP F 211 -21.41 38.84 -21.62
CA ASP F 211 -21.32 39.20 -20.19
C ASP F 211 -22.45 40.12 -19.85
N ASN F 212 -22.54 40.51 -18.58
CA ASN F 212 -23.49 41.48 -18.06
C ASN F 212 -23.58 42.74 -18.93
N VAL F 213 -24.74 43.38 -18.90
CA VAL F 213 -24.98 44.61 -19.66
C VAL F 213 -25.46 45.70 -18.70
N LYS F 214 -24.63 46.72 -18.50
CA LYS F 214 -24.96 47.75 -17.51
C LYS F 214 -25.39 49.06 -18.10
N ALA F 215 -25.38 49.14 -19.43
CA ALA F 215 -25.74 50.38 -20.10
C ALA F 215 -26.59 50.12 -21.36
N LEU F 216 -27.72 50.83 -21.45
CA LEU F 216 -28.63 50.75 -22.58
C LEU F 216 -29.16 52.12 -23.00
N LEU F 217 -29.29 52.31 -24.30
CA LEU F 217 -29.93 53.51 -24.85
C LEU F 217 -30.82 53.15 -26.01
N LEU F 218 -31.93 53.84 -26.17
CA LEU F 218 -32.83 53.62 -27.30
C LEU F 218 -32.95 54.91 -28.07
N ASN F 219 -33.04 54.86 -29.41
CA ASN F 219 -33.27 56.07 -30.16
C ASN F 219 -34.74 56.47 -30.00
N ARG F 220 -35.07 57.69 -30.37
CA ARG F 220 -36.40 58.26 -30.14
C ARG F 220 -37.57 57.38 -30.56
N ASP F 221 -37.50 56.81 -31.76
CA ASP F 221 -38.59 56.00 -32.26
C ASP F 221 -38.50 54.52 -31.88
N GLY F 222 -37.44 54.15 -31.17
CA GLY F 222 -37.28 52.80 -30.67
C GLY F 222 -36.98 51.73 -31.72
N THR F 223 -36.35 52.13 -32.80
CA THR F 223 -35.92 51.22 -33.84
C THR F 223 -34.46 50.81 -33.71
N GLN F 224 -33.69 51.55 -32.91
CA GLN F 224 -32.30 51.14 -32.63
C GLN F 224 -31.97 51.17 -31.15
N CYS F 225 -31.09 50.26 -30.75
CA CYS F 225 -30.62 50.16 -29.38
C CYS F 225 -29.10 50.22 -29.33
N LEU F 226 -28.56 50.96 -28.37
CA LEU F 226 -27.13 50.90 -28.03
C LEU F 226 -26.97 50.22 -26.69
N SER F 227 -26.08 49.24 -26.63
CA SER F 227 -25.81 48.55 -25.37
C SER F 227 -24.32 48.51 -25.03
N GLY F 228 -24.00 48.74 -23.75
CA GLY F 228 -22.63 48.70 -23.27
C GLY F 228 -22.51 47.55 -22.29
N SER F 229 -21.45 46.76 -22.42
CA SER F 229 -21.37 45.49 -21.71
C SER F 229 -20.04 45.24 -20.98
N SER F 230 -20.11 44.36 -20.00
CA SER F 230 -18.94 44.01 -19.23
C SER F 230 -17.96 43.23 -20.09
N ASP F 231 -18.39 42.81 -21.27
CA ASP F 231 -17.49 42.14 -22.18
C ASP F 231 -16.61 43.14 -22.93
N GLY F 232 -16.75 44.41 -22.62
CA GLY F 232 -15.91 45.42 -23.24
C GLY F 232 -16.38 45.90 -24.60
N THR F 233 -17.57 45.48 -25.02
CA THR F 233 -18.05 45.93 -26.31
C THR F 233 -19.24 46.85 -26.15
N ILE F 234 -19.40 47.71 -27.14
CA ILE F 234 -20.65 48.42 -27.40
C ILE F 234 -21.29 47.77 -28.62
N ARG F 235 -22.59 47.60 -28.59
CA ARG F 235 -23.25 47.03 -29.75
C ARG F 235 -24.44 47.89 -30.14
N LEU F 236 -24.60 48.07 -31.45
CA LEU F 236 -25.74 48.78 -32.01
C LEU F 236 -26.72 47.73 -32.54
N TRP F 237 -28.00 47.89 -32.23
CA TRP F 237 -28.99 46.88 -32.58
C TRP F 237 -30.08 47.47 -33.48
N SER F 238 -30.41 46.75 -34.54
CA SER F 238 -31.62 47.03 -35.30
C SER F 238 -32.78 46.22 -34.75
N LEU F 239 -33.83 46.89 -34.31
CA LEU F 239 -34.95 46.14 -33.77
C LEU F 239 -35.82 45.62 -34.92
N GLY F 240 -35.70 46.26 -36.08
CA GLY F 240 -36.42 45.80 -37.26
C GLY F 240 -35.87 44.48 -37.74
N GLN F 241 -34.56 44.31 -37.65
CA GLN F 241 -33.91 43.09 -38.07
C GLN F 241 -33.73 42.13 -36.91
N GLN F 242 -33.97 42.63 -35.69
CA GLN F 242 -33.73 41.88 -34.46
C GLN F 242 -32.33 41.30 -34.40
N ARG F 243 -31.34 42.15 -34.67
CA ARG F 243 -29.98 41.69 -34.56
C ARG F 243 -28.97 42.83 -34.45
N CYS F 244 -27.80 42.50 -33.92
CA CYS F 244 -26.68 43.44 -33.81
C CYS F 244 -26.11 43.75 -35.16
N ILE F 245 -26.11 45.03 -35.51
CA ILE F 245 -25.61 45.42 -36.81
C ILE F 245 -24.22 46.07 -36.72
N ALA F 246 -23.71 46.25 -35.50
CA ALA F 246 -22.35 46.78 -35.31
C ALA F 246 -21.82 46.54 -33.90
N THR F 247 -20.52 46.28 -33.83
CA THR F 247 -19.83 46.08 -32.57
C THR F 247 -18.62 46.99 -32.52
N TYR F 248 -18.53 47.79 -31.47
CA TYR F 248 -17.39 48.68 -31.30
C TYR F 248 -16.53 48.21 -30.14
N ARG F 249 -15.22 48.12 -30.37
CA ARG F 249 -14.34 47.57 -29.35
C ARG F 249 -13.25 48.51 -28.86
N VAL F 250 -13.59 49.78 -28.63
CA VAL F 250 -12.60 50.75 -28.20
C VAL F 250 -12.08 50.51 -26.75
N HIS F 251 -12.87 49.85 -25.91
CA HIS F 251 -12.51 49.72 -24.50
C HIS F 251 -11.75 48.45 -24.20
N ASP F 252 -10.95 48.47 -23.15
CA ASP F 252 -10.18 47.31 -22.72
C ASP F 252 -10.95 46.47 -21.73
N GLU F 253 -11.76 47.14 -20.92
CA GLU F 253 -12.52 46.45 -19.89
C GLU F 253 -14.00 46.72 -20.06
N GLY F 254 -14.81 46.29 -19.08
CA GLY F 254 -16.25 46.43 -19.15
C GLY F 254 -16.72 47.85 -19.43
N VAL F 255 -17.74 47.97 -20.25
CA VAL F 255 -18.32 49.26 -20.54
C VAL F 255 -19.55 49.42 -19.67
N TRP F 256 -19.61 50.55 -18.97
CA TRP F 256 -20.59 50.68 -17.89
C TRP F 256 -21.53 51.84 -18.09
N ALA F 257 -21.15 52.78 -18.93
CA ALA F 257 -21.96 53.97 -19.11
C ALA F 257 -22.02 54.38 -20.57
N LEU F 258 -23.20 54.78 -21.01
CA LEU F 258 -23.35 55.26 -22.36
C LEU F 258 -24.15 56.54 -22.41
N GLN F 259 -23.77 57.42 -23.34
CA GLN F 259 -24.62 58.53 -23.74
C GLN F 259 -24.57 58.65 -25.25
N VAL F 260 -25.54 59.36 -25.81
CA VAL F 260 -25.59 59.50 -27.25
C VAL F 260 -26.18 60.88 -27.59
N ASN F 261 -25.76 61.45 -28.70
CA ASN F 261 -26.31 62.75 -29.11
C ASN F 261 -27.72 62.62 -29.66
N ASP F 262 -28.35 63.77 -29.88
CA ASP F 262 -29.74 63.79 -30.35
C ASP F 262 -29.95 63.08 -31.68
N ALA F 263 -28.96 63.11 -32.56
CA ALA F 263 -29.11 62.48 -33.88
C ALA F 263 -28.92 60.97 -33.85
N PHE F 264 -28.54 60.46 -32.68
CA PHE F 264 -28.21 59.05 -32.49
C PHE F 264 -27.12 58.61 -33.44
N THR F 265 -26.04 59.37 -33.47
CA THR F 265 -24.96 59.13 -34.41
C THR F 265 -23.57 59.09 -33.75
N HIS F 266 -23.45 59.67 -32.56
CA HIS F 266 -22.21 59.62 -31.81
C HIS F 266 -22.44 59.05 -30.42
N VAL F 267 -21.74 57.99 -30.09
CA VAL F 267 -21.92 57.39 -28.78
C VAL F 267 -20.74 57.75 -27.85
N TYR F 268 -21.06 58.16 -26.62
CA TYR F 268 -20.04 58.38 -25.60
C TYR F 268 -20.02 57.19 -24.65
N SER F 269 -18.85 56.64 -24.39
CA SER F 269 -18.76 55.46 -23.54
C SER F 269 -17.70 55.53 -22.44
N GLY F 270 -17.98 54.82 -21.35
CA GLY F 270 -17.14 54.84 -20.17
C GLY F 270 -17.31 53.57 -19.36
N GLY F 271 -16.26 53.16 -18.67
CA GLY F 271 -16.30 51.97 -17.86
C GLY F 271 -15.13 51.76 -16.93
N ARG F 272 -14.84 50.51 -16.66
CA ARG F 272 -13.81 50.13 -15.71
C ARG F 272 -12.42 50.63 -16.10
N ASP F 273 -12.13 50.74 -17.39
CA ASP F 273 -10.78 51.15 -17.78
C ASP F 273 -10.59 52.67 -17.74
N ARG F 274 -11.61 53.40 -17.32
CA ARG F 274 -11.50 54.82 -16.98
C ARG F 274 -11.39 55.73 -18.17
N LYS F 275 -11.26 55.18 -19.35
CA LYS F 275 -11.16 56.00 -20.55
C LYS F 275 -12.56 56.35 -21.06
N ILE F 276 -12.73 57.54 -21.61
CA ILE F 276 -14.01 57.95 -22.14
C ILE F 276 -13.84 58.34 -23.59
N TYR F 277 -14.61 57.69 -24.46
CA TYR F 277 -14.56 57.90 -25.90
C TYR F 277 -15.84 58.48 -26.47
N CYS F 278 -15.70 59.22 -27.56
CA CYS F 278 -16.80 59.51 -28.45
C CYS F 278 -16.56 58.78 -29.77
N THR F 279 -17.46 57.86 -30.09
CA THR F 279 -17.34 57.04 -31.28
C THR F 279 -18.43 57.38 -32.29
N ASP F 280 -18.08 57.45 -33.56
CA ASP F 280 -19.07 57.65 -34.60
C ASP F 280 -19.69 56.31 -34.98
N LEU F 281 -21.00 56.20 -34.87
CA LEU F 281 -21.66 54.93 -35.12
C LEU F 281 -21.59 54.53 -36.58
N ARG F 282 -21.66 55.53 -37.46
CA ARG F 282 -21.57 55.31 -38.91
C ARG F 282 -20.23 54.67 -39.25
N ASN F 283 -19.17 55.15 -38.61
CA ASN F 283 -17.83 54.68 -38.90
C ASN F 283 -16.97 54.44 -37.65
N PRO F 284 -17.00 53.21 -37.11
CA PRO F 284 -16.34 52.81 -35.86
C PRO F 284 -14.84 53.09 -35.77
N ASP F 285 -14.20 53.50 -36.86
CA ASP F 285 -12.77 53.78 -36.79
C ASP F 285 -12.53 55.25 -36.51
N ILE F 286 -13.60 56.01 -36.38
CA ILE F 286 -13.49 57.40 -35.96
C ILE F 286 -13.80 57.47 -34.48
N ARG F 287 -12.74 57.52 -33.67
CA ARG F 287 -12.88 57.53 -32.22
C ARG F 287 -12.11 58.74 -31.70
N VAL F 288 -12.67 59.41 -30.71
CA VAL F 288 -11.96 60.46 -30.01
C VAL F 288 -11.88 60.13 -28.53
N LEU F 289 -10.66 60.05 -28.00
CA LEU F 289 -10.47 59.96 -26.56
C LEU F 289 -10.76 61.31 -25.95
N ILE F 290 -11.72 61.36 -25.05
CA ILE F 290 -12.13 62.61 -24.44
C ILE F 290 -11.27 62.94 -23.24
N CYS F 291 -10.93 61.88 -22.50
CA CYS F 291 -10.21 61.97 -21.24
C CYS F 291 -10.05 60.59 -20.64
N GLU F 292 -9.17 60.49 -19.65
CA GLU F 292 -9.08 59.34 -18.79
C GLU F 292 -9.39 59.80 -17.38
N GLU F 293 -10.36 59.17 -16.74
CA GLU F 293 -10.75 59.59 -15.41
C GLU F 293 -9.86 58.95 -14.36
N LYS F 294 -9.96 59.41 -13.13
CA LYS F 294 -9.09 58.93 -12.08
C LYS F 294 -9.59 57.63 -11.45
N ALA F 295 -10.80 57.20 -11.84
CA ALA F 295 -11.43 56.01 -11.29
C ALA F 295 -12.48 55.46 -12.28
N PRO F 296 -12.86 54.17 -12.14
CA PRO F 296 -13.80 53.61 -13.11
C PRO F 296 -15.09 54.43 -13.24
N VAL F 297 -15.54 54.61 -14.47
CA VAL F 297 -16.72 55.43 -14.70
C VAL F 297 -17.99 54.62 -14.46
N LEU F 298 -18.90 55.17 -13.66
CA LEU F 298 -20.18 54.53 -13.35
C LEU F 298 -21.36 55.08 -14.16
N LYS F 299 -21.29 56.36 -14.53
CA LYS F 299 -22.39 57.02 -15.22
C LYS F 299 -21.91 58.35 -15.82
N MET F 300 -22.55 58.75 -16.90
CA MET F 300 -22.24 59.98 -17.60
C MET F 300 -23.55 60.70 -18.00
N GLU F 301 -23.57 62.02 -17.87
CA GLU F 301 -24.70 62.86 -18.27
C GLU F 301 -24.27 63.96 -19.22
N LEU F 302 -24.71 63.90 -20.48
CA LEU F 302 -24.37 64.94 -21.43
C LEU F 302 -24.97 66.28 -21.05
N ASP F 303 -24.25 67.36 -21.32
CA ASP F 303 -24.85 68.68 -21.35
C ASP F 303 -25.46 68.83 -22.74
N ARG F 304 -26.78 69.04 -22.81
CA ARG F 304 -27.43 69.12 -24.12
C ARG F 304 -27.96 70.52 -24.45
N SER F 305 -27.27 71.55 -23.97
CA SER F 305 -27.72 72.92 -24.20
C SER F 305 -27.40 73.35 -25.63
N ALA F 306 -26.55 72.59 -26.30
CA ALA F 306 -26.20 72.83 -27.68
C ALA F 306 -25.95 71.51 -28.37
N ASP F 307 -26.27 71.41 -29.67
CA ASP F 307 -26.38 70.10 -30.37
C ASP F 307 -25.14 69.31 -30.26
N PRO F 308 -23.99 69.88 -30.85
CA PRO F 308 -22.78 69.12 -30.52
C PRO F 308 -22.62 69.39 -29.03
N PRO F 309 -22.89 68.25 -28.26
CA PRO F 309 -22.94 68.52 -26.82
C PRO F 309 -21.69 69.23 -26.34
N PRO F 310 -21.83 70.35 -25.65
CA PRO F 310 -20.66 71.11 -25.21
C PRO F 310 -19.88 70.45 -24.07
N ALA F 311 -20.55 69.68 -23.23
CA ALA F 311 -19.86 69.12 -22.07
C ALA F 311 -20.48 67.81 -21.60
N ILE F 312 -19.70 67.04 -20.86
CA ILE F 312 -20.23 65.81 -20.28
C ILE F 312 -19.85 65.67 -18.81
N TRP F 313 -20.87 65.39 -18.00
CA TRP F 313 -20.72 65.19 -16.57
C TRP F 313 -20.48 63.72 -16.27
N VAL F 314 -19.49 63.42 -15.44
CA VAL F 314 -19.04 62.07 -15.21
C VAL F 314 -19.05 61.67 -13.74
N ALA F 315 -19.71 60.55 -13.43
CA ALA F 315 -19.69 59.96 -12.09
C ALA F 315 -18.76 58.76 -12.03
N THR F 316 -17.91 58.70 -11.00
CA THR F 316 -17.02 57.57 -10.84
C THR F 316 -17.19 56.94 -9.49
N THR F 317 -16.31 56.01 -9.16
CA THR F 317 -16.35 55.41 -7.85
C THR F 317 -15.79 56.37 -6.79
N LYS F 318 -15.14 57.45 -7.24
CA LYS F 318 -14.73 58.52 -6.35
C LYS F 318 -15.92 59.41 -5.98
N SER F 319 -15.76 60.19 -4.93
CA SER F 319 -16.82 61.02 -4.41
C SER F 319 -16.91 62.36 -5.11
N THR F 320 -15.88 62.68 -5.86
CA THR F 320 -15.82 63.90 -6.63
C THR F 320 -16.56 63.74 -7.99
N VAL F 321 -17.20 64.79 -8.48
CA VAL F 321 -17.86 64.72 -9.79
C VAL F 321 -17.37 65.80 -10.76
N ASN F 322 -16.90 65.36 -11.93
CA ASN F 322 -16.29 66.27 -12.91
C ASN F 322 -17.15 66.57 -14.13
N LYS F 323 -17.03 67.80 -14.62
CA LYS F 323 -17.52 68.16 -15.94
C LYS F 323 -16.34 68.24 -16.89
N TRP F 324 -16.39 67.45 -17.95
CA TRP F 324 -15.41 67.53 -19.03
C TRP F 324 -16.00 68.24 -20.23
N THR F 325 -15.28 69.21 -20.77
CA THR F 325 -15.78 69.98 -21.91
C THR F 325 -15.59 69.21 -23.20
N LEU F 326 -16.44 69.48 -24.18
CA LEU F 326 -16.28 68.81 -25.45
C LEU F 326 -16.05 69.82 -26.57
N LYS F 327 -14.88 69.79 -27.20
CA LYS F 327 -14.58 70.66 -28.32
C LYS F 327 -13.69 69.96 -29.33
N GLY F 328 -14.21 68.88 -29.93
CA GLY F 328 -13.46 68.10 -30.90
C GLY F 328 -14.13 68.03 -32.25
N PRO F 348 -6.22 62.49 -25.75
CA PRO F 348 -7.35 63.02 -24.99
C PRO F 348 -7.62 64.49 -25.26
N LEU F 349 -8.86 64.79 -25.66
CA LEU F 349 -9.33 66.14 -25.86
C LEU F 349 -9.04 66.98 -24.62
N CYS F 350 -9.49 66.51 -23.45
CA CYS F 350 -9.24 67.19 -22.19
C CYS F 350 -8.20 66.48 -21.33
N THR F 351 -7.53 67.25 -20.48
CA THR F 351 -6.58 66.70 -19.53
C THR F 351 -6.98 67.08 -18.11
N GLN F 352 -7.73 68.16 -17.99
CA GLN F 352 -8.15 68.69 -16.70
C GLN F 352 -9.63 69.06 -16.80
N PRO F 353 -10.43 68.60 -15.82
CA PRO F 353 -11.88 68.84 -15.90
C PRO F 353 -12.23 70.32 -15.91
N ASP F 354 -13.38 70.64 -16.48
CA ASP F 354 -13.83 72.00 -16.65
C ASP F 354 -14.49 72.54 -15.39
N GLN F 355 -15.15 71.64 -14.65
CA GLN F 355 -15.76 71.96 -13.36
C GLN F 355 -15.60 70.77 -12.43
N VAL F 356 -15.31 71.05 -11.17
CA VAL F 356 -15.15 69.98 -10.21
C VAL F 356 -16.11 70.19 -9.04
N ILE F 357 -16.94 69.20 -8.80
CA ILE F 357 -17.74 69.16 -7.59
C ILE F 357 -17.01 68.29 -6.57
N LYS F 358 -16.56 68.95 -5.50
CA LYS F 358 -15.77 68.33 -4.45
C LYS F 358 -16.50 67.21 -3.74
N GLY F 359 -15.77 66.22 -3.29
CA GLY F 359 -16.34 65.15 -2.49
C GLY F 359 -15.63 65.01 -1.16
N GLY F 360 -16.21 64.23 -0.25
CA GLY F 360 -15.58 63.93 1.02
C GLY F 360 -14.97 62.54 1.05
N ALA F 361 -14.40 62.19 2.19
CA ALA F 361 -13.67 60.94 2.33
C ALA F 361 -14.59 59.82 2.77
N SER F 362 -14.35 58.62 2.26
CA SER F 362 -15.10 57.47 2.74
C SER F 362 -14.31 56.81 3.84
N ILE F 363 -15.00 56.21 4.79
CA ILE F 363 -14.33 55.36 5.75
C ILE F 363 -14.15 53.97 5.16
N ILE F 364 -12.92 53.53 5.04
CA ILE F 364 -12.60 52.33 4.28
C ILE F 364 -12.05 51.21 5.15
N GLN F 365 -11.82 51.51 6.42
CA GLN F 365 -11.26 50.57 7.36
C GLN F 365 -11.75 50.90 8.78
N CYS F 366 -12.05 49.87 9.56
CA CYS F 366 -12.70 50.06 10.85
C CYS F 366 -12.27 49.01 11.84
N HIS F 367 -11.79 49.44 13.01
CA HIS F 367 -11.39 48.51 14.05
C HIS F 367 -12.14 48.74 15.35
N ILE F 368 -12.80 47.69 15.84
CA ILE F 368 -13.53 47.76 17.10
C ILE F 368 -12.63 47.38 18.26
N LEU F 369 -12.45 48.29 19.22
CA LEU F 369 -11.51 48.06 20.30
C LEU F 369 -12.10 47.07 21.31
N ASN F 370 -11.26 46.56 22.20
CA ASN F 370 -11.66 45.51 23.14
C ASN F 370 -12.77 45.97 24.10
N ASP F 371 -12.88 47.26 24.34
CA ASP F 371 -13.92 47.74 25.22
C ASP F 371 -15.32 47.70 24.56
N LYS F 372 -15.37 47.41 23.26
CA LYS F 372 -16.63 47.40 22.49
C LYS F 372 -17.41 48.70 22.67
N ARG F 373 -16.68 49.79 22.77
CA ARG F 373 -17.28 51.09 22.84
C ARG F 373 -16.64 52.04 21.84
N HIS F 374 -15.34 51.92 21.64
CA HIS F 374 -14.64 52.83 20.74
C HIS F 374 -14.22 52.16 19.45
N ILE F 375 -14.07 52.98 18.40
CA ILE F 375 -13.69 52.50 17.09
C ILE F 375 -12.58 53.37 16.48
N LEU F 376 -11.66 52.75 15.79
CA LEU F 376 -10.66 53.45 15.00
C LEU F 376 -10.99 53.28 13.52
N THR F 377 -10.90 54.34 12.75
CA THR F 377 -11.16 54.29 11.32
C THR F 377 -10.01 54.84 10.52
N LYS F 378 -10.00 54.48 9.24
CA LYS F 378 -9.07 55.06 8.29
C LYS F 378 -9.92 55.49 7.10
N ASP F 379 -9.70 56.68 6.57
CA ASP F 379 -10.53 57.09 5.45
C ASP F 379 -9.72 57.18 4.15
N THR F 380 -10.38 57.55 3.05
CA THR F 380 -9.78 57.54 1.71
C THR F 380 -8.60 58.49 1.59
N ASN F 381 -8.60 59.55 2.40
CA ASN F 381 -7.48 60.48 2.50
C ASN F 381 -6.35 59.98 3.43
N ASN F 382 -6.48 58.74 3.93
CA ASN F 382 -5.55 58.13 4.89
C ASN F 382 -5.53 58.81 6.27
N ASN F 383 -6.52 59.65 6.56
CA ASN F 383 -6.71 60.15 7.90
C ASN F 383 -7.32 59.10 8.83
N VAL F 384 -6.81 59.05 10.06
CA VAL F 384 -7.25 58.10 11.05
C VAL F 384 -8.05 58.83 12.11
N ALA F 385 -9.09 58.20 12.64
CA ALA F 385 -9.90 58.86 13.66
C ALA F 385 -10.40 57.88 14.73
N TYR F 386 -10.70 58.43 15.88
CA TYR F 386 -11.12 57.65 17.03
C TYR F 386 -12.54 58.08 17.37
N TRP F 387 -13.44 57.10 17.47
CA TRP F 387 -14.85 57.35 17.69
C TRP F 387 -15.45 56.61 18.89
N ASP F 388 -16.52 57.18 19.41
CA ASP F 388 -17.32 56.60 20.47
C ASP F 388 -18.64 56.11 19.89
N VAL F 389 -18.82 54.79 19.87
CA VAL F 389 -20.01 54.17 19.28
C VAL F 389 -21.23 54.42 20.14
N LEU F 390 -21.05 54.36 21.45
CA LEU F 390 -22.09 54.66 22.42
C LEU F 390 -22.66 56.04 22.30
N LYS F 391 -21.80 57.04 22.30
CA LYS F 391 -22.25 58.42 22.20
C LYS F 391 -22.46 58.80 20.75
N ALA F 392 -22.21 57.85 19.86
CA ALA F 392 -22.40 58.04 18.42
C ALA F 392 -21.73 59.31 17.92
N CYS F 393 -20.42 59.44 18.16
CA CYS F 393 -19.70 60.63 17.73
C CYS F 393 -18.19 60.44 17.63
N LYS F 394 -17.53 61.41 17.01
CA LYS F 394 -16.08 61.41 16.89
C LYS F 394 -15.39 61.95 18.14
N VAL F 395 -14.35 61.27 18.58
CA VAL F 395 -13.62 61.69 19.76
C VAL F 395 -12.42 62.53 19.35
N GLU F 396 -11.56 62.00 18.50
CA GLU F 396 -10.50 62.82 17.95
C GLU F 396 -10.06 62.37 16.56
N ASP F 397 -9.72 63.36 15.75
CA ASP F 397 -9.02 63.14 14.50
C ASP F 397 -7.54 63.00 14.82
N LEU F 398 -6.89 62.02 14.23
CA LEU F 398 -5.52 61.73 14.59
C LEU F 398 -4.55 62.02 13.46
N GLY F 399 -5.06 62.48 12.32
CA GLY F 399 -4.19 62.76 11.18
C GLY F 399 -3.68 61.50 10.51
N LYS F 400 -2.55 61.58 9.83
CA LYS F 400 -2.08 60.47 9.01
C LYS F 400 -1.15 59.51 9.73
N VAL F 401 -1.53 59.15 10.94
CA VAL F 401 -0.83 58.17 11.77
C VAL F 401 -0.95 56.82 11.07
N ASP F 402 -0.03 55.89 11.37
CA ASP F 402 -0.16 54.53 10.90
C ASP F 402 -1.30 53.81 11.64
N PHE F 403 -2.20 53.22 10.87
CA PHE F 403 -3.46 52.71 11.40
C PHE F 403 -3.23 51.52 12.33
N GLU F 404 -2.49 50.53 11.84
CA GLU F 404 -2.21 49.32 12.61
C GLU F 404 -1.39 49.56 13.88
N ASP F 405 -0.48 50.53 13.83
CA ASP F 405 0.28 50.85 15.03
C ASP F 405 -0.64 51.52 16.02
N GLU F 406 -1.52 52.35 15.52
CA GLU F 406 -2.43 53.09 16.36
C GLU F 406 -3.38 52.13 17.07
N ILE F 407 -3.74 51.06 16.39
CA ILE F 407 -4.56 50.02 16.98
C ILE F 407 -3.82 49.41 18.16
N LYS F 408 -2.56 49.05 17.93
CA LYS F 408 -1.74 48.39 18.94
C LYS F 408 -1.47 49.28 20.14
N LYS F 409 -1.16 50.53 19.86
CA LYS F 409 -0.95 51.53 20.90
C LYS F 409 -2.13 51.65 21.88
N ARG F 410 -3.34 51.39 21.42
CA ARG F 410 -4.51 51.61 22.27
C ARG F 410 -5.08 50.28 22.78
N PHE F 411 -4.32 49.20 22.60
CA PHE F 411 -4.73 47.91 23.10
C PHE F 411 -4.96 47.90 24.61
N LYS F 412 -5.94 47.13 25.05
CA LYS F 412 -6.17 46.97 26.46
C LYS F 412 -6.71 45.59 26.68
N MET F 413 -6.12 44.88 27.62
CA MET F 413 -6.50 43.50 27.89
C MET F 413 -7.78 43.46 28.71
N VAL F 414 -8.89 43.61 28.01
CA VAL F 414 -10.20 43.55 28.61
C VAL F 414 -11.09 42.83 27.60
N TYR F 415 -12.04 42.06 28.12
CA TYR F 415 -13.01 41.45 27.24
C TYR F 415 -14.40 41.97 27.57
N VAL F 416 -15.12 42.33 26.52
CA VAL F 416 -16.49 42.79 26.58
C VAL F 416 -17.23 42.06 25.48
N PRO F 417 -18.37 41.43 25.81
CA PRO F 417 -19.04 40.72 24.72
C PRO F 417 -19.50 41.65 23.58
N ASN F 418 -19.35 41.17 22.35
CA ASN F 418 -19.92 41.84 21.19
C ASN F 418 -21.38 42.17 21.31
N TRP F 419 -21.75 43.40 20.97
CA TRP F 419 -23.14 43.76 21.05
C TRP F 419 -23.63 44.60 19.87
N PHE F 420 -22.75 44.88 18.91
CA PHE F 420 -23.20 45.57 17.69
C PHE F 420 -22.39 45.16 16.49
N SER F 421 -22.80 45.63 15.30
CA SER F 421 -21.96 45.44 14.14
C SER F 421 -21.91 46.72 13.31
N VAL F 422 -20.83 46.86 12.56
CA VAL F 422 -20.56 48.05 11.79
C VAL F 422 -20.59 47.70 10.30
N ASP F 423 -21.05 48.60 9.46
CA ASP F 423 -20.88 48.44 8.03
C ASP F 423 -20.50 49.78 7.44
N LEU F 424 -19.72 49.73 6.38
CA LEU F 424 -19.14 50.92 5.77
C LEU F 424 -19.69 51.17 4.37
N LYS F 425 -20.85 50.59 4.06
CA LYS F 425 -21.36 50.59 2.69
C LYS F 425 -21.66 51.99 2.16
N THR F 426 -22.06 52.91 3.03
CA THR F 426 -22.34 54.27 2.60
C THR F 426 -21.09 55.15 2.67
N GLY F 427 -20.00 54.59 3.18
CA GLY F 427 -18.79 55.38 3.39
C GLY F 427 -18.79 56.07 4.72
N MET F 428 -19.91 56.01 5.42
CA MET F 428 -20.02 56.47 6.81
C MET F 428 -20.24 55.28 7.75
N LEU F 429 -19.95 55.48 9.03
CA LEU F 429 -20.19 54.45 10.03
C LEU F 429 -21.68 54.24 10.29
N THR F 430 -22.17 53.05 9.97
CA THR F 430 -23.52 52.65 10.32
C THR F 430 -23.47 51.49 11.31
N ILE F 431 -24.19 51.66 12.40
CA ILE F 431 -24.19 50.70 13.50
C ILE F 431 -25.52 49.99 13.54
N THR F 432 -25.49 48.68 13.63
CA THR F 432 -26.70 47.86 13.66
C THR F 432 -26.79 47.09 14.98
N LEU F 433 -27.98 47.12 15.56
CA LEU F 433 -28.28 46.39 16.76
C LEU F 433 -29.29 45.29 16.43
N ASP F 434 -28.99 44.08 16.90
CA ASP F 434 -29.83 42.92 16.65
C ASP F 434 -30.21 42.36 18.00
N GLU F 435 -31.42 41.82 18.09
CA GLU F 435 -31.90 41.25 19.34
C GLU F 435 -30.96 40.17 19.93
N SER F 436 -30.33 39.37 19.07
CA SER F 436 -29.49 38.26 19.55
C SER F 436 -28.34 38.68 20.48
N ASP F 437 -27.66 39.80 20.20
CA ASP F 437 -26.52 40.19 21.03
C ASP F 437 -26.47 41.66 21.49
N CYS F 438 -27.51 42.43 21.19
CA CYS F 438 -27.60 43.83 21.57
C CYS F 438 -27.37 44.04 23.06
N PHE F 439 -27.91 43.13 23.85
CA PHE F 439 -27.83 43.26 25.30
C PHE F 439 -26.75 42.37 25.90
N ALA F 440 -25.78 41.95 25.09
CA ALA F 440 -24.79 41.01 25.58
C ALA F 440 -23.74 41.65 26.48
N ALA F 441 -23.67 42.98 26.49
CA ALA F 441 -22.57 43.64 27.18
C ALA F 441 -23.00 44.41 28.43
N TRP F 442 -22.84 43.75 29.58
CA TRP F 442 -22.90 44.41 30.86
C TRP F 442 -21.48 44.85 31.21
N VAL F 443 -21.33 46.11 31.59
CA VAL F 443 -20.05 46.63 32.05
C VAL F 443 -20.30 47.52 33.26
N SER F 444 -19.32 47.64 34.13
CA SER F 444 -19.44 48.55 35.25
C SER F 444 -19.37 49.99 34.78
N ALA F 445 -20.16 50.86 35.41
CA ALA F 445 -20.19 52.27 35.09
C ALA F 445 -18.79 52.87 35.06
N LYS F 446 -17.92 52.44 35.97
CA LYS F 446 -16.59 53.03 36.05
C LYS F 446 -15.72 52.63 34.87
N ASP F 447 -15.72 51.35 34.52
CA ASP F 447 -14.96 50.87 33.37
C ASP F 447 -15.52 51.43 32.07
N ALA F 448 -16.77 51.88 32.10
CA ALA F 448 -17.39 52.47 30.93
C ALA F 448 -17.14 53.97 30.87
N GLY F 449 -16.46 54.51 31.88
CA GLY F 449 -16.14 55.92 31.94
C GLY F 449 -17.30 56.79 32.40
N PHE F 450 -18.20 56.23 33.19
CA PHE F 450 -19.38 56.95 33.61
C PHE F 450 -19.38 57.23 35.09
N SER F 451 -20.19 58.20 35.49
CA SER F 451 -20.29 58.60 36.88
C SER F 451 -20.65 57.44 37.77
N SER F 452 -19.84 57.24 38.78
CA SER F 452 -20.11 56.22 39.79
C SER F 452 -19.48 56.68 41.10
N PRO F 453 -20.24 57.43 41.90
CA PRO F 453 -19.84 57.93 43.22
C PRO F 453 -19.24 56.84 44.07
N ASP F 454 -18.18 57.17 44.82
CA ASP F 454 -17.45 56.20 45.61
C ASP F 454 -18.40 55.42 46.52
N GLY F 455 -18.11 54.14 46.74
CA GLY F 455 -18.98 53.31 47.52
C GLY F 455 -20.22 52.89 46.73
N SER F 456 -20.02 52.72 45.42
CA SER F 456 -21.04 52.23 44.53
C SER F 456 -20.40 51.90 43.19
N ASP F 457 -20.94 50.93 42.47
CA ASP F 457 -20.69 50.84 41.04
C ASP F 457 -21.81 50.10 40.36
N PRO F 458 -22.79 50.86 39.84
CA PRO F 458 -23.88 50.28 39.08
C PRO F 458 -23.35 49.54 37.85
N LYS F 459 -24.02 48.46 37.46
CA LYS F 459 -23.72 47.77 36.24
C LYS F 459 -24.56 48.35 35.10
N LEU F 460 -23.93 48.60 33.96
CA LEU F 460 -24.62 49.18 32.81
C LEU F 460 -24.64 48.20 31.62
N ASN F 461 -25.79 48.13 30.94
CA ASN F 461 -25.90 47.36 29.71
C ASN F 461 -25.82 48.33 28.53
N LEU F 462 -24.78 48.18 27.72
CA LEU F 462 -24.49 49.18 26.71
C LEU F 462 -25.59 49.32 25.67
N GLY F 463 -26.04 48.19 25.15
CA GLY F 463 -27.07 48.18 24.13
C GLY F 463 -28.36 48.73 24.69
N GLY F 464 -28.62 48.42 25.95
CA GLY F 464 -29.78 48.93 26.65
C GLY F 464 -29.76 50.44 26.72
N LEU F 465 -28.61 50.98 27.06
CA LEU F 465 -28.45 52.43 27.22
C LEU F 465 -28.53 53.11 25.87
N LEU F 466 -28.01 52.48 24.84
CA LEU F 466 -28.04 53.07 23.51
C LEU F 466 -29.47 53.18 22.96
N LEU F 467 -30.26 52.13 23.12
CA LEU F 467 -31.63 52.17 22.64
C LEU F 467 -32.41 53.30 23.30
N GLN F 468 -32.15 53.52 24.59
CA GLN F 468 -32.85 54.56 25.32
C GLN F 468 -32.46 55.94 24.78
N ALA F 469 -31.22 56.09 24.38
CA ALA F 469 -30.75 57.34 23.82
C ALA F 469 -31.30 57.56 22.41
N LEU F 470 -31.30 56.53 21.58
CA LEU F 470 -31.86 56.60 20.24
C LEU F 470 -33.35 57.02 20.26
N LEU F 471 -34.09 56.54 21.25
CA LEU F 471 -35.52 56.85 21.32
C LEU F 471 -35.84 57.83 22.44
N GLU F 472 -34.84 58.56 22.90
CA GLU F 472 -35.00 59.57 23.96
C GLU F 472 -36.19 60.54 23.76
N TYR F 473 -36.42 61.00 22.53
CA TYR F 473 -37.46 61.98 22.27
C TYR F 473 -38.87 61.38 22.09
N TRP F 474 -38.96 60.05 22.12
CA TRP F 474 -40.24 59.36 22.00
C TRP F 474 -40.96 59.36 23.33
N PRO F 475 -42.09 60.09 23.41
CA PRO F 475 -42.74 60.36 24.70
C PRO F 475 -43.22 59.08 25.38
N ARG F 476 -43.57 58.07 24.61
CA ARG F 476 -43.92 56.77 25.16
C ARG F 476 -42.77 56.19 26.02
N THR F 477 -41.53 56.64 25.82
CA THR F 477 -40.42 56.14 26.62
C THR F 477 -40.18 56.94 27.90
N HIS F 478 -40.95 57.99 28.12
CA HIS F 478 -40.76 58.84 29.30
C HIS F 478 -41.48 58.22 30.48
N VAL F 479 -40.91 57.13 30.96
CA VAL F 479 -41.56 56.30 31.93
C VAL F 479 -40.81 56.29 33.26
N ASN F 480 -41.54 56.48 34.35
CA ASN F 480 -40.98 56.28 35.69
C ASN F 480 -41.13 54.82 36.12
N PRO F 481 -40.00 54.13 36.32
CA PRO F 481 -40.04 52.80 36.92
C PRO F 481 -40.10 52.91 38.43
N MET F 482 -41.22 52.55 39.06
CA MET F 482 -41.39 52.81 40.49
C MET F 482 -40.84 51.69 41.37
N VAL F 500 -39.69 60.08 36.39
CA VAL F 500 -39.85 60.06 34.94
C VAL F 500 -38.51 60.28 34.26
N GLN F 501 -37.93 59.21 33.75
CA GLN F 501 -36.62 59.30 33.13
C GLN F 501 -36.69 59.46 31.62
N LYS F 502 -36.24 60.61 31.14
CA LYS F 502 -36.07 60.82 29.72
C LYS F 502 -34.63 60.53 29.29
N GLY F 503 -34.48 59.55 28.42
CA GLY F 503 -33.17 59.06 28.08
C GLY F 503 -32.64 58.10 29.13
N ASN F 504 -31.32 57.94 29.18
CA ASN F 504 -30.72 56.89 29.97
C ASN F 504 -29.96 57.42 31.20
N GLY F 505 -29.86 58.74 31.31
CA GLY F 505 -29.20 59.37 32.43
C GLY F 505 -27.68 59.33 32.39
N TYR F 506 -27.11 58.90 31.28
CA TYR F 506 -25.66 58.83 31.19
C TYR F 506 -25.08 59.55 29.99
N PHE F 507 -25.83 59.58 28.89
CA PHE F 507 -25.36 60.20 27.67
C PHE F 507 -26.48 60.37 26.64
N GLN F 508 -26.31 61.36 25.79
CA GLN F 508 -27.15 61.52 24.62
C GLN F 508 -26.41 61.15 23.35
N VAL F 509 -27.20 60.84 22.35
CA VAL F 509 -26.74 60.73 21.00
C VAL F 509 -26.89 62.13 20.37
N PRO F 510 -26.13 62.46 19.31
CA PRO F 510 -26.46 63.75 18.71
C PRO F 510 -27.87 63.76 18.18
N PRO F 511 -28.58 64.88 18.35
CA PRO F 511 -30.01 64.96 18.02
C PRO F 511 -30.30 64.68 16.55
N HIS F 512 -29.35 64.92 15.66
CA HIS F 512 -29.59 64.71 14.23
C HIS F 512 -29.37 63.27 13.77
N THR F 513 -29.00 62.38 14.67
CA THR F 513 -28.68 61.00 14.30
C THR F 513 -29.86 60.31 13.63
N PRO F 514 -29.65 59.79 12.42
CA PRO F 514 -30.64 58.94 11.76
C PRO F 514 -30.88 57.63 12.54
N VAL F 515 -32.13 57.28 12.73
CA VAL F 515 -32.47 56.05 13.42
C VAL F 515 -33.31 55.22 12.47
N ILE F 516 -32.86 54.00 12.22
CA ILE F 516 -33.50 53.12 11.25
C ILE F 516 -34.01 51.82 11.87
N PHE F 517 -35.28 51.51 11.63
CA PHE F 517 -35.86 50.22 11.92
C PHE F 517 -36.07 49.49 10.61
N GLY F 518 -35.45 48.32 10.48
CA GLY F 518 -35.54 47.59 9.22
C GLY F 518 -35.33 46.10 9.36
N GLU F 519 -35.70 45.35 8.35
CA GLU F 519 -35.53 43.89 8.38
C GLU F 519 -34.12 43.50 7.98
N ALA F 520 -33.63 42.39 8.50
CA ALA F 520 -32.26 41.94 8.25
C ALA F 520 -31.97 41.69 6.76
N GLY F 521 -33.00 41.37 5.99
CA GLY F 521 -32.85 41.28 4.55
C GLY F 521 -32.34 42.59 3.99
N GLY F 522 -33.08 43.66 4.27
CA GLY F 522 -32.68 45.00 3.89
C GLY F 522 -33.86 45.96 3.81
N ARG F 523 -35.07 45.43 4.01
CA ARG F 523 -36.28 46.24 3.85
C ARG F 523 -36.41 47.25 4.99
N THR F 524 -36.33 48.55 4.68
CA THR F 524 -36.50 49.55 5.71
C THR F 524 -37.97 49.69 6.08
N LEU F 525 -38.26 49.70 7.37
CA LEU F 525 -39.62 49.90 7.85
C LEU F 525 -39.91 51.37 8.19
N PHE F 526 -38.97 52.03 8.86
CA PHE F 526 -39.13 53.42 9.28
C PHE F 526 -37.79 54.11 9.60
N ARG F 527 -37.64 55.34 9.10
CA ARG F 527 -36.46 56.17 9.29
C ARG F 527 -36.82 57.57 9.78
N LEU F 528 -36.18 58.03 10.85
CA LEU F 528 -36.38 59.38 11.37
C LEU F 528 -35.11 59.89 12.03
N LEU F 529 -35.02 61.18 12.27
CA LEU F 529 -33.91 61.68 13.06
C LEU F 529 -34.30 61.61 14.53
N CYS F 530 -33.32 61.38 15.39
CA CYS F 530 -33.52 61.19 16.82
C CYS F 530 -34.35 62.28 17.49
N ARG F 531 -34.09 63.53 17.13
CA ARG F 531 -34.82 64.67 17.70
C ARG F 531 -36.33 64.69 17.37
N ASP F 532 -36.75 63.91 16.37
CA ASP F 532 -38.09 64.08 15.81
C ASP F 532 -39.15 63.15 16.38
N SER F 533 -38.76 62.19 17.21
CA SER F 533 -39.70 61.17 17.69
C SER F 533 -40.97 61.65 18.40
N GLY F 534 -41.01 62.90 18.82
CA GLY F 534 -42.17 63.46 19.50
C GLY F 534 -43.26 63.99 18.58
N GLY F 535 -42.99 64.08 17.28
CA GLY F 535 -44.03 64.42 16.33
C GLY F 535 -45.11 63.34 16.31
N GLU F 536 -46.34 63.73 15.94
CA GLU F 536 -47.48 62.79 15.94
C GLU F 536 -47.39 61.72 14.85
N THR F 537 -46.77 62.05 13.72
CA THR F 537 -46.55 61.08 12.68
C THR F 537 -45.49 60.09 13.10
N GLU F 538 -44.36 60.64 13.53
CA GLU F 538 -43.24 59.84 14.01
C GLU F 538 -43.64 58.90 15.15
N SER F 539 -44.45 59.37 16.09
CA SER F 539 -44.86 58.55 17.23
C SER F 539 -45.74 57.38 16.80
N MET F 540 -46.68 57.66 15.92
CA MET F 540 -47.54 56.64 15.37
C MET F 540 -46.71 55.61 14.62
N LEU F 541 -45.78 56.06 13.80
CA LEU F 541 -44.96 55.12 13.05
C LEU F 541 -44.01 54.30 13.96
N LEU F 542 -43.51 54.90 15.03
CA LEU F 542 -42.69 54.18 15.99
C LEU F 542 -43.53 53.10 16.69
N ASN F 543 -44.77 53.44 17.04
CA ASN F 543 -45.69 52.49 17.64
C ASN F 543 -45.89 51.26 16.79
N GLU F 544 -45.99 51.46 15.49
CA GLU F 544 -46.24 50.37 14.57
C GLU F 544 -44.97 49.60 14.24
N THR F 545 -43.81 50.23 14.38
CA THR F 545 -42.59 49.69 13.80
C THR F 545 -41.56 49.21 14.82
N VAL F 546 -41.50 49.84 15.99
CA VAL F 546 -40.49 49.49 16.98
C VAL F 546 -40.83 48.11 17.55
N PRO F 547 -39.88 47.16 17.46
CA PRO F 547 -40.12 45.76 17.87
C PRO F 547 -40.24 45.61 19.38
N GLN F 548 -40.91 44.56 19.82
CA GLN F 548 -41.16 44.35 21.23
C GLN F 548 -39.89 44.23 22.03
N TRP F 549 -38.84 43.68 21.43
CA TRP F 549 -37.59 43.52 22.15
C TRP F 549 -36.95 44.87 22.47
N VAL F 550 -37.23 45.89 21.68
CA VAL F 550 -36.74 47.23 21.98
C VAL F 550 -37.67 47.89 23.00
N ILE F 551 -38.96 47.71 22.81
CA ILE F 551 -39.96 48.24 23.72
C ILE F 551 -39.76 47.78 25.17
N ASP F 552 -39.37 46.52 25.37
CA ASP F 552 -39.07 46.01 26.73
C ASP F 552 -38.11 46.89 27.49
N ILE F 553 -37.11 47.40 26.78
CA ILE F 553 -36.07 48.15 27.43
C ILE F 553 -36.40 49.64 27.48
N THR F 554 -36.89 50.21 26.38
CA THR F 554 -37.03 51.66 26.31
C THR F 554 -38.35 52.16 26.86
N VAL F 555 -39.40 51.35 26.73
CA VAL F 555 -40.69 51.76 27.25
C VAL F 555 -40.93 51.13 28.62
N ASP F 556 -40.79 49.82 28.72
CA ASP F 556 -41.09 49.15 29.99
C ASP F 556 -40.00 49.33 31.04
N LYS F 557 -38.84 49.84 30.62
CA LYS F 557 -37.69 50.06 31.50
C LYS F 557 -37.25 48.77 32.16
N ASN F 558 -37.52 47.67 31.49
CA ASN F 558 -37.10 46.37 31.96
C ASN F 558 -35.61 46.15 31.72
N MET F 559 -34.99 45.34 32.54
CA MET F 559 -33.56 45.15 32.37
C MET F 559 -33.27 43.84 31.70
N PRO F 560 -32.36 43.86 30.73
CA PRO F 560 -32.01 42.61 30.08
C PRO F 560 -31.39 41.62 31.08
N LYS F 561 -31.43 40.36 30.70
CA LYS F 561 -30.81 39.27 31.44
C LYS F 561 -29.31 39.50 31.69
N PHE F 562 -28.84 39.06 32.86
CA PHE F 562 -27.42 38.98 33.14
C PHE F 562 -26.77 37.73 32.57
N ASN F 563 -25.46 37.66 32.59
CA ASN F 563 -24.76 36.48 32.10
C ASN F 563 -23.73 35.96 33.10
N LYS F 564 -23.90 34.71 33.48
CA LYS F 564 -23.02 34.10 34.45
C LYS F 564 -22.11 33.11 33.77
N ILE F 565 -20.92 32.96 34.35
CA ILE F 565 -19.92 32.01 33.89
C ILE F 565 -19.79 30.88 34.90
N PRO F 566 -19.98 29.64 34.46
CA PRO F 566 -19.71 28.52 35.36
C PRO F 566 -18.21 28.22 35.38
N PHE F 567 -17.65 27.92 36.53
CA PHE F 567 -16.24 27.58 36.56
C PHE F 567 -15.89 26.58 37.66
N TYR F 568 -14.73 25.98 37.48
CA TYR F 568 -14.14 25.08 38.43
C TYR F 568 -13.11 25.80 39.29
N LEU F 569 -13.12 25.48 40.58
CA LEU F 569 -12.16 25.97 41.54
C LEU F 569 -11.44 24.78 42.20
N GLN F 570 -10.10 24.73 42.06
CA GLN F 570 -9.27 23.64 42.60
C GLN F 570 -8.00 24.17 43.19
N PRO F 571 -7.42 23.43 44.16
CA PRO F 571 -6.08 23.79 44.65
C PRO F 571 -5.04 23.62 43.55
N HIS F 572 -4.04 24.49 43.53
CA HIS F 572 -2.97 24.38 42.54
C HIS F 572 -2.26 23.03 42.61
N ALA F 573 -2.03 22.56 43.82
CA ALA F 573 -1.31 21.30 44.08
C ALA F 573 -0.14 21.04 43.13
N THR F 579 -5.76 14.47 47.40
CA THR F 579 -7.15 14.15 47.13
C THR F 579 -7.89 15.32 46.44
N LEU F 580 -8.70 14.99 45.43
CA LEU F 580 -9.30 15.99 44.54
C LEU F 580 -10.40 16.83 45.20
N LYS F 581 -10.19 18.14 45.21
CA LYS F 581 -11.13 19.08 45.80
C LYS F 581 -11.57 20.10 44.74
N LYS F 582 -12.36 19.65 43.78
CA LYS F 582 -12.72 20.45 42.62
C LYS F 582 -14.14 20.96 42.74
N ASP F 583 -14.29 22.25 42.97
CA ASP F 583 -15.61 22.82 43.22
C ASP F 583 -16.23 23.42 41.97
N ARG F 584 -17.52 23.14 41.81
CA ARG F 584 -18.36 23.76 40.79
C ARG F 584 -18.95 25.05 41.29
N LEU F 585 -18.63 26.14 40.62
CA LEU F 585 -19.22 27.43 40.91
C LEU F 585 -19.70 28.14 39.64
N SER F 586 -20.49 29.17 39.84
CA SER F 586 -20.75 30.13 38.78
C SER F 586 -20.83 31.51 39.37
N ALA F 587 -20.51 32.51 38.58
CA ALA F 587 -20.70 33.86 39.02
C ALA F 587 -20.90 34.78 37.82
N SER F 588 -21.23 36.02 38.11
CA SER F 588 -21.30 37.05 37.12
C SER F 588 -20.09 37.04 36.17
N ASP F 589 -20.33 37.26 34.89
CA ASP F 589 -19.24 37.32 33.93
C ASP F 589 -18.38 38.56 34.21
N MET F 590 -18.92 39.50 34.96
CA MET F 590 -18.21 40.70 35.36
C MET F 590 -17.48 40.64 36.69
N LEU F 591 -17.61 39.55 37.43
CA LEU F 591 -16.98 39.43 38.75
C LEU F 591 -15.45 39.50 38.68
N GLN F 592 -14.85 40.29 39.56
CA GLN F 592 -13.39 40.37 39.59
C GLN F 592 -12.77 39.17 40.29
N VAL F 593 -11.58 38.81 39.83
CA VAL F 593 -10.79 37.72 40.38
C VAL F 593 -10.63 37.80 41.91
N ARG F 594 -10.55 39.02 42.44
CA ARG F 594 -10.38 39.19 43.88
C ARG F 594 -11.56 38.61 44.69
N LYS F 595 -12.78 38.67 44.15
CA LYS F 595 -13.94 38.09 44.85
C LYS F 595 -13.81 36.57 45.00
N VAL F 596 -13.22 35.92 44.00
CA VAL F 596 -12.93 34.49 44.11
C VAL F 596 -11.82 34.26 45.15
N MET F 597 -10.84 35.16 45.18
CA MET F 597 -9.77 35.08 46.18
C MET F 597 -10.36 35.22 47.57
N GLU F 598 -11.31 36.14 47.73
CA GLU F 598 -11.97 36.31 49.01
C GLU F 598 -12.74 35.07 49.36
N HIS F 599 -13.33 34.43 48.35
CA HIS F 599 -14.06 33.18 48.58
C HIS F 599 -13.15 32.09 49.12
N VAL F 600 -11.96 31.94 48.55
CA VAL F 600 -11.01 30.95 49.04
C VAL F 600 -10.57 31.29 50.46
N TYR F 601 -10.32 32.57 50.69
CA TYR F 601 -9.88 33.04 51.98
C TYR F 601 -10.88 32.71 53.09
N GLU F 602 -12.15 32.97 52.82
CA GLU F 602 -13.19 32.81 53.82
C GLU F 602 -13.66 31.35 53.97
N LYS F 603 -13.82 30.62 52.87
CA LYS F 603 -14.53 29.33 52.93
C LYS F 603 -13.67 28.10 52.72
N ILE F 604 -12.43 28.28 52.27
CA ILE F 604 -11.59 27.12 52.01
C ILE F 604 -10.33 27.15 52.87
N ILE F 605 -9.34 27.94 52.46
CA ILE F 605 -8.11 28.10 53.22
C ILE F 605 -8.31 29.19 54.28
N ASN F 606 -9.08 28.88 55.32
CA ASN F 606 -9.43 29.87 56.31
C ASN F 606 -8.79 29.64 57.68
N LEU F 607 -7.80 28.77 57.72
CA LEU F 607 -7.18 28.40 59.00
C LEU F 607 -6.20 29.44 59.51
N GLU F 629 -9.00 44.63 59.99
CA GLU F 629 -8.77 45.21 58.67
C GLU F 629 -9.72 44.59 57.64
N ASP F 630 -9.74 45.15 56.43
CA ASP F 630 -10.53 44.66 55.30
C ASP F 630 -10.08 43.26 54.89
N ILE F 631 -11.02 42.36 54.62
CA ILE F 631 -10.65 41.02 54.21
C ILE F 631 -10.17 40.96 52.75
N ALA F 632 -10.51 41.99 51.97
CA ALA F 632 -9.99 42.11 50.62
C ALA F 632 -8.48 42.21 50.67
N VAL F 633 -8.00 43.03 51.59
CA VAL F 633 -6.57 43.20 51.80
C VAL F 633 -5.95 41.90 52.27
N LEU F 634 -6.63 41.27 53.22
CA LEU F 634 -6.14 40.02 53.81
C LEU F 634 -6.17 38.89 52.79
N ALA F 635 -7.22 38.81 51.98
CA ALA F 635 -7.31 37.73 51.01
C ALA F 635 -6.28 37.94 49.92
N GLU F 636 -6.05 39.19 49.56
CA GLU F 636 -5.05 39.48 48.54
C GLU F 636 -3.64 39.15 49.04
N GLU F 637 -3.43 39.34 50.34
CA GLU F 637 -2.13 39.06 50.93
C GLU F 637 -1.87 37.56 51.03
N LYS F 638 -2.94 36.79 51.23
CA LYS F 638 -2.83 35.36 51.53
C LYS F 638 -3.02 34.43 50.33
N ILE F 639 -3.88 34.82 49.38
CA ILE F 639 -4.29 33.90 48.31
C ILE F 639 -3.91 34.34 46.90
N GLU F 640 -3.29 33.43 46.17
CA GLU F 640 -3.04 33.61 44.76
C GLU F 640 -3.96 32.76 43.92
N LEU F 641 -4.54 33.39 42.91
CA LEU F 641 -5.35 32.69 41.96
C LEU F 641 -4.56 32.55 40.65
N LEU F 642 -4.74 31.40 40.00
CA LEU F 642 -4.05 31.11 38.76
C LEU F 642 -4.98 30.54 37.72
N CYS F 643 -4.71 30.86 36.46
CA CYS F 643 -5.37 30.17 35.37
C CYS F 643 -4.33 29.82 34.31
N GLN F 644 -4.34 28.57 33.88
CA GLN F 644 -3.34 28.05 32.97
C GLN F 644 -1.91 28.39 33.46
N ASP F 645 -1.68 28.14 34.75
CA ASP F 645 -0.39 28.37 35.40
C ASP F 645 0.05 29.82 35.40
N GLN F 646 -0.91 30.72 35.24
CA GLN F 646 -0.60 32.13 35.21
C GLN F 646 -1.28 32.82 36.38
N VAL F 647 -0.51 33.62 37.12
CA VAL F 647 -1.03 34.32 38.29
C VAL F 647 -1.93 35.44 37.83
N LEU F 648 -3.13 35.50 38.39
CA LEU F 648 -4.15 36.42 37.94
C LEU F 648 -4.08 37.75 38.66
N ASP F 649 -4.38 38.81 37.92
CA ASP F 649 -4.56 40.13 38.47
C ASP F 649 -5.91 40.18 39.18
N PRO F 650 -5.93 40.49 40.48
CA PRO F 650 -7.17 40.55 41.24
C PRO F 650 -8.24 41.47 40.65
N ASN F 651 -7.81 42.45 39.85
CA ASN F 651 -8.74 43.40 39.21
C ASN F 651 -9.38 42.89 37.92
N MET F 652 -8.76 41.91 37.25
CA MET F 652 -9.33 41.30 36.04
C MET F 652 -10.65 40.57 36.36
N ASP F 653 -11.64 40.68 35.49
CA ASP F 653 -12.90 39.96 35.70
C ASP F 653 -12.87 38.59 35.01
N LEU F 654 -13.84 37.74 35.35
CA LEU F 654 -13.83 36.35 34.95
C LEU F 654 -13.90 36.13 33.43
N ARG F 655 -14.69 36.94 32.74
CA ARG F 655 -14.81 36.77 31.28
C ARG F 655 -13.51 37.19 30.57
N THR F 656 -12.78 38.14 31.12
CA THR F 656 -11.50 38.50 30.54
C THR F 656 -10.50 37.34 30.70
N VAL F 657 -10.43 36.78 31.90
CA VAL F 657 -9.56 35.65 32.17
C VAL F 657 -9.87 34.57 31.15
N LYS F 658 -11.16 34.26 31.01
CA LYS F 658 -11.60 33.19 30.16
C LYS F 658 -11.20 33.46 28.70
N HIS F 659 -11.43 34.69 28.26
CA HIS F 659 -11.09 35.08 26.90
C HIS F 659 -9.60 35.04 26.61
N PHE F 660 -8.79 35.65 27.46
CA PHE F 660 -7.36 35.81 27.14
C PHE F 660 -6.44 34.72 27.66
N ILE F 661 -6.82 34.08 28.75
CA ILE F 661 -5.90 33.18 29.44
C ILE F 661 -6.32 31.72 29.33
N TRP F 662 -7.57 31.43 29.64
CA TRP F 662 -8.09 30.07 29.54
C TRP F 662 -8.01 29.54 28.11
N LYS F 663 -7.28 28.45 27.94
CA LYS F 663 -7.03 27.92 26.60
C LYS F 663 -7.17 26.40 26.53
N SER F 664 -7.79 25.82 27.55
CA SER F 664 -7.86 24.37 27.64
C SER F 664 -9.24 23.81 27.30
N GLY F 665 -10.20 24.70 27.08
CA GLY F 665 -11.49 24.27 26.57
C GLY F 665 -12.31 23.53 27.61
N GLY F 666 -13.63 23.66 27.53
CA GLY F 666 -14.47 23.23 28.65
C GLY F 666 -14.52 24.41 29.60
N ASP F 667 -15.23 24.26 30.71
CA ASP F 667 -15.47 25.34 31.65
C ASP F 667 -14.16 25.92 32.15
N LEU F 668 -14.10 27.25 32.26
CA LEU F 668 -13.04 27.95 32.94
C LEU F 668 -12.60 27.21 34.21
N THR F 669 -11.30 27.00 34.37
CA THR F 669 -10.81 26.37 35.57
C THR F 669 -9.77 27.25 36.25
N LEU F 670 -10.01 27.58 37.50
CA LEU F 670 -9.13 28.44 38.30
C LEU F 670 -8.44 27.66 39.42
N HIS F 671 -7.13 27.87 39.59
CA HIS F 671 -6.39 27.21 40.66
C HIS F 671 -6.04 28.18 41.77
N TYR F 672 -6.19 27.75 43.02
CA TYR F 672 -5.82 28.60 44.14
C TYR F 672 -4.68 28.02 44.94
N ARG F 673 -3.90 28.91 45.55
CA ARG F 673 -2.87 28.50 46.49
C ARG F 673 -2.58 29.59 47.51
N GLN F 674 -2.08 29.14 48.65
CA GLN F 674 -1.58 30.05 49.66
C GLN F 674 -0.23 30.60 49.20
N LYS F 675 -0.09 31.92 49.15
CA LYS F 675 1.21 32.51 48.82
C LYS F 675 1.92 33.00 50.07
N LEU G 2 22.77 -52.19 2.36
CA LEU G 2 23.37 -51.70 3.60
C LEU G 2 22.87 -50.29 3.95
N VAL G 3 22.10 -50.19 5.03
CA VAL G 3 21.55 -48.92 5.45
C VAL G 3 22.09 -48.48 6.81
N ASN G 4 23.06 -47.56 6.79
CA ASN G 4 23.58 -46.97 8.00
C ASN G 4 22.76 -45.77 8.45
N PHE G 5 22.12 -45.88 9.61
CA PHE G 5 21.30 -44.78 10.12
C PHE G 5 22.07 -43.90 11.10
N GLY G 6 23.40 -44.00 11.11
CA GLY G 6 24.23 -43.10 11.88
C GLY G 6 24.79 -43.67 13.17
N ASN G 7 25.33 -42.78 14.00
CA ASN G 7 25.88 -43.16 15.30
C ASN G 7 24.85 -43.78 16.26
N THR G 8 25.20 -44.92 16.84
CA THR G 8 24.31 -45.65 17.74
C THR G 8 23.81 -44.83 18.92
N CYS G 9 24.72 -44.22 19.65
CA CYS G 9 24.37 -43.45 20.84
C CYS G 9 23.56 -42.23 20.51
N TYR G 10 23.78 -41.66 19.32
CA TYR G 10 23.00 -40.51 18.85
C TYR G 10 21.55 -40.89 18.68
N CYS G 11 21.32 -41.95 17.91
CA CYS G 11 19.98 -42.44 17.65
C CYS G 11 19.25 -42.80 18.94
N ASN G 12 19.86 -43.59 19.81
CA ASN G 12 19.22 -43.94 21.07
C ASN G 12 18.93 -42.70 21.92
N SER G 13 19.82 -41.72 21.86
CA SER G 13 19.63 -40.47 22.59
C SER G 13 18.40 -39.72 22.06
N VAL G 14 18.17 -39.83 20.76
CA VAL G 14 17.02 -39.20 20.15
C VAL G 14 15.73 -39.88 20.61
N LEU G 15 15.73 -41.21 20.62
CA LEU G 15 14.56 -41.96 21.05
C LEU G 15 14.22 -41.64 22.49
N GLN G 16 15.24 -41.61 23.33
CA GLN G 16 15.05 -41.28 24.71
C GLN G 16 14.53 -39.87 24.89
N ALA G 17 15.03 -38.93 24.10
CA ALA G 17 14.58 -37.56 24.21
C ALA G 17 13.12 -37.46 23.81
N LEU G 18 12.78 -38.18 22.75
CA LEU G 18 11.42 -38.17 22.23
C LEU G 18 10.45 -38.78 23.24
N TYR G 19 10.93 -39.66 24.11
CA TYR G 19 10.07 -40.26 25.12
C TYR G 19 9.60 -39.24 26.14
N PHE G 20 10.37 -38.19 26.31
CA PHE G 20 10.00 -37.15 27.27
C PHE G 20 9.41 -35.95 26.56
N CYS G 21 9.00 -36.16 25.32
CA CYS G 21 8.15 -35.21 24.64
C CYS G 21 6.73 -35.75 24.81
N ARG G 22 6.09 -35.34 25.90
CA ARG G 22 4.82 -35.91 26.35
C ARG G 22 3.80 -36.20 25.24
N PRO G 23 3.48 -35.21 24.39
CA PRO G 23 2.41 -35.49 23.42
C PRO G 23 2.82 -36.49 22.37
N PHE G 24 4.12 -36.60 22.11
CA PHE G 24 4.61 -37.58 21.16
C PHE G 24 4.58 -38.98 21.73
N ARG G 25 4.90 -39.10 23.02
CA ARG G 25 4.90 -40.38 23.70
C ARG G 25 3.49 -40.92 23.78
N GLU G 26 2.59 -40.08 24.28
CA GLU G 26 1.19 -40.44 24.38
C GLU G 26 0.62 -40.96 23.07
N LYS G 27 1.13 -40.45 21.96
CA LYS G 27 0.60 -40.85 20.67
C LYS G 27 1.14 -42.19 20.21
N VAL G 28 2.41 -42.48 20.49
CA VAL G 28 2.97 -43.74 20.04
C VAL G 28 2.51 -44.89 20.94
N LEU G 29 2.26 -44.60 22.22
CA LEU G 29 1.72 -45.62 23.11
C LEU G 29 0.35 -46.06 22.61
N ALA G 30 -0.45 -45.09 22.17
CA ALA G 30 -1.81 -45.35 21.72
C ALA G 30 -1.88 -46.02 20.36
N TYR G 31 -0.75 -46.14 19.67
CA TYR G 31 -0.73 -46.78 18.36
C TYR G 31 -0.89 -48.29 18.48
N SER G 40 6.36 -52.29 9.81
CA SER G 40 6.38 -50.83 9.92
C SER G 40 7.14 -50.38 11.16
N LEU G 41 7.98 -49.35 10.99
CA LEU G 41 8.85 -48.89 12.07
C LEU G 41 8.07 -48.33 13.26
N LEU G 42 6.87 -47.82 13.01
CA LEU G 42 6.07 -47.25 14.09
C LEU G 42 5.61 -48.34 15.06
N THR G 43 5.50 -49.57 14.57
CA THR G 43 5.18 -50.69 15.44
C THR G 43 6.32 -50.92 16.42
N CYS G 44 7.54 -50.85 15.92
CA CYS G 44 8.74 -51.04 16.74
C CYS G 44 8.91 -49.93 17.77
N LEU G 45 8.70 -48.68 17.34
CA LEU G 45 8.85 -47.56 18.24
C LEU G 45 7.80 -47.61 19.33
N ALA G 46 6.65 -48.17 18.99
CA ALA G 46 5.61 -48.39 19.99
C ALA G 46 6.16 -49.35 21.03
N ASP G 47 6.80 -50.41 20.55
CA ASP G 47 7.27 -51.49 21.41
C ASP G 47 8.45 -51.09 22.30
N LEU G 48 9.17 -50.02 21.92
CA LEU G 48 10.26 -49.54 22.78
C LEU G 48 9.69 -48.59 23.82
N PHE G 49 8.62 -47.90 23.46
CA PHE G 49 8.06 -46.87 24.34
C PHE G 49 7.19 -47.44 25.45
N HIS G 50 6.38 -48.48 25.18
CA HIS G 50 5.51 -49.00 26.23
C HIS G 50 6.17 -50.10 27.06
N SER G 51 7.36 -50.54 26.67
CA SER G 51 8.18 -51.34 27.57
C SER G 51 8.82 -50.41 28.59
N ILE G 52 9.28 -49.25 28.13
CA ILE G 52 9.76 -48.22 29.04
C ILE G 52 8.60 -47.64 29.86
N ALA G 86 23.88 -42.26 7.96
CA ALA G 86 24.27 -41.00 7.33
C ALA G 86 23.18 -39.93 7.43
N HIS G 87 22.00 -40.20 6.88
CA HIS G 87 20.89 -39.23 6.90
C HIS G 87 20.45 -38.95 8.33
N GLU G 88 20.28 -37.67 8.67
CA GLU G 88 20.07 -37.23 10.06
C GLU G 88 18.86 -37.90 10.71
N PHE G 89 19.08 -38.52 11.86
CA PHE G 89 18.11 -39.47 12.39
C PHE G 89 16.78 -38.86 12.86
N LEU G 90 16.81 -37.77 13.61
CA LEU G 90 15.57 -37.18 14.10
C LEU G 90 14.65 -36.84 12.95
N ASN G 91 15.23 -36.28 11.90
CA ASN G 91 14.42 -35.89 10.76
C ASN G 91 13.96 -37.10 9.96
N TYR G 92 14.85 -38.06 9.76
CA TYR G 92 14.52 -39.32 9.10
C TYR G 92 13.34 -40.00 9.78
N LEU G 93 13.36 -39.98 11.11
CA LEU G 93 12.34 -40.62 11.93
C LEU G 93 10.97 -39.98 11.80
N LEU G 94 10.90 -38.66 11.99
CA LEU G 94 9.63 -37.94 12.01
C LEU G 94 8.92 -37.99 10.67
N ASN G 95 9.67 -37.98 9.59
CA ASN G 95 9.08 -38.03 8.26
C ASN G 95 8.56 -39.43 7.96
N THR G 96 9.37 -40.43 8.28
CA THR G 96 8.97 -41.81 8.04
C THR G 96 7.74 -42.19 8.85
N ILE G 97 7.71 -41.81 10.12
CA ILE G 97 6.52 -42.03 10.95
C ILE G 97 5.32 -41.30 10.36
N ALA G 98 5.54 -40.14 9.76
CA ALA G 98 4.46 -39.40 9.13
C ALA G 98 3.96 -40.15 7.89
N ASP G 99 4.89 -40.68 7.10
CA ASP G 99 4.57 -41.48 5.92
C ASP G 99 3.77 -42.74 6.26
N ILE G 100 4.01 -43.29 7.46
CA ILE G 100 3.34 -44.50 7.90
C ILE G 100 1.91 -44.19 8.32
N LEU G 101 1.74 -43.08 9.02
CA LEU G 101 0.41 -42.62 9.40
C LEU G 101 -0.36 -42.23 8.14
N GLN G 102 0.36 -41.68 7.18
CA GLN G 102 -0.24 -41.19 5.95
C GLN G 102 -0.92 -42.31 5.16
N GLU G 103 -0.25 -43.45 5.00
CA GLU G 103 -0.87 -44.50 4.20
C GLU G 103 -1.71 -45.44 5.09
N GLU G 104 -1.46 -45.44 6.39
CA GLU G 104 -2.34 -46.18 7.29
C GLU G 104 -3.74 -45.58 7.23
N ARG G 105 -3.80 -44.25 7.13
CA ARG G 105 -5.08 -43.56 6.94
C ARG G 105 -5.67 -43.98 5.61
N LYS G 106 -4.81 -44.01 4.59
CA LYS G 106 -5.21 -44.30 3.22
C LYS G 106 -5.75 -45.73 3.03
N GLN G 107 -5.15 -46.69 3.71
CA GLN G 107 -5.51 -48.10 3.54
C GLN G 107 -6.82 -48.49 4.26
N GLU G 108 -7.52 -47.50 4.80
CA GLU G 108 -8.80 -47.72 5.46
C GLU G 108 -9.96 -47.06 4.70
N PRO G 130 -2.26 -34.53 6.73
CA PRO G 130 -1.50 -34.01 7.87
C PRO G 130 -1.67 -34.88 9.11
N THR G 131 -0.63 -35.63 9.44
CA THR G 131 -0.67 -36.61 10.52
C THR G 131 -0.43 -36.00 11.89
N TRP G 132 -0.54 -36.80 12.95
CA TRP G 132 -0.35 -36.25 14.28
C TRP G 132 1.11 -35.94 14.57
N VAL G 133 2.00 -36.40 13.71
CA VAL G 133 3.39 -35.98 13.82
C VAL G 133 3.48 -34.49 13.47
N HIS G 134 2.82 -34.12 12.37
CA HIS G 134 2.78 -32.72 11.95
C HIS G 134 2.18 -31.83 13.02
N GLU G 135 1.12 -32.30 13.66
CA GLU G 135 0.45 -31.56 14.70
C GLU G 135 1.37 -31.27 15.88
N ILE G 136 2.29 -32.17 16.14
CA ILE G 136 3.24 -31.97 17.22
C ILE G 136 4.41 -31.06 16.81
N PHE G 137 5.06 -31.41 15.70
CA PHE G 137 6.37 -30.85 15.36
C PHE G 137 6.41 -29.80 14.25
N GLN G 138 5.34 -29.70 13.45
CA GLN G 138 5.39 -28.84 12.27
C GLN G 138 5.19 -27.36 12.56
N GLY G 139 6.17 -26.57 12.13
CA GLY G 139 6.08 -25.13 12.13
C GLY G 139 6.26 -24.65 10.71
N THR G 140 6.24 -23.34 10.54
CA THR G 140 6.45 -22.75 9.23
C THR G 140 7.47 -21.64 9.37
N LEU G 141 8.42 -21.59 8.44
CA LEU G 141 9.41 -20.52 8.43
C LEU G 141 9.36 -19.72 7.14
N THR G 142 9.85 -18.49 7.19
CA THR G 142 9.99 -17.66 6.00
C THR G 142 11.46 -17.36 5.65
N ASN G 143 11.83 -17.67 4.42
CA ASN G 143 13.15 -17.31 3.91
C ASN G 143 13.14 -16.01 3.10
N GLU G 144 13.86 -14.99 3.58
CA GLU G 144 14.01 -13.72 2.89
C GLU G 144 15.28 -13.69 2.06
N THR G 145 15.16 -13.27 0.80
CA THR G 145 16.29 -13.01 -0.06
C THR G 145 16.27 -11.56 -0.50
N ARG G 146 17.32 -10.83 -0.12
CA ARG G 146 17.44 -9.42 -0.46
C ARG G 146 18.52 -9.25 -1.51
N CYS G 147 18.13 -8.84 -2.71
CA CYS G 147 19.11 -8.55 -3.76
C CYS G 147 19.89 -7.31 -3.40
N LEU G 148 21.21 -7.40 -3.41
CA LEU G 148 22.04 -6.28 -2.98
C LEU G 148 22.13 -5.19 -4.05
N THR G 149 21.90 -5.54 -5.31
CA THR G 149 21.91 -4.56 -6.38
C THR G 149 20.62 -3.77 -6.41
N CYS G 150 19.51 -4.50 -6.41
CA CYS G 150 18.22 -3.90 -6.66
C CYS G 150 17.56 -3.50 -5.28
N GLU G 151 17.99 -4.19 -4.23
CA GLU G 151 17.53 -4.04 -2.85
C GLU G 151 16.04 -4.40 -2.68
N THR G 152 15.58 -5.28 -3.55
CA THR G 152 14.24 -5.82 -3.45
C THR G 152 14.29 -7.09 -2.60
N ILE G 153 13.28 -7.26 -1.76
CA ILE G 153 13.16 -8.40 -0.88
C ILE G 153 12.08 -9.33 -1.37
N SER G 154 12.41 -10.60 -1.53
CA SER G 154 11.40 -11.59 -1.82
C SER G 154 11.37 -12.66 -0.72
N SER G 155 10.19 -13.23 -0.51
CA SER G 155 9.91 -14.16 0.58
C SER G 155 9.35 -15.47 0.06
N LYS G 156 9.78 -16.59 0.67
CA LYS G 156 9.24 -17.91 0.39
C LYS G 156 9.05 -18.67 1.70
N ASP G 157 7.84 -19.17 1.93
CA ASP G 157 7.57 -19.92 3.17
C ASP G 157 7.91 -21.38 3.01
N GLU G 158 8.29 -22.01 4.13
CA GLU G 158 8.53 -23.45 4.18
C GLU G 158 7.97 -24.06 5.45
N ASP G 159 7.42 -25.25 5.34
CA ASP G 159 7.02 -26.01 6.51
C ASP G 159 8.21 -26.79 7.02
N PHE G 160 8.35 -26.90 8.34
CA PHE G 160 9.41 -27.73 8.93
C PHE G 160 8.89 -28.63 10.05
N LEU G 161 9.64 -29.70 10.35
CA LEU G 161 9.34 -30.57 11.50
C LEU G 161 10.41 -30.38 12.56
N ASP G 162 11.62 -30.08 12.11
CA ASP G 162 12.72 -29.70 12.99
C ASP G 162 13.47 -28.54 12.37
N LEU G 163 14.06 -27.71 13.22
CA LEU G 163 14.65 -26.45 12.79
C LEU G 163 16.17 -26.45 13.06
N SER G 164 16.95 -26.03 12.06
CA SER G 164 18.40 -25.84 12.24
C SER G 164 18.76 -24.36 12.24
N VAL G 165 19.32 -23.89 13.35
CA VAL G 165 19.88 -22.54 13.39
C VAL G 165 21.38 -22.60 13.74
N ASP G 166 22.15 -21.68 13.16
CA ASP G 166 23.59 -21.67 13.34
C ASP G 166 23.99 -20.71 14.46
N THR G 171 24.77 -13.31 19.57
CA THR G 171 24.03 -14.51 19.22
C THR G 171 23.41 -15.17 20.44
N SER G 172 22.12 -15.48 20.37
CA SER G 172 21.46 -16.25 21.41
C SER G 172 20.17 -16.86 20.88
N ILE G 173 19.76 -17.98 21.48
CA ILE G 173 18.63 -18.77 20.98
C ILE G 173 17.34 -17.97 20.90
N THR G 174 16.95 -17.39 22.03
CA THR G 174 15.74 -16.57 22.08
C THR G 174 15.83 -15.43 21.07
N HIS G 175 17.01 -14.82 20.99
CA HIS G 175 17.24 -13.74 20.05
C HIS G 175 17.02 -14.22 18.61
N CYS G 176 17.51 -15.42 18.32
CA CYS G 176 17.30 -16.03 17.01
C CYS G 176 15.82 -16.18 16.69
N LEU G 177 15.16 -17.02 17.46
CA LEU G 177 13.78 -17.43 17.20
C LEU G 177 12.79 -16.29 17.28
N ARG G 178 13.21 -15.20 17.89
CA ARG G 178 12.37 -14.00 17.95
C ARG G 178 12.58 -13.18 16.69
N GLY G 179 13.83 -13.06 16.28
CA GLY G 179 14.19 -12.25 15.12
C GLY G 179 14.63 -13.06 13.91
N PHE G 180 15.74 -12.65 13.30
CA PHE G 180 16.23 -13.34 12.12
C PHE G 180 17.40 -14.25 12.42
N SER G 181 17.51 -15.31 11.63
CA SER G 181 18.45 -16.39 11.86
C SER G 181 19.14 -16.79 10.55
N ASN G 182 20.13 -17.67 10.64
CA ASN G 182 20.83 -18.25 9.48
C ASN G 182 21.22 -17.29 8.35
N THR G 183 21.70 -16.10 8.70
CA THR G 183 22.14 -15.15 7.69
C THR G 183 23.21 -15.76 6.81
N GLU G 184 23.11 -15.45 5.53
CA GLU G 184 23.97 -16.04 4.55
C GLU G 184 24.13 -15.10 3.36
N THR G 185 25.34 -14.99 2.84
CA THR G 185 25.58 -14.15 1.69
C THR G 185 25.71 -15.00 0.43
N LEU G 186 24.95 -14.63 -0.61
CA LEU G 186 25.03 -15.28 -1.91
C LEU G 186 25.88 -14.44 -2.84
N CYS G 187 27.06 -14.91 -3.17
CA CYS G 187 28.00 -14.12 -3.95
C CYS G 187 28.92 -15.03 -4.74
N SER G 188 29.91 -14.41 -5.37
CA SER G 188 30.91 -15.13 -6.15
C SER G 188 30.27 -16.08 -7.15
N GLU G 189 30.64 -17.35 -7.10
CA GLU G 189 30.10 -18.31 -8.05
C GLU G 189 28.69 -18.80 -7.67
N TYR G 190 28.21 -18.42 -6.49
CA TYR G 190 26.85 -18.80 -6.09
CA TYR G 190 26.87 -18.79 -6.04
C TYR G 190 25.93 -17.58 -5.96
N LYS G 191 25.96 -16.70 -6.94
CA LYS G 191 25.09 -15.53 -6.93
C LYS G 191 23.61 -15.92 -7.04
N TYR G 192 22.76 -14.98 -6.70
CA TYR G 192 21.31 -15.14 -6.74
C TYR G 192 20.78 -14.61 -8.06
N TYR G 193 19.91 -15.36 -8.73
CA TYR G 193 19.28 -14.82 -9.91
C TYR G 193 18.09 -14.00 -9.47
N CYS G 194 18.22 -12.69 -9.60
CA CYS G 194 17.18 -11.76 -9.21
C CYS G 194 16.25 -11.54 -10.39
N GLU G 195 14.96 -11.76 -10.19
CA GLU G 195 13.98 -11.58 -11.24
C GLU G 195 13.74 -10.11 -11.55
N GLU G 196 13.96 -9.24 -10.59
CA GLU G 196 13.92 -7.82 -10.83
C GLU G 196 15.11 -7.36 -11.71
N CYS G 197 16.32 -7.78 -11.36
CA CYS G 197 17.50 -7.43 -12.17
C CYS G 197 17.67 -8.30 -13.43
N ARG G 198 16.98 -9.44 -13.47
CA ARG G 198 17.09 -10.41 -14.56
C ARG G 198 18.52 -10.82 -14.81
N SER G 199 19.25 -11.05 -13.74
CA SER G 199 20.64 -11.43 -13.83
C SER G 199 21.10 -11.86 -12.47
N LYS G 200 22.28 -12.44 -12.42
CA LYS G 200 22.87 -12.90 -11.18
C LYS G 200 23.52 -11.73 -10.42
N GLN G 201 23.12 -11.58 -9.17
CA GLN G 201 23.54 -10.53 -8.27
C GLN G 201 23.79 -11.09 -6.86
N GLU G 202 24.54 -10.34 -6.06
CA GLU G 202 24.81 -10.72 -4.69
C GLU G 202 23.52 -10.58 -3.90
N ALA G 203 23.33 -11.43 -2.91
CA ALA G 203 22.11 -11.34 -2.10
C ALA G 203 22.38 -11.66 -0.65
N HIS G 204 21.56 -11.13 0.24
CA HIS G 204 21.57 -11.53 1.64
C HIS G 204 20.32 -12.36 1.88
N LYS G 205 20.52 -13.51 2.50
CA LYS G 205 19.47 -14.46 2.76
C LYS G 205 19.35 -14.66 4.26
N ARG G 206 18.13 -14.64 4.78
CA ARG G 206 17.94 -14.88 6.20
C ARG G 206 16.60 -15.55 6.50
N MET G 207 16.44 -16.00 7.72
CA MET G 207 15.31 -16.84 8.08
C MET G 207 14.55 -16.31 9.31
N LYS G 208 13.23 -16.32 9.18
CA LYS G 208 12.25 -15.94 10.19
C LYS G 208 11.34 -17.12 10.51
N VAL G 209 11.11 -17.40 11.79
CA VAL G 209 10.07 -18.36 12.14
C VAL G 209 8.69 -17.69 12.03
N LYS G 210 7.82 -18.23 11.18
CA LYS G 210 6.51 -17.63 10.94
C LYS G 210 5.43 -18.19 11.86
N LYS G 211 5.28 -19.51 11.88
CA LYS G 211 4.37 -20.19 12.80
C LYS G 211 5.09 -21.25 13.61
N LEU G 212 5.04 -21.10 14.92
CA LEU G 212 5.68 -22.05 15.84
C LEU G 212 4.90 -23.34 15.99
N PRO G 213 5.61 -24.46 16.16
CA PRO G 213 5.02 -25.77 16.41
C PRO G 213 4.74 -26.03 17.88
N MET G 214 3.99 -27.08 18.17
CA MET G 214 3.71 -27.47 19.54
C MET G 214 5.00 -27.83 20.30
N ILE G 215 5.85 -28.61 19.65
CA ILE G 215 7.19 -28.85 20.16
C ILE G 215 8.21 -28.42 19.13
N LEU G 216 9.11 -27.54 19.54
CA LEU G 216 10.18 -27.07 18.68
C LEU G 216 11.41 -27.96 18.83
N ALA G 217 11.68 -28.77 17.83
CA ALA G 217 12.90 -29.55 17.79
C ALA G 217 14.00 -28.75 17.10
N LEU G 218 14.92 -28.26 17.91
CA LEU G 218 15.90 -27.30 17.49
C LEU G 218 17.30 -27.92 17.37
N HIS G 219 17.82 -28.01 16.14
CA HIS G 219 19.20 -28.43 15.90
C HIS G 219 20.15 -27.25 15.96
N LEU G 220 21.16 -27.32 16.83
CA LEU G 220 22.17 -26.29 16.87
C LEU G 220 23.49 -26.82 16.34
N LYS G 221 23.76 -26.54 15.07
CA LYS G 221 24.95 -27.07 14.40
C LYS G 221 25.93 -25.98 14.00
N VAL G 240 25.12 -22.07 24.94
CA VAL G 240 24.32 -21.93 26.15
C VAL G 240 22.83 -22.07 25.84
N PHE G 241 22.16 -23.03 26.48
CA PHE G 241 20.76 -23.22 26.15
C PHE G 241 19.81 -22.90 27.30
N PRO G 242 18.93 -21.93 27.07
CA PRO G 242 17.92 -21.50 28.06
C PRO G 242 16.97 -22.62 28.43
N LEU G 243 16.41 -22.53 29.64
CA LEU G 243 15.54 -23.54 30.19
C LEU G 243 14.07 -23.25 29.83
N GLU G 244 13.83 -22.02 29.38
CA GLU G 244 12.52 -21.57 28.95
C GLU G 244 12.67 -20.56 27.84
N LEU G 245 11.69 -20.53 26.93
CA LEU G 245 11.74 -19.63 25.78
C LEU G 245 10.45 -18.82 25.66
N ARG G 246 10.60 -17.55 25.33
CA ARG G 246 9.46 -16.67 25.15
C ARG G 246 9.37 -16.25 23.70
N LEU G 247 8.46 -16.86 22.95
CA LEU G 247 8.40 -16.64 21.52
C LEU G 247 7.03 -16.13 21.06
N PHE G 248 6.94 -15.74 19.79
CA PHE G 248 5.69 -15.27 19.20
C PHE G 248 5.60 -15.59 17.70
N ASP G 258 2.31 -13.46 22.47
CA ASP G 258 3.44 -14.16 23.07
C ASP G 258 3.09 -15.60 23.45
N ARG G 259 4.11 -16.45 23.51
CA ARG G 259 3.91 -17.88 23.71
C ARG G 259 5.10 -18.42 24.50
N MET G 260 4.85 -19.41 25.34
CA MET G 260 5.89 -19.87 26.25
C MET G 260 6.34 -21.30 25.94
N TYR G 261 7.64 -21.54 26.03
CA TYR G 261 8.23 -22.84 25.75
C TYR G 261 9.20 -23.27 26.84
N ASP G 262 9.07 -24.51 27.29
CA ASP G 262 10.01 -25.07 28.28
C ASP G 262 10.93 -26.07 27.64
N LEU G 263 12.19 -26.06 28.05
CA LEU G 263 13.12 -27.09 27.65
C LEU G 263 12.64 -28.40 28.23
N VAL G 264 12.50 -29.42 27.41
CA VAL G 264 12.12 -30.73 27.93
C VAL G 264 13.13 -31.83 27.58
N ALA G 265 14.01 -31.57 26.62
CA ALA G 265 14.99 -32.58 26.21
C ALA G 265 16.24 -31.98 25.55
N VAL G 266 17.39 -32.55 25.89
CA VAL G 266 18.68 -32.19 25.30
C VAL G 266 19.43 -33.43 24.82
N VAL G 267 19.89 -33.39 23.57
CA VAL G 267 20.76 -34.44 23.05
C VAL G 267 22.11 -33.83 22.72
N VAL G 268 23.14 -34.28 23.42
CA VAL G 268 24.48 -33.69 23.35
C VAL G 268 25.61 -34.70 23.33
N HIS G 269 26.71 -34.33 22.68
CA HIS G 269 27.97 -35.06 22.73
C HIS G 269 28.99 -34.18 23.44
N CYS G 270 29.13 -34.37 24.74
CA CYS G 270 29.94 -33.45 25.55
C CYS G 270 31.40 -33.88 25.56
N SER G 272 33.59 -33.54 27.72
CA SER G 272 33.93 -33.43 29.14
C SER G 272 32.79 -33.90 30.04
N GLY G 273 32.99 -33.76 31.35
CA GLY G 273 32.02 -34.22 32.32
C GLY G 273 32.09 -35.72 32.45
N PRO G 274 31.26 -36.31 33.34
CA PRO G 274 31.34 -37.76 33.52
C PRO G 274 30.65 -38.54 32.40
N ASN G 275 30.39 -37.88 31.28
CA ASN G 275 29.61 -38.53 30.22
C ASN G 275 30.21 -38.39 28.83
N ARG G 276 31.44 -37.92 28.86
CA ARG G 276 32.23 -37.69 27.71
C ARG G 276 32.40 -38.95 26.94
N GLY G 277 32.59 -38.76 25.66
CA GLY G 277 32.73 -39.85 24.75
C GLY G 277 31.63 -39.99 23.75
N HIS G 278 30.37 -39.80 24.12
CA HIS G 278 29.38 -40.30 23.19
C HIS G 278 28.15 -39.47 23.40
N TYR G 279 27.15 -39.64 22.55
CA TYR G 279 25.94 -38.85 22.69
C TYR G 279 25.16 -39.21 23.93
N ILE G 280 24.59 -38.18 24.53
CA ILE G 280 23.89 -38.24 25.80
C ILE G 280 22.47 -37.72 25.63
N ALA G 281 21.52 -38.26 26.38
CA ALA G 281 20.21 -37.64 26.47
C ALA G 281 20.02 -37.06 27.87
N ILE G 282 19.57 -35.81 27.93
CA ILE G 282 19.19 -35.22 29.21
C ILE G 282 17.74 -34.81 29.12
N VAL G 283 16.89 -35.42 29.94
CA VAL G 283 15.46 -35.17 29.84
C VAL G 283 14.85 -34.55 31.09
N LYS G 284 13.72 -33.88 30.92
CA LYS G 284 12.97 -33.33 32.04
C LYS G 284 11.92 -34.31 32.50
N SER G 285 11.92 -34.59 33.80
CA SER G 285 10.95 -35.49 34.40
C SER G 285 10.45 -34.97 35.73
N HIS G 286 9.20 -34.53 35.73
CA HIS G 286 8.51 -34.08 36.94
C HIS G 286 9.35 -33.13 37.81
N ASP G 287 9.80 -32.03 37.20
CA ASP G 287 10.52 -30.97 37.90
C ASP G 287 11.88 -31.41 38.45
N PHE G 288 12.50 -32.39 37.80
CA PHE G 288 13.90 -32.74 38.02
C PHE G 288 14.44 -33.42 36.75
N TRP G 289 15.75 -33.50 36.61
CA TRP G 289 16.34 -33.96 35.36
C TRP G 289 16.94 -35.36 35.45
N LEU G 290 16.84 -36.11 34.35
CA LEU G 290 17.40 -37.44 34.24
C LEU G 290 18.44 -37.51 33.12
N LEU G 291 19.62 -38.03 33.42
CA LEU G 291 20.67 -38.18 32.40
C LEU G 291 20.77 -39.64 31.93
N PHE G 292 20.67 -39.83 30.61
CA PHE G 292 20.78 -41.15 29.98
C PHE G 292 22.14 -41.37 29.33
N ASP G 294 24.61 -42.35 29.23
CA ASP G 294 25.56 -43.42 28.95
C ASP G 294 24.73 -44.70 28.97
N ASP G 295 24.10 -44.98 30.14
CA ASP G 295 23.28 -46.16 30.37
C ASP G 295 23.19 -46.28 31.88
N ILE G 296 24.02 -45.50 32.55
CA ILE G 296 23.76 -45.07 33.91
C ILE G 296 22.68 -44.02 33.79
N VAL G 297 21.55 -44.23 34.47
CA VAL G 297 20.44 -43.29 34.44
C VAL G 297 20.47 -42.41 35.69
N GLU G 298 21.30 -41.38 35.67
CA GLU G 298 21.54 -40.56 36.85
C GLU G 298 20.63 -39.33 36.93
N LYS G 299 19.83 -39.25 37.98
CA LYS G 299 19.02 -38.06 38.23
C LYS G 299 19.92 -36.90 38.61
N ILE G 300 20.00 -35.89 37.73
CA ILE G 300 20.83 -34.72 37.96
C ILE G 300 19.96 -33.47 38.16
N ASP G 301 20.50 -32.47 38.84
CA ASP G 301 19.78 -31.22 39.04
C ASP G 301 20.10 -30.21 37.93
N ALA G 302 19.27 -29.18 37.80
CA ALA G 302 19.35 -28.25 36.68
C ALA G 302 20.62 -27.41 36.71
N GLN G 303 21.28 -27.39 37.86
CA GLN G 303 22.56 -26.70 38.01
C GLN G 303 23.55 -27.09 36.92
N ALA G 304 23.87 -28.39 36.90
CA ALA G 304 24.93 -28.91 36.05
C ALA G 304 24.54 -29.01 34.57
N ILE G 305 23.27 -28.75 34.25
CA ILE G 305 22.80 -28.78 32.87
C ILE G 305 23.71 -27.93 32.00
N GLU G 306 24.19 -26.84 32.57
CA GLU G 306 25.11 -25.94 31.91
C GLU G 306 26.52 -26.03 32.49
N GLU G 307 26.59 -26.18 33.82
CA GLU G 307 27.86 -26.26 34.53
C GLU G 307 28.71 -27.41 33.98
N PHE G 308 28.04 -28.37 33.33
CA PHE G 308 28.72 -29.45 32.63
C PHE G 308 28.24 -29.53 31.19
N SER G 319 30.55 -33.29 19.06
CA SER G 319 29.41 -32.77 18.32
C SER G 319 29.46 -33.17 16.85
N GLU G 320 29.05 -34.41 16.57
CA GLU G 320 29.13 -35.00 15.24
C GLU G 320 27.90 -34.69 14.39
N SER G 321 26.92 -34.04 15.02
CA SER G 321 25.80 -33.40 14.34
C SER G 321 25.27 -32.28 15.25
N GLY G 322 26.18 -31.67 16.01
CA GLY G 322 25.82 -30.62 16.94
C GLY G 322 24.97 -31.15 18.07
N TYR G 323 23.96 -30.41 18.47
CA TYR G 323 23.05 -30.93 19.47
C TYR G 323 21.61 -30.50 19.26
N ILE G 324 20.68 -31.19 19.92
CA ILE G 324 19.26 -30.94 19.75
C ILE G 324 18.60 -30.46 21.04
N LEU G 325 17.71 -29.47 20.91
CA LEU G 325 16.90 -29.01 22.01
C LEU G 325 15.41 -29.17 21.69
N PHE G 326 14.70 -29.94 22.51
CA PHE G 326 13.25 -30.08 22.38
C PHE G 326 12.52 -29.17 23.37
N TYR G 327 11.75 -28.21 22.84
CA TYR G 327 11.03 -27.25 23.67
C TYR G 327 9.57 -27.52 23.57
N GLN G 328 8.83 -27.27 24.63
CA GLN G 328 7.45 -27.71 24.56
C GLN G 328 6.64 -26.42 24.82
N SER G 329 5.55 -26.14 24.09
CA SER G 329 4.77 -24.93 24.42
C SER G 329 4.03 -25.11 25.73
N ARG G 330 3.91 -24.04 26.52
CA ARG G 330 3.29 -24.08 27.85
C ARG G 330 1.80 -23.80 27.82
N ARG H 13 36.83 -22.55 -15.72
CA ARG H 13 37.91 -23.21 -16.45
C ARG H 13 37.40 -23.81 -17.75
N LYS H 14 36.18 -24.31 -17.72
CA LYS H 14 35.54 -24.67 -18.98
C LYS H 14 35.15 -23.39 -19.71
N VAL H 15 35.28 -23.41 -21.03
CA VAL H 15 34.94 -22.24 -21.81
C VAL H 15 33.57 -22.39 -22.44
N GLN H 16 32.76 -21.35 -22.30
CA GLN H 16 31.49 -21.31 -23.00
C GLN H 16 31.59 -20.37 -24.21
N VAL H 17 30.73 -20.60 -25.20
CA VAL H 17 30.60 -19.75 -26.37
C VAL H 17 29.26 -19.06 -26.32
N SER H 18 29.24 -17.76 -26.55
CA SER H 18 28.01 -17.00 -26.49
C SER H 18 27.88 -16.10 -27.69
N TYR H 19 26.66 -15.67 -27.98
CA TYR H 19 26.45 -14.66 -29.01
C TYR H 19 25.20 -13.91 -28.68
N VAL H 20 25.08 -12.71 -29.23
CA VAL H 20 23.94 -11.85 -28.97
C VAL H 20 23.12 -11.65 -30.23
N ILE H 21 21.80 -11.75 -30.10
CA ILE H 21 20.91 -11.51 -31.21
C ILE H 21 20.43 -10.08 -31.11
N ARG H 22 20.83 -9.28 -32.08
CA ARG H 22 20.70 -7.83 -32.06
C ARG H 22 20.85 -7.24 -33.46
N ASP H 23 20.70 -5.93 -33.56
CA ASP H 23 20.90 -5.26 -34.84
C ASP H 23 22.33 -4.74 -34.92
N GLU H 24 22.77 -4.41 -36.12
CA GLU H 24 24.10 -3.84 -36.32
C GLU H 24 24.29 -2.55 -35.53
N VAL H 25 23.23 -1.75 -35.44
CA VAL H 25 23.27 -0.56 -34.62
C VAL H 25 22.17 -0.67 -33.61
N GLU H 26 22.54 -0.57 -32.34
CA GLU H 26 21.59 -0.44 -31.26
C GLU H 26 21.69 0.96 -30.68
N LYS H 27 21.12 1.87 -31.42
CA LYS H 27 21.15 3.29 -31.13
C LYS H 27 20.65 3.66 -29.73
N TYR H 28 19.72 2.92 -29.18
CA TYR H 28 19.20 3.27 -27.85
C TYR H 28 19.54 2.23 -26.78
N ASN H 29 19.75 2.70 -25.55
CA ASN H 29 19.88 1.82 -24.40
C ASN H 29 18.73 0.80 -24.35
N ARG H 30 19.07 -0.47 -24.20
CA ARG H 30 18.09 -1.54 -24.17
C ARG H 30 17.83 -2.03 -22.75
N ASN H 31 18.41 -1.31 -21.81
CA ASN H 31 18.25 -1.61 -20.40
C ASN H 31 18.55 -0.31 -19.64
N GLY H 32 18.67 -0.33 -18.32
CA GLY H 32 19.00 0.87 -17.60
C GLY H 32 20.44 1.37 -17.83
N VAL H 33 20.74 2.49 -17.21
CA VAL H 33 22.04 3.12 -17.34
C VAL H 33 22.70 3.24 -15.96
N ASN H 34 23.94 2.79 -15.85
CA ASN H 34 24.61 2.69 -14.55
C ASN H 34 25.47 3.89 -14.23
N ALA H 35 25.97 4.58 -15.25
CA ALA H 35 26.92 5.68 -15.04
C ALA H 35 26.92 6.69 -16.20
N LEU H 36 27.37 7.91 -15.90
CA LEU H 36 27.30 9.04 -16.83
C LEU H 36 28.59 9.84 -16.78
N GLN H 37 29.03 10.39 -17.91
CA GLN H 37 30.13 11.36 -17.90
C GLN H 37 29.88 12.46 -18.94
N LEU H 38 30.21 13.69 -18.59
CA LEU H 38 29.96 14.81 -19.46
C LEU H 38 31.29 15.40 -19.89
N ASP H 39 31.55 15.44 -21.20
CA ASP H 39 32.71 16.14 -21.73
C ASP H 39 32.28 17.55 -22.08
N PRO H 40 32.79 18.56 -21.34
CA PRO H 40 32.35 19.94 -21.62
C PRO H 40 33.01 20.58 -22.83
N ALA H 41 34.14 20.06 -23.29
CA ALA H 41 34.77 20.61 -24.50
C ALA H 41 34.08 20.12 -25.77
N LEU H 42 33.57 18.90 -25.78
CA LEU H 42 32.87 18.42 -26.97
C LEU H 42 31.35 18.45 -26.82
N ASN H 43 30.87 18.86 -25.64
CA ASN H 43 29.45 18.85 -25.33
C ASN H 43 28.87 17.45 -25.47
N ARG H 44 29.56 16.46 -24.91
CA ARG H 44 29.14 15.08 -25.10
C ARG H 44 28.89 14.34 -23.78
N LEU H 45 27.78 13.62 -23.76
CA LEU H 45 27.41 12.77 -22.64
C LEU H 45 27.68 11.30 -22.99
N PHE H 46 28.37 10.60 -22.11
CA PHE H 46 28.55 9.15 -22.24
C PHE H 46 27.63 8.44 -21.25
N THR H 47 26.92 7.43 -21.70
CA THR H 47 26.09 6.62 -20.83
C THR H 47 26.66 5.19 -20.75
N ALA H 48 26.73 4.64 -19.54
CA ALA H 48 27.21 3.27 -19.37
C ALA H 48 26.01 2.34 -19.19
N GLY H 49 25.75 1.52 -20.21
CA GLY H 49 24.53 0.74 -20.22
C GLY H 49 24.57 -0.62 -19.56
N ARG H 50 23.50 -0.96 -18.87
CA ARG H 50 23.30 -2.34 -18.46
C ARG H 50 23.13 -3.24 -19.68
N ASP H 51 23.01 -2.65 -20.87
CA ASP H 51 22.90 -3.44 -22.10
C ASP H 51 24.27 -3.78 -22.67
N SER H 52 25.31 -3.44 -21.90
CA SER H 52 26.72 -3.75 -22.20
C SER H 52 27.35 -2.76 -23.17
N ILE H 53 26.57 -1.77 -23.61
CA ILE H 53 27.03 -0.81 -24.60
C ILE H 53 27.18 0.60 -24.03
N ILE H 54 28.30 1.24 -24.33
CA ILE H 54 28.53 2.62 -23.92
C ILE H 54 28.21 3.50 -25.11
N ARG H 55 27.40 4.53 -24.88
CA ARG H 55 26.99 5.41 -25.97
C ARG H 55 27.44 6.87 -25.76
N ILE H 56 27.73 7.52 -26.88
CA ILE H 56 28.12 8.92 -26.90
C ILE H 56 26.96 9.75 -27.42
N TRP H 57 26.58 10.79 -26.69
CA TRP H 57 25.44 11.61 -27.06
C TRP H 57 25.83 13.08 -27.16
N SER H 58 25.18 13.81 -28.05
CA SER H 58 25.33 15.26 -28.08
C SER H 58 24.34 15.89 -27.10
N VAL H 59 24.80 16.82 -26.28
CA VAL H 59 23.87 17.46 -25.36
C VAL H 59 23.39 18.81 -25.88
N ASN H 60 23.84 19.22 -27.07
CA ASN H 60 23.26 20.36 -27.78
C ASN H 60 21.76 20.21 -27.90
N GLN H 61 21.01 21.17 -27.36
CA GLN H 61 19.55 21.11 -27.42
C GLN H 61 19.08 21.37 -28.85
N HIS H 62 20.03 21.74 -29.70
CA HIS H 62 19.74 22.01 -31.11
C HIS H 62 19.29 20.76 -31.87
N LYS H 63 19.96 19.63 -31.61
CA LYS H 63 19.79 18.44 -32.44
C LYS H 63 18.55 17.64 -32.11
N GLN H 64 17.92 17.09 -33.14
CA GLN H 64 16.74 16.26 -32.99
C GLN H 64 17.18 14.84 -32.65
N ASP H 65 18.37 14.50 -33.09
CA ASP H 65 18.94 13.19 -32.82
C ASP H 65 20.30 13.36 -32.19
N PRO H 66 20.33 13.29 -30.85
CA PRO H 66 21.56 13.44 -30.09
C PRO H 66 22.52 12.26 -30.25
N TYR H 67 22.10 11.17 -30.86
CA TYR H 67 22.99 10.02 -30.95
C TYR H 67 24.26 10.34 -31.73
N ILE H 68 25.42 9.98 -31.17
CA ILE H 68 26.66 10.11 -31.89
C ILE H 68 27.28 8.76 -32.20
N ALA H 69 27.49 7.92 -31.19
CA ALA H 69 28.14 6.64 -31.44
C ALA H 69 27.93 5.61 -30.33
N SER H 70 28.29 4.38 -30.64
CA SER H 70 28.24 3.29 -29.68
C SER H 70 29.64 2.80 -29.46
N MET H 71 29.94 2.47 -28.22
CA MET H 71 31.21 1.88 -27.90
C MET H 71 30.98 0.46 -27.38
N GLU H 72 31.28 -0.51 -28.22
CA GLU H 72 30.86 -1.86 -28.01
C GLU H 72 32.09 -2.72 -27.81
N HIS H 73 32.18 -3.33 -26.63
CA HIS H 73 33.17 -4.39 -26.40
C HIS H 73 32.71 -5.25 -25.22
N HIS H 74 32.10 -4.64 -24.21
CA HIS H 74 31.70 -5.40 -23.03
C HIS H 74 30.62 -6.42 -23.33
N THR H 75 30.51 -7.45 -22.50
CA THR H 75 29.51 -8.49 -22.74
C THR H 75 28.50 -8.60 -21.60
N ASP H 76 28.53 -7.66 -20.67
CA ASP H 76 27.63 -7.66 -19.54
C ASP H 76 27.53 -6.21 -19.06
N TRP H 77 26.76 -5.94 -18.01
CA TRP H 77 26.57 -4.59 -17.52
C TRP H 77 27.88 -3.75 -17.45
N VAL H 78 27.82 -2.50 -17.89
CA VAL H 78 28.91 -1.57 -17.73
C VAL H 78 28.58 -0.79 -16.47
N ASN H 79 29.35 -1.02 -15.43
CA ASN H 79 28.97 -0.51 -14.11
C ASN H 79 29.51 0.86 -13.82
N ASP H 80 30.63 1.20 -14.44
CA ASP H 80 31.16 2.53 -14.25
C ASP H 80 32.04 2.93 -15.42
N ILE H 81 32.17 4.24 -15.59
CA ILE H 81 32.95 4.84 -16.65
C ILE H 81 33.56 6.13 -16.14
N VAL H 82 34.78 6.41 -16.57
CA VAL H 82 35.49 7.60 -16.16
C VAL H 82 36.10 8.25 -17.40
N LEU H 83 35.79 9.52 -17.63
CA LEU H 83 36.43 10.31 -18.70
C LEU H 83 37.71 10.95 -18.23
N CYS H 84 38.85 10.65 -18.88
CA CYS H 84 40.13 11.28 -18.54
C CYS H 84 40.85 11.94 -19.70
N CYS H 85 41.94 12.62 -19.35
CA CYS H 85 42.85 13.24 -20.31
C CYS H 85 42.07 14.14 -21.23
N ASN H 86 41.31 15.05 -20.62
CA ASN H 86 40.54 16.06 -21.34
C ASN H 86 39.46 15.54 -22.27
N GLY H 87 38.99 14.33 -22.02
CA GLY H 87 37.86 13.81 -22.75
C GLY H 87 38.32 12.90 -23.87
N LYS H 88 39.61 12.70 -23.99
CA LYS H 88 40.04 11.84 -25.07
C LYS H 88 40.19 10.36 -24.64
N THR H 89 40.13 10.07 -23.36
CA THR H 89 40.23 8.69 -22.93
C THR H 89 39.06 8.26 -22.06
N LEU H 90 38.44 7.15 -22.38
CA LEU H 90 37.42 6.58 -21.49
C LEU H 90 37.92 5.32 -20.83
N ILE H 91 37.63 5.16 -19.53
CA ILE H 91 37.90 3.89 -18.86
C ILE H 91 36.58 3.30 -18.35
N SER H 92 36.35 2.01 -18.60
CA SER H 92 35.08 1.36 -18.25
C SER H 92 35.25 0.14 -17.33
N ALA H 93 34.23 -0.16 -16.52
CA ALA H 93 34.22 -1.29 -15.60
C ALA H 93 32.91 -2.09 -15.74
N SER H 94 33.04 -3.39 -15.86
CA SER H 94 31.91 -4.18 -16.27
C SER H 94 31.72 -5.44 -15.45
N SER H 95 30.48 -5.89 -15.41
CA SER H 95 30.17 -7.17 -14.82
C SER H 95 30.77 -8.35 -15.61
N ASP H 96 31.38 -8.08 -16.77
CA ASP H 96 32.07 -9.17 -17.46
C ASP H 96 33.48 -9.36 -16.90
N THR H 97 33.73 -8.68 -15.78
CA THR H 97 34.96 -8.72 -14.97
C THR H 97 36.14 -7.97 -15.58
N THR H 98 35.97 -7.37 -16.76
CA THR H 98 37.08 -6.62 -17.33
C THR H 98 37.03 -5.11 -17.09
N VAL H 99 38.19 -4.49 -17.16
CA VAL H 99 38.32 -3.04 -17.24
C VAL H 99 38.89 -2.69 -18.64
N LYS H 100 38.22 -1.80 -19.35
CA LYS H 100 38.67 -1.46 -20.70
C LYS H 100 39.08 0.02 -20.84
N VAL H 101 39.97 0.25 -21.78
CA VAL H 101 40.56 1.54 -22.07
C VAL H 101 40.10 1.89 -23.48
N TRP H 102 39.48 3.05 -23.61
CA TRP H 102 38.92 3.48 -24.88
C TRP H 102 39.50 4.79 -25.39
N ASN H 103 39.52 4.90 -26.71
CA ASN H 103 39.63 6.20 -27.35
C ASN H 103 38.23 6.83 -27.34
N ALA H 104 38.04 7.85 -26.52
CA ALA H 104 36.70 8.42 -26.34
C ALA H 104 36.24 9.31 -27.50
N HIS H 105 37.17 9.86 -28.27
CA HIS H 105 36.79 10.67 -29.43
C HIS H 105 36.25 9.80 -30.55
N LYS H 106 36.99 8.74 -30.87
CA LYS H 106 36.65 7.88 -31.99
C LYS H 106 35.78 6.69 -31.58
N GLY H 107 35.75 6.38 -30.28
CA GLY H 107 34.76 5.45 -29.78
C GLY H 107 35.08 3.97 -29.93
N PHE H 108 36.35 3.59 -29.87
CA PHE H 108 36.72 2.19 -29.97
C PHE H 108 37.63 1.76 -28.81
N CYS H 109 37.65 0.46 -28.54
CA CYS H 109 38.40 -0.10 -27.42
C CYS H 109 39.88 -0.29 -27.74
N MET H 110 40.75 0.18 -26.86
CA MET H 110 42.19 0.07 -27.09
C MET H 110 42.82 -1.10 -26.34
N SER H 111 42.43 -1.26 -25.07
CA SER H 111 42.99 -2.24 -24.16
C SER H 111 41.95 -2.84 -23.23
N THR H 112 42.19 -4.07 -22.81
CA THR H 112 41.34 -4.76 -21.85
C THR H 112 42.18 -5.24 -20.67
N LEU H 113 41.81 -4.81 -19.48
CA LEU H 113 42.53 -5.23 -18.29
C LEU H 113 41.77 -6.34 -17.60
N ARG H 114 42.44 -7.46 -17.32
CA ARG H 114 41.73 -8.66 -16.91
C ARG H 114 42.13 -9.16 -15.50
N THR H 115 42.56 -8.26 -14.63
CA THR H 115 43.08 -8.67 -13.32
C THR H 115 42.00 -8.88 -12.30
N HIS H 116 40.80 -8.34 -12.50
CA HIS H 116 39.69 -8.60 -11.59
C HIS H 116 39.13 -10.00 -11.81
N LYS H 117 38.45 -10.53 -10.80
CA LYS H 117 37.94 -11.90 -10.88
C LYS H 117 36.44 -12.02 -10.74
N ASP H 118 35.75 -10.90 -10.67
CA ASP H 118 34.32 -10.91 -10.44
C ASP H 118 33.82 -9.58 -10.99
N TYR H 119 32.54 -9.26 -10.86
CA TYR H 119 32.01 -8.00 -11.39
C TYR H 119 32.84 -6.81 -10.92
N VAL H 120 33.26 -5.96 -11.85
CA VAL H 120 33.87 -4.67 -11.50
C VAL H 120 32.78 -3.59 -11.41
N LYS H 121 32.72 -2.92 -10.27
CA LYS H 121 31.56 -2.14 -9.90
C LYS H 121 31.79 -0.65 -9.93
N ALA H 122 33.04 -0.22 -9.76
CA ALA H 122 33.32 1.18 -9.52
C ALA H 122 34.68 1.61 -10.03
N LEU H 123 34.74 2.84 -10.48
CA LEU H 123 35.99 3.43 -10.87
C LEU H 123 36.18 4.73 -10.12
N ALA H 124 37.41 5.05 -9.79
CA ALA H 124 37.74 6.32 -9.16
C ALA H 124 38.78 7.02 -10.01
N TYR H 125 38.85 8.34 -9.90
CA TYR H 125 39.64 9.13 -10.82
C TYR H 125 40.24 10.35 -10.14
N ALA H 126 41.56 10.47 -10.20
CA ALA H 126 42.23 11.67 -9.73
C ALA H 126 42.73 12.48 -10.89
N LYS H 127 41.97 13.50 -11.27
CA LYS H 127 42.25 14.30 -12.45
C LYS H 127 43.68 14.86 -12.50
N ASP H 128 44.18 15.36 -11.39
CA ASP H 128 45.49 16.02 -11.38
C ASP H 128 46.64 15.10 -11.67
N LYS H 129 46.42 13.79 -11.56
CA LYS H 129 47.47 12.80 -11.75
C LYS H 129 47.22 11.93 -12.97
N GLU H 130 46.07 12.12 -13.59
CA GLU H 130 45.49 11.20 -14.56
C GLU H 130 45.67 9.77 -14.07
N LEU H 131 45.15 9.53 -12.86
CA LEU H 131 45.24 8.27 -12.17
C LEU H 131 43.85 7.67 -12.03
N VAL H 132 43.68 6.39 -12.29
CA VAL H 132 42.38 5.78 -12.04
C VAL H 132 42.49 4.52 -11.21
N ALA H 133 41.35 4.11 -10.68
CA ALA H 133 41.30 2.93 -9.85
C ALA H 133 40.02 2.15 -10.14
N SER H 134 40.13 0.84 -10.06
CA SER H 134 38.99 -0.04 -10.28
C SER H 134 38.78 -0.91 -9.05
N ALA H 135 37.52 -1.21 -8.77
CA ALA H 135 37.18 -2.09 -7.67
C ALA H 135 35.91 -2.83 -7.98
N GLY H 136 35.82 -4.07 -7.48
CA GLY H 136 34.60 -4.84 -7.65
C GLY H 136 34.29 -5.83 -6.56
N LEU H 137 33.49 -6.82 -6.93
CA LEU H 137 32.95 -7.78 -6.00
C LEU H 137 33.99 -8.78 -5.55
N ASP H 138 35.16 -8.76 -6.20
CA ASP H 138 36.25 -9.67 -5.82
C ASP H 138 37.08 -9.08 -4.69
N ARG H 139 36.71 -7.89 -4.23
CA ARG H 139 37.30 -7.19 -3.07
C ARG H 139 38.68 -6.62 -3.38
N GLN H 140 39.02 -6.55 -4.65
CA GLN H 140 40.30 -6.01 -5.09
C GLN H 140 40.16 -4.54 -5.52
N ILE H 141 41.22 -3.78 -5.29
CA ILE H 141 41.32 -2.42 -5.82
C ILE H 141 42.65 -2.28 -6.50
N PHE H 142 42.61 -2.01 -7.79
CA PHE H 142 43.81 -1.76 -8.60
C PHE H 142 43.93 -0.29 -8.99
N LEU H 143 45.15 0.23 -8.89
CA LEU H 143 45.43 1.60 -9.32
C LEU H 143 46.15 1.58 -10.66
N TRP H 144 45.78 2.47 -11.54
CA TRP H 144 46.39 2.53 -12.86
C TRP H 144 46.73 3.94 -13.25
N ASP H 145 47.91 4.11 -13.82
CA ASP H 145 48.29 5.38 -14.42
C ASP H 145 47.77 5.45 -15.87
N VAL H 146 46.88 6.40 -16.14
CA VAL H 146 46.17 6.41 -17.41
C VAL H 146 47.13 6.55 -18.59
N ASN H 147 48.16 7.37 -18.44
CA ASN H 147 49.11 7.56 -19.53
C ASN H 147 49.91 6.30 -19.81
N THR H 148 50.10 5.45 -18.81
CA THR H 148 50.78 4.20 -19.06
C THR H 148 49.79 3.28 -19.77
N LEU H 149 48.52 3.33 -19.39
CA LEU H 149 47.54 2.49 -20.07
C LEU H 149 47.38 2.88 -21.55
N THR H 150 47.19 4.15 -21.84
CA THR H 150 46.96 4.55 -23.24
C THR H 150 48.17 4.33 -24.13
N ALA H 151 49.35 4.23 -23.54
CA ALA H 151 50.56 4.03 -24.32
C ALA H 151 50.86 2.56 -24.54
N LEU H 152 49.88 1.71 -24.28
CA LEU H 152 50.04 0.28 -24.51
C LEU H 152 49.86 0.01 -26.00
N THR H 153 50.89 -0.54 -26.62
CA THR H 153 50.83 -0.96 -28.02
C THR H 153 51.07 -2.46 -28.12
N ALA H 154 50.91 -3.01 -29.31
CA ALA H 154 51.13 -4.44 -29.53
C ALA H 154 52.56 -4.83 -29.19
N SER H 155 53.49 -3.93 -29.47
CA SER H 155 54.91 -4.18 -29.21
C SER H 155 55.34 -3.76 -27.81
N ASN H 156 54.48 -3.00 -27.14
CA ASN H 156 54.74 -2.53 -25.78
C ASN H 156 53.61 -3.00 -24.86
N ASN H 157 53.46 -4.31 -24.73
CA ASN H 157 52.31 -4.87 -24.05
C ASN H 157 52.61 -5.27 -22.60
N THR H 158 53.65 -4.70 -22.02
CA THR H 158 54.00 -5.06 -20.67
C THR H 158 53.27 -4.14 -19.66
N VAL H 159 52.49 -4.77 -18.78
CA VAL H 159 51.79 -4.02 -17.75
C VAL H 159 52.24 -4.47 -16.35
N THR H 160 52.15 -3.54 -15.41
CA THR H 160 52.55 -3.76 -14.05
C THR H 160 51.43 -3.27 -13.15
N THR H 161 51.22 -3.90 -11.99
CA THR H 161 50.06 -3.56 -11.18
C THR H 161 50.37 -2.92 -9.83
N SER H 162 49.39 -2.24 -9.27
CA SER H 162 49.44 -1.74 -7.92
C SER H 162 48.08 -1.96 -7.26
N SER H 163 48.10 -2.32 -5.97
CA SER H 163 46.94 -2.93 -5.34
C SER H 163 46.73 -2.50 -3.88
N LEU H 164 45.48 -2.45 -3.43
CA LEU H 164 45.18 -2.05 -2.06
C LEU H 164 44.63 -3.21 -1.26
N SER H 165 45.00 -3.32 0.00
CA SER H 165 44.58 -4.44 0.85
C SER H 165 43.69 -4.01 1.99
N GLY H 166 42.68 -4.81 2.29
CA GLY H 166 41.92 -4.62 3.49
C GLY H 166 40.44 -4.92 3.43
N ASN H 167 39.83 -4.84 2.25
CA ASN H 167 38.38 -5.00 2.18
C ASN H 167 37.96 -6.41 2.56
N LYS H 168 37.05 -6.54 3.50
CA LYS H 168 36.64 -7.88 3.88
C LYS H 168 35.39 -8.30 3.15
N ASP H 169 34.74 -7.36 2.46
CA ASP H 169 33.65 -7.73 1.58
C ASP H 169 33.65 -7.02 0.24
N SER H 170 32.68 -7.41 -0.59
CA SER H 170 32.53 -6.90 -1.94
C SER H 170 32.45 -5.39 -1.94
N ILE H 171 33.15 -4.76 -2.88
CA ILE H 171 33.21 -3.31 -2.99
C ILE H 171 32.18 -2.78 -4.00
N TYR H 172 31.41 -1.78 -3.60
CA TYR H 172 30.37 -1.24 -4.46
C TYR H 172 30.66 0.19 -4.93
N SER H 173 31.52 0.91 -4.22
CA SER H 173 31.84 2.29 -4.58
C SER H 173 33.29 2.61 -4.28
N LEU H 174 33.79 3.63 -4.95
CA LEU H 174 35.19 4.02 -4.86
C LEU H 174 35.32 5.50 -5.23
N ALA H 175 36.16 6.23 -4.52
CA ALA H 175 36.37 7.64 -4.82
C ALA H 175 37.79 8.04 -4.52
N MET H 176 38.32 8.96 -5.31
CA MET H 176 39.63 9.57 -5.10
C MET H 176 39.49 11.08 -5.19
N ASN H 177 40.32 11.80 -4.46
CA ASN H 177 40.30 13.26 -4.53
C ASN H 177 41.03 13.69 -5.78
N GLN H 178 40.89 14.95 -6.14
CA GLN H 178 41.44 15.44 -7.39
C GLN H 178 42.96 15.33 -7.38
N LEU H 179 43.55 15.51 -6.20
CA LEU H 179 44.99 15.53 -6.03
C LEU H 179 45.63 14.16 -6.04
N GLY H 180 44.80 13.12 -5.97
CA GLY H 180 45.33 11.77 -5.91
C GLY H 180 46.08 11.47 -4.62
N THR H 181 45.60 11.95 -3.49
CA THR H 181 46.28 11.69 -2.23
C THR H 181 45.44 10.83 -1.28
N ILE H 182 44.18 10.65 -1.64
CA ILE H 182 43.24 9.91 -0.81
C ILE H 182 42.37 9.01 -1.70
N ILE H 183 42.17 7.76 -1.29
CA ILE H 183 41.20 6.89 -1.94
C ILE H 183 40.36 6.20 -0.88
N VAL H 184 39.07 6.06 -1.13
CA VAL H 184 38.16 5.44 -0.18
C VAL H 184 37.27 4.43 -0.88
N SER H 185 36.98 3.32 -0.22
CA SER H 185 36.06 2.33 -0.75
C SER H 185 34.79 2.28 0.09
N GLY H 186 33.68 1.92 -0.56
CA GLY H 186 32.41 1.66 0.11
C GLY H 186 31.98 0.24 -0.19
N SER H 187 31.41 -0.46 0.79
CA SER H 187 31.10 -1.85 0.56
C SER H 187 30.04 -2.38 1.48
N THR H 188 29.74 -3.66 1.30
CA THR H 188 28.80 -4.36 2.18
C THR H 188 29.45 -4.56 3.55
N GLU H 189 30.72 -4.17 3.70
CA GLU H 189 31.37 -4.18 5.01
C GLU H 189 30.87 -3.00 5.89
N LYS H 190 30.16 -2.06 5.26
CA LYS H 190 29.54 -0.90 5.93
C LYS H 190 30.56 0.19 6.28
N VAL H 191 31.71 -0.21 6.82
CA VAL H 191 32.75 0.77 7.09
C VAL H 191 33.42 1.25 5.80
N LEU H 192 33.80 2.51 5.80
CA LEU H 192 34.62 3.08 4.77
C LEU H 192 36.10 2.81 5.07
N ARG H 193 36.83 2.33 4.06
CA ARG H 193 38.28 2.17 4.17
C ARG H 193 38.95 3.21 3.31
N VAL H 194 40.04 3.75 3.85
CA VAL H 194 40.74 4.85 3.26
C VAL H 194 42.20 4.51 3.15
N TRP H 195 42.80 4.87 2.03
CA TRP H 195 44.21 4.61 1.80
C TRP H 195 44.87 5.83 1.20
N ASP H 196 46.20 5.85 1.23
CA ASP H 196 46.99 6.75 0.42
C ASP H 196 47.32 6.03 -0.91
N PRO H 197 46.77 6.51 -2.04
CA PRO H 197 47.00 5.86 -3.34
C PRO H 197 48.46 5.90 -3.82
N ARG H 198 49.30 6.76 -3.26
CA ARG H 198 50.70 6.79 -3.65
C ARG H 198 51.48 5.63 -3.01
N THR H 199 51.08 5.20 -1.82
CA THR H 199 51.85 4.21 -1.07
C THR H 199 51.10 2.92 -0.82
N CYS H 200 49.80 2.95 -1.06
CA CYS H 200 48.86 1.89 -0.68
C CYS H 200 48.71 1.69 0.83
N ALA H 201 49.21 2.62 1.64
CA ALA H 201 49.13 2.48 3.09
C ALA H 201 47.70 2.68 3.60
N LYS H 202 47.25 1.80 4.49
CA LYS H 202 45.97 2.01 5.18
C LYS H 202 46.06 3.28 6.00
N LEU H 203 45.03 4.11 5.95
CA LEU H 203 45.04 5.37 6.70
C LEU H 203 43.99 5.36 7.82
N MET H 204 42.77 4.91 7.54
CA MET H 204 41.72 4.95 8.54
C MET H 204 40.51 4.12 8.13
N LYS H 205 39.70 3.76 9.11
CA LYS H 205 38.44 3.09 8.89
C LYS H 205 37.32 3.97 9.43
N LEU H 206 36.42 4.39 8.54
CA LEU H 206 35.32 5.27 8.91
C LEU H 206 34.05 4.46 9.16
N LYS H 207 33.70 4.35 10.43
CA LYS H 207 32.62 3.50 10.86
C LYS H 207 31.37 4.34 11.14
N GLY H 208 30.20 3.82 10.81
CA GLY H 208 28.98 4.56 11.04
C GLY H 208 27.77 4.18 10.22
N HIS H 209 27.97 3.79 8.97
CA HIS H 209 26.86 3.27 8.17
C HIS H 209 26.48 1.88 8.63
N THR H 210 25.21 1.54 8.46
CA THR H 210 24.69 0.24 8.86
C THR H 210 24.22 -0.60 7.69
N ASP H 211 24.62 -0.22 6.49
CA ASP H 211 24.29 -0.95 5.26
C ASP H 211 25.36 -0.64 4.22
N ASN H 212 25.27 -1.31 3.08
CA ASN H 212 26.09 -1.09 1.89
C ASN H 212 26.23 0.40 1.53
N VAL H 213 27.37 0.75 0.96
CA VAL H 213 27.65 2.10 0.51
C VAL H 213 27.93 2.14 -0.99
N LYS H 214 27.02 2.72 -1.77
CA LYS H 214 27.18 2.77 -3.23
C LYS H 214 27.61 4.13 -3.82
N ALA H 215 27.73 5.15 -2.97
CA ALA H 215 28.14 6.46 -3.44
C ALA H 215 29.17 7.12 -2.53
N LEU H 216 30.27 7.57 -3.12
CA LEU H 216 31.32 8.27 -2.39
C LEU H 216 31.81 9.49 -3.16
N LEU H 217 32.09 10.58 -2.42
CA LEU H 217 32.73 11.74 -3.01
C LEU H 217 33.80 12.33 -2.07
N LEU H 218 34.90 12.78 -2.65
CA LEU H 218 35.94 13.43 -1.89
C LEU H 218 36.12 14.86 -2.37
N ASN H 219 36.32 15.80 -1.45
CA ASN H 219 36.61 17.16 -1.85
C ASN H 219 38.03 17.21 -2.41
N ARG H 220 38.35 18.29 -3.10
CA ARG H 220 39.61 18.45 -3.80
C ARG H 220 40.85 18.05 -2.98
N ASP H 221 40.95 18.53 -1.74
CA ASP H 221 42.19 18.30 -1.04
C ASP H 221 42.10 17.07 -0.16
N GLY H 222 40.96 16.39 -0.21
CA GLY H 222 40.86 15.07 0.39
C GLY H 222 40.85 15.11 1.89
N THR H 223 40.29 16.19 2.43
CA THR H 223 40.07 16.36 3.85
C THR H 223 38.63 16.04 4.26
N GLN H 224 37.73 15.96 3.30
CA GLN H 224 36.35 15.59 3.60
C GLN H 224 35.81 14.60 2.59
N CYS H 225 34.93 13.73 3.08
CA CYS H 225 34.31 12.69 2.27
C CYS H 225 32.80 12.77 2.46
N LEU H 226 32.05 12.56 1.37
CA LEU H 226 30.59 12.32 1.44
C LEU H 226 30.23 10.87 1.06
N SER H 227 29.41 10.23 1.86
CA SER H 227 29.01 8.87 1.53
C SER H 227 27.48 8.75 1.54
N GLY H 228 26.97 8.01 0.57
CA GLY H 228 25.54 7.74 0.49
C GLY H 228 25.33 6.26 0.65
N SER H 229 24.40 5.89 1.51
CA SER H 229 24.28 4.51 1.92
C SER H 229 22.89 3.95 1.77
N SER H 230 22.82 2.64 1.65
CA SER H 230 21.56 1.93 1.59
C SER H 230 20.83 2.02 2.93
N ASP H 231 21.51 2.52 3.96
CA ASP H 231 20.82 2.65 5.25
C ASP H 231 19.93 3.86 5.19
N GLY H 232 20.00 4.60 4.08
CA GLY H 232 19.14 5.74 3.86
C GLY H 232 19.80 7.06 4.21
N THR H 233 21.05 7.03 4.63
CA THR H 233 21.70 8.27 5.06
C THR H 233 22.84 8.72 4.16
N ILE H 234 23.10 10.01 4.26
CA ILE H 234 24.28 10.66 3.73
C ILE H 234 25.13 11.04 4.94
N ARG H 235 26.42 10.76 4.88
CA ARG H 235 27.33 11.18 5.94
C ARG H 235 28.48 11.98 5.40
N LEU H 236 28.77 13.08 6.08
CA LEU H 236 29.93 13.91 5.85
C LEU H 236 31.02 13.51 6.81
N TRP H 237 32.22 13.30 6.30
CA TRP H 237 33.31 12.83 7.14
C TRP H 237 34.48 13.80 7.10
N SER H 238 35.11 14.03 8.25
CA SER H 238 36.39 14.71 8.30
C SER H 238 37.49 13.69 8.39
N LEU H 239 38.43 13.76 7.47
CA LEU H 239 39.51 12.80 7.46
C LEU H 239 40.60 13.20 8.45
N GLY H 240 40.59 14.47 8.82
CA GLY H 240 41.49 14.97 9.84
C GLY H 240 41.09 14.53 11.24
N GLN H 241 39.79 14.46 11.52
CA GLN H 241 39.33 13.95 12.80
C GLN H 241 39.07 12.46 12.74
N GLN H 242 39.03 11.90 11.52
CA GLN H 242 38.63 10.52 11.29
C GLN H 242 37.27 10.20 11.89
N ARG H 243 36.33 11.12 11.75
CA ARG H 243 35.00 10.89 12.27
C ARG H 243 33.93 11.51 11.37
N CYS H 244 32.71 11.07 11.60
CA CYS H 244 31.56 11.59 10.92
C CYS H 244 31.20 12.88 11.59
N ILE H 245 31.14 13.97 10.84
CA ILE H 245 30.77 15.25 11.44
C ILE H 245 29.33 15.66 11.15
N ALA H 246 28.65 14.94 10.26
CA ALA H 246 27.24 15.22 10.00
C ALA H 246 26.54 14.06 9.30
N THR H 247 25.28 13.88 9.66
CA THR H 247 24.44 12.85 9.08
C THR H 247 23.20 13.51 8.47
N TYR H 248 22.89 13.17 7.23
CA TYR H 248 21.71 13.73 6.59
C TYR H 248 20.72 12.63 6.25
N ARG H 249 19.51 12.74 6.77
CA ARG H 249 18.47 11.76 6.51
C ARG H 249 17.34 12.36 5.67
N VAL H 250 17.58 12.61 4.38
CA VAL H 250 16.54 13.25 3.57
C VAL H 250 15.84 12.25 2.65
N HIS H 251 16.29 11.00 2.63
CA HIS H 251 15.64 9.98 1.81
C HIS H 251 14.91 8.95 2.65
N ASP H 252 14.00 8.23 1.98
CA ASP H 252 13.17 7.23 2.64
C ASP H 252 13.75 5.83 2.48
N GLU H 253 14.55 5.64 1.44
CA GLU H 253 15.22 4.38 1.19
C GLU H 253 16.69 4.66 0.87
N GLY H 254 17.40 3.63 0.42
CA GLY H 254 18.82 3.74 0.15
C GLY H 254 19.21 4.88 -0.78
N VAL H 255 20.30 5.54 -0.42
CA VAL H 255 20.93 6.54 -1.25
C VAL H 255 21.92 5.85 -2.14
N TRP H 256 21.81 6.03 -3.45
CA TRP H 256 22.66 5.31 -4.38
C TRP H 256 23.58 6.23 -5.20
N ALA H 257 23.27 7.52 -5.21
CA ALA H 257 24.01 8.45 -6.04
C ALA H 257 24.22 9.81 -5.36
N LEU H 258 25.42 10.36 -5.53
CA LEU H 258 25.73 11.68 -5.01
C LEU H 258 26.47 12.54 -6.01
N GLN H 259 26.20 13.83 -5.99
CA GLN H 259 27.02 14.81 -6.66
C GLN H 259 27.20 15.97 -5.69
N VAL H 260 28.22 16.78 -5.89
CA VAL H 260 28.43 17.90 -5.00
C VAL H 260 28.89 19.07 -5.83
N ASN H 261 28.64 20.29 -5.35
CA ASN H 261 29.08 21.47 -6.08
C ASN H 261 30.57 21.72 -5.87
N ASP H 262 31.13 22.68 -6.60
CA ASP H 262 32.57 22.89 -6.64
C ASP H 262 33.15 23.25 -5.27
N ALA H 263 32.36 23.96 -4.48
CA ALA H 263 32.81 24.43 -3.16
C ALA H 263 32.54 23.40 -2.07
N PHE H 264 32.05 22.23 -2.47
CA PHE H 264 31.76 21.13 -1.55
C PHE H 264 30.84 21.56 -0.42
N THR H 265 29.77 22.27 -0.76
CA THR H 265 28.86 22.77 0.26
C THR H 265 27.39 22.36 0.08
N HIS H 266 27.01 22.01 -1.15
CA HIS H 266 25.68 21.47 -1.42
C HIS H 266 25.79 20.08 -2.03
N VAL H 267 25.05 19.14 -1.48
CA VAL H 267 25.07 17.77 -2.00
C VAL H 267 23.77 17.42 -2.71
N TYR H 268 23.90 16.80 -3.88
CA TYR H 268 22.77 16.30 -4.66
C TYR H 268 22.67 14.79 -4.47
N SER H 269 21.48 14.31 -4.10
CA SER H 269 21.37 12.91 -3.73
C SER H 269 20.17 12.25 -4.39
N GLY H 270 20.37 10.98 -4.76
CA GLY H 270 19.31 10.15 -5.31
C GLY H 270 19.48 8.66 -4.96
N GLY H 271 18.38 7.93 -5.04
CA GLY H 271 18.43 6.49 -4.82
C GLY H 271 17.15 5.75 -5.14
N ARG H 272 16.87 4.73 -4.35
CA ARG H 272 15.77 3.83 -4.60
C ARG H 272 14.41 4.53 -4.49
N ASP H 273 14.29 5.57 -3.67
CA ASP H 273 12.98 6.21 -3.53
C ASP H 273 12.64 7.20 -4.64
N ARG H 274 13.55 7.36 -5.60
CA ARG H 274 13.34 8.12 -6.83
C ARG H 274 13.36 9.63 -6.66
N LYS H 275 13.34 10.11 -5.42
CA LYS H 275 13.39 11.54 -5.17
C LYS H 275 14.81 12.08 -5.29
N ILE H 276 14.96 13.26 -5.86
CA ILE H 276 16.28 13.84 -5.95
C ILE H 276 16.31 15.16 -5.19
N TYR H 277 17.25 15.30 -4.27
CA TYR H 277 17.34 16.49 -3.43
C TYR H 277 18.64 17.25 -3.62
N CYS H 278 18.60 18.53 -3.31
CA CYS H 278 19.80 19.32 -3.09
C CYS H 278 19.77 19.78 -1.65
N THR H 279 20.78 19.38 -0.87
CA THR H 279 20.81 19.67 0.55
C THR H 279 22.02 20.55 0.88
N ASP H 280 21.83 21.56 1.74
CA ASP H 280 22.95 22.36 2.15
C ASP H 280 23.70 21.68 3.30
N LEU H 281 24.97 21.35 3.07
CA LEU H 281 25.76 20.64 4.08
C LEU H 281 25.88 21.37 5.42
N ARG H 282 25.95 22.70 5.39
CA ARG H 282 26.06 23.53 6.58
C ARG H 282 24.76 23.56 7.39
N ASN H 283 23.65 23.27 6.73
CA ASN H 283 22.33 23.45 7.33
C ASN H 283 21.31 22.64 6.56
N PRO H 284 21.11 21.38 6.97
CA PRO H 284 20.26 20.36 6.33
C PRO H 284 18.80 20.77 6.17
N ASP H 285 18.28 21.58 7.08
CA ASP H 285 16.90 22.02 6.98
C ASP H 285 16.65 22.80 5.68
N ILE H 286 17.70 23.40 5.15
CA ILE H 286 17.67 23.91 3.79
C ILE H 286 17.83 22.74 2.82
N ARG H 287 16.72 22.27 2.25
CA ARG H 287 16.79 21.30 1.17
C ARG H 287 15.66 21.41 0.15
N VAL H 288 16.07 21.37 -1.11
CA VAL H 288 15.15 21.47 -2.23
C VAL H 288 14.92 20.12 -2.87
N LEU H 289 13.65 19.74 -3.00
CA LEU H 289 13.32 18.57 -3.77
C LEU H 289 13.35 18.91 -5.24
N ILE H 290 14.37 18.45 -5.94
CA ILE H 290 14.53 18.82 -7.34
C ILE H 290 13.46 18.18 -8.23
N CYS H 291 13.31 16.87 -8.12
CA CYS H 291 12.32 16.14 -8.90
C CYS H 291 12.01 14.80 -8.29
N GLU H 292 11.00 14.14 -8.83
CA GLU H 292 10.80 12.73 -8.56
C GLU H 292 10.91 11.99 -9.89
N GLU H 293 11.90 11.09 -10.00
CA GLU H 293 12.13 10.33 -11.22
C GLU H 293 11.12 9.19 -11.35
N LYS H 294 11.11 8.54 -12.50
CA LYS H 294 10.14 7.49 -12.78
C LYS H 294 10.61 6.11 -12.40
N ALA H 295 11.87 6.01 -12.01
CA ALA H 295 12.48 4.73 -11.65
C ALA H 295 13.60 5.00 -10.65
N PRO H 296 14.05 3.95 -9.91
CA PRO H 296 15.16 4.20 -8.99
C PRO H 296 16.38 4.85 -9.66
N VAL H 297 16.97 5.81 -8.95
CA VAL H 297 18.14 6.53 -9.46
C VAL H 297 19.44 5.78 -9.22
N LEU H 298 20.17 5.47 -10.29
CA LEU H 298 21.43 4.76 -10.19
C LEU H 298 22.67 5.69 -10.17
N LYS H 299 22.57 6.84 -10.80
CA LYS H 299 23.72 7.74 -10.95
C LYS H 299 23.31 9.11 -11.44
N MET H 300 24.05 10.14 -11.01
CA MET H 300 23.82 11.50 -11.47
C MET H 300 25.12 12.20 -11.86
N GLU H 301 25.02 13.14 -12.80
CA GLU H 301 26.17 13.87 -13.32
C GLU H 301 25.80 15.34 -13.51
N LEU H 302 26.37 16.20 -12.69
CA LEU H 302 26.12 17.64 -12.82
C LEU H 302 26.69 18.21 -14.09
N ASP H 303 25.92 19.09 -14.71
CA ASP H 303 26.46 20.04 -15.67
C ASP H 303 27.28 21.05 -14.87
N ARG H 304 28.59 21.14 -15.13
CA ARG H 304 29.42 22.06 -14.37
C ARG H 304 29.93 23.26 -15.17
N SER H 305 29.19 23.66 -16.19
CA SER H 305 29.64 24.77 -17.05
C SER H 305 29.44 26.14 -16.38
N ALA H 306 28.78 26.13 -15.23
CA ALA H 306 28.56 27.35 -14.47
C ALA H 306 28.37 26.97 -13.02
N ASP H 307 28.90 27.83 -12.15
CA ASP H 307 29.33 27.41 -10.83
C ASP H 307 28.11 26.81 -10.43
N PRO H 308 27.09 27.73 -10.07
CA PRO H 308 25.86 27.05 -9.64
C PRO H 308 25.37 26.19 -10.77
N PRO H 309 25.48 24.82 -10.50
CA PRO H 309 25.27 23.97 -11.68
C PRO H 309 23.97 24.26 -12.34
N PRO H 310 23.96 24.41 -13.64
CA PRO H 310 22.71 24.74 -14.31
C PRO H 310 21.74 23.56 -14.45
N ALA H 311 22.23 22.33 -14.34
CA ALA H 311 21.41 21.16 -14.68
C ALA H 311 22.05 19.87 -14.18
N ILE H 312 21.24 18.86 -13.92
CA ILE H 312 21.79 17.59 -13.53
C ILE H 312 21.24 16.46 -14.40
N TRP H 313 22.15 15.64 -14.91
CA TRP H 313 21.79 14.46 -15.70
C TRP H 313 21.65 13.29 -14.78
N VAL H 314 20.66 12.44 -15.08
CA VAL H 314 20.21 11.39 -14.18
C VAL H 314 20.02 10.05 -14.89
N ALA H 315 20.65 9.00 -14.38
CA ALA H 315 20.46 7.64 -14.88
C ALA H 315 19.57 6.83 -13.93
N THR H 316 18.67 6.03 -14.50
CA THR H 316 17.84 5.16 -13.69
C THR H 316 17.83 3.75 -14.25
N THR H 317 16.97 2.90 -13.70
CA THR H 317 16.81 1.55 -14.24
C THR H 317 16.10 1.57 -15.59
N LYS H 318 15.48 2.68 -15.94
CA LYS H 318 14.90 2.86 -17.27
C LYS H 318 15.99 3.16 -18.30
N SER H 319 15.67 2.91 -19.56
CA SER H 319 16.62 3.05 -20.68
C SER H 319 16.77 4.50 -21.10
N THR H 320 15.87 5.33 -20.61
CA THR H 320 15.81 6.73 -20.94
C THR H 320 16.75 7.55 -20.02
N VAL H 321 17.35 8.62 -20.53
CA VAL H 321 18.20 9.48 -19.71
C VAL H 321 17.75 10.95 -19.70
N ASN H 322 17.45 11.47 -18.52
CA ASN H 322 16.87 12.80 -18.38
C ASN H 322 17.86 13.84 -17.90
N LYS H 323 17.73 15.06 -18.41
CA LYS H 323 18.40 16.22 -17.84
C LYS H 323 17.38 17.09 -17.11
N TRP H 324 17.60 17.32 -15.84
CA TRP H 324 16.72 18.20 -15.08
C TRP H 324 17.41 19.53 -14.86
N THR H 325 16.69 20.63 -15.06
CA THR H 325 17.31 21.94 -14.92
C THR H 325 17.32 22.39 -13.45
N LEU H 326 18.38 23.06 -13.04
CA LEU H 326 18.48 23.52 -11.66
C LEU H 326 18.38 25.04 -11.53
N LYS H 327 17.21 25.57 -11.22
CA LYS H 327 17.07 27.03 -11.08
C LYS H 327 16.35 27.46 -9.79
N GLY H 328 16.87 27.05 -8.64
CA GLY H 328 16.28 27.43 -7.37
C GLY H 328 17.09 26.89 -6.21
N THR H 347 7.73 20.12 -2.53
CA THR H 347 7.08 19.70 -3.78
C THR H 347 7.89 20.27 -4.96
N PRO H 348 8.13 19.43 -6.00
CA PRO H 348 9.25 19.49 -6.94
C PRO H 348 9.62 20.83 -7.56
N LEU H 349 10.91 21.09 -7.67
CA LEU H 349 11.41 22.20 -8.45
C LEU H 349 11.05 22.03 -9.92
N CYS H 350 11.11 20.79 -10.38
CA CYS H 350 10.80 20.45 -11.76
C CYS H 350 9.70 19.41 -11.80
N THR H 351 8.86 19.48 -12.83
CA THR H 351 7.89 18.42 -13.07
C THR H 351 8.25 17.67 -14.35
N GLN H 352 8.98 18.33 -15.24
CA GLN H 352 9.33 17.76 -16.53
C GLN H 352 10.81 17.92 -16.77
N PRO H 353 11.48 16.86 -17.25
CA PRO H 353 12.89 16.98 -17.61
C PRO H 353 13.09 18.06 -18.65
N ASP H 354 14.26 18.68 -18.67
CA ASP H 354 14.56 19.75 -19.60
C ASP H 354 14.94 19.16 -20.96
N GLN H 355 15.41 17.92 -20.95
CA GLN H 355 15.93 17.25 -22.13
C GLN H 355 15.86 15.75 -21.89
N VAL H 356 15.55 14.99 -22.93
CA VAL H 356 15.32 13.56 -22.78
C VAL H 356 16.07 12.78 -23.83
N ILE H 357 16.92 11.87 -23.41
CA ILE H 357 17.53 10.96 -24.35
C ILE H 357 16.70 9.70 -24.37
N LYS H 358 16.08 9.42 -25.51
CA LYS H 358 15.13 8.31 -25.64
C LYS H 358 15.78 6.97 -25.39
N GLY H 359 15.01 6.01 -24.95
CA GLY H 359 15.49 4.67 -24.73
C GLY H 359 14.70 3.64 -25.50
N GLY H 360 15.23 2.43 -25.59
CA GLY H 360 14.55 1.34 -26.25
C GLY H 360 14.02 0.36 -25.23
N ALA H 361 13.47 -0.76 -25.70
CA ALA H 361 12.78 -1.70 -24.82
C ALA H 361 13.69 -2.81 -24.35
N SER H 362 13.48 -3.31 -23.14
CA SER H 362 14.18 -4.52 -22.71
C SER H 362 13.33 -5.74 -23.00
N ILE H 363 13.92 -6.78 -23.54
CA ILE H 363 13.25 -8.07 -23.58
C ILE H 363 13.18 -8.59 -22.16
N ILE H 364 11.99 -8.77 -21.62
CA ILE H 364 11.87 -9.14 -20.21
C ILE H 364 11.21 -10.51 -20.00
N GLN H 365 10.82 -11.17 -21.07
CA GLN H 365 10.20 -12.49 -20.95
C GLN H 365 10.53 -13.35 -22.17
N CYS H 366 10.78 -14.63 -21.95
CA CYS H 366 11.30 -15.47 -23.02
C CYS H 366 10.79 -16.91 -22.95
N HIS H 367 10.40 -17.45 -24.10
CA HIS H 367 9.92 -18.81 -24.14
C HIS H 367 10.54 -19.55 -25.30
N ILE H 368 11.17 -20.67 -24.99
CA ILE H 368 11.79 -21.52 -25.99
C ILE H 368 10.74 -22.53 -26.46
N LEU H 369 10.59 -22.67 -27.77
CA LEU H 369 9.55 -23.54 -28.30
C LEU H 369 10.10 -24.94 -28.41
N ASN H 370 9.19 -25.90 -28.59
CA ASN H 370 9.54 -27.31 -28.53
C ASN H 370 10.53 -27.72 -29.61
N ASP H 371 10.58 -27.00 -30.72
CA ASP H 371 11.57 -27.29 -31.76
C ASP H 371 13.00 -26.91 -31.36
N LYS H 372 13.15 -26.22 -30.23
CA LYS H 372 14.45 -25.76 -29.72
C LYS H 372 15.19 -24.95 -30.76
N ARG H 373 14.43 -24.18 -31.52
CA ARG H 373 14.97 -23.48 -32.66
C ARG H 373 14.40 -22.05 -32.66
N HIS H 374 13.18 -21.90 -32.13
CA HIS H 374 12.53 -20.63 -32.14
C HIS H 374 12.24 -20.14 -30.74
N ILE H 375 12.25 -18.81 -30.59
CA ILE H 375 12.01 -18.17 -29.32
C ILE H 375 10.92 -17.12 -29.46
N LEU H 376 9.98 -17.09 -28.51
CA LEU H 376 9.05 -15.97 -28.40
C LEU H 376 9.53 -15.03 -27.29
N THR H 377 9.39 -13.73 -27.50
CA THR H 377 9.70 -12.76 -26.45
C THR H 377 8.60 -11.73 -26.21
N LYS H 378 8.66 -11.11 -25.04
CA LYS H 378 7.83 -9.98 -24.70
C LYS H 378 8.74 -8.87 -24.16
N ASP H 379 8.57 -7.64 -24.63
CA ASP H 379 9.48 -6.60 -24.14
C ASP H 379 8.76 -5.56 -23.26
N THR H 380 9.45 -4.48 -22.91
CA THR H 380 8.90 -3.53 -21.96
C THR H 380 7.76 -2.70 -22.54
N ASN H 381 7.61 -2.69 -23.86
CA ASN H 381 6.47 -2.02 -24.47
C ASN H 381 5.30 -2.98 -24.70
N ASN H 382 5.42 -4.20 -24.18
CA ASN H 382 4.46 -5.28 -24.36
C ASN H 382 4.44 -5.80 -25.79
N ASN H 383 5.45 -5.44 -26.55
CA ASN H 383 5.64 -6.00 -27.87
C ASN H 383 6.13 -7.44 -27.83
N VAL H 384 5.55 -8.29 -28.66
CA VAL H 384 5.89 -9.70 -28.73
C VAL H 384 6.66 -9.95 -30.02
N ALA H 385 7.66 -10.83 -29.97
CA ALA H 385 8.48 -11.11 -31.12
C ALA H 385 8.90 -12.57 -31.21
N TYR H 386 9.11 -13.02 -32.44
CA TYR H 386 9.43 -14.39 -32.75
C TYR H 386 10.82 -14.46 -33.34
N TRP H 387 11.69 -15.31 -32.79
CA TRP H 387 13.10 -15.29 -33.20
C TRP H 387 13.62 -16.64 -33.64
N ASP H 388 14.64 -16.62 -34.47
CA ASP H 388 15.36 -17.81 -34.90
C ASP H 388 16.71 -17.92 -34.20
N VAL H 389 16.82 -18.82 -33.23
CA VAL H 389 18.03 -18.91 -32.42
C VAL H 389 19.19 -19.47 -33.22
N LEU H 390 18.89 -20.41 -34.10
CA LEU H 390 19.91 -21.06 -34.92
C LEU H 390 20.52 -20.12 -35.95
N LYS H 391 19.71 -19.25 -36.52
CA LYS H 391 20.17 -18.33 -37.54
C LYS H 391 20.42 -16.96 -36.94
N ALA H 392 20.16 -16.85 -35.64
CA ALA H 392 20.47 -15.66 -34.86
C ALA H 392 19.82 -14.42 -35.43
N CYS H 393 18.53 -14.48 -35.65
CA CYS H 393 17.83 -13.33 -36.18
C CYS H 393 16.40 -13.36 -35.77
N LYS H 394 15.78 -12.20 -35.88
CA LYS H 394 14.35 -12.07 -35.66
C LYS H 394 13.62 -12.67 -36.86
N VAL H 395 12.44 -13.22 -36.63
CA VAL H 395 11.61 -13.69 -37.73
C VAL H 395 10.36 -12.80 -37.93
N GLU H 396 9.67 -12.45 -36.84
CA GLU H 396 8.47 -11.60 -36.91
C GLU H 396 8.30 -10.72 -35.67
N ASP H 397 7.94 -9.46 -35.90
CA ASP H 397 7.37 -8.61 -34.86
C ASP H 397 5.87 -8.85 -34.84
N LEU H 398 5.32 -9.22 -33.70
CA LEU H 398 3.93 -9.60 -33.65
C LEU H 398 3.05 -8.52 -33.05
N GLY H 399 3.65 -7.41 -32.65
CA GLY H 399 2.89 -6.35 -32.01
C GLY H 399 2.49 -6.69 -30.59
N LYS H 400 1.46 -6.01 -30.09
CA LYS H 400 1.04 -6.23 -28.72
C LYS H 400 0.00 -7.34 -28.62
N VAL H 401 0.34 -8.51 -29.12
CA VAL H 401 -0.51 -9.68 -28.98
C VAL H 401 -0.32 -10.30 -27.60
N ASP H 402 -1.29 -11.10 -27.14
CA ASP H 402 -1.15 -11.75 -25.84
C ASP H 402 -0.05 -12.80 -25.87
N PHE H 403 0.96 -12.62 -25.03
CA PHE H 403 2.14 -13.50 -25.02
C PHE H 403 1.77 -14.95 -24.76
N GLU H 404 1.08 -15.21 -23.65
CA GLU H 404 0.76 -16.59 -23.25
C GLU H 404 -0.13 -17.30 -24.28
N ASP H 405 -1.05 -16.58 -24.90
CA ASP H 405 -1.89 -17.17 -25.96
C ASP H 405 -1.09 -17.43 -27.20
N GLU H 406 -0.16 -16.53 -27.49
CA GLU H 406 0.66 -16.66 -28.67
C GLU H 406 1.59 -17.87 -28.53
N ILE H 407 1.92 -18.22 -27.29
CA ILE H 407 2.75 -19.40 -27.06
C ILE H 407 1.94 -20.66 -27.38
N LYS H 408 0.82 -20.82 -26.69
CA LYS H 408 0.00 -22.02 -26.84
C LYS H 408 -0.51 -22.17 -28.27
N LYS H 409 -0.82 -21.06 -28.92
CA LYS H 409 -1.21 -21.10 -30.33
C LYS H 409 -0.12 -21.73 -31.20
N ARG H 410 1.13 -21.60 -30.80
CA ARG H 410 2.24 -22.00 -31.66
C ARG H 410 2.82 -23.35 -31.27
N PHE H 411 2.15 -24.03 -30.34
CA PHE H 411 2.56 -25.34 -29.86
C PHE H 411 2.77 -26.33 -31.00
N LYS H 412 3.68 -27.27 -30.76
CA LYS H 412 3.93 -28.38 -31.67
C LYS H 412 4.33 -29.58 -30.85
N MET H 413 3.79 -30.75 -31.14
CA MET H 413 4.18 -31.94 -30.40
C MET H 413 5.44 -32.52 -31.00
N VAL H 414 6.57 -31.94 -30.64
CA VAL H 414 7.85 -32.44 -31.06
C VAL H 414 8.76 -32.32 -29.86
N TYR H 415 9.64 -33.28 -29.68
CA TYR H 415 10.67 -33.11 -28.67
C TYR H 415 12.04 -33.04 -29.31
N VAL H 416 12.82 -32.08 -28.84
CA VAL H 416 14.20 -31.88 -29.24
C VAL H 416 14.97 -31.59 -27.97
N PRO H 417 16.06 -32.33 -27.73
CA PRO H 417 16.82 -32.09 -26.51
C PRO H 417 17.47 -30.70 -26.49
N ASN H 418 17.45 -30.08 -25.32
CA ASN H 418 18.14 -28.82 -25.04
C ASN H 418 19.58 -28.78 -25.51
N TRP H 419 19.94 -27.71 -26.19
CA TRP H 419 21.31 -27.55 -26.63
C TRP H 419 21.87 -26.13 -26.38
N PHE H 420 21.04 -25.20 -25.92
CA PHE H 420 21.53 -23.87 -25.57
C PHE H 420 20.81 -23.32 -24.36
N SER H 421 21.30 -22.20 -23.82
CA SER H 421 20.49 -21.44 -22.88
C SER H 421 20.44 -19.96 -23.26
N VAL H 422 19.45 -19.27 -22.72
CA VAL H 422 19.20 -17.88 -23.02
C VAL H 422 19.26 -17.09 -21.73
N ASP H 423 19.79 -15.86 -21.80
CA ASP H 423 19.70 -14.95 -20.66
C ASP H 423 19.32 -13.56 -21.14
N LEU H 424 18.69 -12.78 -20.26
CA LEU H 424 18.14 -11.50 -20.64
C LEU H 424 18.83 -10.34 -19.93
N LYS H 425 20.06 -10.56 -19.48
CA LYS H 425 20.70 -9.61 -18.58
C LYS H 425 20.95 -8.25 -19.24
N THR H 426 21.18 -8.21 -20.53
CA THR H 426 21.46 -6.98 -21.22
C THR H 426 20.24 -6.34 -21.77
N GLY H 427 19.16 -7.08 -21.71
CA GLY H 427 17.97 -6.73 -22.38
C GLY H 427 17.92 -7.29 -23.76
N MET H 428 18.97 -7.89 -24.30
CA MET H 428 18.81 -8.46 -25.61
C MET H 428 18.89 -9.96 -25.38
N LEU H 429 18.62 -10.74 -26.41
CA LEU H 429 18.83 -12.17 -26.38
C LEU H 429 20.32 -12.52 -26.39
N THR H 430 20.80 -13.12 -25.30
CA THR H 430 22.12 -13.70 -25.30
C THR H 430 21.97 -15.21 -25.19
N ILE H 431 22.59 -15.91 -26.12
CA ILE H 431 22.52 -17.35 -26.24
C ILE H 431 23.88 -17.90 -25.85
N THR H 432 23.90 -18.92 -25.00
CA THR H 432 25.14 -19.52 -24.52
C THR H 432 25.25 -21.01 -24.87
N LEU H 433 26.43 -21.41 -25.35
CA LEU H 433 26.68 -22.80 -25.72
C LEU H 433 27.71 -23.40 -24.80
N ASP H 434 27.32 -24.49 -24.16
CA ASP H 434 28.18 -25.23 -23.25
C ASP H 434 28.45 -26.63 -23.78
N GLU H 435 29.68 -27.09 -23.66
CA GLU H 435 30.08 -28.42 -24.11
C GLU H 435 29.16 -29.58 -23.69
N SER H 436 28.49 -29.44 -22.55
CA SER H 436 27.68 -30.54 -22.02
C SER H 436 26.54 -30.91 -22.95
N ASP H 437 25.91 -29.92 -23.55
CA ASP H 437 24.71 -30.19 -24.32
C ASP H 437 24.64 -29.44 -25.65
N CYS H 438 25.71 -28.73 -26.02
CA CYS H 438 25.73 -28.00 -27.29
C CYS H 438 25.39 -28.91 -28.46
N PHE H 439 25.81 -30.16 -28.36
CA PHE H 439 25.69 -31.10 -29.47
C PHE H 439 24.53 -32.05 -29.30
N ALA H 440 23.70 -31.81 -28.30
CA ALA H 440 22.64 -32.76 -27.96
C ALA H 440 21.54 -32.87 -29.01
N ALA H 441 21.44 -31.92 -29.93
CA ALA H 441 20.26 -31.88 -30.79
C ALA H 441 20.52 -32.19 -32.27
N TRP H 442 20.37 -33.45 -32.64
CA TRP H 442 20.27 -33.83 -34.05
C TRP H 442 18.84 -33.71 -34.50
N VAL H 443 18.62 -33.04 -35.62
CA VAL H 443 17.29 -32.95 -36.18
C VAL H 443 17.38 -33.24 -37.68
N SER H 444 16.27 -33.68 -38.25
CA SER H 444 16.18 -33.83 -39.70
C SER H 444 16.34 -32.49 -40.42
N ALA H 445 17.10 -32.50 -41.51
CA ALA H 445 17.27 -31.32 -42.35
C ALA H 445 15.93 -30.75 -42.79
N LYS H 446 14.96 -31.62 -42.97
CA LYS H 446 13.64 -31.18 -43.41
C LYS H 446 12.82 -30.64 -42.24
N ASP H 447 13.05 -31.17 -41.06
CA ASP H 447 12.35 -30.64 -39.90
C ASP H 447 12.92 -29.28 -39.53
N ALA H 448 14.17 -29.05 -39.92
CA ALA H 448 14.85 -27.81 -39.61
C ALA H 448 14.61 -26.75 -40.69
N GLY H 449 13.84 -27.12 -41.71
CA GLY H 449 13.43 -26.19 -42.75
C GLY H 449 14.48 -25.94 -43.82
N PHE H 450 15.50 -26.78 -43.87
CA PHE H 450 16.51 -26.65 -44.91
C PHE H 450 16.19 -27.56 -46.07
N SER H 451 16.56 -27.12 -47.27
CA SER H 451 16.27 -27.88 -48.47
C SER H 451 17.23 -29.05 -48.61
N SER H 452 16.68 -30.17 -49.05
CA SER H 452 17.44 -31.36 -49.29
C SER H 452 17.14 -31.89 -50.71
N PRO H 453 18.13 -32.52 -51.34
CA PRO H 453 17.87 -33.26 -52.58
C PRO H 453 16.80 -34.34 -52.38
N ASP H 454 15.93 -34.52 -53.37
CA ASP H 454 14.90 -35.55 -53.27
C ASP H 454 15.52 -36.93 -53.24
N GLY H 455 15.16 -37.71 -52.24
CA GLY H 455 15.73 -39.03 -52.02
C GLY H 455 16.54 -39.08 -50.75
N SER H 456 16.48 -37.99 -49.99
CA SER H 456 17.30 -37.85 -48.79
C SER H 456 16.86 -36.70 -47.90
N ASP H 457 17.13 -36.85 -46.60
CA ASP H 457 17.31 -35.72 -45.72
C ASP H 457 18.38 -36.12 -44.72
N PRO H 458 19.58 -35.53 -44.87
CA PRO H 458 20.62 -35.85 -43.90
C PRO H 458 20.25 -35.37 -42.51
N LYS H 459 21.04 -35.76 -41.54
CA LYS H 459 20.79 -35.36 -40.17
C LYS H 459 21.72 -34.20 -39.87
N LEU H 460 21.18 -33.16 -39.25
CA LEU H 460 21.96 -31.98 -38.89
C LEU H 460 22.07 -31.84 -37.38
N ASN H 461 23.27 -31.56 -36.91
CA ASN H 461 23.45 -31.17 -35.51
C ASN H 461 23.38 -29.64 -35.39
N LEU H 462 22.29 -29.17 -34.78
CA LEU H 462 22.05 -27.74 -34.63
C LEU H 462 23.24 -27.00 -34.00
N GLY H 463 23.75 -27.53 -32.89
CA GLY H 463 24.88 -26.92 -32.21
C GLY H 463 26.14 -26.88 -33.03
N GLY H 464 26.42 -27.97 -33.74
CA GLY H 464 27.59 -28.04 -34.61
C GLY H 464 27.52 -27.05 -35.76
N LEU H 465 26.34 -26.94 -36.38
CA LEU H 465 26.18 -26.02 -37.50
C LEU H 465 26.42 -24.60 -37.06
N LEU H 466 25.89 -24.26 -35.89
CA LEU H 466 25.93 -22.92 -35.34
C LEU H 466 27.34 -22.47 -34.98
N LEU H 467 28.12 -23.38 -34.39
CA LEU H 467 29.52 -23.09 -34.11
C LEU H 467 30.29 -22.79 -35.41
N GLN H 468 29.96 -23.52 -36.46
CA GLN H 468 30.64 -23.32 -37.73
C GLN H 468 30.25 -21.98 -38.34
N ALA H 469 29.02 -21.56 -38.13
CA ALA H 469 28.56 -20.26 -38.62
C ALA H 469 29.20 -19.12 -37.85
N LEU H 470 29.23 -19.23 -36.52
CA LEU H 470 29.80 -18.17 -35.69
C LEU H 470 31.27 -17.95 -36.01
N LEU H 471 31.97 -19.03 -36.32
CA LEU H 471 33.40 -18.96 -36.59
C LEU H 471 33.70 -19.05 -38.08
N GLU H 472 32.69 -18.76 -38.89
CA GLU H 472 32.80 -18.84 -40.36
C GLU H 472 34.00 -18.10 -40.96
N TYR H 473 34.35 -16.93 -40.41
CA TYR H 473 35.41 -16.11 -40.97
C TYR H 473 36.80 -16.45 -40.44
N TRP H 474 36.90 -17.43 -39.57
CA TRP H 474 38.19 -17.81 -39.03
C TRP H 474 38.92 -18.71 -40.01
N PRO H 475 40.04 -18.25 -40.58
CA PRO H 475 40.71 -19.01 -41.66
C PRO H 475 41.12 -20.44 -41.28
N ARG H 476 41.45 -20.66 -40.01
CA ARG H 476 41.81 -21.98 -39.50
C ARG H 476 40.68 -22.97 -39.74
N THR H 477 39.49 -22.43 -39.82
CA THR H 477 38.25 -23.15 -40.03
C THR H 477 37.96 -23.49 -41.52
N HIS H 478 38.70 -22.87 -42.43
CA HIS H 478 38.48 -23.07 -43.86
C HIS H 478 39.14 -24.37 -44.33
N VAL H 479 38.50 -25.48 -44.01
CA VAL H 479 39.11 -26.79 -44.12
C VAL H 479 38.38 -27.69 -45.11
N ASN H 480 39.13 -28.40 -45.93
CA ASN H 480 38.56 -29.38 -46.86
C ASN H 480 38.68 -30.78 -46.24
N PRO H 481 37.54 -31.40 -45.89
CA PRO H 481 37.69 -32.77 -45.38
C PRO H 481 37.80 -33.78 -46.52
N MET H 482 38.40 -34.92 -46.23
CA MET H 482 38.51 -36.01 -47.19
C MET H 482 37.66 -37.20 -46.72
N VAL H 500 39.11 -25.03 -49.43
CA VAL H 500 38.45 -24.17 -48.46
C VAL H 500 36.92 -24.25 -48.57
N GLN H 501 36.31 -25.00 -47.67
CA GLN H 501 34.86 -24.93 -47.51
C GLN H 501 34.61 -24.06 -46.29
N LYS H 502 33.81 -23.02 -46.47
CA LYS H 502 33.57 -22.07 -45.37
C LYS H 502 32.15 -22.22 -44.90
N GLY H 503 31.92 -21.95 -43.62
CA GLY H 503 30.57 -21.98 -43.10
C GLY H 503 30.09 -23.40 -42.92
N ASN H 504 28.79 -23.56 -42.70
CA ASN H 504 28.23 -24.88 -42.40
C ASN H 504 27.49 -25.46 -43.59
N GLY H 505 27.37 -24.68 -44.64
CA GLY H 505 26.76 -25.14 -45.86
C GLY H 505 25.26 -24.98 -45.91
N TYR H 506 24.67 -24.50 -44.83
CA TYR H 506 23.23 -24.39 -44.75
C TYR H 506 22.77 -22.95 -44.48
N PHE H 507 23.52 -22.23 -43.65
CA PHE H 507 23.13 -20.87 -43.29
C PHE H 507 24.26 -20.06 -42.71
N GLN H 508 24.07 -18.75 -42.75
CA GLN H 508 24.99 -17.84 -42.12
C GLN H 508 24.31 -17.12 -40.98
N VAL H 509 25.11 -16.73 -40.02
CA VAL H 509 24.68 -15.86 -38.96
C VAL H 509 24.95 -14.39 -39.40
N PRO H 510 24.17 -13.42 -38.90
CA PRO H 510 24.48 -12.05 -39.33
C PRO H 510 25.90 -11.63 -38.95
N PRO H 511 26.65 -11.07 -39.90
CA PRO H 511 28.08 -10.74 -39.78
C PRO H 511 28.42 -9.93 -38.53
N HIS H 512 27.54 -9.03 -38.13
CA HIS H 512 27.81 -8.20 -36.96
C HIS H 512 27.57 -8.94 -35.64
N THR H 513 27.09 -10.18 -35.68
CA THR H 513 26.82 -10.95 -34.47
C THR H 513 28.05 -11.02 -33.58
N PRO H 514 27.95 -10.47 -32.35
CA PRO H 514 28.98 -10.59 -31.32
C PRO H 514 29.22 -12.04 -30.93
N VAL H 515 30.47 -12.49 -30.87
CA VAL H 515 30.77 -13.86 -30.50
C VAL H 515 31.69 -13.88 -29.29
N ILE H 516 31.29 -14.61 -28.25
CA ILE H 516 31.90 -14.43 -26.92
C ILE H 516 32.43 -15.73 -26.32
N PHE H 517 33.68 -15.73 -25.88
CA PHE H 517 34.24 -16.87 -25.16
C PHE H 517 34.41 -16.51 -23.68
N GLY H 518 33.73 -17.25 -22.81
CA GLY H 518 33.79 -16.95 -21.40
C GLY H 518 33.75 -18.14 -20.49
N GLU H 519 34.22 -17.95 -19.27
CA GLU H 519 34.11 -18.96 -18.26
C GLU H 519 32.73 -18.86 -17.64
N ALA H 520 32.15 -19.99 -17.28
CA ALA H 520 30.86 -19.99 -16.63
C ALA H 520 30.95 -19.20 -15.33
N GLY H 521 29.93 -18.39 -15.05
CA GLY H 521 29.90 -17.61 -13.83
C GLY H 521 30.70 -16.33 -13.86
N GLY H 522 31.01 -15.83 -15.05
CA GLY H 522 31.53 -14.49 -15.14
C GLY H 522 32.50 -14.12 -16.23
N ARG H 523 33.73 -14.59 -16.11
CA ARG H 523 34.83 -13.95 -16.82
C ARG H 523 34.80 -14.13 -18.34
N THR H 524 34.62 -13.03 -19.06
CA THR H 524 34.79 -13.02 -20.50
C THR H 524 36.26 -13.10 -20.80
N LEU H 525 36.64 -14.08 -21.61
CA LEU H 525 38.03 -14.23 -22.05
C LEU H 525 38.33 -13.45 -23.35
N PHE H 526 37.39 -13.47 -24.27
CA PHE H 526 37.60 -12.86 -25.57
C PHE H 526 36.28 -12.58 -26.25
N ARG H 527 36.27 -11.57 -27.08
CA ARG H 527 35.11 -11.24 -27.84
C ARG H 527 35.44 -10.54 -29.12
N LEU H 528 34.64 -10.81 -30.13
CA LEU H 528 34.79 -10.25 -31.46
C LEU H 528 33.48 -10.37 -32.25
N LEU H 529 33.35 -9.60 -33.32
CA LEU H 529 32.20 -9.74 -34.20
C LEU H 529 32.49 -10.89 -35.14
N CYS H 530 31.43 -11.58 -35.56
CA CYS H 530 31.54 -12.72 -36.48
C CYS H 530 32.47 -12.39 -37.67
N ARG H 531 32.21 -11.27 -38.35
CA ARG H 531 32.97 -10.88 -39.52
C ARG H 531 34.44 -10.52 -39.24
N ASP H 532 34.80 -10.33 -37.99
CA ASP H 532 36.17 -9.93 -37.64
C ASP H 532 37.18 -11.08 -37.56
N SER H 533 36.70 -12.33 -37.62
CA SER H 533 37.55 -13.45 -37.28
C SER H 533 38.76 -13.63 -38.19
N GLY H 534 38.72 -13.00 -39.37
CA GLY H 534 39.81 -13.13 -40.32
C GLY H 534 40.99 -12.21 -40.02
N GLY H 535 40.84 -11.33 -39.03
CA GLY H 535 41.86 -10.34 -38.75
C GLY H 535 43.06 -11.02 -38.11
N GLU H 536 44.25 -10.46 -38.31
CA GLU H 536 45.48 -11.03 -37.75
C GLU H 536 45.44 -11.15 -36.24
N THR H 537 45.07 -10.07 -35.57
CA THR H 537 45.00 -10.11 -34.10
C THR H 537 43.93 -11.08 -33.64
N GLU H 538 42.76 -11.00 -34.25
CA GLU H 538 41.65 -11.84 -33.84
C GLU H 538 41.98 -13.32 -33.95
N SER H 539 42.66 -13.70 -35.03
CA SER H 539 43.01 -15.10 -35.26
C SER H 539 43.98 -15.64 -34.23
N MET H 540 44.95 -14.82 -33.83
CA MET H 540 45.85 -15.22 -32.78
C MET H 540 45.09 -15.43 -31.49
N LEU H 541 44.21 -14.49 -31.14
CA LEU H 541 43.44 -14.56 -29.90
C LEU H 541 42.45 -15.73 -29.92
N LEU H 542 41.86 -16.02 -31.08
CA LEU H 542 40.99 -17.17 -31.23
C LEU H 542 41.78 -18.44 -30.99
N ASN H 543 43.01 -18.47 -31.49
CA ASN H 543 43.91 -19.60 -31.27
C ASN H 543 44.24 -19.82 -29.82
N GLU H 544 44.35 -18.77 -29.05
CA GLU H 544 44.69 -18.92 -27.65
C GLU H 544 43.44 -19.24 -26.84
N THR H 545 42.27 -18.88 -27.35
CA THR H 545 41.08 -18.92 -26.52
C THR H 545 40.01 -19.96 -26.91
N VAL H 546 39.85 -20.25 -28.20
CA VAL H 546 38.83 -21.21 -28.60
C VAL H 546 39.15 -22.60 -28.01
N PRO H 547 38.20 -23.17 -27.26
CA PRO H 547 38.41 -24.43 -26.56
C PRO H 547 38.41 -25.62 -27.50
N GLN H 548 39.09 -26.69 -27.11
CA GLN H 548 39.21 -27.85 -27.97
C GLN H 548 37.84 -28.43 -28.36
N TRP H 549 36.86 -28.38 -27.47
CA TRP H 549 35.56 -28.96 -27.85
C TRP H 549 34.90 -28.23 -29.04
N VAL H 550 35.26 -26.97 -29.24
CA VAL H 550 34.76 -26.25 -30.41
C VAL H 550 35.65 -26.50 -31.62
N ILE H 551 36.96 -26.58 -31.38
CA ILE H 551 37.93 -26.83 -32.43
C ILE H 551 37.63 -28.15 -33.14
N ASP H 552 37.20 -29.13 -32.37
CA ASP H 552 36.85 -30.47 -32.86
C ASP H 552 35.81 -30.41 -33.99
N ILE H 553 34.77 -29.61 -33.82
CA ILE H 553 33.76 -29.45 -34.86
C ILE H 553 34.10 -28.42 -35.95
N THR H 554 34.70 -27.28 -35.58
CA THR H 554 34.83 -26.18 -36.56
C THR H 554 36.10 -26.27 -37.41
N VAL H 555 37.16 -26.84 -36.85
CA VAL H 555 38.43 -26.96 -37.58
C VAL H 555 38.65 -28.39 -38.04
N ASP H 556 38.54 -29.35 -37.14
CA ASP H 556 38.78 -30.73 -37.51
C ASP H 556 37.65 -31.27 -38.35
N LYS H 557 36.49 -30.62 -38.26
CA LYS H 557 35.29 -31.00 -39.01
C LYS H 557 34.89 -32.41 -38.61
N ASN H 558 35.13 -32.72 -37.33
CA ASN H 558 34.68 -33.96 -36.75
C ASN H 558 33.19 -33.88 -36.45
N MET H 559 32.49 -35.00 -36.53
CA MET H 559 31.08 -35.02 -36.19
C MET H 559 30.86 -35.32 -34.71
N PRO H 560 29.87 -34.66 -34.10
CA PRO H 560 29.51 -35.02 -32.74
C PRO H 560 28.92 -36.44 -32.69
N LYS H 561 28.96 -37.01 -31.50
CA LYS H 561 28.38 -38.30 -31.23
C LYS H 561 26.86 -38.35 -31.49
N PHE H 562 26.38 -39.44 -32.08
CA PHE H 562 24.93 -39.63 -32.24
C PHE H 562 24.30 -40.10 -30.94
N ASN H 563 22.98 -40.07 -30.89
CA ASN H 563 22.27 -40.45 -29.66
C ASN H 563 21.23 -41.54 -29.96
N LYS H 564 21.51 -42.77 -29.55
CA LYS H 564 20.55 -43.84 -29.78
C LYS H 564 19.73 -44.12 -28.54
N ILE H 565 18.50 -44.57 -28.74
CA ILE H 565 17.57 -44.87 -27.64
C ILE H 565 17.19 -46.36 -27.60
N PRO H 566 17.23 -46.96 -26.39
CA PRO H 566 16.79 -48.36 -26.31
C PRO H 566 15.26 -48.44 -26.18
N PHE H 567 14.66 -49.46 -26.78
CA PHE H 567 13.22 -49.65 -26.63
C PHE H 567 12.80 -51.10 -26.81
N TYR H 568 11.69 -51.45 -26.17
CA TYR H 568 11.08 -52.76 -26.33
C TYR H 568 10.03 -52.72 -27.44
N LEU H 569 9.99 -53.78 -28.23
CA LEU H 569 9.00 -53.94 -29.28
C LEU H 569 8.26 -55.29 -29.14
N GLN H 570 7.08 -55.27 -28.55
CA GLN H 570 6.30 -56.48 -28.33
C GLN H 570 4.94 -56.39 -29.04
N PRO H 571 4.38 -57.54 -29.45
CA PRO H 571 3.04 -57.58 -30.02
C PRO H 571 1.96 -57.11 -29.06
N HIS H 572 1.01 -56.33 -29.56
CA HIS H 572 -0.16 -55.96 -28.75
C HIS H 572 -1.16 -57.11 -28.73
N ALA H 573 -1.72 -57.40 -27.55
CA ALA H 573 -2.70 -58.48 -27.40
C ALA H 573 -2.13 -59.83 -27.84
N LYS H 581 6.47 -62.06 -25.95
CA LYS H 581 7.41 -61.87 -27.05
C LYS H 581 7.93 -60.42 -27.04
N LYS H 582 8.74 -60.11 -26.03
CA LYS H 582 9.21 -58.75 -25.77
C LYS H 582 10.66 -58.53 -26.21
N ASP H 583 10.85 -57.96 -27.39
CA ASP H 583 12.19 -57.78 -28.00
C ASP H 583 12.95 -56.50 -27.60
N ARG H 584 14.27 -56.61 -27.60
CA ARG H 584 15.15 -55.50 -27.19
C ARG H 584 15.76 -54.82 -28.41
N LEU H 585 15.46 -53.54 -28.59
CA LEU H 585 15.97 -52.84 -29.75
C LEU H 585 16.70 -51.56 -29.37
N SER H 586 17.29 -50.92 -30.37
CA SER H 586 17.83 -49.58 -30.22
C SER H 586 17.87 -48.90 -31.58
N ALA H 587 17.67 -47.59 -31.58
CA ALA H 587 17.68 -46.83 -32.82
C ALA H 587 18.00 -45.37 -32.55
N SER H 588 18.34 -44.64 -33.60
CA SER H 588 18.48 -43.20 -33.52
C SER H 588 17.31 -42.56 -32.80
N ASP H 589 17.60 -41.63 -31.90
CA ASP H 589 16.54 -40.90 -31.20
C ASP H 589 15.64 -40.15 -32.19
N MET H 590 16.18 -39.89 -33.37
CA MET H 590 15.47 -39.20 -34.45
C MET H 590 14.58 -40.06 -35.34
N LEU H 591 14.69 -41.37 -35.18
CA LEU H 591 13.99 -42.32 -36.06
C LEU H 591 12.49 -42.14 -36.01
N GLN H 592 11.87 -42.11 -37.19
CA GLN H 592 10.42 -42.01 -37.26
C GLN H 592 9.74 -43.36 -37.05
N VAL H 593 8.62 -43.35 -36.34
CA VAL H 593 7.79 -44.53 -36.09
C VAL H 593 7.58 -45.37 -37.34
N ARG H 594 7.48 -44.70 -38.47
CA ARG H 594 7.41 -45.33 -39.78
C ARG H 594 8.45 -46.42 -39.97
N LYS H 595 9.65 -46.19 -39.44
CA LYS H 595 10.74 -47.13 -39.62
C LYS H 595 10.55 -48.38 -38.78
N VAL H 596 9.90 -48.23 -37.63
CA VAL H 596 9.67 -49.38 -36.77
C VAL H 596 8.48 -50.17 -37.30
N MET H 597 7.58 -49.48 -37.98
CA MET H 597 6.45 -50.11 -38.64
C MET H 597 6.96 -51.04 -39.73
N GLU H 598 7.86 -50.53 -40.54
CA GLU H 598 8.46 -51.29 -41.63
C GLU H 598 9.35 -52.41 -41.11
N HIS H 599 9.82 -52.26 -39.89
CA HIS H 599 10.62 -53.29 -39.27
C HIS H 599 9.73 -54.46 -38.90
N VAL H 600 8.51 -54.15 -38.47
CA VAL H 600 7.56 -55.17 -38.08
C VAL H 600 7.07 -55.95 -39.29
N TYR H 601 6.81 -55.22 -40.38
CA TYR H 601 6.36 -55.82 -41.64
C TYR H 601 7.27 -56.90 -42.13
N GLU H 602 8.55 -56.75 -41.82
CA GLU H 602 9.54 -57.60 -42.46
C GLU H 602 9.89 -58.84 -41.68
N LYS H 603 9.76 -58.79 -40.36
CA LYS H 603 10.01 -59.99 -39.57
C LYS H 603 8.69 -60.67 -39.17
N ILE H 604 7.58 -60.05 -39.59
CA ILE H 604 6.25 -60.62 -39.40
C ILE H 604 5.34 -60.33 -40.58
N ASP H 630 6.93 -50.95 -52.61
CA ASP H 630 7.61 -50.26 -51.53
C ASP H 630 7.02 -50.63 -50.18
N ILE H 631 7.87 -51.14 -49.29
CA ILE H 631 7.45 -51.47 -47.93
C ILE H 631 6.96 -50.23 -47.21
N ALA H 632 7.46 -49.08 -47.65
CA ALA H 632 7.01 -47.79 -47.15
C ALA H 632 5.50 -47.67 -47.29
N VAL H 633 5.02 -47.79 -48.53
CA VAL H 633 3.58 -47.75 -48.79
C VAL H 633 2.92 -49.01 -48.26
N LEU H 634 3.66 -50.12 -48.25
CA LEU H 634 3.13 -51.37 -47.77
C LEU H 634 2.89 -51.34 -46.26
N ALA H 635 3.98 -51.27 -45.50
CA ALA H 635 3.94 -51.39 -44.05
C ALA H 635 3.07 -50.34 -43.37
N GLU H 636 3.04 -49.14 -43.93
CA GLU H 636 2.16 -48.11 -43.41
C GLU H 636 0.71 -48.58 -43.53
N GLU H 637 0.42 -49.26 -44.64
CA GLU H 637 -0.92 -49.74 -44.90
C GLU H 637 -1.24 -51.00 -44.08
N LYS H 638 -0.20 -51.67 -43.60
CA LYS H 638 -0.37 -52.98 -42.95
C LYS H 638 -0.26 -52.99 -41.41
N ILE H 639 0.61 -52.16 -40.84
CA ILE H 639 0.91 -52.23 -39.41
C ILE H 639 0.63 -50.93 -38.67
N GLU H 640 0.12 -51.04 -37.45
CA GLU H 640 0.00 -49.89 -36.56
C GLU H 640 0.83 -50.11 -35.29
N LEU H 641 1.48 -49.04 -34.82
CA LEU H 641 2.27 -49.11 -33.60
C LEU H 641 1.59 -48.37 -32.45
N LEU H 642 1.88 -48.79 -31.24
CA LEU H 642 1.22 -48.24 -30.07
C LEU H 642 2.14 -48.11 -28.86
N CYS H 643 2.02 -46.98 -28.18
CA CYS H 643 2.74 -46.80 -26.93
C CYS H 643 1.77 -46.24 -25.94
N GLN H 644 1.79 -46.78 -24.73
CA GLN H 644 0.83 -46.42 -23.69
C GLN H 644 -0.60 -46.47 -24.23
N ASP H 645 -0.83 -47.41 -25.16
CA ASP H 645 -2.14 -47.68 -25.75
C ASP H 645 -2.69 -46.56 -26.61
N GLN H 646 -1.81 -45.80 -27.25
CA GLN H 646 -2.23 -44.78 -28.21
C GLN H 646 -1.60 -45.08 -29.55
N VAL H 647 -2.37 -44.97 -30.62
CA VAL H 647 -1.84 -45.19 -31.96
C VAL H 647 -0.86 -44.08 -32.30
N LEU H 648 0.27 -44.47 -32.88
CA LEU H 648 1.36 -43.54 -33.09
C LEU H 648 1.42 -43.03 -34.52
N ASP H 649 1.54 -41.71 -34.66
CA ASP H 649 1.80 -41.09 -35.93
C ASP H 649 3.11 -41.60 -36.53
N PRO H 650 3.05 -42.18 -37.74
CA PRO H 650 4.24 -42.65 -38.44
C PRO H 650 5.32 -41.59 -38.61
N ASN H 651 4.95 -40.31 -38.52
CA ASN H 651 5.90 -39.21 -38.70
C ASN H 651 6.68 -38.89 -37.42
N MET H 652 6.06 -39.14 -36.28
CA MET H 652 6.67 -38.86 -34.99
C MET H 652 7.93 -39.69 -34.77
N ASP H 653 8.95 -39.12 -34.13
CA ASP H 653 10.17 -39.86 -33.85
C ASP H 653 10.17 -40.46 -32.46
N LEU H 654 11.11 -41.35 -32.21
CA LEU H 654 11.17 -42.09 -30.96
C LEU H 654 11.28 -41.19 -29.73
N ARG H 655 12.13 -40.16 -29.78
CA ARG H 655 12.30 -39.30 -28.62
C ARG H 655 11.04 -38.49 -28.34
N THR H 656 10.28 -38.16 -29.38
CA THR H 656 9.03 -37.43 -29.16
C THR H 656 8.03 -38.34 -28.50
N VAL H 657 7.97 -39.57 -28.99
CA VAL H 657 7.10 -40.59 -28.41
C VAL H 657 7.42 -40.79 -26.95
N LYS H 658 8.69 -41.01 -26.63
CA LYS H 658 9.10 -41.24 -25.25
C LYS H 658 8.76 -40.05 -24.37
N HIS H 659 8.97 -38.85 -24.90
CA HIS H 659 8.82 -37.66 -24.10
C HIS H 659 7.39 -37.29 -23.79
N PHE H 660 6.47 -37.54 -24.72
CA PHE H 660 5.08 -37.11 -24.54
C PHE H 660 4.12 -38.24 -24.16
N ILE H 661 4.35 -39.42 -24.73
CA ILE H 661 3.39 -40.51 -24.59
C ILE H 661 3.84 -41.56 -23.59
N TRP H 662 5.13 -41.91 -23.63
CA TRP H 662 5.65 -42.85 -22.65
C TRP H 662 5.61 -42.26 -21.25
N LYS H 663 4.91 -42.96 -20.37
CA LYS H 663 4.72 -42.51 -19.00
C LYS H 663 4.65 -43.69 -18.04
N SER H 664 5.63 -44.59 -18.13
CA SER H 664 5.61 -45.82 -17.34
C SER H 664 6.92 -46.09 -16.64
N GLY H 665 7.92 -45.24 -16.86
CA GLY H 665 9.24 -45.47 -16.31
C GLY H 665 9.93 -46.67 -16.95
N GLY H 666 11.24 -46.72 -16.89
CA GLY H 666 11.99 -47.72 -17.63
C GLY H 666 11.99 -47.43 -19.13
N ASP H 667 12.55 -48.33 -19.92
CA ASP H 667 12.72 -48.08 -21.34
C ASP H 667 11.40 -47.94 -22.08
N LEU H 668 11.42 -47.10 -23.11
CA LEU H 668 10.36 -46.99 -24.09
C LEU H 668 9.82 -48.35 -24.51
N THR H 669 8.51 -48.54 -24.41
CA THR H 669 7.89 -49.80 -24.86
C THR H 669 6.87 -49.56 -25.96
N LEU H 670 7.11 -50.19 -27.10
CA LEU H 670 6.21 -50.07 -28.23
C LEU H 670 5.48 -51.39 -28.48
N HIS H 671 4.17 -51.30 -28.73
CA HIS H 671 3.35 -52.46 -29.08
C HIS H 671 2.94 -52.36 -30.53
N TYR H 672 2.82 -53.49 -31.24
CA TYR H 672 2.35 -53.46 -32.61
C TYR H 672 1.12 -54.36 -32.83
N ARG H 673 0.40 -54.10 -33.92
CA ARG H 673 -0.83 -54.83 -34.23
C ARG H 673 -0.98 -55.09 -35.73
ZN ZN I . 56.92 -48.36 -0.70
ZN ZN J . -57.73 9.89 14.19
ZN ZN K . -17.16 44.80 -5.71
ZN ZN L . 17.92 -7.13 -7.99
#